data_6Y87
#
_entry.id   6Y87
#
_cell.length_a   103.242
_cell.length_b   103.242
_cell.length_c   548.005
_cell.angle_alpha   90.000
_cell.angle_beta   90.000
_cell.angle_gamma   120.000
#
_symmetry.space_group_name_H-M   'P 32 1 2'
#
loop_
_entity.id
_entity.type
_entity.pdbx_description
1 polymer 'Homospermidine synthase'
2 non-polymer NICOTINAMIDE-ADENINE-DINUCLEOTIDE
3 non-polymer 1,4-DIAMINOBUTANE
4 water water
#
_entity_poly.entity_id   1
_entity_poly.type   'polypeptide(L)'
_entity_poly.pdbx_seq_one_letter_code
;GPMDFSINPPQRIVFVGLGTIAQSFLPLLSKVHDLSTLEIYAIDPKTPPLIEYFANSFGLKFINSAIDQINYRDILVPIL
GEGTVLINLSTDVSSLALIELCRSAGALYLDTCIEPWKGGYDDPTIPLHKRTNYHLREQMLSLKKRLGSGVTALVAHGAN
PGLVSHFVKRALLDLAEEILGDCKKPSNKEQWAILSQRLGVKVIHVAEYDSQISQKSRERGEFVNTWSVHGFISESQQPA
ELGWGSHERSLPTDASMHTDGCGAAIYIEKPGASVRVKTWTPFNGPSLGYLVTHHEAISIADFLTLRTADETYRPTVHYA
YRPSDEAILSVHEWFGNDCMTPEKTKVLRPGDILSGSDYLGVLLMGHEKSSYWYGSILSIEKAKELATLNTATTLQVAAG
VLSGYLWILSHPSAGIIEAEDMDHEVALSYISQYLGELKGVYSDWNPTKNNPGTFSAIDSDSPWLFSNFVL
;
_entity_poly.pdbx_strand_id   A,B,C,D,E,F
#
# COMPACT_ATOMS: atom_id res chain seq x y z
N PRO A 2 -18.22 -6.73 53.46
CA PRO A 2 -18.90 -7.50 54.50
C PRO A 2 -18.18 -8.81 54.81
N MET A 3 -17.48 -8.83 55.95
CA MET A 3 -16.55 -9.90 56.28
C MET A 3 -16.82 -10.41 57.69
N ASP A 4 -16.62 -11.71 57.90
CA ASP A 4 -16.76 -12.30 59.22
C ASP A 4 -15.50 -12.06 60.04
N PHE A 5 -15.68 -11.47 61.23
CA PHE A 5 -14.54 -11.19 62.10
C PHE A 5 -13.71 -12.46 62.35
N SER A 6 -14.39 -13.54 62.72
CA SER A 6 -13.73 -14.82 62.94
C SER A 6 -14.60 -15.93 62.34
N ILE A 7 -13.93 -16.91 61.73
CA ILE A 7 -14.61 -18.04 61.11
C ILE A 7 -14.21 -19.30 61.88
N ASN A 8 -15.20 -20.06 62.32
CA ASN A 8 -14.93 -21.24 63.13
C ASN A 8 -14.29 -22.34 62.28
N PRO A 9 -13.48 -23.20 62.88
CA PRO A 9 -12.84 -24.27 62.13
C PRO A 9 -13.83 -25.38 61.81
N PRO A 10 -13.53 -26.23 60.84
CA PRO A 10 -14.38 -27.40 60.61
C PRO A 10 -14.14 -28.47 61.65
N GLN A 11 -14.76 -29.65 61.47
CA GLN A 11 -14.49 -30.78 62.33
C GLN A 11 -13.39 -31.69 61.81
N ARG A 12 -13.08 -31.60 60.52
CA ARG A 12 -12.11 -32.50 59.90
C ARG A 12 -11.65 -31.90 58.59
N ILE A 13 -10.36 -32.05 58.30
CA ILE A 13 -9.77 -31.61 57.04
C ILE A 13 -9.13 -32.82 56.37
N VAL A 14 -9.19 -32.86 55.05
CA VAL A 14 -8.68 -33.97 54.25
C VAL A 14 -7.89 -33.39 53.09
N PHE A 15 -6.58 -33.62 53.08
CA PHE A 15 -5.70 -33.15 52.02
C PHE A 15 -5.46 -34.28 51.04
N VAL A 16 -6.09 -34.20 49.86
CA VAL A 16 -5.78 -35.11 48.76
C VAL A 16 -4.52 -34.55 48.09
N GLY A 17 -3.38 -35.19 48.35
CA GLY A 17 -2.10 -34.67 47.90
C GLY A 17 -1.47 -33.78 48.95
N LEU A 18 -0.20 -34.03 49.26
CA LEU A 18 0.52 -33.27 50.28
C LEU A 18 1.88 -32.85 49.72
N GLY A 19 1.85 -32.11 48.63
CA GLY A 19 3.05 -31.64 47.96
C GLY A 19 3.52 -30.29 48.46
N THR A 20 4.11 -29.51 47.57
CA THR A 20 4.66 -28.21 47.94
C THR A 20 3.58 -27.27 48.44
N ILE A 21 2.57 -27.01 47.60
CA ILE A 21 1.53 -26.06 47.97
C ILE A 21 0.83 -26.49 49.25
N ALA A 22 0.52 -27.78 49.37
CA ALA A 22 -0.12 -28.27 50.59
C ALA A 22 0.75 -27.97 51.81
N GLN A 23 2.05 -28.24 51.71
CA GLN A 23 2.94 -27.96 52.83
C GLN A 23 3.13 -26.46 53.02
N SER A 24 3.22 -25.70 51.93
CA SER A 24 3.30 -24.25 52.04
C SER A 24 2.06 -23.65 52.69
N PHE A 25 0.95 -24.40 52.73
CA PHE A 25 -0.32 -23.90 53.26
C PHE A 25 -0.53 -24.24 54.72
N LEU A 26 0.06 -25.32 55.22
CA LEU A 26 -0.13 -25.70 56.61
C LEU A 26 0.30 -24.60 57.57
N PRO A 27 1.46 -23.95 57.40
CA PRO A 27 1.79 -22.84 58.31
C PRO A 27 0.73 -21.75 58.35
N LEU A 28 0.27 -21.30 57.17
CA LEU A 28 -0.77 -20.29 57.13
C LEU A 28 -2.02 -20.75 57.86
N LEU A 29 -2.39 -22.02 57.69
CA LEU A 29 -3.57 -22.55 58.36
C LEU A 29 -3.36 -22.67 59.87
N SER A 30 -2.10 -22.81 60.31
CA SER A 30 -1.84 -22.90 61.74
C SER A 30 -2.24 -21.62 62.46
N LYS A 31 -1.89 -20.46 61.88
CA LYS A 31 -2.19 -19.19 62.54
C LYS A 31 -3.68 -18.99 62.71
N VAL A 32 -4.47 -19.40 61.72
CA VAL A 32 -5.91 -19.13 61.75
C VAL A 32 -6.61 -20.07 62.73
N HIS A 33 -6.42 -21.37 62.56
CA HIS A 33 -7.10 -22.38 63.35
C HIS A 33 -6.09 -23.24 64.09
N ASP A 34 -6.48 -23.70 65.28
CA ASP A 34 -5.65 -24.59 66.07
C ASP A 34 -5.69 -25.98 65.45
N LEU A 35 -4.60 -26.37 64.81
CA LEU A 35 -4.55 -27.66 64.11
C LEU A 35 -4.57 -28.85 65.05
N SER A 36 -4.40 -28.64 66.35
CA SER A 36 -4.45 -29.75 67.31
C SER A 36 -5.88 -30.13 67.66
N THR A 37 -6.81 -29.18 67.57
CA THR A 37 -8.22 -29.46 67.82
C THR A 37 -8.93 -30.02 66.59
N LEU A 38 -8.19 -30.30 65.52
CA LEU A 38 -8.75 -30.76 64.26
C LEU A 38 -8.15 -32.10 63.89
N GLU A 39 -8.96 -32.98 63.32
CA GLU A 39 -8.48 -34.24 62.75
C GLU A 39 -8.17 -33.99 61.28
N ILE A 40 -6.90 -34.09 60.92
CA ILE A 40 -6.41 -33.71 59.60
C ILE A 40 -5.81 -34.94 58.94
N TYR A 41 -6.38 -35.33 57.79
CA TYR A 41 -5.86 -36.40 56.97
C TYR A 41 -5.09 -35.80 55.78
N ALA A 42 -4.13 -36.57 55.27
CA ALA A 42 -3.41 -36.23 54.05
C ALA A 42 -3.16 -37.50 53.27
N ILE A 43 -3.71 -37.57 52.06
CA ILE A 43 -3.60 -38.76 51.22
C ILE A 43 -2.65 -38.43 50.08
N ASP A 44 -1.47 -39.06 50.08
CA ASP A 44 -0.49 -38.84 49.05
C ASP A 44 0.34 -40.11 48.90
N PRO A 45 0.49 -40.65 47.69
CA PRO A 45 1.34 -41.84 47.51
C PRO A 45 2.81 -41.56 47.76
N LYS A 46 3.20 -40.29 47.90
CA LYS A 46 4.59 -39.90 48.10
C LYS A 46 4.74 -39.41 49.53
N THR A 47 5.53 -40.13 50.33
CA THR A 47 5.76 -39.73 51.71
C THR A 47 6.75 -38.56 51.74
N PRO A 48 6.40 -37.43 52.34
CA PRO A 48 7.34 -36.30 52.38
C PRO A 48 8.36 -36.49 53.50
N PRO A 49 9.48 -35.78 53.45
CA PRO A 49 10.47 -35.93 54.53
C PRO A 49 10.00 -35.35 55.86
N LEU A 50 9.29 -34.22 55.83
CA LEU A 50 8.82 -33.57 57.05
C LEU A 50 7.54 -34.18 57.60
N ILE A 51 7.19 -35.41 57.22
CA ILE A 51 5.97 -36.02 57.70
C ILE A 51 6.00 -36.23 59.21
N GLU A 52 7.20 -36.34 59.79
CA GLU A 52 7.31 -36.54 61.23
C GLU A 52 7.01 -35.24 61.99
N TYR A 53 7.61 -34.13 61.56
CA TYR A 53 7.30 -32.84 62.15
C TYR A 53 5.82 -32.51 62.00
N PHE A 54 5.20 -32.91 60.88
CA PHE A 54 3.78 -32.67 60.70
C PHE A 54 2.95 -33.47 61.69
N ALA A 55 3.34 -34.72 61.95
CA ALA A 55 2.60 -35.55 62.89
C ALA A 55 2.79 -35.09 64.33
N ASN A 56 3.92 -34.45 64.63
CA ASN A 56 4.22 -33.96 65.98
C ASN A 56 3.83 -32.51 66.17
N SER A 57 2.73 -32.07 65.54
CA SER A 57 2.26 -30.70 65.68
C SER A 57 0.76 -30.62 65.47
N PHE A 58 0.22 -31.46 64.58
CA PHE A 58 -1.21 -31.53 64.33
C PHE A 58 -1.77 -32.93 64.50
N GLY A 59 -0.94 -33.93 64.77
CA GLY A 59 -1.41 -35.30 64.75
C GLY A 59 -1.87 -35.72 63.37
N LEU A 60 -1.08 -35.37 62.35
CA LEU A 60 -1.47 -35.66 60.98
C LEU A 60 -1.60 -37.16 60.76
N LYS A 61 -2.83 -37.58 60.43
CA LYS A 61 -3.08 -38.98 60.05
C LYS A 61 -2.78 -39.11 58.57
N PHE A 62 -1.58 -39.61 58.25
CA PHE A 62 -1.11 -39.71 56.88
C PHE A 62 -1.48 -41.07 56.30
N ILE A 63 -1.87 -41.07 55.02
CA ILE A 63 -2.24 -42.28 54.30
C ILE A 63 -1.41 -42.31 53.01
N ASN A 64 -0.56 -43.33 52.89
CA ASN A 64 0.29 -43.50 51.71
C ASN A 64 -0.47 -44.33 50.69
N SER A 65 -1.21 -43.66 49.82
CA SER A 65 -1.99 -44.33 48.79
C SER A 65 -2.20 -43.39 47.62
N ALA A 66 -2.60 -43.96 46.49
CA ALA A 66 -2.86 -43.21 45.27
C ALA A 66 -4.36 -43.25 44.97
N ILE A 67 -4.92 -42.07 44.71
CA ILE A 67 -6.35 -41.93 44.42
C ILE A 67 -6.57 -42.16 42.93
N ASP A 68 -7.25 -43.25 42.59
CA ASP A 68 -7.58 -43.56 41.21
C ASP A 68 -9.05 -43.96 41.12
N GLN A 69 -9.52 -44.17 39.89
CA GLN A 69 -10.94 -44.46 39.67
C GLN A 69 -11.43 -45.66 40.47
N ILE A 70 -10.53 -46.53 40.92
CA ILE A 70 -10.93 -47.76 41.60
C ILE A 70 -11.12 -47.54 43.09
N ASN A 71 -10.11 -46.98 43.76
CA ASN A 71 -10.08 -46.92 45.22
C ASN A 71 -10.44 -45.55 45.78
N TYR A 72 -10.82 -44.58 44.94
CA TYR A 72 -11.12 -43.25 45.46
C TYR A 72 -12.43 -43.26 46.24
N ARG A 73 -13.42 -44.02 45.79
CA ARG A 73 -14.69 -44.11 46.47
C ARG A 73 -14.64 -44.99 47.72
N ASP A 74 -13.47 -45.55 48.04
CA ASP A 74 -13.29 -46.39 49.22
C ASP A 74 -12.39 -45.77 50.27
N ILE A 75 -11.40 -44.97 49.85
CA ILE A 75 -10.52 -44.31 50.79
C ILE A 75 -11.18 -43.06 51.39
N LEU A 76 -12.11 -42.45 50.65
CA LEU A 76 -12.69 -41.17 51.04
C LEU A 76 -14.02 -41.30 51.77
N VAL A 77 -14.91 -42.19 51.30
CA VAL A 77 -16.24 -42.31 51.92
C VAL A 77 -16.14 -42.45 53.43
N PRO A 78 -15.29 -43.31 54.00
CA PRO A 78 -15.17 -43.36 55.46
C PRO A 78 -14.65 -42.06 56.06
N ILE A 79 -14.09 -41.17 55.25
CA ILE A 79 -13.47 -39.94 55.74
C ILE A 79 -14.34 -38.71 55.53
N LEU A 80 -15.25 -38.73 54.56
CA LEU A 80 -16.01 -37.54 54.19
C LEU A 80 -17.36 -37.52 54.90
N GLY A 81 -17.79 -36.32 55.28
CA GLY A 81 -19.08 -36.16 55.92
C GLY A 81 -19.33 -34.69 56.19
N GLU A 82 -20.49 -34.41 56.78
CA GLU A 82 -20.84 -33.06 57.16
C GLU A 82 -19.80 -32.52 58.15
N GLY A 83 -19.36 -31.29 57.92
CA GLY A 83 -18.33 -30.69 58.74
C GLY A 83 -16.92 -30.99 58.27
N THR A 84 -16.75 -31.72 57.18
CA THR A 84 -15.43 -32.04 56.64
C THR A 84 -15.16 -31.15 55.43
N VAL A 85 -13.91 -30.67 55.33
CA VAL A 85 -13.46 -29.88 54.19
C VAL A 85 -12.43 -30.69 53.45
N LEU A 86 -12.70 -30.98 52.18
CA LEU A 86 -11.75 -31.67 51.31
C LEU A 86 -10.95 -30.62 50.55
N ILE A 87 -9.65 -30.57 50.80
CA ILE A 87 -8.74 -29.66 50.13
C ILE A 87 -7.90 -30.48 49.17
N ASN A 88 -8.15 -30.30 47.87
CA ASN A 88 -7.51 -31.10 46.82
C ASN A 88 -6.35 -30.30 46.25
N LEU A 89 -5.13 -30.66 46.67
CA LEU A 89 -3.92 -30.03 46.15
C LEU A 89 -3.02 -31.09 45.53
N SER A 90 -3.59 -31.93 44.67
CA SER A 90 -2.89 -33.06 44.08
C SER A 90 -2.86 -32.91 42.56
N THR A 91 -2.26 -33.92 41.92
CA THR A 91 -2.30 -34.08 40.48
C THR A 91 -2.83 -35.47 40.15
N ASP A 92 -3.32 -35.62 38.92
CA ASP A 92 -3.83 -36.88 38.40
C ASP A 92 -5.11 -37.33 39.08
N VAL A 93 -5.75 -36.47 39.87
CA VAL A 93 -7.01 -36.78 40.54
C VAL A 93 -8.09 -35.90 39.93
N SER A 94 -9.23 -36.50 39.59
CA SER A 94 -10.32 -35.78 38.95
C SER A 94 -11.04 -34.92 39.97
N SER A 95 -10.91 -33.59 39.83
CA SER A 95 -11.67 -32.69 40.69
C SER A 95 -13.16 -32.98 40.57
N LEU A 96 -13.67 -33.09 39.35
CA LEU A 96 -15.10 -33.34 39.15
C LEU A 96 -15.54 -34.61 39.85
N ALA A 97 -14.69 -35.65 39.85
CA ALA A 97 -15.05 -36.89 40.54
C ALA A 97 -15.22 -36.66 42.03
N LEU A 98 -14.36 -35.84 42.63
CA LEU A 98 -14.45 -35.58 44.06
C LEU A 98 -15.64 -34.68 44.37
N ILE A 99 -15.91 -33.69 43.51
CA ILE A 99 -17.03 -32.79 43.73
C ILE A 99 -18.30 -33.58 43.97
N GLU A 100 -18.65 -34.46 43.03
CA GLU A 100 -19.85 -35.27 43.18
C GLU A 100 -19.80 -36.09 44.46
N LEU A 101 -18.64 -36.66 44.79
CA LEU A 101 -18.51 -37.44 46.01
C LEU A 101 -18.74 -36.59 47.25
N CYS A 102 -18.15 -35.39 47.28
CA CYS A 102 -18.34 -34.50 48.41
C CYS A 102 -19.80 -34.06 48.54
N ARG A 103 -20.50 -33.92 47.41
CA ARG A 103 -21.92 -33.57 47.47
C ARG A 103 -22.72 -34.66 48.16
N SER A 104 -22.41 -35.94 47.88
CA SER A 104 -23.10 -37.03 48.54
C SER A 104 -22.80 -37.05 50.03
N ALA A 105 -21.53 -36.95 50.40
CA ALA A 105 -21.14 -36.92 51.81
C ALA A 105 -21.44 -35.58 52.48
N GLY A 106 -21.82 -34.56 51.72
CA GLY A 106 -22.10 -33.26 52.30
C GLY A 106 -20.87 -32.56 52.82
N ALA A 107 -19.73 -32.72 52.17
CA ALA A 107 -18.49 -32.09 52.58
C ALA A 107 -18.15 -30.93 51.67
N LEU A 108 -17.43 -29.96 52.23
CA LEU A 108 -16.94 -28.83 51.45
C LEU A 108 -15.71 -29.22 50.65
N TYR A 109 -15.54 -28.60 49.48
CA TYR A 109 -14.47 -28.94 48.57
C TYR A 109 -13.70 -27.69 48.18
N LEU A 110 -12.39 -27.84 48.02
CA LEU A 110 -11.52 -26.74 47.64
C LEU A 110 -10.35 -27.28 46.83
N ASP A 111 -10.10 -26.69 45.67
CA ASP A 111 -8.93 -27.01 44.86
C ASP A 111 -8.44 -25.75 44.19
N THR A 112 -7.24 -25.84 43.60
CA THR A 112 -6.64 -24.74 42.86
C THR A 112 -6.52 -25.05 41.37
N CYS A 113 -7.19 -26.10 40.89
CA CYS A 113 -7.10 -26.47 39.48
C CYS A 113 -8.09 -27.57 39.20
N ILE A 114 -8.75 -27.50 38.04
CA ILE A 114 -9.67 -28.53 37.60
C ILE A 114 -8.82 -29.57 36.86
N GLU A 115 -8.33 -30.55 37.61
CA GLU A 115 -7.51 -31.61 37.03
C GLU A 115 -8.39 -32.78 36.60
N PRO A 116 -8.13 -33.39 35.44
CA PRO A 116 -8.82 -34.64 35.10
C PRO A 116 -8.15 -35.84 35.77
N TRP A 117 -8.58 -37.05 35.41
CA TRP A 117 -7.92 -38.24 35.93
C TRP A 117 -6.51 -38.36 35.33
N LYS A 118 -5.78 -39.38 35.80
CA LYS A 118 -4.42 -39.63 35.33
C LYS A 118 -4.34 -39.63 33.81
N GLY A 119 -3.71 -38.60 33.25
CA GLY A 119 -3.46 -38.54 31.83
C GLY A 119 -4.61 -37.99 31.00
N GLY A 120 -5.15 -36.85 31.43
CA GLY A 120 -6.25 -36.22 30.72
C GLY A 120 -5.80 -35.04 29.89
N TYR A 121 -4.61 -34.52 30.16
CA TYR A 121 -4.09 -33.38 29.41
C TYR A 121 -3.48 -33.83 28.08
N ASP A 122 -2.42 -34.63 28.14
CA ASP A 122 -1.72 -35.07 26.93
C ASP A 122 -2.11 -36.52 26.64
N ASP A 123 -3.35 -36.67 26.16
CA ASP A 123 -3.88 -37.98 25.76
C ASP A 123 -4.17 -37.94 24.26
N PRO A 124 -3.31 -38.48 23.41
CA PRO A 124 -3.57 -38.41 21.97
C PRO A 124 -4.89 -39.04 21.55
N THR A 125 -5.37 -40.04 22.28
CA THR A 125 -6.63 -40.67 21.93
C THR A 125 -7.81 -39.74 22.12
N ILE A 126 -7.68 -38.73 22.98
CA ILE A 126 -8.76 -37.76 23.19
C ILE A 126 -8.65 -36.68 22.12
N PRO A 127 -9.75 -36.27 21.49
CA PRO A 127 -9.65 -35.20 20.50
C PRO A 127 -9.10 -33.92 21.12
N LEU A 128 -8.36 -33.17 20.30
CA LEU A 128 -7.65 -31.99 20.80
C LEU A 128 -8.62 -31.02 21.48
N HIS A 129 -9.70 -30.65 20.81
CA HIS A 129 -10.62 -29.66 21.34
C HIS A 129 -11.26 -30.09 22.66
N LYS A 130 -11.09 -31.36 23.06
CA LYS A 130 -11.59 -31.84 24.34
C LYS A 130 -10.46 -32.04 25.35
N ARG A 131 -9.28 -31.49 25.08
CA ARG A 131 -8.17 -31.52 26.02
C ARG A 131 -7.74 -30.12 26.46
N THR A 132 -8.55 -29.10 26.17
CA THR A 132 -8.23 -27.72 26.52
C THR A 132 -8.81 -27.37 27.89
N ASN A 133 -8.25 -26.32 28.49
CA ASN A 133 -8.83 -25.79 29.72
C ASN A 133 -10.25 -25.31 29.50
N TYR A 134 -10.55 -24.81 28.30
CA TYR A 134 -11.92 -24.43 27.97
C TYR A 134 -12.87 -25.61 28.17
N HIS A 135 -12.48 -26.78 27.67
CA HIS A 135 -13.35 -27.96 27.77
C HIS A 135 -13.46 -28.43 29.21
N LEU A 136 -12.33 -28.49 29.93
CA LEU A 136 -12.38 -28.85 31.34
C LEU A 136 -13.32 -27.94 32.11
N ARG A 137 -13.32 -26.65 31.79
CA ARG A 137 -14.19 -25.70 32.49
C ARG A 137 -15.65 -25.94 32.15
N GLU A 138 -15.95 -26.24 30.88
CA GLU A 138 -17.35 -26.46 30.51
C GLU A 138 -17.90 -27.74 31.14
N GLN A 139 -17.05 -28.72 31.41
CA GLN A 139 -17.47 -29.88 32.17
C GLN A 139 -17.87 -29.47 33.59
N MET A 140 -17.06 -28.61 34.21
CA MET A 140 -17.40 -28.12 35.55
C MET A 140 -18.69 -27.33 35.53
N LEU A 141 -18.89 -26.49 34.51
CA LEU A 141 -20.11 -25.68 34.45
C LEU A 141 -21.33 -26.56 34.22
N SER A 142 -21.20 -27.64 33.46
CA SER A 142 -22.32 -28.55 33.26
C SER A 142 -22.64 -29.30 34.56
N LEU A 143 -21.61 -29.69 35.31
CA LEU A 143 -21.84 -30.31 36.61
C LEU A 143 -22.41 -29.30 37.60
N LYS A 144 -22.03 -28.02 37.48
CA LYS A 144 -22.61 -26.98 38.32
C LYS A 144 -24.11 -26.87 38.10
N LYS A 145 -24.55 -26.92 36.85
CA LYS A 145 -25.98 -26.83 36.55
C LYS A 145 -26.72 -28.06 37.07
N ARG A 146 -26.18 -29.25 36.84
CA ARG A 146 -26.85 -30.47 37.25
C ARG A 146 -27.04 -30.53 38.76
N LEU A 147 -25.94 -30.41 39.51
CA LEU A 147 -26.04 -30.48 40.97
C LEU A 147 -26.81 -29.28 41.51
N GLY A 148 -26.46 -28.07 41.07
CA GLY A 148 -27.21 -26.90 41.50
C GLY A 148 -26.89 -26.52 42.94
N SER A 149 -27.92 -26.05 43.63
CA SER A 149 -27.75 -25.59 45.01
C SER A 149 -27.36 -26.76 45.91
N GLY A 150 -26.44 -26.49 46.83
CA GLY A 150 -25.99 -27.50 47.76
C GLY A 150 -24.70 -27.07 48.42
N VAL A 151 -24.04 -28.04 49.04
CA VAL A 151 -22.77 -27.82 49.73
C VAL A 151 -21.80 -27.13 48.78
N THR A 152 -20.97 -26.23 49.31
CA THR A 152 -20.10 -25.41 48.48
C THR A 152 -18.90 -26.22 47.97
N ALA A 153 -18.49 -25.91 46.75
CA ALA A 153 -17.28 -26.48 46.16
C ALA A 153 -16.61 -25.39 45.34
N LEU A 154 -15.50 -24.85 45.85
CA LEU A 154 -14.77 -23.78 45.19
C LEU A 154 -13.60 -24.40 44.43
N VAL A 155 -13.58 -24.22 43.11
CA VAL A 155 -12.57 -24.81 42.26
C VAL A 155 -11.66 -23.72 41.71
N ALA A 156 -10.42 -24.08 41.40
CA ALA A 156 -9.48 -23.22 40.70
C ALA A 156 -9.29 -21.90 41.45
N HIS A 157 -9.01 -21.99 42.75
CA HIS A 157 -8.77 -20.81 43.58
C HIS A 157 -7.42 -20.93 44.27
N GLY A 158 -6.36 -20.72 43.49
CA GLY A 158 -5.03 -20.56 44.04
C GLY A 158 -4.59 -19.11 43.89
N ALA A 159 -3.37 -18.90 43.39
CA ALA A 159 -2.96 -17.56 43.02
C ALA A 159 -3.46 -17.19 41.64
N ASN A 160 -3.18 -18.04 40.65
CA ASN A 160 -3.71 -17.88 39.30
C ASN A 160 -3.84 -19.25 38.65
N PRO A 161 -5.06 -19.75 38.42
CA PRO A 161 -6.37 -19.12 38.65
C PRO A 161 -6.71 -18.93 40.13
N GLY A 162 -7.39 -17.82 40.44
CA GLY A 162 -7.83 -17.58 41.80
C GLY A 162 -7.75 -16.12 42.19
N LEU A 163 -6.68 -15.74 42.88
CA LEU A 163 -6.54 -14.37 43.35
C LEU A 163 -6.61 -13.38 42.21
N VAL A 164 -5.93 -13.67 41.09
CA VAL A 164 -5.88 -12.73 39.98
C VAL A 164 -7.27 -12.31 39.53
N SER A 165 -8.25 -13.21 39.66
CA SER A 165 -9.62 -12.83 39.34
C SER A 165 -10.10 -11.69 40.23
N HIS A 166 -9.77 -11.76 41.53
CA HIS A 166 -10.10 -10.65 42.43
C HIS A 166 -9.33 -9.39 42.05
N PHE A 167 -8.09 -9.55 41.58
CA PHE A 167 -7.33 -8.38 41.14
C PHE A 167 -8.02 -7.67 39.99
N VAL A 168 -8.65 -8.44 39.08
CA VAL A 168 -9.34 -7.83 37.96
C VAL A 168 -10.47 -6.93 38.45
N LYS A 169 -11.27 -7.42 39.38
CA LYS A 169 -12.39 -6.64 39.90
C LYS A 169 -11.89 -5.34 40.53
N ARG A 170 -10.90 -5.43 41.41
CA ARG A 170 -10.39 -4.22 42.06
C ARG A 170 -9.78 -3.27 41.04
N ALA A 171 -9.08 -3.80 40.03
CA ALA A 171 -8.51 -2.94 39.00
C ALA A 171 -9.60 -2.18 38.25
N LEU A 172 -10.72 -2.84 37.98
CA LEU A 172 -11.82 -2.17 37.29
C LEU A 172 -12.39 -1.04 38.15
N LEU A 173 -12.46 -1.24 39.47
CA LEU A 173 -12.96 -0.19 40.34
C LEU A 173 -11.98 0.97 40.43
N ASP A 174 -10.69 0.68 40.48
CA ASP A 174 -9.69 1.74 40.44
C ASP A 174 -9.82 2.57 39.16
N LEU A 175 -9.88 1.90 38.01
CA LEU A 175 -10.08 2.60 36.75
C LEU A 175 -11.39 3.36 36.75
N ALA A 176 -12.43 2.79 37.36
CA ALA A 176 -13.72 3.47 37.42
C ALA A 176 -13.64 4.76 38.23
N GLU A 177 -12.90 4.73 39.33
CA GLU A 177 -12.77 5.92 40.17
C GLU A 177 -11.90 6.98 39.50
N GLU A 178 -10.87 6.55 38.78
CA GLU A 178 -9.93 7.50 38.17
C GLU A 178 -10.47 8.09 36.89
N ILE A 179 -11.05 7.27 36.02
CA ILE A 179 -11.48 7.71 34.70
C ILE A 179 -12.91 8.22 34.72
N LEU A 180 -13.82 7.44 35.31
CA LEU A 180 -15.24 7.77 35.29
C LEU A 180 -15.70 8.54 36.52
N GLY A 181 -14.86 8.66 37.54
CA GLY A 181 -15.30 9.27 38.78
C GLY A 181 -16.44 8.54 39.45
N ASP A 182 -16.70 7.30 39.05
CA ASP A 182 -17.81 6.52 39.57
C ASP A 182 -17.27 5.53 40.60
N CYS A 183 -17.67 5.72 41.86
CA CYS A 183 -17.29 4.82 42.94
C CYS A 183 -18.36 3.77 43.23
N LYS A 184 -19.18 3.45 42.24
CA LYS A 184 -20.32 2.54 42.42
C LYS A 184 -19.87 1.12 42.12
N LYS A 185 -20.09 0.22 43.08
CA LYS A 185 -19.67 -1.17 42.92
C LYS A 185 -20.71 -1.94 42.13
N PRO A 186 -20.33 -2.67 41.09
CA PRO A 186 -21.26 -3.58 40.42
C PRO A 186 -21.81 -4.60 41.39
N SER A 187 -23.04 -5.05 41.13
CA SER A 187 -23.73 -6.00 42.00
C SER A 187 -23.79 -7.41 41.42
N ASN A 188 -23.54 -7.59 40.13
CA ASN A 188 -23.66 -8.88 39.49
C ASN A 188 -22.72 -8.94 38.30
N LYS A 189 -22.68 -10.11 37.65
CA LYS A 189 -21.79 -10.31 36.52
C LYS A 189 -22.05 -9.28 35.42
N GLU A 190 -23.32 -9.06 35.08
CA GLU A 190 -23.64 -8.14 34.00
C GLU A 190 -23.11 -6.74 34.28
N GLN A 191 -23.28 -6.25 35.52
CA GLN A 191 -22.80 -4.92 35.84
C GLN A 191 -21.27 -4.86 35.78
N TRP A 192 -20.58 -5.93 36.15
CA TRP A 192 -19.13 -5.96 35.99
C TRP A 192 -18.73 -5.85 34.53
N ALA A 193 -19.48 -6.51 33.63
CA ALA A 193 -19.17 -6.45 32.21
C ALA A 193 -19.51 -5.08 31.63
N ILE A 194 -20.62 -4.48 32.10
CA ILE A 194 -20.96 -3.13 31.64
C ILE A 194 -19.86 -2.15 32.00
N LEU A 195 -19.27 -2.30 33.20
CA LEU A 195 -18.20 -1.40 33.61
C LEU A 195 -16.97 -1.58 32.74
N SER A 196 -16.56 -2.84 32.51
CA SER A 196 -15.40 -3.10 31.64
C SER A 196 -15.62 -2.50 30.25
N GLN A 197 -16.82 -2.64 29.71
CA GLN A 197 -17.12 -2.06 28.40
C GLN A 197 -17.08 -0.54 28.45
N ARG A 198 -17.66 0.06 29.49
CA ARG A 198 -17.69 1.51 29.59
C ARG A 198 -16.29 2.10 29.70
N LEU A 199 -15.40 1.41 30.41
CA LEU A 199 -14.03 1.88 30.52
C LEU A 199 -13.24 1.66 29.23
N GLY A 200 -13.71 0.81 28.34
CA GLY A 200 -13.00 0.51 27.12
C GLY A 200 -11.90 -0.51 27.27
N VAL A 201 -11.99 -1.39 28.26
CA VAL A 201 -10.99 -2.43 28.46
C VAL A 201 -11.07 -3.40 27.29
N LYS A 202 -9.96 -3.54 26.56
CA LYS A 202 -9.90 -4.41 25.39
C LYS A 202 -9.01 -5.63 25.59
N VAL A 203 -7.96 -5.53 26.40
CA VAL A 203 -7.03 -6.64 26.62
C VAL A 203 -6.70 -6.71 28.11
N ILE A 204 -6.71 -7.94 28.64
CA ILE A 204 -6.31 -8.20 30.02
C ILE A 204 -5.25 -9.28 29.99
N HIS A 205 -4.06 -8.97 30.49
CA HIS A 205 -3.00 -9.94 30.67
C HIS A 205 -2.87 -10.31 32.14
N VAL A 206 -2.69 -11.59 32.41
CA VAL A 206 -2.15 -12.02 33.70
C VAL A 206 -0.64 -11.93 33.55
N ALA A 207 -0.09 -10.74 33.84
CA ALA A 207 1.30 -10.44 33.56
C ALA A 207 2.13 -10.73 34.81
N GLU A 208 2.82 -11.87 34.81
CA GLU A 208 3.64 -12.28 35.93
C GLU A 208 5.11 -12.22 35.55
N TYR A 209 5.93 -11.76 36.48
CA TYR A 209 7.37 -11.68 36.31
C TYR A 209 8.03 -12.23 37.57
N ASP A 210 8.79 -13.31 37.42
CA ASP A 210 9.48 -13.93 38.55
C ASP A 210 10.95 -13.53 38.47
N SER A 211 11.35 -12.59 39.33
CA SER A 211 12.73 -12.10 39.38
C SER A 211 13.57 -12.82 40.43
N GLN A 212 13.06 -13.90 41.01
CA GLN A 212 13.80 -14.60 42.05
C GLN A 212 15.08 -15.21 41.48
N ILE A 213 16.20 -14.93 42.14
CA ILE A 213 17.52 -15.37 41.70
C ILE A 213 17.94 -16.58 42.52
N SER A 214 18.53 -17.56 41.86
CA SER A 214 18.92 -18.80 42.53
C SER A 214 20.26 -18.64 43.23
N GLN A 215 20.38 -19.26 44.40
CA GLN A 215 21.64 -19.26 45.14
C GLN A 215 22.78 -19.78 44.26
N LYS A 216 22.60 -20.96 43.69
CA LYS A 216 23.61 -21.60 42.87
C LYS A 216 23.10 -21.77 41.44
N SER A 217 24.01 -22.15 40.55
CA SER A 217 23.68 -22.30 39.14
C SER A 217 23.20 -23.73 38.86
N ARG A 218 22.42 -23.85 37.78
CA ARG A 218 21.93 -25.16 37.35
C ARG A 218 23.09 -26.11 37.11
N GLU A 219 22.94 -27.35 37.59
CA GLU A 219 23.86 -28.39 37.19
C GLU A 219 23.43 -28.97 35.84
N ARG A 220 24.33 -29.74 35.23
N ARG A 220 24.32 -29.74 35.24
CA ARG A 220 24.09 -30.26 33.90
CA ARG A 220 24.09 -30.24 33.89
C ARG A 220 22.79 -31.06 33.85
C ARG A 220 22.82 -31.07 33.83
N GLY A 221 21.97 -30.79 32.84
CA GLY A 221 20.74 -31.53 32.65
C GLY A 221 19.70 -31.34 33.72
N GLU A 222 19.78 -30.26 34.50
CA GLU A 222 18.85 -30.02 35.59
C GLU A 222 17.83 -28.96 35.18
N PHE A 223 16.55 -29.27 35.37
CA PHE A 223 15.46 -28.34 35.12
C PHE A 223 15.06 -27.72 36.45
N VAL A 224 15.23 -26.40 36.57
CA VAL A 224 15.01 -25.69 37.82
C VAL A 224 13.87 -24.71 37.65
N ASN A 225 13.06 -24.56 38.69
CA ASN A 225 11.90 -23.67 38.66
C ASN A 225 11.54 -23.30 40.09
N THR A 226 10.85 -22.17 40.24
CA THR A 226 10.39 -21.72 41.55
C THR A 226 9.15 -22.45 42.04
N TRP A 227 8.56 -23.31 41.20
CA TRP A 227 7.47 -24.18 41.63
C TRP A 227 7.61 -25.50 40.88
N SER A 228 6.59 -26.34 40.96
CA SER A 228 6.66 -27.69 40.41
C SER A 228 7.24 -27.67 39.00
N VAL A 229 8.29 -28.47 38.80
CA VAL A 229 8.91 -28.58 37.49
C VAL A 229 7.98 -29.32 36.52
N HIS A 230 7.55 -30.52 36.89
CA HIS A 230 6.67 -31.29 36.02
C HIS A 230 5.33 -30.61 35.84
N GLY A 231 4.88 -29.83 36.84
CA GLY A 231 3.70 -29.02 36.65
C GLY A 231 3.94 -27.88 35.68
N PHE A 232 5.14 -27.31 35.68
CA PHE A 232 5.47 -26.26 34.73
C PHE A 232 5.62 -26.82 33.32
N ILE A 233 6.33 -27.94 33.17
CA ILE A 233 6.49 -28.55 31.86
C ILE A 233 5.14 -28.95 31.28
N SER A 234 4.25 -29.48 32.11
CA SER A 234 2.94 -29.91 31.63
C SER A 234 2.16 -28.72 31.09
N GLU A 235 2.09 -27.63 31.86
CA GLU A 235 1.39 -26.43 31.40
C GLU A 235 2.07 -25.84 30.17
N SER A 236 3.40 -25.91 30.12
CA SER A 236 4.13 -25.37 28.97
C SER A 236 3.89 -26.20 27.72
N GLN A 237 3.58 -27.48 27.87
CA GLN A 237 3.40 -28.36 26.71
C GLN A 237 2.03 -28.22 26.08
N GLN A 238 1.01 -27.90 26.88
CA GLN A 238 -0.34 -27.78 26.35
C GLN A 238 -0.41 -26.67 25.30
N PRO A 239 -1.36 -26.75 24.37
CA PRO A 239 -1.51 -25.69 23.39
C PRO A 239 -1.92 -24.38 24.05
N ALA A 240 -1.38 -23.28 23.52
CA ALA A 240 -1.73 -21.96 24.03
C ALA A 240 -3.23 -21.72 23.84
N GLU A 241 -3.85 -21.18 24.88
CA GLU A 241 -5.26 -20.80 24.83
C GLU A 241 -5.40 -19.36 25.29
N LEU A 242 -6.48 -18.71 24.82
CA LEU A 242 -6.72 -17.32 25.15
C LEU A 242 -8.17 -16.98 24.86
N GLY A 243 -8.76 -16.14 25.70
CA GLY A 243 -10.04 -15.56 25.39
C GLY A 243 -9.90 -14.54 24.26
N TRP A 244 -10.84 -14.59 23.32
CA TRP A 244 -10.79 -13.75 22.13
C TRP A 244 -11.79 -12.61 22.27
N GLY A 245 -11.30 -11.38 22.12
CA GLY A 245 -12.11 -10.22 22.38
C GLY A 245 -12.86 -9.72 21.15
N SER A 246 -13.86 -8.88 21.42
CA SER A 246 -14.70 -8.33 20.36
C SER A 246 -14.01 -7.26 19.53
N HIS A 247 -12.83 -6.79 19.95
CA HIS A 247 -12.10 -5.79 19.20
C HIS A 247 -11.11 -6.39 18.21
N GLU A 248 -10.82 -7.68 18.34
CA GLU A 248 -9.82 -8.31 17.49
C GLU A 248 -10.30 -8.37 16.04
N ARG A 249 -9.33 -8.40 15.12
CA ARG A 249 -9.62 -8.58 13.70
C ARG A 249 -8.85 -9.78 13.16
N SER A 250 -7.58 -9.59 12.87
CA SER A 250 -6.75 -10.68 12.35
C SER A 250 -6.69 -11.82 13.35
N LEU A 251 -6.78 -13.08 12.82
CA LEU A 251 -6.74 -14.28 13.65
C LEU A 251 -5.33 -14.83 13.72
N PRO A 252 -4.97 -15.51 14.81
CA PRO A 252 -3.64 -16.14 14.88
C PRO A 252 -3.52 -17.29 13.88
N THR A 253 -2.28 -17.68 13.61
CA THR A 253 -1.99 -18.79 12.70
C THR A 253 -2.03 -20.11 13.46
N ASP A 254 -2.38 -21.18 12.73
CA ASP A 254 -2.44 -22.52 13.29
C ASP A 254 -3.39 -22.56 14.49
N ALA A 255 -4.52 -21.87 14.37
CA ALA A 255 -5.42 -21.66 15.49
C ALA A 255 -6.79 -22.24 15.20
N SER A 256 -7.46 -22.66 16.27
CA SER A 256 -8.86 -23.07 16.24
C SER A 256 -9.61 -22.28 17.29
N MET A 257 -10.94 -22.37 17.26
CA MET A 257 -11.76 -21.52 18.12
C MET A 257 -12.99 -22.27 18.60
N HIS A 258 -13.38 -22.00 19.85
CA HIS A 258 -14.66 -22.42 20.40
C HIS A 258 -15.62 -21.24 20.31
N THR A 259 -16.82 -21.48 19.77
CA THR A 259 -17.84 -20.44 19.68
C THR A 259 -19.21 -20.91 20.11
N ASP A 260 -19.36 -22.17 20.53
CA ASP A 260 -20.65 -22.69 20.96
C ASP A 260 -20.98 -22.36 22.40
N GLY A 261 -20.09 -21.68 23.11
CA GLY A 261 -20.33 -21.25 24.47
C GLY A 261 -20.83 -19.82 24.52
N CYS A 262 -20.40 -19.09 25.56
CA CYS A 262 -20.80 -17.70 25.72
C CYS A 262 -19.82 -16.72 25.09
N GLY A 263 -18.63 -17.16 24.71
CA GLY A 263 -17.66 -16.28 24.09
C GLY A 263 -16.63 -17.05 23.30
N ALA A 264 -16.02 -16.34 22.36
CA ALA A 264 -15.00 -16.95 21.52
C ALA A 264 -13.77 -17.28 22.34
N ALA A 265 -13.27 -18.51 22.19
CA ALA A 265 -12.06 -18.96 22.87
C ALA A 265 -11.17 -19.66 21.86
N ILE A 266 -9.94 -19.19 21.73
CA ILE A 266 -8.99 -19.70 20.75
C ILE A 266 -7.97 -20.59 21.46
N TYR A 267 -7.62 -21.70 20.82
CA TYR A 267 -6.47 -22.49 21.21
C TYR A 267 -5.57 -22.66 20.02
N ILE A 268 -4.28 -22.37 20.20
CA ILE A 268 -3.29 -22.42 19.13
C ILE A 268 -2.57 -23.75 19.20
N GLU A 269 -2.42 -24.40 18.05
CA GLU A 269 -1.81 -25.74 17.99
C GLU A 269 -0.29 -25.63 18.05
N LYS A 270 0.18 -25.06 19.15
CA LYS A 270 1.60 -24.93 19.45
C LYS A 270 1.76 -24.83 20.97
N PRO A 271 2.84 -25.35 21.52
CA PRO A 271 3.01 -25.30 22.97
C PRO A 271 3.11 -23.86 23.46
N GLY A 272 2.53 -23.61 24.65
CA GLY A 272 2.60 -22.28 25.23
C GLY A 272 4.03 -21.77 25.37
N ALA A 273 4.97 -22.66 25.65
CA ALA A 273 6.37 -22.28 25.79
C ALA A 273 7.00 -21.83 24.48
N SER A 274 6.32 -22.02 23.35
CA SER A 274 6.81 -21.53 22.06
C SER A 274 6.12 -20.23 21.63
N VAL A 275 4.98 -19.90 22.21
CA VAL A 275 4.27 -18.67 21.89
C VAL A 275 4.73 -17.60 22.87
N ARG A 276 5.44 -16.60 22.38
CA ARG A 276 5.94 -15.50 23.18
C ARG A 276 5.14 -14.25 22.88
N VAL A 277 4.77 -13.52 23.93
CA VAL A 277 3.93 -12.33 23.82
C VAL A 277 4.55 -11.20 24.62
N LYS A 278 4.48 -9.99 24.08
CA LYS A 278 4.92 -8.79 24.80
C LYS A 278 3.88 -8.41 25.86
N THR A 279 4.37 -7.95 26.99
CA THR A 279 3.50 -7.55 28.10
C THR A 279 4.22 -6.46 28.89
N TRP A 280 3.70 -6.18 30.09
CA TRP A 280 4.22 -5.11 30.92
C TRP A 280 4.06 -5.50 32.38
N THR A 281 5.10 -5.29 33.17
CA THR A 281 5.09 -5.56 34.60
C THR A 281 5.88 -4.48 35.30
N PRO A 282 5.66 -4.29 36.61
CA PRO A 282 6.39 -3.23 37.33
C PRO A 282 7.86 -3.53 37.53
N PHE A 283 8.35 -4.73 37.20
CA PHE A 283 9.76 -5.05 37.43
C PHE A 283 10.66 -4.15 36.60
N ASN A 284 10.37 -4.01 35.31
CA ASN A 284 11.18 -3.17 34.44
C ASN A 284 10.39 -2.74 33.21
N GLY A 285 9.07 -2.69 33.32
CA GLY A 285 8.24 -2.24 32.24
C GLY A 285 8.01 -3.32 31.20
N PRO A 286 8.25 -2.99 29.92
CA PRO A 286 8.08 -3.99 28.86
C PRO A 286 8.77 -5.30 29.20
N SER A 287 8.09 -6.41 28.95
CA SER A 287 8.58 -7.73 29.27
C SER A 287 8.12 -8.71 28.20
N LEU A 288 8.74 -9.88 28.21
CA LEU A 288 8.39 -10.96 27.30
C LEU A 288 7.96 -12.17 28.12
N GLY A 289 6.77 -12.72 27.82
CA GLY A 289 6.26 -13.86 28.54
C GLY A 289 5.80 -14.95 27.57
N TYR A 290 5.48 -16.10 28.14
CA TYR A 290 4.95 -17.23 27.39
C TYR A 290 3.43 -17.25 27.51
N LEU A 291 2.76 -17.46 26.38
CA LEU A 291 1.30 -17.50 26.34
C LEU A 291 0.84 -18.90 26.77
N VAL A 292 0.95 -19.15 28.07
CA VAL A 292 0.61 -20.45 28.65
C VAL A 292 -0.90 -20.51 28.87
N THR A 293 -1.50 -21.63 28.47
CA THR A 293 -2.93 -21.83 28.70
C THR A 293 -3.22 -21.82 30.20
N HIS A 294 -4.32 -21.17 30.57
CA HIS A 294 -4.68 -21.05 31.98
C HIS A 294 -6.18 -20.92 32.12
N HIS A 295 -6.69 -21.44 33.24
CA HIS A 295 -8.12 -21.41 33.51
C HIS A 295 -8.67 -19.99 33.47
N GLU A 296 -7.99 -19.05 34.13
CA GLU A 296 -8.50 -17.69 34.23
C GLU A 296 -8.57 -17.00 32.88
N ALA A 297 -7.85 -17.49 31.88
CA ALA A 297 -7.95 -16.92 30.54
C ALA A 297 -9.37 -17.03 30.00
N ILE A 298 -10.11 -18.06 30.40
CA ILE A 298 -11.48 -18.28 29.95
C ILE A 298 -12.49 -17.70 30.92
N SER A 299 -12.29 -17.92 32.23
CA SER A 299 -13.28 -17.49 33.21
C SER A 299 -13.37 -15.96 33.27
N ILE A 300 -12.24 -15.27 33.19
CA ILE A 300 -12.25 -13.81 33.21
C ILE A 300 -12.95 -13.27 31.98
N ALA A 301 -12.60 -13.80 30.81
CA ALA A 301 -13.20 -13.33 29.56
C ALA A 301 -14.71 -13.53 29.57
N ASP A 302 -15.15 -14.74 29.96
CA ASP A 302 -16.59 -14.99 30.06
C ASP A 302 -17.24 -14.08 31.09
N PHE A 303 -16.54 -13.81 32.19
CA PHE A 303 -17.10 -12.98 33.25
C PHE A 303 -17.39 -11.57 32.76
N LEU A 304 -16.51 -11.02 31.91
CA LEU A 304 -16.67 -9.68 31.38
C LEU A 304 -17.26 -9.66 29.98
N THR A 305 -17.96 -10.72 29.59
CA THR A 305 -18.61 -10.77 28.28
C THR A 305 -20.03 -10.25 28.40
N LEU A 306 -20.40 -9.35 27.50
CA LEU A 306 -21.73 -8.74 27.48
C LEU A 306 -22.37 -9.05 26.13
N ARG A 307 -23.42 -9.87 26.14
CA ARG A 307 -24.12 -10.28 24.94
C ARG A 307 -25.53 -9.72 24.95
N THR A 308 -25.85 -8.89 23.97
CA THR A 308 -27.18 -8.34 23.80
C THR A 308 -27.79 -8.91 22.53
N ALA A 309 -28.94 -8.37 22.13
CA ALA A 309 -29.64 -8.89 20.96
C ALA A 309 -28.82 -8.71 19.69
N ASP A 310 -28.11 -7.59 19.58
CA ASP A 310 -27.41 -7.24 18.36
C ASP A 310 -25.90 -7.06 18.52
N GLU A 311 -25.41 -6.89 19.74
CA GLU A 311 -24.00 -6.55 19.96
C GLU A 311 -23.38 -7.53 20.95
N THR A 312 -22.04 -7.52 20.97
CA THR A 312 -21.27 -8.34 21.90
C THR A 312 -20.05 -7.55 22.35
N TYR A 313 -19.77 -7.59 23.65
CA TYR A 313 -18.54 -7.06 24.20
C TYR A 313 -17.77 -8.19 24.88
N ARG A 314 -16.46 -8.20 24.69
CA ARG A 314 -15.60 -9.24 25.26
C ARG A 314 -14.15 -8.82 25.14
N PRO A 315 -13.38 -8.81 26.23
CA PRO A 315 -11.95 -8.50 26.12
C PRO A 315 -11.13 -9.75 25.81
N THR A 316 -9.96 -9.50 25.21
CA THR A 316 -8.97 -10.56 25.05
C THR A 316 -8.26 -10.77 26.38
N VAL A 317 -8.20 -12.03 26.81
CA VAL A 317 -7.63 -12.38 28.12
C VAL A 317 -6.76 -13.60 27.94
N HIS A 318 -5.54 -13.55 28.48
CA HIS A 318 -4.67 -14.71 28.47
C HIS A 318 -3.50 -14.48 29.42
N TYR A 319 -2.80 -15.57 29.71
CA TYR A 319 -1.64 -15.56 30.59
C TYR A 319 -0.42 -15.05 29.83
N ALA A 320 0.39 -14.23 30.51
CA ALA A 320 1.67 -13.74 29.97
C ALA A 320 2.71 -13.95 31.06
N TYR A 321 3.41 -15.07 30.99
CA TYR A 321 4.26 -15.54 32.08
C TYR A 321 5.73 -15.35 31.73
N ARG A 322 6.41 -14.48 32.48
CA ARG A 322 7.86 -14.38 32.42
C ARG A 322 8.42 -15.11 33.64
N PRO A 323 8.81 -16.37 33.53
CA PRO A 323 9.24 -17.14 34.70
C PRO A 323 10.66 -16.76 35.13
N SER A 324 11.14 -17.44 36.17
CA SER A 324 12.47 -17.17 36.69
C SER A 324 13.54 -17.41 35.63
N ASP A 325 14.70 -16.79 35.84
CA ASP A 325 15.82 -16.96 34.92
C ASP A 325 16.19 -18.43 34.79
N GLU A 326 16.08 -19.20 35.88
CA GLU A 326 16.42 -20.61 35.83
C GLU A 326 15.47 -21.38 34.93
N ALA A 327 14.17 -21.11 35.03
CA ALA A 327 13.20 -21.82 34.20
C ALA A 327 13.41 -21.51 32.72
N ILE A 328 13.65 -20.24 32.39
CA ILE A 328 13.87 -19.87 30.99
C ILE A 328 15.05 -20.63 30.42
N LEU A 329 16.17 -20.63 31.14
CA LEU A 329 17.33 -21.40 30.69
C LEU A 329 17.02 -22.88 30.62
N SER A 330 16.19 -23.37 31.55
CA SER A 330 15.78 -24.78 31.51
C SER A 330 14.92 -25.05 30.29
N VAL A 331 13.91 -24.21 30.04
CA VAL A 331 13.08 -24.38 28.85
C VAL A 331 13.94 -24.42 27.59
N HIS A 332 14.97 -23.58 27.54
CA HIS A 332 15.85 -23.56 26.37
C HIS A 332 16.49 -24.92 26.16
N GLU A 333 17.17 -25.44 27.20
CA GLU A 333 17.74 -26.79 27.10
C GLU A 333 16.65 -27.83 26.89
N TRP A 334 15.47 -27.61 27.46
CA TRP A 334 14.37 -28.56 27.31
C TRP A 334 13.98 -28.72 25.85
N PHE A 335 13.81 -27.61 25.13
CA PHE A 335 13.56 -27.68 23.69
C PHE A 335 14.70 -28.38 22.97
N GLY A 336 15.94 -28.07 23.35
CA GLY A 336 17.09 -28.66 22.69
C GLY A 336 17.17 -30.16 22.82
N ASN A 337 16.48 -30.73 23.80
CA ASN A 337 16.45 -32.18 24.01
C ASN A 337 15.09 -32.76 23.60
N ASP A 338 14.50 -32.22 22.53
CA ASP A 338 13.26 -32.73 21.97
C ASP A 338 12.14 -32.79 23.01
N CYS A 339 12.17 -31.87 23.98
CA CYS A 339 11.13 -31.79 25.01
C CYS A 339 10.99 -33.09 25.78
N MET A 340 12.07 -33.87 25.87
CA MET A 340 12.05 -35.07 26.69
C MET A 340 12.04 -34.72 28.16
N THR A 341 11.49 -35.62 28.97
CA THR A 341 11.46 -35.39 30.41
C THR A 341 12.88 -35.19 30.93
N PRO A 342 13.11 -34.20 31.79
CA PRO A 342 14.49 -33.87 32.18
C PRO A 342 15.13 -34.96 33.03
N GLU A 343 16.45 -35.07 32.88
CA GLU A 343 17.21 -36.03 33.68
C GLU A 343 17.08 -35.71 35.17
N LYS A 344 17.27 -34.44 35.53
CA LYS A 344 17.20 -34.01 36.92
C LYS A 344 16.24 -32.83 37.03
N THR A 345 15.54 -32.76 38.16
CA THR A 345 14.61 -31.68 38.45
C THR A 345 14.92 -31.09 39.82
N LYS A 346 14.48 -29.85 40.03
CA LYS A 346 14.71 -29.18 41.30
C LYS A 346 13.72 -28.03 41.43
N VAL A 347 12.88 -28.08 42.46
CA VAL A 347 12.03 -26.95 42.82
C VAL A 347 12.78 -26.13 43.85
N LEU A 348 13.02 -24.85 43.52
CA LEU A 348 13.80 -23.99 44.40
C LEU A 348 13.08 -23.78 45.72
N ARG A 349 13.82 -23.94 46.81
CA ARG A 349 13.31 -23.78 48.17
C ARG A 349 13.78 -22.44 48.73
N PRO A 350 13.20 -22.01 49.85
CA PRO A 350 13.61 -20.71 50.42
C PRO A 350 15.10 -20.58 50.60
N GLY A 351 15.78 -21.64 51.04
CA GLY A 351 17.22 -21.59 51.20
C GLY A 351 17.98 -21.46 49.90
N ASP A 352 17.35 -21.83 48.78
CA ASP A 352 18.01 -21.75 47.48
C ASP A 352 17.85 -20.40 46.80
N ILE A 353 16.88 -19.60 47.21
CA ILE A 353 16.61 -18.32 46.58
C ILE A 353 17.40 -17.24 47.29
N LEU A 354 18.19 -16.49 46.52
CA LEU A 354 19.03 -15.42 47.07
C LEU A 354 18.25 -14.12 47.23
N SER A 355 17.51 -13.73 46.20
CA SER A 355 16.80 -12.45 46.20
C SER A 355 15.74 -12.50 45.10
N GLY A 356 15.01 -11.39 44.97
CA GLY A 356 14.02 -11.24 43.93
C GLY A 356 12.61 -11.33 44.47
N SER A 357 11.65 -11.21 43.55
CA SER A 357 10.25 -11.18 43.92
C SER A 357 9.41 -11.82 42.81
N ASP A 358 8.20 -12.19 43.16
CA ASP A 358 7.22 -12.71 42.20
C ASP A 358 6.16 -11.63 42.01
N TYR A 359 6.23 -10.94 40.86
CA TYR A 359 5.25 -9.93 40.50
C TYR A 359 4.06 -10.63 39.85
N LEU A 360 2.97 -10.79 40.60
CA LEU A 360 1.78 -11.46 40.08
C LEU A 360 0.64 -10.45 40.08
N GLY A 361 0.15 -10.10 38.89
CA GLY A 361 -0.93 -9.15 38.78
C GLY A 361 -1.58 -9.21 37.41
N VAL A 362 -2.58 -8.38 37.23
CA VAL A 362 -3.35 -8.31 35.99
C VAL A 362 -3.08 -6.96 35.34
N LEU A 363 -2.91 -6.98 34.02
CA LEU A 363 -2.64 -5.77 33.24
C LEU A 363 -3.87 -5.50 32.38
N LEU A 364 -4.61 -4.44 32.70
CA LEU A 364 -5.79 -4.05 31.96
C LEU A 364 -5.43 -2.96 30.95
N MET A 365 -5.86 -3.13 29.71
CA MET A 365 -5.44 -2.27 28.62
C MET A 365 -6.65 -1.90 27.77
N GLY A 366 -6.53 -0.77 27.06
CA GLY A 366 -7.56 -0.26 26.18
C GLY A 366 -8.31 0.95 26.71
N HIS A 367 -8.18 1.23 28.01
CA HIS A 367 -8.92 2.32 28.63
C HIS A 367 -8.25 3.66 28.32
N GLU A 368 -8.81 4.73 28.91
CA GLU A 368 -8.34 6.09 28.63
C GLU A 368 -6.88 6.26 29.01
N LYS A 369 -6.43 5.62 30.09
CA LYS A 369 -5.07 5.75 30.57
C LYS A 369 -4.14 4.64 30.06
N SER A 370 -4.54 3.96 28.98
CA SER A 370 -3.68 3.03 28.27
C SER A 370 -3.51 1.70 29.01
N SER A 371 -2.61 1.66 30.00
CA SER A 371 -2.27 0.42 30.70
C SER A 371 -2.33 0.63 32.20
N TYR A 372 -2.77 -0.40 32.92
CA TYR A 372 -2.85 -0.35 34.37
C TYR A 372 -2.57 -1.75 34.92
N TRP A 373 -1.57 -1.86 35.78
CA TRP A 373 -1.16 -3.12 36.39
C TRP A 373 -1.54 -3.10 37.86
N TYR A 374 -2.16 -4.18 38.32
CA TYR A 374 -2.51 -4.33 39.73
C TYR A 374 -2.31 -5.76 40.16
N GLY A 375 -1.59 -5.97 41.26
CA GLY A 375 -1.38 -7.30 41.78
C GLY A 375 -0.43 -7.29 42.96
N SER A 376 0.12 -8.46 43.24
CA SER A 376 0.98 -8.68 44.40
C SER A 376 2.45 -8.63 43.97
N ILE A 377 3.24 -7.86 44.71
CA ILE A 377 4.69 -7.81 44.54
C ILE A 377 5.28 -8.33 45.84
N LEU A 378 5.64 -9.61 45.87
CA LEU A 378 6.11 -10.29 47.07
C LEU A 378 7.56 -10.70 46.88
N SER A 379 8.45 -10.16 47.71
CA SER A 379 9.86 -10.52 47.67
C SER A 379 10.09 -11.79 48.48
N ILE A 380 11.19 -12.48 48.16
CA ILE A 380 11.52 -13.71 48.88
C ILE A 380 11.80 -13.42 50.34
N GLU A 381 12.54 -12.33 50.61
CA GLU A 381 12.84 -11.97 51.99
C GLU A 381 11.56 -11.76 52.79
N LYS A 382 10.58 -11.06 52.19
CA LYS A 382 9.31 -10.84 52.86
C LYS A 382 8.60 -12.15 53.14
N ALA A 383 8.62 -13.09 52.18
CA ALA A 383 7.95 -14.36 52.36
C ALA A 383 8.56 -15.16 53.50
N LYS A 384 9.88 -15.14 53.62
CA LYS A 384 10.55 -15.90 54.68
C LYS A 384 10.14 -15.39 56.06
N GLU A 385 9.91 -14.09 56.20
CA GLU A 385 9.49 -13.55 57.48
C GLU A 385 8.00 -13.72 57.73
N LEU A 386 7.22 -14.02 56.68
CA LEU A 386 5.78 -14.20 56.82
C LEU A 386 5.39 -15.63 57.15
N ALA A 387 6.18 -16.61 56.70
CA ALA A 387 5.86 -18.01 56.96
C ALA A 387 7.02 -18.87 56.50
N THR A 388 7.10 -20.07 57.07
CA THR A 388 8.12 -21.04 56.70
C THR A 388 7.61 -21.95 55.60
N LEU A 389 8.54 -22.68 54.99
CA LEU A 389 8.22 -23.58 53.88
C LEU A 389 7.55 -22.84 52.72
N ASN A 390 7.94 -21.58 52.52
CA ASN A 390 7.32 -20.74 51.51
C ASN A 390 8.37 -19.90 50.79
N THR A 391 8.26 -19.85 49.47
CA THR A 391 8.95 -18.85 48.67
C THR A 391 7.96 -17.75 48.32
N ALA A 392 8.39 -16.79 47.50
CA ALA A 392 7.48 -15.76 47.02
C ALA A 392 6.40 -16.38 46.14
N THR A 393 6.76 -17.35 45.31
CA THR A 393 5.79 -17.99 44.43
C THR A 393 4.81 -18.87 45.21
N THR A 394 5.32 -19.64 46.16
CA THR A 394 4.45 -20.57 46.90
C THR A 394 3.49 -19.82 47.81
N LEU A 395 3.96 -18.75 48.45
CA LEU A 395 3.12 -18.05 49.42
C LEU A 395 1.91 -17.42 48.74
N GLN A 396 2.10 -16.83 47.56
CA GLN A 396 0.96 -16.26 46.83
C GLN A 396 -0.09 -17.31 46.57
N VAL A 397 0.32 -18.53 46.20
CA VAL A 397 -0.64 -19.61 46.01
C VAL A 397 -1.26 -20.00 47.34
N ALA A 398 -0.43 -20.26 48.36
CA ALA A 398 -0.94 -20.67 49.66
C ALA A 398 -1.93 -19.65 50.20
N ALA A 399 -1.66 -18.36 50.00
CA ALA A 399 -2.61 -17.33 50.40
C ALA A 399 -3.94 -17.49 49.66
N GLY A 400 -3.86 -17.78 48.35
CA GLY A 400 -5.08 -18.05 47.60
C GLY A 400 -5.84 -19.23 48.15
N VAL A 401 -5.13 -20.29 48.56
CA VAL A 401 -5.78 -21.45 49.16
C VAL A 401 -6.48 -21.05 50.44
N LEU A 402 -5.79 -20.29 51.30
CA LEU A 402 -6.38 -19.88 52.57
C LEU A 402 -7.61 -19.01 52.34
N SER A 403 -7.55 -18.14 51.33
CA SER A 403 -8.71 -17.29 51.03
C SER A 403 -9.93 -18.13 50.66
N GLY A 404 -9.75 -19.09 49.75
CA GLY A 404 -10.87 -19.96 49.40
C GLY A 404 -11.30 -20.83 50.58
N TYR A 405 -10.34 -21.26 51.40
CA TYR A 405 -10.66 -22.05 52.57
C TYR A 405 -11.62 -21.31 53.49
N LEU A 406 -11.36 -20.03 53.73
CA LEU A 406 -12.21 -19.28 54.65
C LEU A 406 -13.55 -18.92 54.03
N TRP A 407 -13.60 -18.72 52.71
CA TRP A 407 -14.84 -18.37 52.06
C TRP A 407 -15.84 -19.53 52.12
N ILE A 408 -15.38 -20.74 51.81
CA ILE A 408 -16.28 -21.89 51.77
C ILE A 408 -16.82 -22.20 53.16
N LEU A 409 -16.07 -21.88 54.21
CA LEU A 409 -16.57 -22.08 55.57
C LEU A 409 -17.66 -21.07 55.91
N SER A 410 -17.46 -19.80 55.54
CA SER A 410 -18.45 -18.77 55.79
C SER A 410 -19.55 -18.74 54.73
N HIS A 411 -19.39 -19.47 53.63
CA HIS A 411 -20.41 -19.56 52.59
C HIS A 411 -20.50 -21.02 52.14
N PRO A 412 -21.01 -21.90 53.00
CA PRO A 412 -21.02 -23.33 52.70
C PRO A 412 -22.23 -23.83 51.92
N SER A 413 -23.11 -22.95 51.45
CA SER A 413 -24.31 -23.35 50.71
C SER A 413 -24.36 -22.64 49.36
N ALA A 414 -23.21 -22.49 48.71
CA ALA A 414 -23.12 -21.79 47.43
C ALA A 414 -22.98 -22.75 46.25
N GLY A 415 -22.88 -24.05 46.50
CA GLY A 415 -22.70 -24.99 45.40
C GLY A 415 -21.32 -24.84 44.77
N ILE A 416 -21.24 -25.21 43.49
CA ILE A 416 -20.00 -25.08 42.75
C ILE A 416 -19.82 -23.63 42.32
N ILE A 417 -18.64 -23.07 42.62
CA ILE A 417 -18.36 -21.67 42.35
C ILE A 417 -16.91 -21.51 41.89
N GLU A 418 -16.65 -20.40 41.22
CA GLU A 418 -15.31 -19.98 40.83
C GLU A 418 -14.94 -18.72 41.60
N ALA A 419 -13.70 -18.27 41.41
CA ALA A 419 -13.25 -17.05 42.07
C ALA A 419 -14.14 -15.86 41.72
N GLU A 420 -14.65 -15.82 40.49
CA GLU A 420 -15.49 -14.70 40.08
C GLU A 420 -16.79 -14.63 40.86
N ASP A 421 -17.31 -15.78 41.30
CA ASP A 421 -18.55 -15.79 42.07
C ASP A 421 -18.39 -15.25 43.47
N MET A 422 -17.16 -15.07 43.95
CA MET A 422 -16.92 -14.64 45.32
C MET A 422 -16.97 -13.11 45.41
N ASP A 423 -16.89 -12.63 46.66
CA ASP A 423 -16.79 -11.19 46.94
C ASP A 423 -15.30 -10.86 47.01
N HIS A 424 -14.79 -10.21 45.97
CA HIS A 424 -13.34 -9.99 45.87
C HIS A 424 -12.83 -9.17 47.04
N GLU A 425 -13.66 -8.28 47.60
CA GLU A 425 -13.24 -7.49 48.75
C GLU A 425 -12.94 -8.40 49.94
N VAL A 426 -13.88 -9.29 50.27
CA VAL A 426 -13.67 -10.23 51.36
C VAL A 426 -12.53 -11.19 51.03
N ALA A 427 -12.48 -11.67 49.78
CA ALA A 427 -11.50 -12.67 49.41
C ALA A 427 -10.07 -12.18 49.66
N LEU A 428 -9.78 -10.93 49.31
CA LEU A 428 -8.44 -10.40 49.48
C LEU A 428 -8.18 -9.95 50.91
N SER A 429 -9.19 -9.45 51.60
CA SER A 429 -9.00 -9.01 52.99
C SER A 429 -8.57 -10.17 53.87
N TYR A 430 -8.94 -11.40 53.51
CA TYR A 430 -8.50 -12.57 54.29
C TYR A 430 -6.98 -12.64 54.36
N ILE A 431 -6.30 -12.34 53.26
CA ILE A 431 -4.90 -12.73 53.08
C ILE A 431 -4.06 -11.59 52.52
N SER A 432 -4.59 -10.36 52.56
CA SER A 432 -3.83 -9.23 52.02
C SER A 432 -2.46 -9.10 52.70
N GLN A 433 -2.34 -9.54 53.95
CA GLN A 433 -1.08 -9.43 54.66
C GLN A 433 -0.01 -10.37 54.12
N TYR A 434 -0.38 -11.40 53.38
CA TYR A 434 0.57 -12.37 52.85
C TYR A 434 1.00 -12.07 51.42
N LEU A 435 0.47 -11.00 50.82
CA LEU A 435 0.76 -10.68 49.42
C LEU A 435 1.82 -9.59 49.28
N GLY A 436 2.52 -9.25 50.35
CA GLY A 436 3.55 -8.23 50.28
C GLY A 436 2.99 -6.86 49.94
N GLU A 437 3.31 -6.36 48.76
CA GLU A 437 2.88 -5.05 48.30
C GLU A 437 1.77 -5.20 47.28
N LEU A 438 0.61 -4.62 47.57
CA LEU A 438 -0.50 -4.57 46.62
C LEU A 438 -0.57 -3.14 46.08
N LYS A 439 -0.05 -2.94 44.87
CA LYS A 439 0.02 -1.63 44.27
C LYS A 439 -0.60 -1.63 42.89
N GLY A 440 -1.02 -0.45 42.45
CA GLY A 440 -1.52 -0.24 41.11
C GLY A 440 -0.68 0.80 40.39
N VAL A 441 -0.17 0.46 39.21
CA VAL A 441 0.74 1.32 38.47
C VAL A 441 0.14 1.57 37.09
N TYR A 442 -0.03 2.84 36.74
CA TYR A 442 -0.43 3.22 35.40
C TYR A 442 0.79 3.32 34.50
N SER A 443 0.55 3.20 33.20
CA SER A 443 1.63 3.27 32.21
C SER A 443 1.03 3.59 30.86
N ASP A 444 1.72 4.43 30.09
CA ASP A 444 1.31 4.76 28.73
C ASP A 444 1.82 3.75 27.71
N TRP A 445 2.09 2.52 28.13
CA TRP A 445 2.67 1.53 27.24
C TRP A 445 1.60 0.84 26.40
N ASN A 446 2.00 0.48 25.18
CA ASN A 446 1.24 -0.43 24.34
C ASN A 446 2.25 -1.16 23.45
N PRO A 447 1.90 -2.35 22.96
CA PRO A 447 2.90 -3.16 22.24
C PRO A 447 3.43 -2.50 20.97
N THR A 448 2.87 -1.38 20.54
CA THR A 448 3.34 -0.69 19.34
C THR A 448 4.14 0.57 19.64
N LYS A 449 4.18 1.02 20.90
CA LYS A 449 4.82 2.30 21.21
C LYS A 449 6.27 2.32 20.76
N ASN A 450 6.98 1.20 20.92
CA ASN A 450 8.40 1.12 20.60
C ASN A 450 8.68 0.41 19.27
N ASN A 451 7.63 0.06 18.52
CA ASN A 451 7.79 -0.59 17.22
C ASN A 451 7.31 0.33 16.12
N PRO A 452 8.19 1.09 15.46
CA PRO A 452 7.72 2.02 14.42
C PRO A 452 6.89 1.35 13.34
N GLY A 453 7.13 0.07 13.06
CA GLY A 453 6.36 -0.61 12.02
C GLY A 453 4.88 -0.71 12.30
N THR A 454 4.46 -0.47 13.56
CA THR A 454 3.07 -0.63 13.92
C THR A 454 2.53 0.49 14.80
N PHE A 455 3.35 1.46 15.20
CA PHE A 455 2.90 2.48 16.13
C PHE A 455 1.78 3.32 15.52
N SER A 456 0.72 3.50 16.30
CA SER A 456 -0.38 4.38 15.90
C SER A 456 -0.96 5.03 17.15
N ALA A 457 -1.33 6.29 17.03
CA ALA A 457 -1.91 7.05 18.13
C ALA A 457 -3.26 7.65 17.77
N ILE A 458 -3.85 7.26 16.65
CA ILE A 458 -5.11 7.82 16.18
C ILE A 458 -6.14 6.77 15.81
N ASP A 459 -5.84 5.48 16.00
CA ASP A 459 -6.73 4.40 15.61
C ASP A 459 -7.37 3.69 16.80
N SER A 460 -7.38 4.33 17.97
CA SER A 460 -8.10 3.81 19.12
C SER A 460 -7.67 2.38 19.47
N ASP A 461 -8.29 1.39 18.83
CA ASP A 461 -8.09 -0.01 19.20
C ASP A 461 -7.01 -0.71 18.38
N SER A 462 -6.49 -0.07 17.34
CA SER A 462 -5.46 -0.70 16.52
C SER A 462 -4.25 -1.13 17.33
N PRO A 463 -3.75 -0.35 18.29
CA PRO A 463 -2.58 -0.80 19.07
C PRO A 463 -2.86 -2.01 19.95
N TRP A 464 -4.12 -2.37 20.18
CA TRP A 464 -4.47 -3.46 21.08
C TRP A 464 -4.81 -4.74 20.35
N LEU A 465 -4.42 -4.86 19.08
CA LEU A 465 -4.68 -6.08 18.32
C LEU A 465 -3.65 -7.14 18.67
N PHE A 466 -4.11 -8.40 18.73
CA PHE A 466 -3.25 -9.50 19.17
C PHE A 466 -1.99 -9.60 18.31
N SER A 467 -2.07 -9.21 17.04
CA SER A 467 -0.89 -9.28 16.17
C SER A 467 0.25 -8.41 16.70
N ASN A 468 -0.08 -7.33 17.41
CA ASN A 468 0.96 -6.46 17.95
C ASN A 468 1.61 -7.03 19.20
N PHE A 469 0.93 -7.93 19.91
CA PHE A 469 1.46 -8.52 21.15
C PHE A 469 2.36 -9.72 20.87
N VAL A 470 1.91 -10.63 20.01
CA VAL A 470 2.61 -11.89 19.80
C VAL A 470 3.76 -11.70 18.83
N LEU A 471 4.82 -12.48 19.03
CA LEU A 471 5.98 -12.46 18.14
C LEU A 471 5.90 -13.63 17.16
N SER B 6 62.60 -21.51 13.28
CA SER B 6 61.66 -20.58 13.90
C SER B 6 61.14 -19.58 12.87
N ILE B 7 60.59 -18.46 13.34
CA ILE B 7 60.00 -17.45 12.49
C ILE B 7 60.64 -16.10 12.80
N ASN B 8 60.70 -15.24 11.79
CA ASN B 8 61.27 -13.91 11.96
C ASN B 8 60.16 -12.86 12.11
N PRO B 9 60.29 -11.89 13.01
CA PRO B 9 59.28 -10.84 13.12
C PRO B 9 59.29 -9.94 11.90
N PRO B 10 58.22 -9.18 11.67
CA PRO B 10 58.23 -8.21 10.57
C PRO B 10 58.99 -6.95 10.95
N GLN B 11 58.86 -5.90 10.13
CA GLN B 11 59.48 -4.62 10.44
C GLN B 11 58.52 -3.68 11.16
N ARG B 12 57.22 -3.96 11.14
CA ARG B 12 56.23 -3.06 11.73
C ARG B 12 54.86 -3.71 11.65
N ILE B 13 54.01 -3.36 12.60
CA ILE B 13 52.63 -3.86 12.66
C ILE B 13 51.71 -2.66 12.84
N VAL B 14 50.63 -2.64 12.06
CA VAL B 14 49.63 -1.58 12.13
C VAL B 14 48.31 -2.24 12.54
N PHE B 15 47.84 -1.92 13.75
CA PHE B 15 46.56 -2.42 14.24
C PHE B 15 45.45 -1.45 13.86
N VAL B 16 44.63 -1.84 12.90
CA VAL B 16 43.39 -1.12 12.63
C VAL B 16 42.35 -1.64 13.62
N GLY B 17 42.08 -0.84 14.66
CA GLY B 17 41.19 -1.27 15.73
C GLY B 17 41.96 -1.88 16.88
N LEU B 18 41.71 -1.38 18.10
CA LEU B 18 42.40 -1.86 19.29
C LEU B 18 41.36 -2.13 20.39
N GLY B 19 40.45 -3.06 20.10
CA GLY B 19 39.38 -3.42 21.00
C GLY B 19 39.71 -4.65 21.82
N THR B 20 38.66 -5.39 22.18
CA THR B 20 38.83 -6.57 23.02
C THR B 20 39.74 -7.61 22.36
N ILE B 21 39.45 -7.95 21.11
CA ILE B 21 40.19 -9.01 20.43
C ILE B 21 41.64 -8.59 20.25
N ALA B 22 41.88 -7.37 19.79
CA ALA B 22 43.25 -6.92 19.57
C ALA B 22 44.05 -6.94 20.86
N GLN B 23 43.42 -6.56 21.97
CA GLN B 23 44.11 -6.58 23.26
C GLN B 23 44.25 -7.99 23.81
N SER B 24 43.35 -8.91 23.42
CA SER B 24 43.52 -10.30 23.78
C SER B 24 44.66 -10.96 23.00
N PHE B 25 44.99 -10.43 21.82
CA PHE B 25 46.03 -10.98 20.98
C PHE B 25 47.43 -10.49 21.35
N LEU B 26 47.54 -9.37 22.08
CA LEU B 26 48.86 -8.85 22.42
C LEU B 26 49.62 -9.80 23.34
N PRO B 27 49.05 -10.31 24.43
CA PRO B 27 49.82 -11.26 25.27
C PRO B 27 50.34 -12.46 24.49
N LEU B 28 49.54 -13.00 23.58
CA LEU B 28 49.99 -14.11 22.75
C LEU B 28 51.14 -13.67 21.85
N LEU B 29 50.98 -12.52 21.18
CA LEU B 29 52.03 -12.03 20.29
C LEU B 29 53.31 -11.65 21.04
N SER B 30 53.20 -11.33 22.33
CA SER B 30 54.38 -10.92 23.09
C SER B 30 55.29 -12.11 23.38
N LYS B 31 54.72 -13.31 23.53
CA LYS B 31 55.54 -14.50 23.77
C LYS B 31 56.30 -14.93 22.53
N VAL B 32 55.84 -14.55 21.34
CA VAL B 32 56.48 -14.95 20.10
C VAL B 32 57.51 -13.94 19.65
N HIS B 33 57.17 -12.65 19.68
CA HIS B 33 58.05 -11.58 19.24
C HIS B 33 58.21 -10.56 20.36
N ASP B 34 59.36 -9.89 20.35
CA ASP B 34 59.66 -8.84 21.31
C ASP B 34 59.06 -7.54 20.80
N LEU B 35 57.98 -7.08 21.44
CA LEU B 35 57.29 -5.87 21.00
C LEU B 35 58.13 -4.61 21.18
N SER B 36 59.22 -4.68 21.96
CA SER B 36 60.05 -3.50 22.17
C SER B 36 60.87 -3.18 20.92
N THR B 37 61.38 -4.21 20.24
CA THR B 37 62.16 -4.02 19.02
C THR B 37 61.30 -3.95 17.76
N LEU B 38 60.03 -3.59 17.90
CA LEU B 38 59.11 -3.54 16.77
C LEU B 38 58.31 -2.25 16.81
N GLU B 39 58.14 -1.64 15.65
CA GLU B 39 57.32 -0.44 15.52
C GLU B 39 55.86 -0.86 15.41
N ILE B 40 55.07 -0.54 16.45
CA ILE B 40 53.67 -0.95 16.52
C ILE B 40 52.79 0.29 16.45
N TYR B 41 51.83 0.27 15.52
CA TYR B 41 50.81 1.31 15.42
C TYR B 41 49.45 0.70 15.77
N ALA B 42 48.58 1.55 16.31
CA ALA B 42 47.21 1.16 16.62
C ALA B 42 46.29 2.34 16.31
N ILE B 43 45.25 2.07 15.53
CA ILE B 43 44.31 3.10 15.08
C ILE B 43 42.93 2.71 15.61
N ASP B 44 42.30 3.62 16.35
CA ASP B 44 41.01 3.34 16.95
C ASP B 44 40.38 4.63 17.47
N PRO B 45 39.12 4.94 17.10
CA PRO B 45 38.49 6.16 17.64
C PRO B 45 38.26 6.09 19.14
N LYS B 46 38.09 4.90 19.69
CA LYS B 46 38.04 4.73 21.14
C LYS B 46 39.44 4.63 21.71
N THR B 47 39.63 5.22 22.90
CA THR B 47 40.91 5.15 23.59
C THR B 47 40.82 4.08 24.67
N PRO B 48 41.60 2.99 24.59
CA PRO B 48 41.45 1.94 25.60
C PRO B 48 42.08 2.36 26.91
N PRO B 49 41.54 1.91 28.04
CA PRO B 49 42.13 2.28 29.34
C PRO B 49 43.59 1.90 29.49
N LEU B 50 44.05 0.87 28.78
CA LEU B 50 45.43 0.40 28.86
C LEU B 50 46.33 1.03 27.81
N ILE B 51 45.91 2.13 27.19
CA ILE B 51 46.70 2.69 26.10
C ILE B 51 48.06 3.20 26.62
N GLU B 52 48.06 3.85 27.78
CA GLU B 52 49.31 4.34 28.33
C GLU B 52 50.21 3.19 28.76
N TYR B 53 49.63 2.09 29.24
CA TYR B 53 50.43 0.92 29.57
C TYR B 53 51.10 0.36 28.32
N PHE B 54 50.32 0.18 27.24
CA PHE B 54 50.88 -0.34 26.00
C PHE B 54 52.00 0.56 25.49
N ALA B 55 51.78 1.88 25.51
CA ALA B 55 52.78 2.80 25.02
C ALA B 55 54.05 2.72 25.85
N ASN B 56 53.93 2.92 27.17
CA ASN B 56 55.09 2.90 28.05
C ASN B 56 55.71 1.52 28.20
N SER B 57 55.03 0.46 27.76
CA SER B 57 55.53 -0.89 27.93
C SER B 57 56.33 -1.37 26.73
N PHE B 58 55.79 -1.20 25.51
CA PHE B 58 56.50 -1.61 24.31
C PHE B 58 56.42 -0.56 23.20
N GLY B 59 56.08 0.68 23.54
CA GLY B 59 56.14 1.76 22.57
C GLY B 59 54.97 1.82 21.61
N LEU B 60 53.79 1.36 22.03
CA LEU B 60 52.61 1.47 21.17
C LEU B 60 52.37 2.93 20.81
N LYS B 61 52.28 3.19 19.50
CA LYS B 61 52.01 4.53 18.99
C LYS B 61 50.55 4.58 18.54
N PHE B 62 49.72 5.31 19.28
CA PHE B 62 48.28 5.29 19.11
C PHE B 62 47.83 6.46 18.25
N ILE B 63 46.99 6.17 17.26
CA ILE B 63 46.36 7.18 16.41
C ILE B 63 44.86 7.14 16.72
N ASN B 64 44.37 8.16 17.41
CA ASN B 64 42.97 8.21 17.83
C ASN B 64 42.13 8.78 16.68
N SER B 65 41.88 7.92 15.69
CA SER B 65 41.15 8.32 14.50
C SER B 65 40.24 7.17 14.06
N ALA B 66 39.18 7.54 13.33
CA ALA B 66 38.25 6.56 12.77
C ALA B 66 38.54 6.45 11.27
N ILE B 67 38.99 5.28 10.85
CA ILE B 67 39.31 5.03 9.44
C ILE B 67 38.01 5.01 8.64
N ASP B 68 37.82 5.98 7.76
CA ASP B 68 36.70 6.01 6.85
C ASP B 68 37.21 6.07 5.41
N GLN B 69 36.28 6.00 4.46
CA GLN B 69 36.65 5.96 3.05
C GLN B 69 37.20 7.29 2.54
N ILE B 70 37.32 8.31 3.38
CA ILE B 70 37.82 9.61 2.95
C ILE B 70 39.24 9.81 3.43
N ASN B 71 39.59 9.24 4.59
CA ASN B 71 40.87 9.50 5.23
C ASN B 71 41.76 8.27 5.35
N TYR B 72 41.32 7.10 4.89
CA TYR B 72 42.09 5.88 5.17
C TYR B 72 43.43 5.87 4.45
N ARG B 73 43.51 6.46 3.25
CA ARG B 73 44.80 6.55 2.56
C ARG B 73 45.69 7.58 3.25
N ASP B 74 45.15 8.75 3.56
CA ASP B 74 45.94 9.80 4.21
C ASP B 74 46.52 9.34 5.55
N ILE B 75 45.93 8.32 6.16
CA ILE B 75 46.39 7.82 7.46
C ILE B 75 47.27 6.59 7.32
N LEU B 76 46.95 5.71 6.36
CA LEU B 76 47.61 4.42 6.26
C LEU B 76 48.83 4.43 5.34
N VAL B 77 48.79 5.23 4.27
CA VAL B 77 49.92 5.24 3.33
C VAL B 77 51.24 5.48 4.04
N PRO B 78 51.36 6.44 4.96
CA PRO B 78 52.67 6.68 5.59
C PRO B 78 53.22 5.50 6.36
N ILE B 79 52.35 4.63 6.88
CA ILE B 79 52.78 3.56 7.79
C ILE B 79 52.53 2.20 7.18
N LEU B 80 52.57 2.10 5.84
CA LEU B 80 52.41 0.84 5.15
C LEU B 80 53.49 0.69 4.11
N GLY B 81 54.17 -0.45 4.12
CA GLY B 81 55.23 -0.72 3.16
C GLY B 81 55.77 -2.11 3.36
N GLU B 82 56.77 -2.46 2.56
CA GLU B 82 57.42 -3.75 2.68
C GLU B 82 57.89 -3.97 4.12
N GLY B 83 57.60 -5.16 4.64
CA GLY B 83 57.93 -5.49 6.01
C GLY B 83 56.87 -5.13 7.03
N THR B 84 55.69 -4.71 6.58
CA THR B 84 54.60 -4.33 7.48
C THR B 84 53.51 -5.39 7.45
N VAL B 85 52.88 -5.58 8.61
CA VAL B 85 51.72 -6.47 8.75
C VAL B 85 50.57 -5.60 9.23
N LEU B 86 49.55 -5.47 8.39
CA LEU B 86 48.33 -4.74 8.76
C LEU B 86 47.36 -5.76 9.35
N ILE B 87 47.23 -5.74 10.67
CA ILE B 87 46.29 -6.60 11.38
C ILE B 87 45.02 -5.80 11.62
N ASN B 88 43.94 -6.20 10.94
CA ASN B 88 42.67 -5.48 10.99
C ASN B 88 41.74 -6.23 11.94
N LEU B 89 41.55 -5.68 13.14
CA LEU B 89 40.62 -6.24 14.11
C LEU B 89 39.63 -5.18 14.53
N SER B 90 39.03 -4.50 13.56
CA SER B 90 38.13 -3.38 13.80
C SER B 90 36.73 -3.71 13.27
N THR B 91 35.82 -2.75 13.47
CA THR B 91 34.50 -2.78 12.87
C THR B 91 34.31 -1.54 12.01
N ASP B 92 33.39 -1.65 11.05
CA ASP B 92 32.99 -0.53 10.20
C ASP B 92 34.09 -0.10 9.24
N VAL B 93 35.10 -0.93 9.01
CA VAL B 93 36.18 -0.62 8.08
C VAL B 93 36.18 -1.67 6.98
N SER B 94 36.25 -1.21 5.73
CA SER B 94 36.17 -2.11 4.59
C SER B 94 37.42 -2.96 4.48
N SER B 95 37.26 -4.27 4.61
CA SER B 95 38.40 -5.18 4.49
C SER B 95 38.99 -5.13 3.08
N LEU B 96 38.14 -5.16 2.07
CA LEU B 96 38.63 -5.15 0.69
C LEU B 96 39.27 -3.82 0.33
N ALA B 97 38.87 -2.73 0.99
CA ALA B 97 39.52 -1.45 0.74
C ALA B 97 40.94 -1.43 1.29
N LEU B 98 41.16 -2.06 2.45
CA LEU B 98 42.50 -2.12 3.02
C LEU B 98 43.39 -3.11 2.31
N ILE B 99 42.83 -4.22 1.83
CA ILE B 99 43.63 -5.21 1.12
C ILE B 99 44.22 -4.59 -0.14
N GLU B 100 43.40 -3.88 -0.91
CA GLU B 100 43.90 -3.22 -2.11
C GLU B 100 44.94 -2.17 -1.77
N LEU B 101 44.81 -1.52 -0.61
CA LEU B 101 45.81 -0.54 -0.19
C LEU B 101 47.10 -1.23 0.25
N CYS B 102 46.99 -2.39 0.88
CA CYS B 102 48.18 -3.16 1.23
C CYS B 102 48.88 -3.71 0.01
N ARG B 103 48.14 -3.94 -1.08
CA ARG B 103 48.74 -4.51 -2.28
C ARG B 103 49.61 -3.48 -2.99
N SER B 104 49.12 -2.25 -3.13
CA SER B 104 49.90 -1.22 -3.80
C SER B 104 51.17 -0.86 -3.02
N ALA B 105 51.15 -1.04 -1.70
CA ALA B 105 52.29 -0.72 -0.85
C ALA B 105 53.09 -1.96 -0.46
N GLY B 106 52.71 -3.14 -0.94
CA GLY B 106 53.42 -4.36 -0.60
C GLY B 106 53.48 -4.62 0.90
N ALA B 107 52.34 -4.94 1.49
CA ALA B 107 52.25 -5.20 2.92
C ALA B 107 51.33 -6.39 3.17
N LEU B 108 51.58 -7.09 4.26
CA LEU B 108 50.78 -8.24 4.64
C LEU B 108 49.50 -7.79 5.34
N TYR B 109 48.42 -8.53 5.11
CA TYR B 109 47.11 -8.19 5.65
C TYR B 109 46.53 -9.38 6.41
N LEU B 110 45.76 -9.08 7.45
CA LEU B 110 45.15 -10.11 8.27
C LEU B 110 43.93 -9.52 8.97
N ASP B 111 42.78 -10.17 8.81
CA ASP B 111 41.58 -9.81 9.54
C ASP B 111 40.85 -11.08 9.96
N THR B 112 39.81 -10.90 10.78
CA THR B 112 39.01 -12.01 11.27
C THR B 112 37.63 -12.11 10.63
N CYS B 113 37.32 -11.22 9.69
CA CYS B 113 36.04 -11.32 8.97
C CYS B 113 36.01 -10.26 7.88
N ILE B 114 35.37 -10.60 6.76
CA ILE B 114 35.19 -9.65 5.68
C ILE B 114 34.15 -8.62 6.10
N GLU B 115 34.56 -7.36 6.16
CA GLU B 115 33.78 -6.30 6.75
C GLU B 115 33.59 -5.16 5.74
N PRO B 116 32.37 -4.64 5.59
CA PRO B 116 32.18 -3.48 4.70
C PRO B 116 32.33 -2.15 5.42
N TRP B 117 32.26 -1.05 4.69
CA TRP B 117 32.25 0.25 5.35
C TRP B 117 31.03 0.37 6.27
N LYS B 118 31.10 1.36 7.17
CA LYS B 118 30.04 1.57 8.14
C LYS B 118 28.68 1.60 7.49
N GLY B 119 27.77 0.74 7.96
CA GLY B 119 26.41 0.69 7.47
C GLY B 119 26.18 -0.29 6.34
N GLY B 120 27.19 -1.05 5.92
CA GLY B 120 27.06 -1.93 4.78
C GLY B 120 26.09 -3.08 4.98
N TYR B 121 25.80 -3.44 6.24
CA TYR B 121 24.91 -4.56 6.51
C TYR B 121 23.43 -4.16 6.47
N ASP B 122 23.11 -2.89 6.68
CA ASP B 122 21.72 -2.45 6.77
C ASP B 122 21.37 -1.27 5.87
N ASP B 123 22.30 -0.82 5.02
CA ASP B 123 22.03 0.29 4.13
C ASP B 123 20.90 -0.08 3.16
N PRO B 124 19.74 0.58 3.25
CA PRO B 124 18.62 0.17 2.39
C PRO B 124 18.86 0.44 0.91
N THR B 125 19.65 1.47 0.57
CA THR B 125 19.95 1.72 -0.84
C THR B 125 20.69 0.55 -1.48
N ILE B 126 21.25 -0.34 -0.68
CA ILE B 126 21.90 -1.55 -1.18
C ILE B 126 20.89 -2.68 -1.10
N PRO B 127 20.66 -3.43 -2.19
CA PRO B 127 19.66 -4.51 -2.13
C PRO B 127 20.06 -5.59 -1.14
N LEU B 128 19.04 -6.24 -0.57
CA LEU B 128 19.27 -7.19 0.51
C LEU B 128 20.26 -8.28 0.10
N HIS B 129 20.13 -8.82 -1.10
CA HIS B 129 20.98 -9.93 -1.51
C HIS B 129 22.45 -9.52 -1.63
N LYS B 130 22.74 -8.22 -1.68
CA LYS B 130 24.11 -7.73 -1.66
C LYS B 130 24.55 -7.28 -0.27
N ARG B 131 23.75 -7.54 0.75
CA ARG B 131 24.10 -7.24 2.14
C ARG B 131 24.32 -8.51 2.96
N THR B 132 24.50 -9.65 2.29
CA THR B 132 24.70 -10.93 2.96
C THR B 132 26.19 -11.26 3.04
N ASN B 133 26.53 -12.11 4.00
CA ASN B 133 27.90 -12.59 4.10
C ASN B 133 28.32 -13.36 2.85
N TYR B 134 27.37 -13.91 2.11
CA TYR B 134 27.69 -14.56 0.84
C TYR B 134 28.23 -13.54 -0.16
N HIS B 135 27.54 -12.42 -0.34
CA HIS B 135 27.98 -11.44 -1.32
C HIS B 135 29.30 -10.80 -0.92
N LEU B 136 29.48 -10.52 0.37
CA LEU B 136 30.76 -10.01 0.84
C LEU B 136 31.89 -10.95 0.44
N ARG B 137 31.70 -12.25 0.65
CA ARG B 137 32.70 -13.22 0.22
C ARG B 137 32.85 -13.24 -1.29
N GLU B 138 31.76 -13.00 -2.02
CA GLU B 138 31.84 -12.94 -3.48
C GLU B 138 32.75 -11.80 -3.92
N GLN B 139 32.57 -10.61 -3.34
CA GLN B 139 33.42 -9.48 -3.69
C GLN B 139 34.88 -9.78 -3.35
N MET B 140 35.13 -10.47 -2.25
CA MET B 140 36.49 -10.85 -1.91
C MET B 140 37.08 -11.80 -2.95
N LEU B 141 36.29 -12.78 -3.39
CA LEU B 141 36.79 -13.71 -4.41
C LEU B 141 37.02 -13.01 -5.73
N SER B 142 36.22 -12.00 -6.07
CA SER B 142 36.44 -11.26 -7.31
C SER B 142 37.70 -10.41 -7.21
N LEU B 143 37.89 -9.71 -6.09
CA LEU B 143 39.13 -8.98 -5.87
C LEU B 143 40.33 -9.91 -5.89
N LYS B 144 40.15 -11.13 -5.37
CA LYS B 144 41.23 -12.12 -5.39
C LYS B 144 41.65 -12.43 -6.81
N LYS B 145 40.68 -12.83 -7.65
CA LYS B 145 40.98 -13.16 -9.04
C LYS B 145 41.56 -11.96 -9.79
N ARG B 146 41.21 -10.75 -9.38
CA ARG B 146 41.68 -9.56 -10.06
C ARG B 146 43.17 -9.31 -9.80
N LEU B 147 43.56 -9.35 -8.53
CA LEU B 147 44.95 -9.08 -8.17
C LEU B 147 45.86 -10.27 -8.46
N GLY B 148 45.37 -11.48 -8.30
CA GLY B 148 46.17 -12.65 -8.55
C GLY B 148 47.29 -12.80 -7.53
N SER B 149 48.42 -13.33 -8.01
CA SER B 149 49.56 -13.55 -7.13
C SER B 149 50.10 -12.22 -6.61
N GLY B 150 50.70 -12.27 -5.42
CA GLY B 150 51.25 -11.09 -4.81
C GLY B 150 51.38 -11.28 -3.31
N VAL B 151 51.48 -10.14 -2.61
CA VAL B 151 51.62 -10.18 -1.16
C VAL B 151 50.39 -10.82 -0.54
N THR B 152 50.59 -11.55 0.56
CA THR B 152 49.54 -12.34 1.16
C THR B 152 48.55 -11.46 1.91
N ALA B 153 47.26 -11.79 1.77
CA ALA B 153 46.19 -11.13 2.51
C ALA B 153 45.24 -12.22 2.98
N LEU B 154 45.35 -12.59 4.25
CA LEU B 154 44.53 -13.65 4.83
C LEU B 154 43.30 -13.02 5.48
N VAL B 155 42.12 -13.41 5.00
CA VAL B 155 40.86 -12.84 5.49
C VAL B 155 40.11 -13.90 6.28
N ALA B 156 39.26 -13.43 7.21
CA ALA B 156 38.36 -14.28 7.96
C ALA B 156 39.08 -15.47 8.58
N HIS B 157 40.02 -15.17 9.48
CA HIS B 157 40.79 -16.19 10.18
C HIS B 157 40.87 -15.83 11.66
N GLY B 158 39.74 -15.99 12.35
CA GLY B 158 39.71 -15.93 13.80
C GLY B 158 39.42 -17.30 14.37
N ALA B 159 38.53 -17.38 15.36
CA ALA B 159 38.06 -18.67 15.84
C ALA B 159 37.06 -19.27 14.87
N ASN B 160 35.94 -18.56 14.64
CA ASN B 160 34.96 -18.94 13.64
C ASN B 160 34.41 -17.67 12.99
N PRO B 161 34.70 -17.40 11.72
CA PRO B 161 35.48 -18.21 10.75
C PRO B 161 36.97 -18.30 11.09
N GLY B 162 37.64 -19.30 10.52
CA GLY B 162 39.06 -19.48 10.75
C GLY B 162 39.42 -20.87 11.23
N LEU B 163 39.62 -21.02 12.53
CA LEU B 163 40.04 -22.32 13.08
C LEU B 163 39.04 -23.42 12.76
N VAL B 164 37.75 -23.10 12.72
CA VAL B 164 36.75 -24.13 12.44
C VAL B 164 37.02 -24.79 11.10
N SER B 165 37.49 -24.02 10.12
CA SER B 165 37.84 -24.60 8.84
C SER B 165 38.94 -25.65 8.99
N HIS B 166 39.90 -25.39 9.87
CA HIS B 166 40.95 -26.37 10.13
C HIS B 166 40.39 -27.58 10.89
N PHE B 167 39.44 -27.34 11.79
CA PHE B 167 38.81 -28.45 12.49
C PHE B 167 38.06 -29.37 11.52
N VAL B 168 37.49 -28.81 10.45
CA VAL B 168 36.77 -29.63 9.48
C VAL B 168 37.72 -30.60 8.80
N LYS B 169 38.87 -30.09 8.34
CA LYS B 169 39.85 -30.95 7.68
C LYS B 169 40.30 -32.08 8.59
N ARG B 170 40.64 -31.76 9.84
CA ARG B 170 41.06 -32.81 10.77
C ARG B 170 39.91 -33.75 11.10
N ALA B 171 38.68 -33.24 11.13
CA ALA B 171 37.54 -34.11 11.38
C ALA B 171 37.37 -35.15 10.27
N LEU B 172 37.53 -34.72 9.02
CA LEU B 172 37.41 -35.65 7.90
C LEU B 172 38.49 -36.72 7.96
N LEU B 173 39.74 -36.32 8.28
CA LEU B 173 40.82 -37.30 8.38
C LEU B 173 40.56 -38.31 9.49
N ASP B 174 40.04 -37.85 10.64
CA ASP B 174 39.70 -38.77 11.70
C ASP B 174 38.66 -39.78 11.24
N LEU B 175 37.61 -39.30 10.56
CA LEU B 175 36.57 -40.20 10.07
C LEU B 175 37.12 -41.16 9.04
N ALA B 176 38.04 -40.70 8.18
CA ALA B 176 38.62 -41.57 7.17
C ALA B 176 39.31 -42.76 7.80
N GLU B 177 40.15 -42.52 8.82
CA GLU B 177 40.87 -43.61 9.47
C GLU B 177 39.92 -44.55 10.21
N GLU B 178 38.96 -43.99 10.94
CA GLU B 178 38.07 -44.82 11.75
C GLU B 178 37.16 -45.67 10.88
N ILE B 179 36.62 -45.11 9.80
CA ILE B 179 35.59 -45.76 9.00
C ILE B 179 36.18 -46.40 7.75
N LEU B 180 36.92 -45.63 6.96
CA LEU B 180 37.38 -46.11 5.67
C LEU B 180 38.68 -46.90 5.75
N GLY B 181 39.51 -46.65 6.76
CA GLY B 181 40.87 -47.13 6.77
C GLY B 181 41.79 -46.37 5.84
N ASP B 182 41.25 -45.45 5.03
CA ASP B 182 42.08 -44.60 4.18
C ASP B 182 43.10 -43.84 5.01
N CYS B 183 44.06 -43.23 4.32
CA CYS B 183 45.11 -42.49 5.02
C CYS B 183 45.71 -41.39 4.14
N LYS B 184 45.77 -41.60 2.82
CA LYS B 184 46.38 -40.61 1.95
C LYS B 184 45.62 -39.28 2.05
N LYS B 185 46.23 -38.31 2.72
CA LYS B 185 45.54 -37.07 2.99
C LYS B 185 45.40 -36.23 1.72
N PRO B 186 44.24 -35.60 1.51
CA PRO B 186 44.08 -34.77 0.31
C PRO B 186 45.15 -33.70 0.21
N SER B 187 45.38 -33.25 -1.03
CA SER B 187 46.37 -32.22 -1.31
C SER B 187 45.79 -31.01 -2.03
N ASN B 188 44.51 -31.05 -2.40
CA ASN B 188 43.88 -29.92 -3.07
C ASN B 188 42.41 -29.87 -2.69
N LYS B 189 41.76 -28.77 -3.07
CA LYS B 189 40.34 -28.59 -2.76
C LYS B 189 39.52 -29.78 -3.24
N GLU B 190 39.72 -30.18 -4.50
CA GLU B 190 38.88 -31.23 -5.08
C GLU B 190 38.98 -32.53 -4.28
N GLN B 191 40.18 -32.88 -3.82
CA GLN B 191 40.35 -34.14 -3.10
C GLN B 191 39.69 -34.11 -1.73
N TRP B 192 39.64 -32.93 -1.09
CA TRP B 192 38.93 -32.83 0.18
C TRP B 192 37.44 -33.07 -0.01
N ALA B 193 36.86 -32.50 -1.07
CA ALA B 193 35.44 -32.74 -1.35
C ALA B 193 35.19 -34.20 -1.67
N ILE B 194 36.09 -34.84 -2.42
CA ILE B 194 35.94 -36.26 -2.72
C ILE B 194 35.91 -37.07 -1.43
N LEU B 195 36.75 -36.72 -0.46
CA LEU B 195 36.77 -37.44 0.81
C LEU B 195 35.47 -37.23 1.56
N SER B 196 34.98 -35.99 1.63
CA SER B 196 33.71 -35.72 2.31
C SER B 196 32.57 -36.50 1.66
N GLN B 197 32.56 -36.57 0.33
CA GLN B 197 31.54 -37.34 -0.37
C GLN B 197 31.66 -38.82 -0.06
N ARG B 198 32.87 -39.38 -0.19
CA ARG B 198 33.06 -40.80 0.07
C ARG B 198 32.68 -41.16 1.50
N LEU B 199 32.84 -40.22 2.44
CA LEU B 199 32.45 -40.47 3.83
C LEU B 199 30.96 -40.31 4.07
N GLY B 200 30.21 -39.78 3.10
CA GLY B 200 28.79 -39.59 3.29
C GLY B 200 28.43 -38.42 4.18
N VAL B 201 29.29 -37.42 4.26
CA VAL B 201 29.01 -36.24 5.07
C VAL B 201 27.94 -35.40 4.37
N LYS B 202 26.79 -35.25 5.02
CA LYS B 202 25.67 -34.51 4.46
C LYS B 202 25.42 -33.19 5.16
N VAL B 203 25.70 -33.08 6.45
CA VAL B 203 25.44 -31.88 7.22
C VAL B 203 26.65 -31.58 8.10
N ILE B 204 27.05 -30.31 8.14
CA ILE B 204 28.14 -29.86 9.00
C ILE B 204 27.65 -28.65 9.78
N HIS B 205 27.61 -28.78 11.10
CA HIS B 205 27.31 -27.65 11.97
C HIS B 205 28.61 -27.12 12.58
N VAL B 206 28.68 -25.80 12.75
CA VAL B 206 29.62 -25.20 13.69
C VAL B 206 28.87 -25.12 15.01
N ALA B 207 28.89 -26.24 15.73
CA ALA B 207 28.09 -26.40 16.95
C ALA B 207 28.89 -25.85 18.12
N GLU B 208 28.54 -24.65 18.56
CA GLU B 208 29.23 -23.99 19.67
C GLU B 208 28.31 -23.94 20.88
N TYR B 209 28.87 -24.21 22.06
CA TYR B 209 28.16 -24.12 23.33
C TYR B 209 29.02 -23.32 24.29
N ASP B 210 28.47 -22.25 24.84
CA ASP B 210 29.17 -21.38 25.78
C ASP B 210 28.58 -21.63 27.16
N SER B 211 29.26 -22.44 27.96
CA SER B 211 28.81 -22.76 29.31
C SER B 211 29.36 -21.81 30.36
N GLN B 212 30.10 -20.78 29.95
CA GLN B 212 30.64 -19.83 30.91
C GLN B 212 29.51 -19.13 31.67
N ILE B 213 29.60 -19.15 32.99
CA ILE B 213 28.60 -18.55 33.86
C ILE B 213 29.25 -17.39 34.61
N SER B 214 28.46 -16.33 34.84
CA SER B 214 28.97 -15.12 35.46
C SER B 214 28.91 -15.24 36.99
N GLN B 215 29.66 -14.36 37.65
CA GLN B 215 29.75 -14.41 39.10
C GLN B 215 28.51 -13.83 39.78
N LYS B 216 28.00 -12.72 39.26
CA LYS B 216 26.86 -12.03 39.84
C LYS B 216 25.68 -12.07 38.87
N SER B 217 24.57 -11.50 39.30
CA SER B 217 23.39 -11.35 38.46
C SER B 217 23.39 -9.96 37.82
N ARG B 218 22.92 -9.89 36.58
CA ARG B 218 22.96 -8.64 35.84
C ARG B 218 21.94 -7.64 36.37
N GLU B 219 22.14 -6.38 35.99
CA GLU B 219 21.24 -5.30 36.40
C GLU B 219 19.95 -5.36 35.57
N ARG B 220 19.02 -4.45 35.88
CA ARG B 220 17.81 -4.33 35.08
C ARG B 220 18.11 -3.66 33.75
N GLY B 221 17.64 -4.27 32.66
CA GLY B 221 17.87 -3.72 31.34
C GLY B 221 19.31 -3.77 30.89
N GLU B 222 20.12 -4.66 31.48
CA GLU B 222 21.53 -4.78 31.16
C GLU B 222 21.74 -5.98 30.25
N PHE B 223 22.25 -5.74 29.05
CA PHE B 223 22.58 -6.81 28.12
C PHE B 223 24.00 -7.29 28.40
N VAL B 224 24.15 -8.58 28.63
CA VAL B 224 25.42 -9.17 29.00
C VAL B 224 25.80 -10.25 27.98
N ASN B 225 27.10 -10.38 27.74
CA ASN B 225 27.60 -11.40 26.82
C ASN B 225 29.07 -11.63 27.13
N THR B 226 29.57 -12.78 26.66
CA THR B 226 30.99 -13.11 26.83
C THR B 226 31.87 -12.51 25.76
N TRP B 227 31.30 -11.76 24.82
CA TRP B 227 32.06 -10.99 23.85
C TRP B 227 31.24 -9.77 23.45
N SER B 228 31.69 -9.06 22.42
CA SER B 228 31.08 -7.80 22.01
C SER B 228 29.56 -7.88 22.00
N VAL B 229 28.93 -7.07 22.85
CA VAL B 229 27.47 -7.02 22.89
C VAL B 229 26.92 -6.52 21.55
N HIS B 230 27.42 -5.37 21.09
CA HIS B 230 26.96 -4.83 19.82
C HIS B 230 27.29 -5.77 18.67
N GLY B 231 28.39 -6.51 18.78
CA GLY B 231 28.68 -7.52 17.76
C GLY B 231 27.68 -8.66 17.79
N PHE B 232 27.34 -9.14 18.98
CA PHE B 232 26.35 -10.21 19.10
C PHE B 232 24.99 -9.76 18.55
N ILE B 233 24.59 -8.53 18.86
CA ILE B 233 23.31 -8.01 18.36
C ILE B 233 23.34 -7.91 16.85
N SER B 234 24.40 -7.28 16.31
CA SER B 234 24.50 -7.10 14.87
C SER B 234 24.38 -8.44 14.15
N GLU B 235 25.21 -9.41 14.53
CA GLU B 235 25.17 -10.71 13.88
C GLU B 235 23.81 -11.36 14.02
N SER B 236 23.24 -11.33 15.23
CA SER B 236 21.95 -11.98 15.47
C SER B 236 20.83 -11.33 14.68
N GLN B 237 20.91 -10.01 14.46
CA GLN B 237 19.88 -9.32 13.69
C GLN B 237 19.94 -9.66 12.22
N GLN B 238 21.11 -10.05 11.70
CA GLN B 238 21.25 -10.33 10.28
C GLN B 238 20.37 -11.51 9.89
N PRO B 239 19.94 -11.56 8.63
CA PRO B 239 19.16 -12.73 8.17
C PRO B 239 20.01 -13.99 8.19
N ALA B 240 19.39 -15.09 8.59
CA ALA B 240 20.10 -16.36 8.71
C ALA B 240 20.59 -16.82 7.34
N GLU B 241 21.77 -17.44 7.33
CA GLU B 241 22.38 -17.93 6.11
C GLU B 241 22.90 -19.36 6.34
N LEU B 242 23.03 -20.09 5.25
CA LEU B 242 23.50 -21.47 5.32
C LEU B 242 23.85 -21.94 3.92
N GLY B 243 24.88 -22.79 3.83
CA GLY B 243 25.15 -23.51 2.60
C GLY B 243 24.15 -24.64 2.44
N TRP B 244 23.60 -24.79 1.25
CA TRP B 244 22.53 -25.74 1.00
C TRP B 244 23.12 -27.01 0.39
N GLY B 245 22.91 -28.15 1.07
CA GLY B 245 23.51 -29.38 0.64
C GLY B 245 22.74 -30.07 -0.48
N SER B 246 23.45 -30.95 -1.19
CA SER B 246 22.87 -31.66 -2.32
C SER B 246 21.85 -32.71 -1.90
N HIS B 247 21.90 -33.16 -0.64
CA HIS B 247 20.93 -34.14 -0.16
C HIS B 247 19.61 -33.51 0.25
N GLU B 248 19.55 -32.19 0.38
CA GLU B 248 18.34 -31.54 0.86
C GLU B 248 17.21 -31.70 -0.16
N ARG B 249 15.98 -31.56 0.34
CA ARG B 249 14.79 -31.66 -0.50
C ARG B 249 13.91 -30.44 -0.31
N SER B 250 13.05 -30.44 0.70
CA SER B 250 12.16 -29.32 0.93
C SER B 250 12.96 -28.08 1.27
N LEU B 251 12.48 -26.94 0.77
CA LEU B 251 13.16 -25.68 0.98
C LEU B 251 12.65 -25.00 2.24
N PRO B 252 13.45 -24.15 2.87
CA PRO B 252 12.95 -23.40 4.03
C PRO B 252 11.95 -22.34 3.61
N THR B 253 11.05 -22.00 4.52
CA THR B 253 10.07 -20.96 4.26
C THR B 253 10.73 -19.58 4.35
N ASP B 254 10.16 -18.63 3.62
CA ASP B 254 10.62 -17.24 3.64
C ASP B 254 12.09 -17.13 3.32
N ALA B 255 12.55 -17.90 2.32
CA ALA B 255 13.96 -18.02 2.01
C ALA B 255 14.24 -17.65 0.57
N SER B 256 15.45 -17.18 0.33
CA SER B 256 15.98 -16.94 -1.00
C SER B 256 17.29 -17.70 -1.16
N MET B 257 17.84 -17.70 -2.36
CA MET B 257 18.99 -18.54 -2.65
C MET B 257 19.86 -17.90 -3.71
N HIS B 258 21.18 -18.07 -3.56
CA HIS B 258 22.15 -17.79 -4.60
C HIS B 258 22.51 -19.08 -5.31
N THR B 259 22.56 -19.03 -6.64
CA THR B 259 23.03 -20.17 -7.43
C THR B 259 23.97 -19.79 -8.55
N ASP B 260 24.27 -18.50 -8.74
CA ASP B 260 25.21 -18.07 -9.76
C ASP B 260 26.67 -18.23 -9.34
N GLY B 261 26.92 -18.77 -8.15
CA GLY B 261 28.27 -19.07 -7.72
C GLY B 261 28.63 -20.51 -8.02
N CYS B 262 29.21 -21.21 -7.04
CA CYS B 262 29.59 -22.61 -7.20
C CYS B 262 28.75 -23.55 -6.35
N GLY B 263 27.73 -23.03 -5.68
CA GLY B 263 26.88 -23.88 -4.86
C GLY B 263 25.73 -23.09 -4.29
N ALA B 264 24.66 -23.81 -3.96
CA ALA B 264 23.44 -23.19 -3.46
C ALA B 264 23.67 -22.63 -2.06
N ALA B 265 23.42 -21.34 -1.89
CA ALA B 265 23.51 -20.67 -0.60
C ALA B 265 22.18 -19.98 -0.32
N ILE B 266 21.58 -20.29 0.82
CA ILE B 266 20.28 -19.76 1.19
C ILE B 266 20.47 -18.68 2.25
N TYR B 267 19.67 -17.62 2.16
CA TYR B 267 19.55 -16.65 3.24
C TYR B 267 18.07 -16.50 3.57
N ILE B 268 17.71 -16.81 4.81
CA ILE B 268 16.33 -16.76 5.27
C ILE B 268 16.03 -15.35 5.75
N GLU B 269 14.88 -14.82 5.33
CA GLU B 269 14.50 -13.45 5.66
C GLU B 269 13.88 -13.38 7.06
N LYS B 270 14.65 -13.85 8.04
CA LYS B 270 14.29 -13.78 9.44
C LYS B 270 15.58 -13.63 10.21
N PRO B 271 15.61 -12.83 11.28
CA PRO B 271 16.85 -12.68 12.05
C PRO B 271 17.34 -14.02 12.58
N GLY B 272 18.66 -14.19 12.58
CA GLY B 272 19.24 -15.40 13.16
C GLY B 272 18.80 -15.63 14.58
N ALA B 273 18.52 -14.56 15.33
CA ALA B 273 18.08 -14.69 16.72
C ALA B 273 16.74 -15.41 16.83
N SER B 274 15.96 -15.44 15.76
CA SER B 274 14.65 -16.09 15.78
C SER B 274 14.67 -17.49 15.17
N VAL B 275 15.70 -17.84 14.42
CA VAL B 275 15.82 -19.17 13.83
C VAL B 275 16.57 -20.05 14.83
N ARG B 276 15.87 -21.05 15.36
CA ARG B 276 16.43 -21.99 16.33
C ARG B 276 16.61 -23.34 15.65
N VAL B 277 17.77 -23.96 15.86
CA VAL B 277 18.11 -25.23 15.23
C VAL B 277 18.62 -26.19 16.30
N LYS B 278 18.28 -27.47 16.14
CA LYS B 278 18.85 -28.51 16.99
C LYS B 278 20.27 -28.82 16.55
N THR B 279 21.10 -29.15 17.53
CA THR B 279 22.49 -29.53 17.27
C THR B 279 22.99 -30.37 18.42
N TRP B 280 24.27 -30.68 18.42
CA TRP B 280 24.88 -31.57 19.41
C TRP B 280 26.26 -31.03 19.76
N THR B 281 26.57 -30.99 21.06
CA THR B 281 27.86 -30.53 21.53
C THR B 281 28.30 -31.42 22.68
N PRO B 282 29.60 -31.48 22.96
CA PRO B 282 30.09 -32.33 24.06
C PRO B 282 29.61 -31.91 25.43
N PHE B 283 29.05 -30.70 25.59
CA PHE B 283 28.64 -30.23 26.90
C PHE B 283 27.63 -31.19 27.52
N ASN B 284 26.43 -31.28 26.92
CA ASN B 284 25.39 -32.17 27.44
C ASN B 284 24.67 -32.91 26.31
N GLY B 285 25.27 -33.02 25.14
CA GLY B 285 24.65 -33.71 24.03
C GLY B 285 23.74 -32.79 23.23
N PRO B 286 22.48 -33.18 23.03
CA PRO B 286 21.56 -32.33 22.27
C PRO B 286 21.46 -30.94 22.90
N SER B 287 21.60 -29.92 22.06
CA SER B 287 21.48 -28.53 22.49
C SER B 287 20.63 -27.77 21.48
N LEU B 288 20.23 -26.57 21.87
CA LEU B 288 19.47 -25.68 21.02
C LEU B 288 20.32 -24.45 20.71
N GLY B 289 20.64 -24.26 19.44
CA GLY B 289 21.44 -23.15 18.99
C GLY B 289 20.66 -22.19 18.12
N TYR B 290 21.28 -21.05 17.84
CA TYR B 290 20.73 -20.05 16.94
C TYR B 290 21.44 -20.14 15.60
N LEU B 291 20.68 -20.14 14.52
CA LEU B 291 21.22 -20.23 13.17
C LEU B 291 21.63 -18.82 12.74
N VAL B 292 22.78 -18.39 13.24
CA VAL B 292 23.34 -17.09 12.93
C VAL B 292 24.13 -17.18 11.63
N THR B 293 24.00 -16.15 10.79
CA THR B 293 24.79 -16.10 9.56
C THR B 293 26.27 -15.94 9.89
N HIS B 294 27.10 -16.67 9.17
CA HIS B 294 28.54 -16.62 9.40
C HIS B 294 29.28 -16.96 8.12
N HIS B 295 30.51 -16.44 8.02
CA HIS B 295 31.31 -16.60 6.81
C HIS B 295 31.58 -18.07 6.53
N GLU B 296 31.92 -18.86 7.56
CA GLU B 296 32.33 -20.24 7.35
C GLU B 296 31.20 -21.11 6.82
N ALA B 297 29.95 -20.72 7.02
CA ALA B 297 28.83 -21.49 6.48
C ALA B 297 28.96 -21.63 4.96
N ILE B 298 29.44 -20.58 4.30
CA ILE B 298 29.57 -20.60 2.84
C ILE B 298 30.93 -21.13 2.42
N SER B 299 32.01 -20.69 3.08
CA SER B 299 33.34 -21.10 2.65
C SER B 299 33.55 -22.60 2.83
N ILE B 300 33.11 -23.16 3.96
CA ILE B 300 33.24 -24.59 4.19
C ILE B 300 32.46 -25.36 3.13
N ALA B 301 31.21 -24.94 2.87
CA ALA B 301 30.38 -25.64 1.89
C ALA B 301 31.04 -25.62 0.52
N ASP B 302 31.47 -24.44 0.07
CA ASP B 302 32.17 -24.34 -1.22
C ASP B 302 33.40 -25.23 -1.24
N PHE B 303 34.12 -25.30 -0.12
CA PHE B 303 35.35 -26.09 -0.08
C PHE B 303 35.06 -27.56 -0.33
N LEU B 304 33.95 -28.07 0.20
CA LEU B 304 33.56 -29.47 0.06
C LEU B 304 32.50 -29.66 -1.03
N THR B 305 32.44 -28.76 -2.00
CA THR B 305 31.52 -28.87 -3.12
C THR B 305 32.26 -29.49 -4.30
N LEU B 306 31.71 -30.58 -4.83
CA LEU B 306 32.30 -31.30 -5.96
C LEU B 306 31.31 -31.27 -7.12
N ARG B 307 31.66 -30.54 -8.17
CA ARG B 307 30.82 -30.41 -9.36
C ARG B 307 31.51 -31.06 -10.54
N THR B 308 30.86 -32.06 -11.13
CA THR B 308 31.39 -32.81 -12.26
C THR B 308 30.55 -32.51 -13.49
N ALA B 309 30.63 -33.40 -14.50
CA ALA B 309 29.89 -33.18 -15.74
C ALA B 309 28.38 -33.17 -15.49
N ASP B 310 27.89 -34.10 -14.67
CA ASP B 310 26.46 -34.24 -14.43
C ASP B 310 26.09 -34.37 -12.96
N GLU B 311 27.06 -34.41 -12.05
CA GLU B 311 26.79 -34.64 -10.64
C GLU B 311 27.20 -33.42 -9.82
N THR B 312 26.63 -33.33 -8.62
CA THR B 312 26.98 -32.30 -7.66
C THR B 312 26.90 -32.89 -6.27
N TYR B 313 28.00 -32.80 -5.52
CA TYR B 313 27.99 -33.10 -4.09
C TYR B 313 28.26 -31.81 -3.32
N ARG B 314 27.58 -31.66 -2.18
CA ARG B 314 27.71 -30.46 -1.38
C ARG B 314 27.03 -30.68 -0.04
N PRO B 315 27.70 -30.43 1.08
CA PRO B 315 27.04 -30.57 2.39
C PRO B 315 26.30 -29.30 2.77
N THR B 316 25.31 -29.48 3.65
CA THR B 316 24.65 -28.35 4.29
C THR B 316 25.50 -27.90 5.46
N VAL B 317 25.90 -26.63 5.45
CA VAL B 317 26.77 -26.07 6.48
C VAL B 317 26.16 -24.80 7.02
N HIS B 318 26.17 -24.65 8.35
CA HIS B 318 25.72 -23.41 8.96
C HIS B 318 26.15 -23.38 10.42
N TYR B 319 26.03 -22.20 11.01
CA TYR B 319 26.34 -21.98 12.42
C TYR B 319 25.18 -22.44 13.29
N ALA B 320 25.51 -23.01 14.45
CA ALA B 320 24.50 -23.44 15.43
C ALA B 320 25.00 -22.99 16.80
N TYR B 321 24.66 -21.76 17.17
CA TYR B 321 25.27 -21.08 18.31
C TYR B 321 24.36 -21.17 19.52
N ARG B 322 24.88 -21.77 20.60
CA ARG B 322 24.23 -21.77 21.92
C ARG B 322 25.03 -20.83 22.81
N PRO B 323 24.71 -19.54 22.85
CA PRO B 323 25.53 -18.60 23.62
C PRO B 323 25.40 -18.78 25.13
N SER B 324 26.08 -17.92 25.89
CA SER B 324 26.07 -18.05 27.34
C SER B 324 24.67 -17.84 27.90
N ASP B 325 24.46 -18.34 29.13
CA ASP B 325 23.18 -18.14 29.80
C ASP B 325 22.85 -16.65 29.91
N GLU B 326 23.86 -15.81 30.09
CA GLU B 326 23.62 -14.38 30.20
C GLU B 326 23.08 -13.81 28.90
N ALA B 327 23.66 -14.22 27.77
CA ALA B 327 23.19 -13.74 26.48
C ALA B 327 21.76 -14.23 26.20
N ILE B 328 21.47 -15.48 26.58
CA ILE B 328 20.13 -16.03 26.33
C ILE B 328 19.08 -15.23 27.09
N LEU B 329 19.32 -14.97 28.38
CA LEU B 329 18.40 -14.14 29.15
C LEU B 329 18.37 -12.72 28.60
N SER B 330 19.52 -12.20 28.16
CA SER B 330 19.56 -10.85 27.61
C SER B 330 18.77 -10.77 26.31
N VAL B 331 18.85 -11.80 25.47
CA VAL B 331 18.06 -11.83 24.23
C VAL B 331 16.57 -11.87 24.57
N HIS B 332 16.21 -12.56 25.65
CA HIS B 332 14.81 -12.63 26.06
C HIS B 332 14.27 -11.24 26.38
N GLU B 333 14.91 -10.55 27.34
CA GLU B 333 14.51 -9.18 27.64
C GLU B 333 14.64 -8.28 26.42
N TRP B 334 15.65 -8.54 25.57
CA TRP B 334 15.83 -7.76 24.36
C TRP B 334 14.61 -7.83 23.46
N PHE B 335 14.13 -9.05 23.20
CA PHE B 335 12.89 -9.20 22.42
C PHE B 335 11.71 -8.56 23.15
N GLY B 336 11.75 -8.52 24.48
CA GLY B 336 10.62 -8.01 25.23
C GLY B 336 10.31 -6.55 24.95
N ASN B 337 11.34 -5.75 24.66
CA ASN B 337 11.14 -4.34 24.36
C ASN B 337 11.49 -4.04 22.91
N ASP B 338 10.99 -4.87 21.99
CA ASP B 338 11.04 -4.58 20.55
C ASP B 338 12.46 -4.47 20.03
N CYS B 339 13.39 -5.25 20.60
CA CYS B 339 14.76 -5.30 20.11
C CYS B 339 15.40 -3.91 20.05
N MET B 340 15.00 -3.03 20.97
CA MET B 340 15.64 -1.72 21.04
C MET B 340 17.07 -1.85 21.52
N THR B 341 17.91 -0.90 21.10
CA THR B 341 19.30 -0.92 21.51
C THR B 341 19.39 -0.93 23.04
N PRO B 342 20.11 -1.88 23.64
CA PRO B 342 20.11 -1.98 25.11
C PRO B 342 20.56 -0.68 25.77
N GLU B 343 19.98 -0.41 26.94
CA GLU B 343 20.38 0.74 27.72
C GLU B 343 21.81 0.58 28.24
N LYS B 344 22.04 -0.46 29.04
CA LYS B 344 23.37 -0.80 29.54
C LYS B 344 23.87 -2.04 28.83
N THR B 345 25.18 -2.07 28.58
CA THR B 345 25.84 -3.22 27.96
C THR B 345 27.03 -3.63 28.82
N LYS B 346 27.39 -4.90 28.74
CA LYS B 346 28.46 -5.44 29.58
C LYS B 346 29.08 -6.65 28.90
N VAL B 347 30.37 -6.58 28.61
CA VAL B 347 31.13 -7.71 28.09
C VAL B 347 31.89 -8.31 29.27
N LEU B 348 31.51 -9.51 29.66
CA LEU B 348 32.10 -10.14 30.84
C LEU B 348 33.60 -10.30 30.67
N ARG B 349 34.37 -9.68 31.55
CA ARG B 349 35.82 -9.82 31.56
C ARG B 349 36.21 -11.06 32.36
N PRO B 350 37.47 -11.49 32.25
CA PRO B 350 37.88 -12.71 32.95
C PRO B 350 37.49 -12.75 34.42
N GLY B 351 37.62 -11.63 35.14
CA GLY B 351 37.30 -11.60 36.55
C GLY B 351 35.83 -11.80 36.86
N ASP B 352 34.95 -11.58 35.88
CA ASP B 352 33.52 -11.75 36.09
C ASP B 352 33.05 -13.17 35.82
N ILE B 353 33.84 -13.98 35.13
CA ILE B 353 33.43 -15.34 34.79
C ILE B 353 33.78 -16.25 35.96
N LEU B 354 32.78 -16.97 36.47
CA LEU B 354 32.98 -17.85 37.61
C LEU B 354 33.58 -19.19 37.18
N SER B 355 33.03 -19.80 36.14
CA SER B 355 33.48 -21.10 35.67
C SER B 355 32.85 -21.35 34.31
N GLY B 356 33.04 -22.55 33.78
CA GLY B 356 32.49 -22.94 32.50
C GLY B 356 33.53 -22.90 31.40
N SER B 357 33.09 -23.34 30.22
CA SER B 357 33.98 -23.46 29.07
C SER B 357 33.23 -23.02 27.81
N ASP B 358 34.01 -22.74 26.77
CA ASP B 358 33.48 -22.45 25.43
C ASP B 358 33.78 -23.64 24.54
N TYR B 359 32.74 -24.40 24.19
CA TYR B 359 32.87 -25.56 23.32
C TYR B 359 32.74 -25.08 21.87
N LEU B 360 33.87 -24.90 21.20
CA LEU B 360 33.88 -24.48 19.80
C LEU B 360 34.39 -25.63 18.94
N GLY B 361 33.53 -26.14 18.07
CA GLY B 361 33.91 -27.24 17.20
C GLY B 361 32.96 -27.39 16.05
N VAL B 362 33.22 -28.42 15.24
CA VAL B 362 32.42 -28.72 14.06
C VAL B 362 31.77 -30.08 14.26
N LEU B 363 30.51 -30.20 13.83
CA LEU B 363 29.73 -31.43 13.95
C LEU B 363 29.48 -31.97 12.55
N LEU B 364 30.15 -33.06 12.21
CA LEU B 364 29.99 -33.71 10.91
C LEU B 364 28.98 -34.83 11.03
N MET B 365 27.97 -34.82 10.18
CA MET B 365 26.86 -35.76 10.26
C MET B 365 26.60 -36.37 8.89
N GLY B 366 26.05 -37.58 8.91
CA GLY B 366 25.68 -38.30 7.70
C GLY B 366 26.55 -39.51 7.41
N HIS B 367 27.67 -39.67 8.11
CA HIS B 367 28.59 -40.77 7.87
C HIS B 367 28.10 -42.04 8.56
N GLU B 368 28.85 -43.13 8.38
CA GLU B 368 28.44 -44.42 8.94
C GLU B 368 28.25 -44.35 10.45
N LYS B 369 29.04 -43.54 11.14
CA LYS B 369 28.97 -43.43 12.59
C LYS B 369 28.06 -42.30 13.04
N SER B 370 27.19 -41.79 12.16
CA SER B 370 26.16 -40.83 12.50
C SER B 370 26.72 -39.42 12.69
N SER B 371 27.24 -39.13 13.89
CA SER B 371 27.66 -37.78 14.24
C SER B 371 29.07 -37.81 14.83
N TYR B 372 29.82 -36.74 14.55
CA TYR B 372 31.17 -36.60 15.07
C TYR B 372 31.44 -35.11 15.31
N TRP B 373 31.78 -34.78 16.55
CA TRP B 373 32.06 -33.41 16.96
C TRP B 373 33.54 -33.29 17.28
N TYR B 374 34.23 -32.36 16.62
CA TYR B 374 35.64 -32.11 16.91
C TYR B 374 35.86 -30.61 17.04
N GLY B 375 36.60 -30.21 18.08
CA GLY B 375 36.91 -28.81 18.27
C GLY B 375 37.55 -28.58 19.62
N SER B 376 37.59 -27.30 19.98
CA SER B 376 38.26 -26.85 21.19
C SER B 376 37.27 -26.76 22.35
N ILE B 377 37.62 -27.37 23.47
CA ILE B 377 36.88 -27.24 24.72
C ILE B 377 37.81 -26.53 25.69
N LEU B 378 37.66 -25.20 25.78
CA LEU B 378 38.55 -24.35 26.57
C LEU B 378 37.80 -23.79 27.76
N SER B 379 38.23 -24.16 28.96
CA SER B 379 37.62 -23.67 30.18
C SER B 379 38.15 -22.27 30.50
N ILE B 380 37.38 -21.53 31.30
CA ILE B 380 37.82 -20.20 31.71
C ILE B 380 39.04 -20.30 32.61
N GLU B 381 39.07 -21.29 33.51
CA GLU B 381 40.22 -21.46 34.39
C GLU B 381 41.50 -21.69 33.58
N LYS B 382 41.40 -22.45 32.49
CA LYS B 382 42.55 -22.68 31.63
C LYS B 382 42.92 -21.42 30.87
N ALA B 383 41.92 -20.69 30.37
CA ALA B 383 42.19 -19.48 29.60
C ALA B 383 42.97 -18.46 30.42
N LYS B 384 42.63 -18.33 31.71
CA LYS B 384 43.32 -17.39 32.57
C LYS B 384 44.70 -17.91 33.00
N GLU B 385 44.93 -19.21 32.89
CA GLU B 385 46.26 -19.75 33.12
C GLU B 385 47.19 -19.50 31.93
N LEU B 386 46.63 -19.41 30.72
CA LEU B 386 47.44 -19.33 29.51
C LEU B 386 47.77 -17.89 29.12
N ALA B 387 46.89 -16.94 29.39
CA ALA B 387 47.13 -15.56 28.98
C ALA B 387 46.19 -14.64 29.74
N THR B 388 46.65 -13.39 29.93
CA THR B 388 45.83 -12.36 30.54
C THR B 388 44.93 -11.71 29.49
N LEU B 389 43.98 -10.92 29.99
CA LEU B 389 43.07 -10.17 29.12
C LEU B 389 42.30 -11.11 28.20
N ASN B 390 41.94 -12.28 28.71
CA ASN B 390 41.34 -13.31 27.87
C ASN B 390 40.33 -14.13 28.66
N THR B 391 39.18 -14.36 28.04
CA THR B 391 38.24 -15.37 28.47
C THR B 391 38.39 -16.59 27.55
N ALA B 392 37.61 -17.63 27.81
CA ALA B 392 37.63 -18.79 26.93
C ALA B 392 37.23 -18.39 25.51
N THR B 393 36.29 -17.46 25.38
CA THR B 393 35.82 -17.04 24.06
C THR B 393 36.90 -16.25 23.32
N THR B 394 37.46 -15.22 23.97
CA THR B 394 38.44 -14.37 23.30
C THR B 394 39.72 -15.13 22.94
N LEU B 395 40.11 -16.11 23.75
CA LEU B 395 41.38 -16.78 23.53
C LEU B 395 41.35 -17.65 22.29
N GLN B 396 40.22 -18.32 22.04
CA GLN B 396 40.07 -19.07 20.80
C GLN B 396 40.22 -18.16 19.59
N VAL B 397 39.68 -16.94 19.67
CA VAL B 397 39.82 -15.99 18.58
C VAL B 397 41.25 -15.49 18.50
N ALA B 398 41.82 -15.07 19.62
CA ALA B 398 43.20 -14.59 19.62
C ALA B 398 44.15 -15.65 19.10
N ALA B 399 43.98 -16.90 19.53
CA ALA B 399 44.77 -18.00 18.98
C ALA B 399 44.62 -18.07 17.47
N GLY B 400 43.38 -17.98 16.98
CA GLY B 400 43.17 -17.95 15.54
C GLY B 400 43.92 -16.80 14.88
N VAL B 401 43.93 -15.63 15.53
CA VAL B 401 44.66 -14.49 14.98
C VAL B 401 46.15 -14.80 14.90
N LEU B 402 46.70 -15.44 15.94
CA LEU B 402 48.12 -15.75 15.96
C LEU B 402 48.48 -16.77 14.90
N SER B 403 47.66 -17.81 14.74
CA SER B 403 47.91 -18.81 13.71
C SER B 403 47.96 -18.17 12.32
N GLY B 404 46.99 -17.31 12.01
CA GLY B 404 47.00 -16.63 10.74
C GLY B 404 48.13 -15.63 10.62
N TYR B 405 48.54 -15.03 11.73
CA TYR B 405 49.65 -14.08 11.71
C TYR B 405 50.97 -14.78 11.41
N LEU B 406 51.17 -15.96 11.99
CA LEU B 406 52.40 -16.71 11.74
C LEU B 406 52.41 -17.30 10.34
N TRP B 407 51.24 -17.64 9.79
CA TRP B 407 51.19 -18.23 8.46
C TRP B 407 51.57 -17.21 7.38
N ILE B 408 51.10 -15.97 7.53
CA ILE B 408 51.39 -14.95 6.53
C ILE B 408 52.87 -14.57 6.55
N LEU B 409 53.52 -14.71 7.71
CA LEU B 409 54.96 -14.42 7.77
C LEU B 409 55.76 -15.49 7.05
N SER B 410 55.40 -16.75 7.22
CA SER B 410 56.08 -17.85 6.55
C SER B 410 55.54 -18.13 5.14
N HIS B 411 54.48 -17.43 4.73
CA HIS B 411 53.93 -17.56 3.37
C HIS B 411 53.48 -16.19 2.90
N PRO B 412 54.43 -15.28 2.68
CA PRO B 412 54.08 -13.89 2.36
C PRO B 412 53.80 -13.60 0.90
N SER B 413 53.69 -14.61 0.04
CA SER B 413 53.46 -14.41 -1.38
C SER B 413 52.40 -15.38 -1.88
N ALA B 414 51.27 -15.45 -1.16
CA ALA B 414 50.17 -16.33 -1.53
C ALA B 414 48.96 -15.59 -2.07
N GLY B 415 48.96 -14.26 -2.06
CA GLY B 415 47.81 -13.50 -2.50
C GLY B 415 46.71 -13.48 -1.46
N ILE B 416 45.48 -13.28 -1.92
CA ILE B 416 44.32 -13.32 -1.04
C ILE B 416 43.92 -14.77 -0.83
N ILE B 417 43.84 -15.18 0.44
CA ILE B 417 43.58 -16.57 0.80
C ILE B 417 42.64 -16.63 1.99
N GLU B 418 42.00 -17.78 2.16
CA GLU B 418 41.14 -18.07 3.28
C GLU B 418 41.78 -19.16 4.15
N ALA B 419 41.10 -19.51 5.23
CA ALA B 419 41.58 -20.60 6.08
C ALA B 419 41.66 -21.92 5.32
N GLU B 420 40.76 -22.11 4.35
CA GLU B 420 40.76 -23.36 3.59
C GLU B 420 42.00 -23.50 2.71
N ASP B 421 42.61 -22.39 2.32
CA ASP B 421 43.80 -22.41 1.47
C ASP B 421 45.09 -22.62 2.26
N MET B 422 45.00 -23.04 3.51
CA MET B 422 46.15 -23.22 4.39
C MET B 422 46.34 -24.70 4.73
N ASP B 423 47.45 -24.98 5.39
CA ASP B 423 47.76 -26.33 5.88
C ASP B 423 47.24 -26.42 7.32
N HIS B 424 46.15 -27.16 7.51
CA HIS B 424 45.50 -27.18 8.82
C HIS B 424 46.41 -27.79 9.89
N GLU B 425 47.24 -28.76 9.51
CA GLU B 425 48.17 -29.34 10.48
C GLU B 425 49.14 -28.29 11.00
N VAL B 426 49.62 -27.41 10.12
CA VAL B 426 50.56 -26.37 10.54
C VAL B 426 49.83 -25.25 11.27
N ALA B 427 48.73 -24.75 10.69
CA ALA B 427 47.98 -23.68 11.31
C ALA B 427 47.59 -24.02 12.74
N LEU B 428 47.22 -25.28 12.99
CA LEU B 428 46.82 -25.69 14.33
C LEU B 428 48.02 -25.92 15.22
N SER B 429 49.16 -26.36 14.67
CA SER B 429 50.34 -26.57 15.49
C SER B 429 50.85 -25.27 16.11
N TYR B 430 50.54 -24.13 15.50
CA TYR B 430 50.98 -22.85 16.04
C TYR B 430 50.39 -22.60 17.42
N ILE B 431 49.14 -23.02 17.64
CA ILE B 431 48.35 -22.53 18.77
C ILE B 431 47.69 -23.67 19.53
N SER B 432 48.13 -24.91 19.28
CA SER B 432 47.52 -26.06 19.94
C SER B 432 47.41 -25.84 21.45
N GLN B 433 48.47 -25.29 22.05
CA GLN B 433 48.48 -25.12 23.51
C GLN B 433 47.38 -24.17 23.96
N TYR B 434 46.92 -23.26 23.10
CA TYR B 434 45.98 -22.23 23.50
C TYR B 434 44.52 -22.67 23.39
N LEU B 435 44.24 -23.79 22.72
CA LEU B 435 42.87 -24.23 22.52
C LEU B 435 42.38 -25.19 23.60
N GLY B 436 43.16 -25.37 24.67
CA GLY B 436 42.75 -26.23 25.76
C GLY B 436 42.70 -27.70 25.36
N GLU B 437 41.52 -28.30 25.45
CA GLU B 437 41.33 -29.72 25.15
C GLU B 437 40.76 -29.83 23.73
N LEU B 438 41.58 -30.33 22.80
CA LEU B 438 41.15 -30.64 21.45
C LEU B 438 40.85 -32.13 21.37
N LYS B 439 39.58 -32.48 21.21
CA LYS B 439 39.21 -33.88 21.09
C LYS B 439 37.99 -34.03 20.19
N GLY B 440 37.76 -35.26 19.76
CA GLY B 440 36.59 -35.60 18.96
C GLY B 440 35.72 -36.59 19.71
N VAL B 441 34.41 -36.43 19.56
CA VAL B 441 33.43 -37.26 20.24
C VAL B 441 32.44 -37.79 19.21
N TYR B 442 32.28 -39.11 19.15
CA TYR B 442 31.28 -39.73 18.30
C TYR B 442 29.95 -39.81 19.02
N SER B 443 28.86 -39.78 18.26
CA SER B 443 27.52 -39.85 18.80
C SER B 443 26.59 -40.50 17.80
N ASP B 444 25.64 -41.28 18.30
CA ASP B 444 24.59 -41.85 17.47
C ASP B 444 23.42 -40.90 17.26
N TRP B 445 23.61 -39.61 17.50
CA TRP B 445 22.52 -38.66 17.52
C TRP B 445 22.15 -38.19 16.12
N ASN B 446 20.85 -38.11 15.87
CA ASN B 446 20.29 -37.38 14.75
C ASN B 446 19.03 -36.70 15.26
N PRO B 447 18.57 -35.63 14.60
CA PRO B 447 17.49 -34.81 15.16
C PRO B 447 16.11 -35.47 15.14
N THR B 448 15.97 -36.70 14.64
CA THR B 448 14.67 -37.34 14.52
C THR B 448 14.46 -38.49 15.49
N LYS B 449 15.46 -38.81 16.32
CA LYS B 449 15.38 -40.02 17.13
C LYS B 449 14.21 -40.02 18.10
N ASN B 450 13.68 -38.86 18.46
CA ASN B 450 12.57 -38.76 19.40
C ASN B 450 11.29 -38.26 18.74
N ASN B 451 11.22 -38.27 17.40
CA ASN B 451 10.04 -37.84 16.66
C ASN B 451 9.48 -39.02 15.89
N PRO B 452 8.50 -39.73 16.44
CA PRO B 452 7.94 -40.89 15.73
C PRO B 452 7.40 -40.57 14.35
N GLY B 453 7.12 -39.30 14.05
CA GLY B 453 6.55 -38.94 12.77
C GLY B 453 7.55 -38.85 11.64
N THR B 454 8.84 -38.74 11.95
CA THR B 454 9.87 -38.60 10.92
C THR B 454 11.07 -39.50 11.13
N PHE B 455 11.10 -40.30 12.20
CA PHE B 455 12.25 -41.15 12.45
C PHE B 455 12.35 -42.25 11.41
N SER B 456 13.51 -42.37 10.78
CA SER B 456 13.78 -43.42 9.80
C SER B 456 15.20 -43.92 10.02
N ALA B 457 15.33 -45.15 10.51
CA ALA B 457 16.63 -45.77 10.76
C ALA B 457 17.05 -46.71 9.64
N ILE B 458 16.48 -46.55 8.44
CA ILE B 458 16.87 -47.35 7.28
C ILE B 458 16.84 -46.45 6.06
N ASP B 459 17.14 -45.16 6.26
CA ASP B 459 17.25 -44.20 5.19
C ASP B 459 18.46 -43.32 5.45
N SER B 460 19.21 -43.03 4.39
CA SER B 460 20.46 -42.30 4.52
C SER B 460 20.28 -40.79 4.51
N ASP B 461 19.27 -40.28 3.81
CA ASP B 461 19.06 -38.85 3.68
C ASP B 461 17.99 -38.30 4.62
N SER B 462 16.88 -39.01 4.78
CA SER B 462 15.73 -38.44 5.50
C SER B 462 16.08 -37.96 6.90
N PRO B 463 16.96 -38.61 7.67
CA PRO B 463 17.25 -38.11 9.02
C PRO B 463 17.99 -36.79 9.03
N TRP B 464 18.72 -36.46 7.96
CA TRP B 464 19.60 -35.29 7.93
C TRP B 464 19.01 -34.14 7.11
N LEU B 465 17.70 -34.13 6.89
CA LEU B 465 17.08 -33.04 6.15
C LEU B 465 16.92 -31.81 7.04
N PHE B 466 17.15 -30.64 6.45
CA PHE B 466 17.13 -29.40 7.21
C PHE B 466 15.85 -29.26 8.05
N SER B 467 14.72 -29.78 7.55
CA SER B 467 13.46 -29.64 8.26
C SER B 467 13.53 -30.28 9.64
N ASN B 468 14.32 -31.35 9.80
CA ASN B 468 14.41 -32.03 11.08
C ASN B 468 15.23 -31.25 12.10
N PHE B 469 16.08 -30.31 11.66
CA PHE B 469 16.87 -29.50 12.55
C PHE B 469 16.14 -28.25 13.01
N VAL B 470 15.41 -27.59 12.10
CA VAL B 470 14.71 -26.36 12.44
C VAL B 470 13.66 -26.65 13.50
N LEU B 471 13.56 -25.77 14.48
CA LEU B 471 12.60 -25.94 15.56
C LEU B 471 11.29 -25.25 15.23
N ASN C 8 14.68 -44.46 -47.13
CA ASN C 8 15.41 -45.62 -46.64
C ASN C 8 14.66 -46.28 -45.48
N PRO C 9 13.76 -47.20 -45.79
CA PRO C 9 12.87 -47.76 -44.77
C PRO C 9 13.54 -48.90 -44.02
N PRO C 10 13.16 -49.12 -42.75
CA PRO C 10 13.65 -50.31 -42.04
C PRO C 10 12.87 -51.56 -42.44
N GLN C 11 13.04 -52.64 -41.69
CA GLN C 11 12.33 -53.88 -41.98
C GLN C 11 11.01 -53.95 -41.21
N ARG C 12 11.09 -53.96 -39.87
CA ARG C 12 9.92 -54.14 -39.02
C ARG C 12 9.69 -52.88 -38.19
N ILE C 13 8.42 -52.57 -37.96
CA ILE C 13 8.01 -51.51 -37.05
C ILE C 13 7.14 -52.14 -35.97
N VAL C 14 7.51 -51.92 -34.71
CA VAL C 14 6.78 -52.46 -33.57
C VAL C 14 6.23 -51.27 -32.79
N PHE C 15 4.91 -51.14 -32.77
CA PHE C 15 4.24 -50.06 -32.05
C PHE C 15 3.80 -50.58 -30.69
N VAL C 16 4.40 -50.07 -29.63
CA VAL C 16 3.94 -50.33 -28.28
C VAL C 16 2.89 -49.27 -27.96
N GLY C 17 1.62 -49.68 -27.93
CA GLY C 17 0.53 -48.76 -27.80
C GLY C 17 0.03 -48.29 -29.15
N LEU C 18 -1.28 -48.31 -29.36
CA LEU C 18 -1.90 -47.85 -30.60
C LEU C 18 -3.01 -46.87 -30.28
N GLY C 19 -2.67 -45.83 -29.52
CA GLY C 19 -3.62 -44.81 -29.11
C GLY C 19 -3.74 -43.70 -30.12
N THR C 20 -4.00 -42.49 -29.61
CA THR C 20 -4.26 -41.35 -30.48
C THR C 20 -3.02 -41.04 -31.33
N ILE C 21 -1.87 -40.84 -30.68
CA ILE C 21 -0.68 -40.41 -31.39
C ILE C 21 -0.25 -41.47 -32.41
N ALA C 22 -0.34 -42.74 -32.04
CA ALA C 22 0.05 -43.81 -32.96
C ALA C 22 -0.80 -43.75 -34.23
N GLN C 23 -2.13 -43.84 -34.07
CA GLN C 23 -3.02 -43.70 -35.22
C GLN C 23 -2.80 -42.36 -35.92
N SER C 24 -2.64 -41.29 -35.15
CA SER C 24 -2.39 -39.97 -35.72
C SER C 24 -1.06 -39.90 -36.44
N PHE C 25 -0.17 -40.87 -36.25
CA PHE C 25 1.15 -40.87 -36.87
C PHE C 25 1.20 -41.70 -38.15
N LEU C 26 0.32 -42.68 -38.32
CA LEU C 26 0.35 -43.50 -39.52
C LEU C 26 0.13 -42.71 -40.80
N PRO C 27 -0.82 -41.77 -40.88
CA PRO C 27 -0.96 -40.98 -42.10
C PRO C 27 0.33 -40.30 -42.53
N LEU C 28 1.13 -39.80 -41.58
CA LEU C 28 2.40 -39.20 -41.92
C LEU C 28 3.41 -40.26 -42.36
N LEU C 29 3.46 -41.39 -41.63
CA LEU C 29 4.40 -42.45 -41.99
C LEU C 29 4.11 -43.01 -43.37
N SER C 30 2.84 -43.01 -43.78
CA SER C 30 2.47 -43.60 -45.08
C SER C 30 3.10 -42.84 -46.23
N LYS C 31 3.33 -41.54 -46.09
CA LYS C 31 3.85 -40.73 -47.18
C LYS C 31 5.36 -40.88 -47.35
N VAL C 32 6.06 -41.48 -46.39
CA VAL C 32 7.52 -41.61 -46.49
C VAL C 32 7.90 -43.04 -46.83
N HIS C 33 7.10 -44.01 -46.39
CA HIS C 33 7.38 -45.41 -46.63
C HIS C 33 6.10 -46.13 -47.09
N ASP C 34 6.29 -47.16 -47.91
CA ASP C 34 5.18 -47.99 -48.37
C ASP C 34 4.89 -49.02 -47.29
N LEU C 35 3.80 -48.81 -46.54
CA LEU C 35 3.49 -49.68 -45.42
C LEU C 35 3.14 -51.10 -45.84
N SER C 36 2.78 -51.30 -47.11
CA SER C 36 2.51 -52.65 -47.59
C SER C 36 3.78 -53.48 -47.61
N THR C 37 4.91 -52.86 -47.93
CA THR C 37 6.20 -53.54 -47.99
C THR C 37 6.91 -53.55 -46.64
N LEU C 38 6.20 -53.28 -45.55
CA LEU C 38 6.78 -53.21 -44.22
C LEU C 38 6.04 -54.14 -43.29
N GLU C 39 6.78 -54.75 -42.36
CA GLU C 39 6.21 -55.65 -41.36
C GLU C 39 5.83 -54.82 -40.14
N ILE C 40 4.56 -54.46 -40.04
CA ILE C 40 4.06 -53.56 -39.00
C ILE C 40 3.42 -54.38 -37.89
N TYR C 41 3.88 -54.15 -36.66
CA TYR C 41 3.26 -54.72 -35.48
C TYR C 41 2.72 -53.61 -34.59
N ALA C 42 1.73 -53.95 -33.77
CA ALA C 42 1.14 -52.99 -32.85
C ALA C 42 0.60 -53.74 -31.64
N ILE C 43 1.03 -53.33 -30.46
CA ILE C 43 0.65 -53.96 -29.20
C ILE C 43 -0.13 -52.95 -28.38
N ASP C 44 -1.32 -53.35 -27.94
CA ASP C 44 -2.17 -52.45 -27.15
C ASP C 44 -3.31 -53.25 -26.53
N PRO C 45 -3.55 -53.14 -25.22
CA PRO C 45 -4.66 -53.89 -24.61
C PRO C 45 -6.03 -53.37 -24.99
N LYS C 46 -6.13 -52.26 -25.73
CA LYS C 46 -7.40 -51.76 -26.23
C LYS C 46 -7.40 -51.87 -27.75
N THR C 47 -8.42 -52.54 -28.28
CA THR C 47 -8.57 -52.65 -29.73
C THR C 47 -9.17 -51.37 -30.27
N PRO C 48 -8.53 -50.68 -31.21
CA PRO C 48 -9.07 -49.42 -31.71
C PRO C 48 -10.25 -49.67 -32.64
N PRO C 49 -11.17 -48.72 -32.75
CA PRO C 49 -12.31 -48.91 -33.67
C PRO C 49 -11.90 -49.13 -35.11
N LEU C 50 -10.71 -48.69 -35.51
CA LEU C 50 -10.24 -48.83 -36.89
C LEU C 50 -9.25 -49.98 -37.03
N ILE C 51 -9.37 -51.02 -36.19
CA ILE C 51 -8.46 -52.16 -36.27
C ILE C 51 -8.44 -52.74 -37.68
N GLU C 52 -9.62 -53.13 -38.18
CA GLU C 52 -9.68 -53.85 -39.45
C GLU C 52 -9.37 -52.94 -40.63
N TYR C 53 -9.41 -51.63 -40.45
CA TYR C 53 -8.96 -50.72 -41.51
C TYR C 53 -7.45 -50.78 -41.65
N PHE C 54 -6.72 -50.67 -40.54
CA PHE C 54 -5.27 -50.79 -40.58
C PHE C 54 -4.84 -52.17 -41.03
N ALA C 55 -5.60 -53.21 -40.68
CA ALA C 55 -5.24 -54.56 -41.08
C ALA C 55 -5.31 -54.73 -42.60
N ASN C 56 -6.33 -54.18 -43.24
CA ASN C 56 -6.51 -54.31 -44.67
C ASN C 56 -5.79 -53.22 -45.45
N SER C 57 -5.74 -52.00 -44.91
CA SER C 57 -5.15 -50.88 -45.65
C SER C 57 -3.66 -51.09 -45.89
N PHE C 58 -2.98 -51.77 -44.97
CA PHE C 58 -1.53 -51.98 -45.15
C PHE C 58 -0.98 -53.14 -44.33
N GLY C 59 -1.81 -54.10 -43.92
CA GLY C 59 -1.32 -55.24 -43.17
C GLY C 59 -0.68 -54.86 -41.84
N LEU C 60 -1.48 -54.85 -40.79
CA LEU C 60 -1.01 -54.52 -39.45
C LEU C 60 -1.32 -55.68 -38.52
N LYS C 61 -0.29 -56.22 -37.87
CA LYS C 61 -0.43 -57.36 -36.98
C LYS C 61 -0.65 -56.84 -35.57
N PHE C 62 -1.89 -56.93 -35.08
CA PHE C 62 -2.27 -56.36 -33.79
C PHE C 62 -2.24 -57.43 -32.72
N ILE C 63 -1.48 -57.17 -31.66
CA ILE C 63 -1.38 -58.06 -30.50
C ILE C 63 -2.16 -57.39 -29.37
N ASN C 64 -3.31 -57.96 -29.02
CA ASN C 64 -4.19 -57.39 -28.01
C ASN C 64 -3.74 -57.90 -26.65
N SER C 65 -2.85 -57.14 -26.00
CA SER C 65 -2.34 -57.51 -24.69
C SER C 65 -1.76 -56.27 -24.02
N ALA C 66 -1.38 -56.43 -22.76
CA ALA C 66 -0.81 -55.36 -21.95
C ALA C 66 0.59 -55.75 -21.53
N ILE C 67 1.57 -54.90 -21.86
CA ILE C 67 2.96 -55.16 -21.53
C ILE C 67 3.22 -54.73 -20.09
N ASP C 68 3.79 -55.63 -19.29
CA ASP C 68 4.10 -55.34 -17.90
C ASP C 68 5.48 -55.91 -17.57
N GLN C 69 5.87 -55.80 -16.30
CA GLN C 69 7.20 -56.24 -15.88
C GLN C 69 7.42 -57.71 -16.17
N ILE C 70 6.37 -58.52 -16.13
CA ILE C 70 6.53 -59.97 -16.23
C ILE C 70 6.70 -60.41 -17.67
N ASN C 71 5.84 -59.92 -18.56
CA ASN C 71 5.70 -60.49 -19.89
C ASN C 71 6.34 -59.66 -21.00
N TYR C 72 6.97 -58.53 -20.68
CA TYR C 72 7.44 -57.65 -21.75
C TYR C 72 8.56 -58.30 -22.56
N ARG C 73 9.32 -59.21 -21.96
CA ARG C 73 10.32 -59.94 -22.74
C ARG C 73 9.68 -61.07 -23.55
N ASP C 74 8.64 -61.71 -23.00
CA ASP C 74 7.99 -62.80 -23.71
C ASP C 74 7.26 -62.32 -24.95
N ILE C 75 6.81 -61.07 -24.95
CA ILE C 75 6.02 -60.55 -26.07
C ILE C 75 6.91 -59.87 -27.10
N LEU C 76 7.95 -59.15 -26.67
CA LEU C 76 8.70 -58.30 -27.58
C LEU C 76 9.94 -58.98 -28.15
N VAL C 77 10.62 -59.82 -27.37
CA VAL C 77 11.84 -60.48 -27.83
C VAL C 77 11.58 -61.17 -29.17
N PRO C 78 10.46 -61.88 -29.34
CA PRO C 78 10.22 -62.57 -30.63
C PRO C 78 10.13 -61.64 -31.82
N ILE C 79 9.97 -60.34 -31.64
CA ILE C 79 9.74 -59.43 -32.75
C ILE C 79 10.70 -58.25 -32.72
N LEU C 80 11.81 -58.40 -32.02
CA LEU C 80 12.84 -57.37 -31.94
C LEU C 80 14.16 -57.91 -32.47
N GLY C 81 14.82 -57.10 -33.29
CA GLY C 81 16.10 -57.48 -33.86
C GLY C 81 16.59 -56.42 -34.81
N GLU C 82 17.73 -56.70 -35.43
CA GLU C 82 18.30 -55.78 -36.41
C GLU C 82 17.27 -55.48 -37.50
N GLY C 83 17.17 -54.20 -37.86
CA GLY C 83 16.17 -53.76 -38.81
C GLY C 83 14.82 -53.42 -38.21
N THR C 84 14.62 -53.69 -36.92
CA THR C 84 13.37 -53.37 -36.25
C THR C 84 13.46 -52.01 -35.59
N VAL C 85 12.37 -51.25 -35.65
CA VAL C 85 12.25 -49.96 -34.99
C VAL C 85 11.09 -50.05 -34.02
N LEU C 86 11.38 -49.99 -32.73
CA LEU C 86 10.35 -50.00 -31.70
C LEU C 86 9.90 -48.55 -31.47
N ILE C 87 8.63 -48.27 -31.74
CA ILE C 87 8.06 -46.94 -31.56
C ILE C 87 7.13 -47.04 -30.36
N ASN C 88 7.55 -46.51 -29.22
CA ASN C 88 6.77 -46.57 -27.99
C ASN C 88 5.90 -45.32 -27.90
N LEU C 89 4.59 -45.51 -28.06
CA LEU C 89 3.60 -44.44 -27.97
C LEU C 89 2.48 -44.87 -27.03
N SER C 90 2.84 -45.37 -25.86
CA SER C 90 1.90 -45.96 -24.92
C SER C 90 2.02 -45.27 -23.57
N THR C 91 1.23 -45.74 -22.62
CA THR C 91 1.30 -45.32 -21.23
C THR C 91 1.47 -46.55 -20.35
N ASP C 92 2.04 -46.34 -19.17
CA ASP C 92 2.22 -47.39 -18.17
C ASP C 92 3.22 -48.46 -18.63
N VAL C 93 4.21 -48.06 -19.44
CA VAL C 93 5.22 -48.99 -19.95
C VAL C 93 6.58 -48.32 -19.77
N SER C 94 7.46 -48.99 -19.02
CA SER C 94 8.78 -48.43 -18.73
C SER C 94 9.58 -48.19 -19.99
N SER C 95 9.87 -46.92 -20.29
CA SER C 95 10.71 -46.60 -21.44
C SER C 95 12.13 -47.13 -21.26
N LEU C 96 12.61 -47.22 -20.01
CA LEU C 96 13.97 -47.65 -19.77
C LEU C 96 14.13 -49.16 -19.97
N ALA C 97 13.13 -49.94 -19.56
CA ALA C 97 13.19 -51.38 -19.78
C ALA C 97 13.21 -51.70 -21.27
N LEU C 98 12.44 -50.96 -22.06
CA LEU C 98 12.39 -51.20 -23.50
C LEU C 98 13.71 -50.81 -24.16
N ILE C 99 14.25 -49.64 -23.81
CA ILE C 99 15.54 -49.22 -24.36
C ILE C 99 16.60 -50.28 -24.07
N GLU C 100 16.71 -50.68 -22.80
CA GLU C 100 17.62 -51.75 -22.43
C GLU C 100 17.38 -53.00 -23.28
N LEU C 101 16.11 -53.32 -23.52
CA LEU C 101 15.79 -54.51 -24.30
C LEU C 101 16.19 -54.32 -25.76
N CYS C 102 15.92 -53.15 -26.33
CA CYS C 102 16.27 -52.91 -27.73
C CYS C 102 17.77 -52.96 -27.94
N ARG C 103 18.56 -52.54 -26.95
CA ARG C 103 20.01 -52.60 -27.08
C ARG C 103 20.48 -54.05 -27.25
N SER C 104 20.05 -54.93 -26.35
CA SER C 104 20.46 -56.33 -26.42
C SER C 104 20.00 -57.00 -27.70
N ALA C 105 18.95 -56.48 -28.34
CA ALA C 105 18.44 -57.05 -29.58
C ALA C 105 18.92 -56.30 -30.82
N GLY C 106 19.49 -55.11 -30.65
CA GLY C 106 19.98 -54.35 -31.79
C GLY C 106 18.92 -53.58 -32.55
N ALA C 107 17.77 -53.33 -31.93
CA ALA C 107 16.68 -52.61 -32.58
C ALA C 107 16.73 -51.13 -32.21
N LEU C 108 16.26 -50.30 -33.12
CA LEU C 108 16.13 -48.87 -32.85
C LEU C 108 14.92 -48.61 -31.97
N TYR C 109 14.97 -47.50 -31.23
CA TYR C 109 13.94 -47.16 -30.27
C TYR C 109 13.54 -45.70 -30.42
N LEU C 110 12.28 -45.41 -30.10
CA LEU C 110 11.75 -44.06 -30.22
C LEU C 110 10.52 -43.95 -29.33
N ASP C 111 10.48 -42.91 -28.49
CA ASP C 111 9.28 -42.58 -27.73
C ASP C 111 9.16 -41.08 -27.64
N THR C 112 8.00 -40.62 -27.16
CA THR C 112 7.75 -39.21 -26.95
C THR C 112 7.69 -38.84 -25.47
N CYS C 113 7.99 -39.78 -24.57
CA CYS C 113 7.87 -39.51 -23.15
C CYS C 113 8.54 -40.60 -22.33
N ILE C 114 9.49 -40.22 -21.46
CA ILE C 114 10.09 -41.16 -20.52
C ILE C 114 9.02 -41.56 -19.52
N GLU C 115 8.46 -42.76 -19.69
CA GLU C 115 7.36 -43.25 -18.87
C GLU C 115 7.85 -44.37 -17.95
N PRO C 116 7.40 -44.41 -16.70
CA PRO C 116 7.72 -45.55 -15.84
C PRO C 116 6.69 -46.66 -15.95
N TRP C 117 6.89 -47.76 -15.23
CA TRP C 117 5.88 -48.80 -15.16
C TRP C 117 4.60 -48.23 -14.54
N LYS C 118 3.52 -49.00 -14.65
CA LYS C 118 2.23 -48.52 -14.17
C LYS C 118 2.31 -48.11 -12.71
N GLY C 119 1.78 -46.93 -12.39
CA GLY C 119 1.85 -46.41 -11.05
C GLY C 119 3.17 -45.76 -10.69
N GLY C 120 3.99 -45.41 -11.67
CA GLY C 120 5.26 -44.75 -11.38
C GLY C 120 5.10 -43.32 -10.94
N TYR C 121 4.04 -42.65 -11.41
CA TYR C 121 3.74 -41.29 -10.99
C TYR C 121 2.90 -41.26 -9.72
N ASP C 122 1.85 -42.09 -9.66
CA ASP C 122 0.89 -42.06 -8.57
C ASP C 122 0.99 -43.36 -7.78
N ASP C 123 1.94 -43.39 -6.85
CA ASP C 123 2.10 -44.52 -5.94
C ASP C 123 2.63 -43.96 -4.63
N PRO C 124 1.78 -43.80 -3.60
CA PRO C 124 2.25 -43.21 -2.34
C PRO C 124 3.40 -43.98 -1.70
N THR C 125 3.62 -45.23 -2.09
CA THR C 125 4.75 -45.99 -1.56
C THR C 125 6.08 -45.41 -2.06
N ILE C 126 6.07 -44.80 -3.23
CA ILE C 126 7.29 -44.21 -3.79
C ILE C 126 7.49 -42.83 -3.18
N PRO C 127 8.69 -42.50 -2.68
CA PRO C 127 8.92 -41.15 -2.19
C PRO C 127 8.60 -40.10 -3.25
N LEU C 128 8.17 -38.92 -2.80
CA LEU C 128 7.77 -37.86 -3.71
C LEU C 128 8.89 -37.51 -4.68
N HIS C 129 10.12 -37.37 -4.16
CA HIS C 129 11.23 -36.94 -4.99
C HIS C 129 11.62 -37.97 -6.05
N LYS C 130 11.01 -39.15 -6.04
CA LYS C 130 11.25 -40.15 -7.07
C LYS C 130 10.12 -40.27 -8.08
N ARG C 131 9.05 -39.49 -7.91
CA ARG C 131 7.93 -39.49 -8.84
C ARG C 131 7.96 -38.29 -9.79
N THR C 132 9.03 -37.49 -9.75
CA THR C 132 9.12 -36.29 -10.56
C THR C 132 9.75 -36.61 -11.91
N ASN C 133 9.47 -35.76 -12.90
CA ASN C 133 10.12 -35.90 -14.20
C ASN C 133 11.62 -35.71 -14.10
N TYR C 134 12.11 -35.00 -13.09
CA TYR C 134 13.54 -34.85 -12.90
C TYR C 134 14.19 -36.20 -12.58
N HIS C 135 13.57 -36.97 -11.68
CA HIS C 135 14.12 -38.28 -11.33
C HIS C 135 14.07 -39.23 -12.50
N LEU C 136 12.96 -39.26 -13.23
CA LEU C 136 12.87 -40.11 -14.42
C LEU C 136 13.97 -39.77 -15.42
N ARG C 137 14.23 -38.47 -15.63
CA ARG C 137 15.29 -38.09 -16.54
C ARG C 137 16.67 -38.44 -16.00
N GLU C 138 16.84 -38.39 -14.67
CA GLU C 138 18.11 -38.78 -14.08
C GLU C 138 18.37 -40.27 -14.28
N GLN C 139 17.33 -41.10 -14.15
CA GLN C 139 17.49 -42.52 -14.44
C GLN C 139 17.90 -42.74 -15.88
N MET C 140 17.33 -41.97 -16.81
CA MET C 140 17.68 -42.13 -18.22
C MET C 140 19.13 -41.73 -18.47
N LEU C 141 19.59 -40.64 -17.86
CA LEU C 141 20.97 -40.22 -18.03
C LEU C 141 21.94 -41.25 -17.49
N SER C 142 21.54 -41.99 -16.46
CA SER C 142 22.40 -43.06 -15.94
C SER C 142 22.46 -44.23 -16.91
N LEU C 143 21.32 -44.63 -17.48
CA LEU C 143 21.32 -45.70 -18.46
C LEU C 143 22.04 -45.28 -19.74
N LYS C 144 22.03 -43.98 -20.05
CA LYS C 144 22.79 -43.49 -21.20
C LYS C 144 24.29 -43.59 -20.95
N LYS C 145 24.73 -43.15 -19.78
CA LYS C 145 26.15 -43.19 -19.45
C LYS C 145 26.66 -44.62 -19.37
N ARG C 146 25.80 -45.57 -18.98
CA ARG C 146 26.25 -46.94 -18.78
C ARG C 146 26.29 -47.71 -20.09
N LEU C 147 25.29 -47.52 -20.96
CA LEU C 147 25.28 -48.21 -22.25
C LEU C 147 26.26 -47.60 -23.24
N GLY C 148 26.54 -46.30 -23.11
CA GLY C 148 27.46 -45.65 -24.01
C GLY C 148 27.07 -45.81 -25.47
N SER C 149 28.08 -45.90 -26.33
CA SER C 149 27.84 -46.00 -27.76
C SER C 149 27.09 -47.29 -28.09
N GLY C 150 26.29 -47.23 -29.15
CA GLY C 150 25.51 -48.38 -29.56
C GLY C 150 24.32 -47.93 -30.40
N VAL C 151 23.34 -48.85 -30.52
CA VAL C 151 22.16 -48.57 -31.30
C VAL C 151 21.43 -47.35 -30.71
N THR C 152 20.78 -46.58 -31.58
CA THR C 152 20.18 -45.33 -31.17
C THR C 152 18.85 -45.56 -30.46
N ALA C 153 18.62 -44.77 -29.41
CA ALA C 153 17.35 -44.78 -28.69
C ALA C 153 17.02 -43.32 -28.38
N LEU C 154 16.15 -42.72 -29.19
CA LEU C 154 15.77 -41.33 -29.04
C LEU C 154 14.51 -41.25 -28.17
N VAL C 155 14.61 -40.52 -27.07
CA VAL C 155 13.53 -40.44 -26.09
C VAL C 155 12.94 -39.04 -26.08
N ALA C 156 11.69 -38.95 -25.61
CA ALA C 156 11.03 -37.68 -25.36
C ALA C 156 11.16 -36.74 -26.55
N HIS C 157 10.76 -37.23 -27.72
CA HIS C 157 10.82 -36.45 -28.95
C HIS C 157 9.45 -36.43 -29.64
N GLY C 158 8.48 -35.82 -28.97
CA GLY C 158 7.21 -35.51 -29.58
C GLY C 158 7.17 -34.06 -30.00
N ALA C 159 6.07 -33.37 -29.69
CA ALA C 159 6.02 -31.92 -29.90
C ALA C 159 6.66 -31.18 -28.73
N ASN C 160 6.25 -31.51 -27.51
CA ASN C 160 6.87 -30.96 -26.31
C ASN C 160 6.77 -31.99 -25.18
N PRO C 161 7.87 -32.64 -24.79
CA PRO C 161 9.24 -32.48 -25.27
C PRO C 161 9.44 -32.89 -26.71
N GLY C 162 10.48 -32.35 -27.35
CA GLY C 162 10.78 -32.69 -28.72
C GLY C 162 11.07 -31.48 -29.60
N LEU C 163 10.09 -31.10 -30.42
CA LEU C 163 10.29 -30.00 -31.35
C LEU C 163 10.60 -28.69 -30.63
N VAL C 164 10.03 -28.48 -29.45
CA VAL C 164 10.27 -27.24 -28.72
C VAL C 164 11.76 -27.05 -28.47
N SER C 165 12.48 -28.13 -28.17
CA SER C 165 13.92 -28.03 -27.97
C SER C 165 14.60 -27.48 -29.21
N HIS C 166 14.14 -27.90 -30.40
CA HIS C 166 14.68 -27.36 -31.63
C HIS C 166 14.32 -25.89 -31.81
N PHE C 167 13.13 -25.49 -31.37
CA PHE C 167 12.75 -24.08 -31.45
C PHE C 167 13.71 -23.20 -30.65
N VAL C 168 14.08 -23.64 -29.45
CA VAL C 168 14.99 -22.84 -28.62
C VAL C 168 16.28 -22.56 -29.36
N LYS C 169 16.84 -23.57 -30.04
CA LYS C 169 18.07 -23.37 -30.77
C LYS C 169 17.90 -22.34 -31.87
N ARG C 170 16.92 -22.54 -32.76
CA ARG C 170 16.69 -21.60 -33.84
C ARG C 170 16.37 -20.21 -33.31
N ALA C 171 15.66 -20.13 -32.18
CA ALA C 171 15.38 -18.84 -31.57
C ALA C 171 16.67 -18.17 -31.11
N LEU C 172 17.55 -18.95 -30.46
CA LEU C 172 18.83 -18.40 -30.01
C LEU C 172 19.63 -17.84 -31.18
N LEU C 173 19.55 -18.49 -32.34
CA LEU C 173 20.25 -17.99 -33.52
C LEU C 173 19.56 -16.77 -34.12
N ASP C 174 18.24 -16.66 -33.97
CA ASP C 174 17.55 -15.45 -34.41
C ASP C 174 17.93 -14.26 -33.55
N LEU C 175 18.01 -14.44 -32.24
CA LEU C 175 18.45 -13.37 -31.36
C LEU C 175 19.92 -13.01 -31.61
N ALA C 176 20.74 -14.00 -31.96
CA ALA C 176 22.16 -13.74 -32.18
C ALA C 176 22.38 -12.80 -33.35
N GLU C 177 21.60 -12.97 -34.43
CA GLU C 177 21.77 -12.11 -35.61
C GLU C 177 21.29 -10.69 -35.31
N GLU C 178 20.02 -10.56 -34.88
CA GLU C 178 19.47 -9.24 -34.63
C GLU C 178 20.26 -8.48 -33.57
N ILE C 179 20.47 -9.11 -32.42
CA ILE C 179 21.06 -8.41 -31.27
C ILE C 179 22.58 -8.37 -31.39
N LEU C 180 23.21 -9.55 -31.36
CA LEU C 180 24.66 -9.61 -31.28
C LEU C 180 25.33 -9.32 -32.62
N GLY C 181 24.74 -9.81 -33.71
CA GLY C 181 25.36 -9.72 -35.02
C GLY C 181 26.18 -10.94 -35.39
N ASP C 182 26.18 -11.97 -34.56
CA ASP C 182 26.93 -13.20 -34.84
C ASP C 182 26.03 -14.15 -35.62
N CYS C 183 26.41 -14.42 -36.88
CA CYS C 183 25.70 -15.37 -37.73
C CYS C 183 26.35 -16.75 -37.71
N LYS C 184 27.04 -17.09 -36.63
CA LYS C 184 27.70 -18.38 -36.49
C LYS C 184 26.86 -19.30 -35.61
N LYS C 185 26.94 -20.60 -35.90
CA LYS C 185 26.18 -21.60 -35.17
C LYS C 185 27.11 -22.35 -34.23
N PRO C 186 26.86 -22.38 -32.92
CA PRO C 186 27.71 -23.15 -32.02
C PRO C 186 27.69 -24.64 -32.37
N SER C 187 28.75 -25.33 -31.98
CA SER C 187 29.00 -26.71 -32.41
C SER C 187 28.75 -27.74 -31.33
N ASN C 188 28.57 -27.34 -30.07
CA ASN C 188 28.36 -28.29 -28.99
C ASN C 188 27.50 -27.67 -27.92
N LYS C 189 27.16 -28.48 -26.92
CA LYS C 189 26.30 -28.02 -25.82
C LYS C 189 26.90 -26.79 -25.15
N GLU C 190 28.19 -26.83 -24.82
CA GLU C 190 28.81 -25.74 -24.08
C GLU C 190 28.70 -24.42 -24.84
N GLN C 191 28.82 -24.46 -26.16
CA GLN C 191 28.75 -23.24 -26.94
C GLN C 191 27.33 -22.72 -27.10
N TRP C 192 26.32 -23.57 -26.93
CA TRP C 192 24.94 -23.09 -26.91
C TRP C 192 24.65 -22.32 -25.63
N ALA C 193 25.07 -22.87 -24.49
CA ALA C 193 24.87 -22.18 -23.21
C ALA C 193 25.59 -20.84 -23.21
N ILE C 194 26.78 -20.79 -23.82
CA ILE C 194 27.51 -19.53 -23.89
C ILE C 194 26.70 -18.50 -24.67
N LEU C 195 26.15 -18.91 -25.82
CA LEU C 195 25.34 -17.99 -26.60
C LEU C 195 24.14 -17.50 -25.81
N SER C 196 23.48 -18.41 -25.07
CA SER C 196 22.37 -18.00 -24.22
C SER C 196 22.83 -17.02 -23.15
N GLN C 197 24.08 -17.14 -22.69
CA GLN C 197 24.59 -16.23 -21.67
C GLN C 197 24.90 -14.86 -22.25
N ARG C 198 25.49 -14.81 -23.45
CA ARG C 198 25.78 -13.52 -24.08
C ARG C 198 24.49 -12.75 -24.35
N LEU C 199 23.47 -13.44 -24.87
CA LEU C 199 22.21 -12.77 -25.18
C LEU C 199 21.49 -12.29 -23.93
N GLY C 200 21.86 -12.80 -22.75
CA GLY C 200 21.20 -12.40 -21.53
C GLY C 200 19.89 -13.10 -21.26
N VAL C 201 19.68 -14.28 -21.83
CA VAL C 201 18.45 -15.03 -21.59
C VAL C 201 18.43 -15.48 -20.13
N LYS C 202 17.31 -15.22 -19.46
CA LYS C 202 17.14 -15.59 -18.06
C LYS C 202 15.92 -16.46 -17.81
N VAL C 203 14.88 -16.35 -18.63
CA VAL C 203 13.67 -17.16 -18.47
C VAL C 203 13.25 -17.66 -19.84
N ILE C 204 12.83 -18.92 -19.91
CA ILE C 204 12.35 -19.54 -21.14
C ILE C 204 11.07 -20.28 -20.81
N HIS C 205 9.97 -19.87 -21.44
CA HIS C 205 8.69 -20.54 -21.29
C HIS C 205 8.38 -21.36 -22.54
N VAL C 206 7.87 -22.56 -22.34
CA VAL C 206 7.20 -23.28 -23.40
C VAL C 206 5.76 -22.78 -23.42
N ALA C 207 5.56 -21.60 -24.01
CA ALA C 207 4.27 -20.93 -23.97
C ALA C 207 3.38 -21.48 -25.06
N GLU C 208 2.35 -22.23 -24.67
CA GLU C 208 1.41 -22.84 -25.60
C GLU C 208 0.01 -22.32 -25.33
N TYR C 209 -0.70 -21.95 -26.39
CA TYR C 209 -2.10 -21.53 -26.32
C TYR C 209 -2.90 -22.36 -27.30
N ASP C 210 -3.93 -23.04 -26.81
CA ASP C 210 -4.79 -23.89 -27.64
C ASP C 210 -6.13 -23.17 -27.80
N SER C 211 -6.33 -22.54 -28.95
CA SER C 211 -7.55 -21.80 -29.23
C SER C 211 -8.58 -22.61 -29.99
N GLN C 212 -8.37 -23.92 -30.13
CA GLN C 212 -9.35 -24.76 -30.79
C GLN C 212 -10.64 -24.83 -29.98
N ILE C 213 -11.77 -24.73 -30.66
CA ILE C 213 -13.08 -24.74 -30.03
C ILE C 213 -13.94 -25.79 -30.71
N SER C 214 -14.77 -26.47 -29.93
CA SER C 214 -15.57 -27.57 -30.42
C SER C 214 -16.91 -27.09 -30.96
N GLN C 215 -17.64 -28.02 -31.59
CA GLN C 215 -18.96 -27.72 -32.11
C GLN C 215 -20.03 -27.82 -31.02
N LYS C 216 -20.14 -28.99 -30.41
CA LYS C 216 -21.15 -29.25 -29.40
C LYS C 216 -20.61 -28.95 -28.00
N SER C 217 -21.52 -28.69 -27.08
CA SER C 217 -21.17 -28.54 -25.67
C SER C 217 -21.10 -29.92 -25.02
N ARG C 218 -20.05 -30.12 -24.23
CA ARG C 218 -19.83 -31.42 -23.61
C ARG C 218 -21.02 -31.79 -22.73
N GLU C 219 -21.21 -33.09 -22.54
CA GLU C 219 -22.28 -33.59 -21.70
C GLU C 219 -21.89 -33.48 -20.22
N ARG C 220 -22.90 -33.61 -19.36
CA ARG C 220 -22.69 -33.43 -17.93
C ARG C 220 -21.69 -34.46 -17.41
N GLY C 221 -20.58 -33.98 -16.85
CA GLY C 221 -19.57 -34.84 -16.30
C GLY C 221 -18.61 -35.40 -17.31
N GLU C 222 -18.49 -34.78 -18.48
CA GLU C 222 -17.62 -35.27 -19.55
C GLU C 222 -16.36 -34.41 -19.61
N PHE C 223 -15.20 -35.06 -19.51
CA PHE C 223 -13.92 -34.37 -19.61
C PHE C 223 -13.51 -34.34 -21.08
N VAL C 224 -13.42 -33.14 -21.65
CA VAL C 224 -13.10 -32.96 -23.06
C VAL C 224 -11.73 -32.32 -23.17
N ASN C 225 -11.00 -32.69 -24.23
CA ASN C 225 -9.67 -32.15 -24.46
C ASN C 225 -9.28 -32.45 -25.91
N THR C 226 -8.34 -31.64 -26.42
CA THR C 226 -7.89 -31.79 -27.79
C THR C 226 -6.87 -32.91 -27.97
N TRP C 227 -6.39 -33.50 -26.88
CA TRP C 227 -5.55 -34.69 -26.95
C TRP C 227 -5.98 -35.61 -25.80
N SER C 228 -5.13 -36.57 -25.46
CA SER C 228 -5.51 -37.58 -24.47
C SER C 228 -6.02 -36.93 -23.20
N VAL C 229 -7.23 -37.34 -22.79
CA VAL C 229 -7.79 -36.87 -21.53
C VAL C 229 -7.02 -37.43 -20.35
N HIS C 230 -6.83 -38.75 -20.33
CA HIS C 230 -6.14 -39.39 -19.21
C HIS C 230 -4.68 -38.97 -19.14
N GLY C 231 -4.07 -38.66 -20.27
CA GLY C 231 -2.71 -38.15 -20.25
C GLY C 231 -2.65 -36.73 -19.71
N PHE C 232 -3.60 -35.89 -20.10
CA PHE C 232 -3.66 -34.53 -19.56
C PHE C 232 -3.96 -34.54 -18.07
N ILE C 233 -4.90 -35.38 -17.64
CA ILE C 233 -5.23 -35.48 -16.22
C ILE C 233 -4.00 -35.83 -15.41
N SER C 234 -3.33 -36.94 -15.77
CA SER C 234 -2.19 -37.39 -14.98
C SER C 234 -1.09 -36.34 -14.95
N GLU C 235 -0.86 -35.66 -16.08
CA GLU C 235 0.15 -34.60 -16.11
C GLU C 235 -0.24 -33.44 -15.21
N SER C 236 -1.50 -33.02 -15.24
CA SER C 236 -1.92 -31.82 -14.53
C SER C 236 -1.93 -32.04 -13.01
N GLN C 237 -2.12 -33.28 -12.56
CA GLN C 237 -2.12 -33.56 -11.13
C GLN C 237 -0.73 -33.85 -10.59
N GLN C 238 0.29 -33.93 -11.44
CA GLN C 238 1.65 -34.08 -10.97
C GLN C 238 2.14 -32.77 -10.37
N PRO C 239 3.03 -32.82 -9.37
CA PRO C 239 3.58 -31.58 -8.83
C PRO C 239 4.28 -30.76 -9.92
N ALA C 240 4.09 -29.45 -9.85
CA ALA C 240 4.70 -28.56 -10.82
C ALA C 240 6.22 -28.62 -10.70
N GLU C 241 6.90 -28.62 -11.86
CA GLU C 241 8.35 -28.68 -11.93
C GLU C 241 8.87 -27.58 -12.82
N LEU C 242 10.09 -27.15 -12.56
CA LEU C 242 10.73 -26.09 -13.34
C LEU C 242 12.23 -26.11 -13.09
N GLY C 243 12.99 -25.82 -14.13
CA GLY C 243 14.41 -25.56 -13.96
C GLY C 243 14.62 -24.19 -13.35
N TRP C 244 15.42 -24.12 -12.30
CA TRP C 244 15.61 -22.90 -11.54
C TRP C 244 16.85 -22.17 -12.05
N GLY C 245 16.65 -20.94 -12.53
CA GLY C 245 17.73 -20.19 -13.15
C GLY C 245 18.68 -19.56 -12.13
N SER C 246 19.82 -19.11 -12.65
CA SER C 246 20.86 -18.53 -11.80
C SER C 246 20.56 -17.10 -11.38
N HIS C 247 19.63 -16.42 -12.06
CA HIS C 247 19.27 -15.06 -11.70
C HIS C 247 18.22 -15.00 -10.60
N GLU C 248 17.57 -16.12 -10.29
CA GLU C 248 16.51 -16.14 -9.30
C GLU C 248 17.05 -15.79 -7.91
N ARG C 249 16.14 -15.38 -7.03
CA ARG C 249 16.47 -15.07 -5.65
C ARG C 249 15.45 -15.69 -4.72
N SER C 250 14.29 -15.06 -4.59
CA SER C 250 13.23 -15.58 -3.74
C SER C 250 12.77 -16.95 -4.25
N LEU C 251 12.62 -17.88 -3.31
CA LEU C 251 12.21 -19.24 -3.64
C LEU C 251 10.69 -19.36 -3.63
N PRO C 252 10.12 -20.26 -4.43
CA PRO C 252 8.67 -20.45 -4.40
C PRO C 252 8.23 -21.05 -3.07
N THR C 253 6.93 -20.90 -2.80
CA THR C 253 6.34 -21.43 -1.58
C THR C 253 6.02 -22.91 -1.72
N ASP C 254 6.11 -23.63 -0.60
CA ASP C 254 5.79 -25.06 -0.56
C ASP C 254 6.57 -25.82 -1.62
N ALA C 255 7.85 -25.50 -1.76
CA ALA C 255 8.67 -26.03 -2.83
C ALA C 255 9.84 -26.85 -2.28
N SER C 256 10.28 -27.81 -3.07
CA SER C 256 11.49 -28.57 -2.83
C SER C 256 12.40 -28.45 -4.05
N MET C 257 13.65 -28.87 -3.91
CA MET C 257 14.63 -28.65 -4.97
C MET C 257 15.57 -29.84 -5.11
N HIS C 258 15.88 -30.17 -6.35
CA HIS C 258 16.99 -31.08 -6.67
C HIS C 258 18.23 -30.25 -6.95
N THR C 259 19.34 -30.60 -6.30
CA THR C 259 20.61 -29.92 -6.51
C THR C 259 21.77 -30.86 -6.74
N ASP C 260 21.56 -32.18 -6.69
CA ASP C 260 22.64 -33.15 -6.85
C ASP C 260 22.90 -33.51 -8.31
N GLY C 261 22.45 -32.68 -9.25
CA GLY C 261 22.64 -32.93 -10.66
C GLY C 261 23.32 -31.77 -11.36
N CYS C 262 22.94 -31.57 -12.62
CA CYS C 262 23.54 -30.51 -13.42
C CYS C 262 23.21 -29.13 -12.86
N GLY C 263 21.93 -28.89 -12.58
CA GLY C 263 21.51 -27.59 -12.09
C GLY C 263 20.29 -27.70 -11.20
N ALA C 264 19.96 -26.59 -10.56
CA ALA C 264 18.82 -26.58 -9.64
C ALA C 264 17.53 -26.85 -10.39
N ALA C 265 16.69 -27.71 -9.82
CA ALA C 265 15.37 -27.99 -10.35
C ALA C 265 14.40 -28.05 -9.19
N ILE C 266 13.34 -27.24 -9.26
CA ILE C 266 12.36 -27.13 -8.19
C ILE C 266 11.12 -27.93 -8.57
N TYR C 267 10.53 -28.60 -7.58
CA TYR C 267 9.20 -29.19 -7.72
C TYR C 267 8.33 -28.66 -6.59
N ILE C 268 7.21 -28.04 -6.96
CA ILE C 268 6.29 -27.46 -6.00
C ILE C 268 5.26 -28.51 -5.63
N GLU C 269 5.11 -28.76 -4.33
CA GLU C 269 4.17 -29.78 -3.85
C GLU C 269 2.73 -29.31 -4.02
N LYS C 270 2.34 -29.03 -5.26
CA LYS C 270 1.00 -28.60 -5.61
C LYS C 270 0.76 -29.10 -7.03
N PRO C 271 -0.44 -29.61 -7.33
CA PRO C 271 -0.69 -30.07 -8.71
C PRO C 271 -0.46 -28.95 -9.71
N GLY C 272 0.09 -29.32 -10.86
CA GLY C 272 0.38 -28.33 -11.89
C GLY C 272 -0.84 -27.54 -12.32
N ALA C 273 -2.03 -28.15 -12.23
CA ALA C 273 -3.25 -27.46 -12.63
C ALA C 273 -3.55 -26.27 -11.74
N SER C 274 -3.14 -26.33 -10.47
CA SER C 274 -3.42 -25.26 -9.52
C SER C 274 -2.32 -24.20 -9.46
N VAL C 275 -1.23 -24.39 -10.19
CA VAL C 275 -0.15 -23.41 -10.25
C VAL C 275 -0.29 -22.65 -11.57
N ARG C 276 -0.73 -21.40 -11.48
CA ARG C 276 -0.95 -20.57 -12.66
C ARG C 276 0.17 -19.55 -12.80
N VAL C 277 0.63 -19.36 -14.02
CA VAL C 277 1.80 -18.52 -14.30
C VAL C 277 1.51 -17.65 -15.50
N LYS C 278 1.98 -16.40 -15.44
CA LYS C 278 1.79 -15.47 -16.55
C LYS C 278 2.81 -15.73 -17.65
N THR C 279 2.36 -15.66 -18.89
CA THR C 279 3.22 -15.88 -20.05
C THR C 279 2.73 -15.01 -21.20
N TRP C 280 3.20 -15.31 -22.40
CA TRP C 280 2.91 -14.50 -23.58
C TRP C 280 2.91 -15.40 -24.81
N THR C 281 1.89 -15.26 -25.64
CA THR C 281 1.77 -16.03 -26.87
C THR C 281 1.29 -15.11 -27.98
N PRO C 282 1.53 -15.47 -29.25
CA PRO C 282 1.03 -14.65 -30.36
C PRO C 282 -0.49 -14.66 -30.50
N PHE C 283 -1.21 -15.44 -29.70
CA PHE C 283 -2.67 -15.46 -29.80
C PHE C 283 -3.27 -14.10 -29.46
N ASN C 284 -2.92 -13.56 -28.29
CA ASN C 284 -3.43 -12.26 -27.88
C ASN C 284 -2.48 -11.61 -26.88
N GLY C 285 -1.19 -11.94 -26.97
CA GLY C 285 -0.20 -11.35 -26.11
C GLY C 285 -0.21 -11.94 -24.72
N PRO C 286 -0.29 -11.11 -23.68
CA PRO C 286 -0.30 -11.64 -22.31
C PRO C 286 -1.37 -12.71 -22.13
N SER C 287 -0.97 -13.83 -21.52
CA SER C 287 -1.88 -14.94 -21.29
C SER C 287 -1.51 -15.60 -19.97
N LEU C 288 -2.41 -16.46 -19.50
CA LEU C 288 -2.23 -17.20 -18.25
C LEU C 288 -2.26 -18.69 -18.55
N GLY C 289 -1.21 -19.41 -18.14
CA GLY C 289 -1.13 -20.82 -18.34
C GLY C 289 -0.84 -21.55 -17.04
N TYR C 290 -1.00 -22.87 -17.08
CA TYR C 290 -0.68 -23.71 -15.94
C TYR C 290 0.77 -24.11 -15.98
N LEU C 291 1.38 -24.22 -14.80
CA LEU C 291 2.78 -24.65 -14.68
C LEU C 291 2.82 -26.17 -14.52
N VAL C 292 2.57 -26.85 -15.63
CA VAL C 292 2.55 -28.31 -15.65
C VAL C 292 3.98 -28.82 -15.81
N THR C 293 4.36 -29.79 -15.00
CA THR C 293 5.68 -30.39 -15.13
C THR C 293 5.83 -31.03 -16.50
N HIS C 294 7.00 -30.83 -17.10
CA HIS C 294 7.30 -31.41 -18.40
C HIS C 294 8.78 -31.72 -18.49
N HIS C 295 9.10 -32.76 -19.27
CA HIS C 295 10.49 -33.19 -19.44
C HIS C 295 11.38 -32.04 -19.90
N GLU C 296 10.93 -31.30 -20.92
CA GLU C 296 11.78 -30.28 -21.52
C GLU C 296 12.13 -29.16 -20.56
N ALA C 297 11.37 -28.99 -19.47
CA ALA C 297 11.72 -27.99 -18.47
C ALA C 297 13.11 -28.25 -17.91
N ILE C 298 13.47 -29.52 -17.73
CA ILE C 298 14.77 -29.88 -17.16
C ILE C 298 15.82 -30.00 -18.25
N SER C 299 15.49 -30.70 -19.34
CA SER C 299 16.50 -30.95 -20.38
C SER C 299 16.96 -29.66 -21.03
N ILE C 300 16.04 -28.71 -21.26
CA ILE C 300 16.42 -27.46 -21.90
C ILE C 300 17.28 -26.62 -20.96
N ALA C 301 16.93 -26.60 -19.66
CA ALA C 301 17.71 -25.84 -18.70
C ALA C 301 19.12 -26.41 -18.57
N ASP C 302 19.22 -27.74 -18.43
CA ASP C 302 20.54 -28.38 -18.38
C ASP C 302 21.35 -28.07 -19.63
N PHE C 303 20.72 -28.17 -20.80
CA PHE C 303 21.42 -27.92 -22.06
C PHE C 303 22.05 -26.54 -22.08
N LEU C 304 21.40 -25.55 -21.48
CA LEU C 304 21.88 -24.18 -21.47
C LEU C 304 22.53 -23.80 -20.15
N THR C 305 22.88 -24.78 -19.31
CA THR C 305 23.59 -24.51 -18.08
C THR C 305 25.09 -24.45 -18.35
N LEU C 306 25.74 -23.47 -17.73
CA LEU C 306 27.18 -23.27 -17.87
C LEU C 306 27.78 -23.23 -16.47
N ARG C 307 28.69 -24.17 -16.19
CA ARG C 307 29.25 -24.33 -14.86
C ARG C 307 30.77 -24.28 -14.94
N THR C 308 31.36 -23.35 -14.20
CA THR C 308 32.81 -23.20 -14.11
C THR C 308 33.23 -23.28 -12.64
N ALA C 309 34.50 -22.98 -12.39
CA ALA C 309 34.99 -22.99 -11.01
C ALA C 309 34.37 -21.86 -10.20
N ASP C 310 34.05 -20.74 -10.84
CA ASP C 310 33.49 -19.57 -10.16
C ASP C 310 32.03 -19.33 -10.52
N GLU C 311 31.70 -19.28 -11.80
CA GLU C 311 30.38 -18.86 -12.26
C GLU C 311 29.44 -20.04 -12.43
N THR C 312 28.15 -19.73 -12.46
CA THR C 312 27.11 -20.69 -12.81
C THR C 312 26.01 -19.92 -13.54
N TYR C 313 25.85 -20.18 -14.83
CA TYR C 313 24.76 -19.62 -15.61
C TYR C 313 23.74 -20.72 -15.90
N ARG C 314 22.47 -20.35 -15.86
CA ARG C 314 21.38 -21.29 -16.05
C ARG C 314 20.07 -20.54 -16.17
N PRO C 315 19.29 -20.76 -17.23
CA PRO C 315 17.99 -20.07 -17.36
C PRO C 315 16.88 -20.80 -16.62
N THR C 316 15.88 -20.02 -16.23
CA THR C 316 14.65 -20.58 -15.67
C THR C 316 13.78 -21.09 -16.81
N VAL C 317 13.39 -22.35 -16.74
CA VAL C 317 12.65 -23.00 -17.81
C VAL C 317 11.48 -23.77 -17.21
N HIS C 318 10.31 -23.64 -17.82
CA HIS C 318 9.15 -24.43 -17.39
C HIS C 318 8.03 -24.28 -18.41
N TYR C 319 7.03 -25.14 -18.26
CA TYR C 319 5.88 -25.16 -19.14
C TYR C 319 4.88 -24.08 -18.73
N ALA C 320 4.34 -23.36 -19.72
CA ALA C 320 3.28 -22.37 -19.50
C ALA C 320 2.14 -22.75 -20.46
N TYR C 321 1.24 -23.60 -20.00
CA TYR C 321 0.26 -24.25 -20.86
C TYR C 321 -1.10 -23.58 -20.68
N ARG C 322 -1.58 -22.92 -21.72
CA ARG C 322 -2.96 -22.44 -21.79
C ARG C 322 -3.75 -23.40 -22.66
N PRO C 323 -4.41 -24.41 -22.07
CA PRO C 323 -5.10 -25.40 -22.90
C PRO C 323 -6.36 -24.85 -23.55
N SER C 324 -7.17 -25.73 -24.15
CA SER C 324 -8.37 -25.31 -24.83
C SER C 324 -9.45 -24.92 -23.83
N ASP C 325 -10.45 -24.19 -24.31
CA ASP C 325 -11.57 -23.79 -23.47
C ASP C 325 -12.21 -25.00 -22.81
N GLU C 326 -12.44 -26.07 -23.58
CA GLU C 326 -13.07 -27.26 -23.03
C GLU C 326 -12.21 -27.90 -21.95
N ALA C 327 -10.89 -27.80 -22.06
CA ALA C 327 -10.01 -28.37 -21.05
C ALA C 327 -10.09 -27.58 -19.75
N ILE C 328 -10.01 -26.26 -19.84
CA ILE C 328 -10.06 -25.43 -18.63
C ILE C 328 -11.36 -25.68 -17.86
N LEU C 329 -12.47 -25.73 -18.57
CA LEU C 329 -13.75 -26.00 -17.91
C LEU C 329 -13.77 -27.39 -17.30
N SER C 330 -13.19 -28.37 -17.99
CA SER C 330 -13.15 -29.73 -17.47
C SER C 330 -12.28 -29.81 -16.22
N VAL C 331 -11.19 -29.05 -16.17
CA VAL C 331 -10.35 -29.01 -14.99
C VAL C 331 -11.13 -28.48 -13.80
N HIS C 332 -11.90 -27.40 -14.01
CA HIS C 332 -12.72 -26.85 -12.92
C HIS C 332 -13.64 -27.91 -12.34
N GLU C 333 -14.43 -28.57 -13.21
CA GLU C 333 -15.32 -29.63 -12.74
C GLU C 333 -14.52 -30.78 -12.15
N TRP C 334 -13.35 -31.08 -12.72
CA TRP C 334 -12.52 -32.16 -12.21
C TRP C 334 -12.05 -31.86 -10.79
N PHE C 335 -11.60 -30.64 -10.54
CA PHE C 335 -11.22 -30.26 -9.18
C PHE C 335 -12.42 -30.32 -8.24
N GLY C 336 -13.63 -30.07 -8.74
CA GLY C 336 -14.81 -30.07 -7.91
C GLY C 336 -15.19 -31.44 -7.38
N ASN C 337 -14.75 -32.51 -8.05
CA ASN C 337 -15.07 -33.88 -7.66
C ASN C 337 -13.87 -34.57 -7.05
N ASP C 338 -13.08 -33.83 -6.26
CA ASP C 338 -11.91 -34.38 -5.57
C ASP C 338 -10.92 -35.01 -6.55
N CYS C 339 -10.82 -34.44 -7.75
CA CYS C 339 -9.86 -34.92 -8.76
C CYS C 339 -10.06 -36.40 -9.04
N MET C 340 -11.30 -36.87 -8.95
CA MET C 340 -11.60 -38.26 -9.27
C MET C 340 -11.52 -38.48 -10.79
N THR C 341 -11.24 -39.73 -11.16
CA THR C 341 -11.18 -40.08 -12.57
C THR C 341 -12.55 -39.82 -13.20
N PRO C 342 -12.62 -39.08 -14.31
CA PRO C 342 -13.93 -38.80 -14.92
C PRO C 342 -14.63 -40.09 -15.35
N GLU C 343 -15.96 -39.99 -15.46
CA GLU C 343 -16.77 -41.12 -15.91
C GLU C 343 -16.89 -41.13 -17.43
N LYS C 344 -17.19 -39.99 -18.03
CA LYS C 344 -17.24 -39.83 -19.47
C LYS C 344 -16.01 -39.05 -19.93
N THR C 345 -15.27 -39.63 -20.88
CA THR C 345 -14.08 -39.02 -21.43
C THR C 345 -14.23 -38.89 -22.94
N LYS C 346 -13.65 -37.83 -23.50
CA LYS C 346 -13.81 -37.53 -24.92
C LYS C 346 -12.59 -36.77 -25.42
N VAL C 347 -11.88 -37.36 -26.38
CA VAL C 347 -10.78 -36.71 -27.07
C VAL C 347 -11.33 -36.17 -28.39
N LEU C 348 -11.35 -34.85 -28.53
CA LEU C 348 -11.93 -34.22 -29.72
C LEU C 348 -11.24 -34.72 -30.98
N ARG C 349 -12.04 -35.21 -31.92
CA ARG C 349 -11.56 -35.57 -33.24
C ARG C 349 -11.69 -34.39 -34.19
N PRO C 350 -11.00 -34.41 -35.32
CA PRO C 350 -11.04 -33.24 -36.22
C PRO C 350 -12.44 -32.80 -36.60
N GLY C 351 -13.39 -33.73 -36.73
CA GLY C 351 -14.75 -33.37 -37.05
C GLY C 351 -15.50 -32.66 -35.93
N ASP C 352 -14.95 -32.68 -34.71
CA ASP C 352 -15.61 -32.04 -33.57
C ASP C 352 -15.13 -30.62 -33.32
N ILE C 353 -14.07 -30.17 -34.00
CA ILE C 353 -13.50 -28.85 -33.78
C ILE C 353 -13.98 -27.92 -34.88
N LEU C 354 -14.50 -26.76 -34.46
CA LEU C 354 -14.97 -25.75 -35.41
C LEU C 354 -13.78 -25.04 -36.05
N SER C 355 -13.04 -24.27 -35.24
CA SER C 355 -11.92 -23.49 -35.74
C SER C 355 -10.90 -23.34 -34.61
N GLY C 356 -9.85 -22.59 -34.90
CA GLY C 356 -8.80 -22.32 -33.94
C GLY C 356 -7.47 -22.92 -34.36
N SER C 357 -6.44 -22.53 -33.62
CA SER C 357 -5.08 -22.98 -33.85
C SER C 357 -4.45 -23.42 -32.54
N ASP C 358 -3.36 -24.18 -32.66
CA ASP C 358 -2.57 -24.61 -31.50
C ASP C 358 -1.25 -23.85 -31.56
N TYR C 359 -1.14 -22.81 -30.74
CA TYR C 359 0.08 -22.00 -30.69
C TYR C 359 1.09 -22.72 -29.79
N LEU C 360 2.14 -23.28 -30.39
CA LEU C 360 3.15 -24.04 -29.67
C LEU C 360 4.52 -23.46 -29.98
N GLY C 361 5.14 -22.82 -29.00
CA GLY C 361 6.45 -22.26 -29.19
C GLY C 361 7.18 -22.06 -27.88
N VAL C 362 8.34 -21.42 -27.98
CA VAL C 362 9.19 -21.13 -26.83
C VAL C 362 9.36 -19.62 -26.73
N LEU C 363 9.30 -19.11 -25.51
CA LEU C 363 9.36 -17.69 -25.23
C LEU C 363 10.66 -17.39 -24.49
N LEU C 364 11.63 -16.80 -25.19
CA LEU C 364 12.91 -16.44 -24.60
C LEU C 364 12.84 -15.01 -24.08
N MET C 365 13.21 -14.82 -22.83
CA MET C 365 13.07 -13.54 -22.15
C MET C 365 14.34 -13.19 -21.39
N GLY C 366 14.62 -11.90 -21.28
CA GLY C 366 15.77 -11.39 -20.57
C GLY C 366 16.78 -10.66 -21.43
N HIS C 367 16.73 -10.85 -22.75
CA HIS C 367 17.69 -10.23 -23.65
C HIS C 367 17.33 -8.77 -23.90
N GLU C 368 18.14 -8.11 -24.75
CA GLU C 368 17.94 -6.69 -25.01
C GLU C 368 16.55 -6.40 -25.56
N LYS C 369 16.06 -7.24 -26.46
CA LYS C 369 14.73 -7.07 -27.04
C LYS C 369 13.62 -7.59 -26.13
N SER C 370 13.92 -7.81 -24.84
CA SER C 370 12.93 -8.17 -23.84
C SER C 370 12.39 -9.58 -24.04
N SER C 371 11.38 -9.73 -24.89
CA SER C 371 10.72 -11.02 -25.11
C SER C 371 10.76 -11.38 -26.59
N TYR C 372 10.77 -12.69 -26.86
CA TYR C 372 10.79 -13.20 -28.22
C TYR C 372 10.15 -14.58 -28.22
N TRP C 373 9.20 -14.79 -29.12
CA TRP C 373 8.43 -16.02 -29.21
C TRP C 373 8.63 -16.63 -30.59
N TYR C 374 9.12 -17.88 -30.64
CA TYR C 374 9.24 -18.62 -31.88
C TYR C 374 8.58 -19.98 -31.70
N GLY C 375 7.76 -20.36 -32.68
CA GLY C 375 7.07 -21.63 -32.61
C GLY C 375 6.19 -21.86 -33.81
N SER C 376 5.31 -22.84 -33.67
CA SER C 376 4.44 -23.29 -34.75
C SER C 376 3.01 -22.82 -34.50
N ILE C 377 2.40 -22.22 -35.52
CA ILE C 377 1.00 -21.82 -35.49
C ILE C 377 0.28 -22.71 -36.49
N LEU C 378 -0.45 -23.70 -35.99
CA LEU C 378 -1.14 -24.67 -36.84
C LEU C 378 -2.64 -24.57 -36.60
N SER C 379 -3.38 -24.23 -37.64
CA SER C 379 -4.83 -24.16 -37.56
C SER C 379 -5.45 -25.54 -37.77
N ILE C 380 -6.61 -25.75 -37.16
CA ILE C 380 -7.34 -27.00 -37.36
C ILE C 380 -7.62 -27.21 -38.85
N GLU C 381 -7.84 -26.13 -39.60
CA GLU C 381 -8.10 -26.25 -41.02
C GLU C 381 -6.88 -26.77 -41.76
N LYS C 382 -5.70 -26.17 -41.49
CA LYS C 382 -4.48 -26.60 -42.15
C LYS C 382 -4.18 -28.06 -41.86
N ALA C 383 -4.45 -28.50 -40.63
CA ALA C 383 -4.17 -29.89 -40.28
C ALA C 383 -5.09 -30.84 -41.04
N LYS C 384 -6.35 -30.48 -41.21
CA LYS C 384 -7.29 -31.36 -41.89
C LYS C 384 -6.90 -31.59 -43.35
N GLU C 385 -6.25 -30.62 -43.98
CA GLU C 385 -5.83 -30.76 -45.38
C GLU C 385 -4.41 -31.28 -45.51
N LEU C 386 -3.71 -31.51 -44.40
CA LEU C 386 -2.37 -32.09 -44.43
C LEU C 386 -2.36 -33.58 -44.10
N ALA C 387 -3.30 -34.05 -43.28
CA ALA C 387 -3.38 -35.46 -42.92
C ALA C 387 -4.67 -35.69 -42.15
N THR C 388 -5.17 -36.92 -42.23
CA THR C 388 -6.39 -37.29 -41.54
C THR C 388 -6.08 -37.79 -40.13
N LEU C 389 -7.13 -38.03 -39.36
CA LEU C 389 -7.01 -38.51 -37.99
C LEU C 389 -6.12 -37.57 -37.17
N ASN C 390 -6.23 -36.28 -37.44
CA ASN C 390 -5.32 -35.29 -36.87
C ASN C 390 -6.05 -33.99 -36.58
N THR C 391 -5.83 -33.44 -35.40
CA THR C 391 -6.18 -32.07 -35.09
C THR C 391 -4.89 -31.24 -35.17
N ALA C 392 -4.98 -29.97 -34.78
CA ALA C 392 -3.79 -29.14 -34.74
C ALA C 392 -2.82 -29.65 -33.67
N THR C 393 -3.35 -30.15 -32.56
CA THR C 393 -2.49 -30.65 -31.49
C THR C 393 -1.77 -31.93 -31.91
N THR C 394 -2.54 -32.95 -32.31
CA THR C 394 -1.93 -34.24 -32.60
C THR C 394 -0.93 -34.14 -33.74
N LEU C 395 -1.23 -33.35 -34.77
CA LEU C 395 -0.34 -33.28 -35.92
C LEU C 395 1.04 -32.74 -35.52
N GLN C 396 1.07 -31.75 -34.63
CA GLN C 396 2.36 -31.25 -34.14
C GLN C 396 3.13 -32.34 -33.42
N VAL C 397 2.43 -33.17 -32.63
CA VAL C 397 3.07 -34.30 -31.98
C VAL C 397 3.51 -35.32 -33.02
N ALA C 398 2.61 -35.67 -33.93
CA ALA C 398 2.94 -36.64 -34.98
C ALA C 398 4.14 -36.17 -35.79
N ALA C 399 4.23 -34.87 -36.05
CA ALA C 399 5.39 -34.33 -36.76
C ALA C 399 6.68 -34.59 -35.98
N GLY C 400 6.62 -34.46 -34.66
CA GLY C 400 7.78 -34.77 -33.85
C GLY C 400 8.15 -36.25 -33.91
N VAL C 401 7.15 -37.12 -33.92
CA VAL C 401 7.40 -38.55 -34.06
C VAL C 401 8.10 -38.82 -35.40
N LEU C 402 7.55 -38.26 -36.48
CA LEU C 402 8.15 -38.49 -37.80
C LEU C 402 9.56 -37.94 -37.85
N SER C 403 9.80 -36.75 -37.30
CA SER C 403 11.12 -36.17 -37.29
C SER C 403 12.12 -37.09 -36.60
N GLY C 404 11.84 -37.46 -35.35
CA GLY C 404 12.72 -38.37 -34.63
C GLY C 404 12.82 -39.73 -35.30
N TYR C 405 11.73 -40.19 -35.90
CA TYR C 405 11.75 -41.47 -36.61
C TYR C 405 12.76 -41.45 -37.74
N LEU C 406 12.76 -40.37 -38.54
CA LEU C 406 13.70 -40.29 -39.65
C LEU C 406 15.12 -40.02 -39.18
N TRP C 407 15.29 -39.39 -38.01
CA TRP C 407 16.63 -39.14 -37.50
C TRP C 407 17.33 -40.44 -37.14
N ILE C 408 16.66 -41.31 -36.40
CA ILE C 408 17.30 -42.54 -35.93
C ILE C 408 17.65 -43.45 -37.10
N LEU C 409 16.89 -43.37 -38.20
CA LEU C 409 17.22 -44.18 -39.37
C LEU C 409 18.49 -43.69 -40.04
N SER C 410 18.69 -42.37 -40.10
CA SER C 410 19.92 -41.80 -40.64
C SER C 410 21.02 -41.67 -39.60
N HIS C 411 20.73 -41.95 -38.32
CA HIS C 411 21.73 -41.95 -37.26
C HIS C 411 21.43 -43.12 -36.33
N PRO C 412 21.66 -44.35 -36.79
CA PRO C 412 21.26 -45.53 -36.02
C PRO C 412 22.27 -46.04 -35.01
N SER C 413 23.41 -45.36 -34.83
CA SER C 413 24.46 -45.81 -33.93
C SER C 413 24.90 -44.67 -33.01
N ALA C 414 23.94 -44.04 -32.34
CA ALA C 414 24.20 -42.89 -31.49
C ALA C 414 23.92 -43.14 -30.02
N GLY C 415 23.40 -44.32 -29.66
CA GLY C 415 23.08 -44.58 -28.27
C GLY C 415 21.85 -43.78 -27.83
N ILE C 416 21.74 -43.62 -26.52
CA ILE C 416 20.62 -42.88 -25.94
C ILE C 416 20.85 -41.40 -26.15
N ILE C 417 19.87 -40.73 -26.76
CA ILE C 417 19.97 -39.32 -27.09
C ILE C 417 18.64 -38.62 -26.79
N GLU C 418 18.70 -37.29 -26.74
CA GLU C 418 17.53 -36.44 -26.59
C GLU C 418 17.49 -35.48 -27.77
N ALA C 419 16.44 -34.63 -27.78
CA ALA C 419 16.29 -33.67 -28.87
C ALA C 419 17.47 -32.72 -28.95
N GLU C 420 18.05 -32.36 -27.80
CA GLU C 420 19.18 -31.44 -27.79
C GLU C 420 20.42 -32.03 -28.45
N ASP C 421 20.50 -33.36 -28.56
CA ASP C 421 21.63 -34.00 -29.22
C ASP C 421 21.50 -34.03 -30.74
N MET C 422 20.35 -33.67 -31.29
CA MET C 422 20.12 -33.72 -32.71
C MET C 422 20.47 -32.37 -33.36
N ASP C 423 20.47 -32.37 -34.70
CA ASP C 423 20.66 -31.15 -35.46
C ASP C 423 19.29 -30.51 -35.69
N HIS C 424 19.02 -29.41 -35.00
CA HIS C 424 17.71 -28.78 -35.08
C HIS C 424 17.37 -28.39 -36.51
N GLU C 425 18.36 -27.94 -37.28
CA GLU C 425 18.11 -27.56 -38.66
C GLU C 425 17.61 -28.74 -39.47
N VAL C 426 18.23 -29.91 -39.30
CA VAL C 426 17.81 -31.11 -40.03
C VAL C 426 16.48 -31.61 -39.49
N ALA C 427 16.35 -31.68 -38.16
CA ALA C 427 15.14 -32.24 -37.57
C ALA C 427 13.89 -31.49 -38.03
N LEU C 428 13.97 -30.16 -38.12
CA LEU C 428 12.82 -29.38 -38.54
C LEU C 428 12.56 -29.50 -40.04
N SER C 429 13.60 -29.64 -40.84
CA SER C 429 13.41 -29.76 -42.30
C SER C 429 12.58 -30.99 -42.63
N TYR C 430 12.65 -32.04 -41.82
CA TYR C 430 11.88 -33.25 -42.10
C TYR C 430 10.39 -32.96 -42.15
N ILE C 431 9.91 -32.00 -41.35
CA ILE C 431 8.48 -31.92 -41.04
C ILE C 431 7.97 -30.49 -41.06
N SER C 432 8.79 -29.56 -41.55
CA SER C 432 8.38 -28.15 -41.57
C SER C 432 7.02 -27.96 -42.24
N GLN C 433 6.70 -28.82 -43.20
CA GLN C 433 5.43 -28.70 -43.92
C GLN C 433 4.22 -29.05 -43.07
N TYR C 434 4.41 -29.68 -41.92
CA TYR C 434 3.30 -30.08 -41.05
C TYR C 434 3.11 -29.14 -39.86
N LEU C 435 3.97 -28.16 -39.68
CA LEU C 435 3.87 -27.24 -38.55
C LEU C 435 3.11 -25.96 -38.88
N GLY C 436 2.40 -25.93 -40.01
CA GLY C 436 1.65 -24.76 -40.39
C GLY C 436 2.53 -23.55 -40.61
N GLU C 437 2.42 -22.55 -39.74
CA GLU C 437 3.17 -21.32 -39.85
C GLU C 437 4.24 -21.28 -38.76
N LEU C 438 5.51 -21.24 -39.16
CA LEU C 438 6.61 -21.04 -38.24
C LEU C 438 6.93 -19.55 -38.20
N LYS C 439 6.72 -18.93 -37.04
CA LYS C 439 6.79 -17.48 -36.89
C LYS C 439 7.64 -17.12 -35.68
N GLY C 440 8.35 -16.00 -35.79
CA GLY C 440 9.10 -15.44 -34.68
C GLY C 440 8.64 -14.03 -34.37
N VAL C 441 8.18 -13.79 -33.15
CA VAL C 441 7.58 -12.52 -32.76
C VAL C 441 8.38 -11.94 -31.61
N TYR C 442 8.69 -10.65 -31.69
CA TYR C 442 9.29 -9.91 -30.60
C TYR C 442 8.21 -9.17 -29.82
N SER C 443 8.58 -8.68 -28.64
CA SER C 443 7.66 -7.94 -27.80
C SER C 443 8.40 -7.39 -26.59
N ASP C 444 8.04 -6.19 -26.17
CA ASP C 444 8.61 -5.57 -24.98
C ASP C 444 7.92 -6.02 -23.69
N TRP C 445 7.14 -7.10 -23.75
CA TRP C 445 6.36 -7.52 -22.60
C TRP C 445 7.24 -8.09 -21.50
N ASN C 446 6.80 -7.86 -20.26
CA ASN C 446 7.35 -8.53 -19.10
C ASN C 446 6.28 -8.54 -18.01
N PRO C 447 6.39 -9.42 -17.03
CA PRO C 447 5.25 -9.62 -16.10
C PRO C 447 5.13 -8.57 -15.02
N THR C 448 5.74 -7.39 -15.19
CA THR C 448 5.70 -6.35 -14.17
C THR C 448 5.17 -5.02 -14.70
N LYS C 449 4.71 -4.96 -15.94
CA LYS C 449 4.28 -3.69 -16.52
C LYS C 449 3.00 -3.15 -15.90
N ASN C 450 2.35 -3.91 -15.02
CA ASN C 450 1.11 -3.46 -14.40
C ASN C 450 1.36 -2.99 -12.97
N ASP C 461 17.10 -7.82 -14.39
CA ASP C 461 17.05 -8.98 -13.51
C ASP C 461 15.76 -9.00 -12.70
N SER C 462 15.44 -7.85 -12.08
CA SER C 462 14.27 -7.79 -11.22
C SER C 462 12.96 -8.13 -11.94
N PRO C 463 12.71 -7.68 -13.17
CA PRO C 463 11.43 -8.01 -13.81
C PRO C 463 11.30 -9.47 -14.22
N TRP C 464 12.39 -10.24 -14.23
CA TRP C 464 12.37 -11.63 -14.68
C TRP C 464 12.40 -12.61 -13.52
N LEU C 465 12.12 -12.16 -12.30
CA LEU C 465 12.09 -13.05 -11.15
C LEU C 465 10.79 -13.86 -11.16
N PHE C 466 10.90 -15.12 -10.72
CA PHE C 466 9.76 -16.02 -10.77
C PHE C 466 8.55 -15.46 -10.04
N SER C 467 8.79 -14.71 -8.96
CA SER C 467 7.68 -14.12 -8.22
C SER C 467 6.81 -13.23 -9.10
N ASN C 468 7.41 -12.62 -10.12
CA ASN C 468 6.64 -11.75 -11.01
C ASN C 468 5.75 -12.57 -11.95
N PHE C 469 6.11 -13.81 -12.25
CA PHE C 469 5.36 -14.64 -13.18
C PHE C 469 4.22 -15.39 -12.48
N VAL C 470 4.51 -16.04 -11.35
CA VAL C 470 3.56 -16.94 -10.72
C VAL C 470 2.51 -16.11 -9.97
N LEU C 471 1.32 -16.69 -9.83
CA LEU C 471 0.25 -16.06 -9.07
C LEU C 471 0.08 -16.76 -7.72
N ILE D 7 -53.21 -5.13 -4.85
CA ILE D 7 -52.25 -4.09 -4.47
C ILE D 7 -52.34 -2.95 -5.47
N ASN D 8 -52.64 -1.73 -4.97
CA ASN D 8 -52.81 -0.57 -5.81
C ASN D 8 -51.47 0.10 -6.11
N PRO D 9 -51.32 0.71 -7.28
CA PRO D 9 -50.03 1.29 -7.66
C PRO D 9 -49.76 2.57 -6.91
N PRO D 10 -48.49 2.97 -6.80
CA PRO D 10 -48.16 4.26 -6.19
C PRO D 10 -48.38 5.38 -7.20
N GLN D 11 -48.07 6.61 -6.77
CA GLN D 11 -48.17 7.76 -7.66
C GLN D 11 -46.99 7.82 -8.62
N ARG D 12 -45.78 7.52 -8.13
CA ARG D 12 -44.58 7.74 -8.90
C ARG D 12 -43.53 6.69 -8.56
N ILE D 13 -42.72 6.35 -9.56
CA ILE D 13 -41.58 5.44 -9.39
C ILE D 13 -40.34 6.17 -9.89
N VAL D 14 -39.29 6.17 -9.08
CA VAL D 14 -38.02 6.81 -9.40
C VAL D 14 -36.96 5.73 -9.46
N PHE D 15 -36.43 5.47 -10.65
CA PHE D 15 -35.37 4.49 -10.85
C PHE D 15 -34.02 5.18 -10.72
N VAL D 16 -33.29 4.88 -9.66
CA VAL D 16 -31.89 5.25 -9.55
C VAL D 16 -31.09 4.13 -10.21
N GLY D 17 -30.55 4.41 -11.40
CA GLY D 17 -29.92 3.39 -12.20
C GLY D 17 -30.91 2.75 -13.16
N LEU D 18 -30.61 2.80 -14.45
CA LEU D 18 -31.47 2.20 -15.48
C LEU D 18 -30.62 1.27 -16.35
N GLY D 19 -30.04 0.27 -15.72
CA GLY D 19 -29.17 -0.69 -16.37
C GLY D 19 -29.87 -1.98 -16.71
N THR D 20 -29.12 -3.08 -16.65
CA THR D 20 -29.66 -4.38 -17.04
C THR D 20 -30.83 -4.78 -16.16
N ILE D 21 -30.62 -4.80 -14.84
CA ILE D 21 -31.65 -5.27 -13.93
C ILE D 21 -32.86 -4.35 -13.98
N ALA D 22 -32.63 -3.04 -14.12
CA ALA D 22 -33.74 -2.10 -14.20
C ALA D 22 -34.60 -2.39 -15.42
N GLN D 23 -33.96 -2.56 -16.59
CA GLN D 23 -34.71 -2.83 -17.80
C GLN D 23 -35.33 -4.23 -17.78
N SER D 24 -34.66 -5.19 -17.15
CA SER D 24 -35.23 -6.53 -17.00
C SER D 24 -36.45 -6.53 -16.11
N PHE D 25 -36.58 -5.54 -15.22
CA PHE D 25 -37.71 -5.45 -14.30
C PHE D 25 -38.90 -4.73 -14.90
N LEU D 26 -38.71 -3.98 -16.00
CA LEU D 26 -39.83 -3.25 -16.58
C LEU D 26 -40.90 -4.19 -17.13
N PRO D 27 -40.57 -5.24 -17.88
CA PRO D 27 -41.63 -6.15 -18.35
C PRO D 27 -42.47 -6.71 -17.21
N LEU D 28 -41.82 -7.15 -16.13
CA LEU D 28 -42.56 -7.67 -14.98
C LEU D 28 -43.46 -6.62 -14.38
N LEU D 29 -42.96 -5.38 -14.24
CA LEU D 29 -43.76 -4.31 -13.69
C LEU D 29 -44.93 -3.96 -14.61
N SER D 30 -44.72 -4.06 -15.93
CA SER D 30 -45.77 -3.75 -16.89
C SER D 30 -46.99 -4.63 -16.66
N LYS D 31 -46.77 -5.90 -16.31
CA LYS D 31 -47.89 -6.84 -16.15
C LYS D 31 -48.73 -6.54 -14.92
N VAL D 32 -48.18 -5.84 -13.93
CA VAL D 32 -48.88 -5.59 -12.67
C VAL D 32 -49.50 -4.20 -12.65
N HIS D 33 -48.77 -3.19 -13.10
CA HIS D 33 -49.21 -1.80 -13.03
C HIS D 33 -48.98 -1.12 -14.37
N ASP D 34 -50.05 -0.55 -14.93
CA ASP D 34 -49.95 0.15 -16.21
C ASP D 34 -48.93 1.27 -16.10
N LEU D 35 -47.81 1.14 -16.83
CA LEU D 35 -46.74 2.13 -16.74
C LEU D 35 -47.17 3.48 -17.30
N SER D 36 -48.01 3.48 -18.33
CA SER D 36 -48.45 4.74 -18.92
C SER D 36 -49.21 5.60 -17.92
N THR D 37 -49.89 4.97 -16.96
CA THR D 37 -50.67 5.71 -15.97
C THR D 37 -49.82 6.19 -14.81
N LEU D 38 -48.63 5.63 -14.61
CA LEU D 38 -47.76 6.03 -13.52
C LEU D 38 -46.67 6.98 -14.02
N GLU D 39 -46.33 7.95 -13.18
CA GLU D 39 -45.23 8.86 -13.47
C GLU D 39 -43.92 8.16 -13.11
N ILE D 40 -43.05 7.96 -14.11
CA ILE D 40 -41.85 7.17 -13.95
C ILE D 40 -40.64 8.05 -14.26
N TYR D 41 -39.72 8.14 -13.32
CA TYR D 41 -38.45 8.82 -13.50
C TYR D 41 -37.30 7.81 -13.44
N ALA D 42 -36.23 8.11 -14.16
CA ALA D 42 -35.04 7.27 -14.15
C ALA D 42 -33.80 8.15 -14.21
N ILE D 43 -32.78 7.80 -13.44
CA ILE D 43 -31.54 8.57 -13.35
C ILE D 43 -30.38 7.61 -13.62
N ASP D 44 -29.57 7.94 -14.62
CA ASP D 44 -28.44 7.08 -14.97
C ASP D 44 -27.44 7.85 -15.83
N PRO D 45 -26.15 7.83 -15.49
CA PRO D 45 -25.16 8.49 -16.37
C PRO D 45 -25.09 7.87 -17.75
N LYS D 46 -25.38 6.58 -17.86
CA LYS D 46 -25.42 5.91 -19.15
C LYS D 46 -26.81 6.02 -19.75
N THR D 47 -26.89 6.47 -21.00
CA THR D 47 -28.16 6.57 -21.71
C THR D 47 -28.45 5.21 -22.36
N PRO D 48 -29.51 4.50 -21.95
CA PRO D 48 -29.83 3.23 -22.61
C PRO D 48 -30.26 3.46 -24.05
N PRO D 49 -29.89 2.58 -24.97
CA PRO D 49 -30.33 2.75 -26.36
C PRO D 49 -31.83 2.61 -26.55
N LEU D 50 -32.54 2.07 -25.57
CA LEU D 50 -33.99 1.96 -25.62
C LEU D 50 -34.69 3.10 -24.87
N ILE D 51 -33.97 4.18 -24.57
CA ILE D 51 -34.54 5.23 -23.74
C ILE D 51 -35.66 5.94 -24.48
N GLU D 52 -35.50 6.18 -25.78
CA GLU D 52 -36.56 6.80 -26.56
C GLU D 52 -37.79 5.91 -26.59
N TYR D 53 -37.61 4.60 -26.75
CA TYR D 53 -38.74 3.68 -26.74
C TYR D 53 -39.49 3.74 -25.41
N PHE D 54 -38.75 3.76 -24.30
CA PHE D 54 -39.39 3.90 -22.99
C PHE D 54 -40.17 5.21 -22.91
N ALA D 55 -39.61 6.28 -23.47
CA ALA D 55 -40.28 7.58 -23.40
C ALA D 55 -41.57 7.56 -24.19
N ASN D 56 -41.53 7.06 -25.43
CA ASN D 56 -42.72 7.01 -26.28
C ASN D 56 -43.63 5.84 -25.99
N SER D 57 -43.26 4.94 -25.08
CA SER D 57 -44.09 3.81 -24.72
C SER D 57 -44.91 4.04 -23.47
N PHE D 58 -44.34 4.69 -22.45
CA PHE D 58 -45.09 4.97 -21.22
C PHE D 58 -44.64 6.25 -20.54
N GLY D 59 -43.99 7.16 -21.26
CA GLY D 59 -43.64 8.46 -20.70
C GLY D 59 -42.58 8.42 -19.62
N LEU D 60 -41.54 7.60 -19.81
CA LEU D 60 -40.44 7.58 -18.85
C LEU D 60 -39.64 8.87 -18.95
N LYS D 61 -39.40 9.50 -17.80
CA LYS D 61 -38.68 10.77 -17.73
C LYS D 61 -37.26 10.50 -17.27
N PHE D 62 -36.29 10.70 -18.16
CA PHE D 62 -34.91 10.31 -17.93
C PHE D 62 -34.07 11.52 -17.53
N ILE D 63 -33.20 11.31 -16.56
CA ILE D 63 -32.25 12.33 -16.10
C ILE D 63 -30.86 11.75 -16.29
N ASN D 64 -30.18 12.20 -17.35
CA ASN D 64 -28.84 11.69 -17.69
C ASN D 64 -27.82 12.36 -16.78
N SER D 65 -27.69 11.83 -15.56
CA SER D 65 -26.75 12.37 -14.59
C SER D 65 -26.27 11.25 -13.68
N ALA D 66 -25.07 11.43 -13.13
CA ALA D 66 -24.50 10.52 -12.15
C ALA D 66 -24.76 11.09 -10.76
N ILE D 67 -25.45 10.32 -9.93
CA ILE D 67 -25.75 10.73 -8.56
C ILE D 67 -24.53 10.47 -7.69
N ASP D 68 -23.94 11.53 -7.17
CA ASP D 68 -22.79 11.44 -6.26
C ASP D 68 -23.13 12.09 -4.93
N GLN D 69 -22.13 12.14 -4.05
CA GLN D 69 -22.34 12.62 -2.68
C GLN D 69 -22.67 14.11 -2.63
N ILE D 70 -22.58 14.81 -3.74
CA ILE D 70 -22.80 16.26 -3.78
C ILE D 70 -24.20 16.59 -4.27
N ASN D 71 -24.61 16.00 -5.39
CA ASN D 71 -25.82 16.42 -6.08
C ASN D 71 -27.02 15.51 -5.83
N TYR D 72 -26.88 14.49 -4.99
CA TYR D 72 -27.97 13.53 -4.84
C TYR D 72 -29.21 14.14 -4.20
N ARG D 73 -29.06 15.23 -3.44
CA ARG D 73 -30.22 15.93 -2.90
C ARG D 73 -30.84 16.83 -3.97
N ASP D 74 -30.01 17.64 -4.64
CA ASP D 74 -30.51 18.53 -5.68
C ASP D 74 -31.29 17.77 -6.74
N ILE D 75 -30.93 16.52 -7.00
CA ILE D 75 -31.56 15.75 -8.06
C ILE D 75 -32.81 15.02 -7.57
N LEU D 76 -32.80 14.52 -6.35
CA LEU D 76 -33.85 13.63 -5.87
C LEU D 76 -34.94 14.32 -5.06
N VAL D 77 -34.61 15.42 -4.38
CA VAL D 77 -35.62 16.10 -3.55
C VAL D 77 -36.87 16.43 -4.34
N PRO D 78 -36.79 17.00 -5.55
CA PRO D 78 -38.03 17.41 -6.24
C PRO D 78 -38.79 16.26 -6.90
N ILE D 79 -38.50 15.02 -6.53
CA ILE D 79 -39.22 13.88 -7.09
C ILE D 79 -39.37 12.77 -6.05
N LEU D 80 -39.34 13.14 -4.77
CA LEU D 80 -39.52 12.18 -3.68
C LEU D 80 -40.59 12.70 -2.73
N GLY D 81 -41.64 11.92 -2.54
CA GLY D 81 -42.70 12.29 -1.63
C GLY D 81 -43.61 11.11 -1.37
N GLU D 82 -44.72 11.39 -0.68
CA GLU D 82 -45.71 10.35 -0.43
C GLU D 82 -46.19 9.76 -1.74
N GLY D 83 -46.35 8.45 -1.77
CA GLY D 83 -46.74 7.75 -2.98
C GLY D 83 -45.63 7.57 -3.99
N THR D 84 -44.39 7.84 -3.62
CA THR D 84 -43.24 7.66 -4.50
C THR D 84 -42.43 6.46 -4.01
N VAL D 85 -42.04 5.60 -4.94
CA VAL D 85 -41.16 4.47 -4.66
C VAL D 85 -39.83 4.73 -5.35
N LEU D 86 -38.76 4.70 -4.57
CA LEU D 86 -37.40 4.83 -5.12
C LEU D 86 -36.86 3.41 -5.33
N ILE D 87 -36.71 3.02 -6.59
CA ILE D 87 -36.16 1.72 -6.95
C ILE D 87 -34.68 1.95 -7.29
N ASN D 88 -33.80 1.54 -6.39
CA ASN D 88 -32.36 1.72 -6.56
C ASN D 88 -31.77 0.44 -7.15
N LEU D 89 -31.51 0.46 -8.46
CA LEU D 89 -30.84 -0.64 -9.13
C LEU D 89 -29.57 -0.12 -9.78
N SER D 90 -28.74 0.55 -9.00
CA SER D 90 -27.54 1.23 -9.49
C SER D 90 -26.31 0.75 -8.75
N THR D 91 -25.16 1.19 -9.23
CA THR D 91 -23.88 1.00 -8.56
C THR D 91 -23.32 2.36 -8.19
N ASP D 92 -22.39 2.35 -7.24
CA ASP D 92 -21.64 3.54 -6.85
C ASP D 92 -22.51 4.62 -6.22
N VAL D 93 -23.69 4.25 -5.72
CA VAL D 93 -24.60 5.17 -5.05
C VAL D 93 -24.90 4.60 -3.67
N SER D 94 -24.67 5.42 -2.64
CA SER D 94 -24.83 4.95 -1.27
C SER D 94 -26.29 4.63 -0.99
N SER D 95 -26.56 3.39 -0.57
CA SER D 95 -27.92 3.02 -0.20
C SER D 95 -28.37 3.73 1.06
N LEU D 96 -27.48 3.84 2.05
CA LEU D 96 -27.85 4.47 3.31
C LEU D 96 -28.24 5.93 3.11
N ALA D 97 -27.56 6.62 2.18
CA ALA D 97 -27.90 8.02 1.92
C ALA D 97 -29.29 8.15 1.34
N LEU D 98 -29.67 7.27 0.41
CA LEU D 98 -30.98 7.35 -0.21
C LEU D 98 -32.08 6.93 0.76
N ILE D 99 -31.81 5.93 1.59
CA ILE D 99 -32.79 5.50 2.59
C ILE D 99 -33.12 6.66 3.52
N GLU D 100 -32.10 7.39 3.97
CA GLU D 100 -32.34 8.52 4.86
C GLU D 100 -33.08 9.64 4.15
N LEU D 101 -32.80 9.84 2.86
CA LEU D 101 -33.50 10.86 2.09
C LEU D 101 -34.94 10.46 1.80
N CYS D 102 -35.20 9.16 1.64
CA CYS D 102 -36.56 8.69 1.42
C CYS D 102 -37.40 8.79 2.68
N ARG D 103 -36.76 8.74 3.85
CA ARG D 103 -37.50 8.87 5.11
C ARG D 103 -38.04 10.28 5.29
N SER D 104 -37.17 11.29 5.12
CA SER D 104 -37.60 12.67 5.30
C SER D 104 -38.72 13.05 4.35
N ALA D 105 -38.78 12.41 3.18
CA ALA D 105 -39.79 12.71 2.18
C ALA D 105 -40.99 11.77 2.23
N GLY D 106 -40.94 10.73 3.06
CA GLY D 106 -42.04 9.79 3.12
C GLY D 106 -42.16 8.90 1.92
N ALA D 107 -41.06 8.61 1.23
CA ALA D 107 -41.06 7.77 0.05
C ALA D 107 -40.61 6.35 0.42
N LEU D 108 -41.09 5.38 -0.35
CA LEU D 108 -40.69 4.00 -0.19
C LEU D 108 -39.36 3.75 -0.89
N TYR D 109 -38.57 2.83 -0.33
CA TYR D 109 -37.24 2.52 -0.85
C TYR D 109 -37.11 1.02 -1.09
N LEU D 110 -36.47 0.66 -2.20
CA LEU D 110 -36.21 -0.73 -2.53
C LEU D 110 -34.91 -0.81 -3.31
N ASP D 111 -34.00 -1.67 -2.86
CA ASP D 111 -32.78 -1.96 -3.60
C ASP D 111 -32.46 -3.45 -3.45
N THR D 112 -31.42 -3.89 -4.15
CA THR D 112 -31.00 -5.28 -4.12
C THR D 112 -29.61 -5.45 -3.52
N CYS D 113 -29.01 -4.40 -2.98
CA CYS D 113 -27.64 -4.49 -2.48
C CYS D 113 -27.25 -3.24 -1.72
N ILE D 114 -26.85 -3.39 -0.46
CA ILE D 114 -26.35 -2.27 0.33
C ILE D 114 -25.06 -1.77 -0.32
N GLU D 115 -25.15 -0.67 -1.05
CA GLU D 115 -24.04 -0.16 -1.84
C GLU D 115 -23.42 1.06 -1.15
N PRO D 116 -22.10 1.19 -1.16
CA PRO D 116 -21.48 2.43 -0.70
C PRO D 116 -21.26 3.40 -1.86
N TRP D 117 -20.85 4.61 -1.52
CA TRP D 117 -20.45 5.57 -2.55
C TRP D 117 -19.30 5.00 -3.37
N LYS D 118 -19.13 5.57 -4.57
CA LYS D 118 -18.06 5.12 -5.46
C LYS D 118 -16.74 4.99 -4.71
N GLY D 119 -16.12 3.82 -4.83
CA GLY D 119 -14.85 3.57 -4.18
C GLY D 119 -14.94 2.96 -2.79
N GLY D 120 -16.14 2.57 -2.34
CA GLY D 120 -16.29 2.04 -1.01
C GLY D 120 -15.80 0.61 -0.85
N TYR D 121 -15.57 -0.10 -1.96
CA TYR D 121 -15.13 -1.49 -1.91
C TYR D 121 -13.62 -1.65 -2.03
N ASP D 122 -12.97 -0.87 -2.90
CA ASP D 122 -11.60 -1.13 -3.29
C ASP D 122 -10.62 -0.01 -2.93
N ASP D 123 -11.07 1.05 -2.28
CA ASP D 123 -10.17 2.13 -1.90
C ASP D 123 -9.17 1.61 -0.87
N PRO D 124 -7.88 1.48 -1.20
CA PRO D 124 -6.92 0.94 -0.21
C PRO D 124 -6.71 1.83 0.99
N THR D 125 -7.09 3.12 0.91
CA THR D 125 -6.94 4.02 2.05
C THR D 125 -7.99 3.80 3.13
N ILE D 126 -8.97 2.92 2.88
CA ILE D 126 -9.97 2.58 3.89
C ILE D 126 -9.57 1.27 4.54
N PRO D 127 -9.69 1.11 5.86
CA PRO D 127 -9.33 -0.17 6.48
C PRO D 127 -10.10 -1.33 5.86
N LEU D 128 -9.41 -2.47 5.72
CA LEU D 128 -10.02 -3.63 5.08
C LEU D 128 -11.32 -4.02 5.78
N HIS D 129 -11.31 -4.06 7.11
CA HIS D 129 -12.50 -4.48 7.84
C HIS D 129 -13.67 -3.54 7.65
N LYS D 130 -13.45 -2.35 7.09
CA LYS D 130 -14.53 -1.40 6.78
C LYS D 130 -15.02 -1.51 5.35
N ARG D 131 -14.41 -2.37 4.53
CA ARG D 131 -14.79 -2.53 3.13
C ARG D 131 -15.47 -3.87 2.87
N THR D 132 -15.98 -4.52 3.92
CA THR D 132 -16.61 -5.82 3.81
C THR D 132 -18.12 -5.69 3.84
N ASN D 133 -18.80 -6.68 3.25
CA ASN D 133 -20.26 -6.70 3.30
C ASN D 133 -20.77 -6.72 4.74
N TYR D 134 -20.04 -7.38 5.64
CA TYR D 134 -20.43 -7.35 7.05
C TYR D 134 -20.50 -5.92 7.57
N HIS D 135 -19.50 -5.10 7.24
CA HIS D 135 -19.47 -3.73 7.73
C HIS D 135 -20.63 -2.93 7.17
N LEU D 136 -20.86 -3.02 5.85
CA LEU D 136 -21.97 -2.30 5.25
C LEU D 136 -23.29 -2.68 5.90
N ARG D 137 -23.51 -3.98 6.14
CA ARG D 137 -24.72 -4.40 6.85
C ARG D 137 -24.75 -3.85 8.26
N GLU D 138 -23.59 -3.80 8.93
CA GLU D 138 -23.51 -3.26 10.28
C GLU D 138 -23.97 -1.80 10.30
N GLN D 139 -23.57 -1.03 9.28
CA GLN D 139 -24.03 0.36 9.21
C GLN D 139 -25.52 0.43 8.89
N MET D 140 -25.99 -0.43 8.00
CA MET D 140 -27.42 -0.47 7.69
C MET D 140 -28.23 -0.78 8.94
N LEU D 141 -27.76 -1.72 9.76
CA LEU D 141 -28.47 -2.07 10.99
C LEU D 141 -28.43 -0.91 11.98
N SER D 142 -27.36 -0.12 11.99
CA SER D 142 -27.29 1.04 12.87
C SER D 142 -28.33 2.09 12.46
N LEU D 143 -28.43 2.37 11.16
CA LEU D 143 -29.45 3.30 10.68
C LEU D 143 -30.84 2.76 10.98
N LYS D 144 -31.05 1.46 10.81
CA LYS D 144 -32.32 0.84 11.17
C LYS D 144 -32.69 1.14 12.62
N LYS D 145 -31.70 1.08 13.52
CA LYS D 145 -31.96 1.37 14.92
C LYS D 145 -32.12 2.87 15.17
N ARG D 146 -31.49 3.70 14.34
CA ARG D 146 -31.55 5.15 14.55
C ARG D 146 -32.90 5.71 14.12
N LEU D 147 -33.46 5.19 13.03
CA LEU D 147 -34.71 5.72 12.49
C LEU D 147 -35.96 5.09 13.10
N GLY D 148 -35.87 3.84 13.55
CA GLY D 148 -37.03 3.19 14.11
C GLY D 148 -38.11 2.96 13.06
N SER D 149 -39.35 2.91 13.54
CA SER D 149 -40.48 2.67 12.65
C SER D 149 -40.72 3.88 11.75
N GLY D 150 -41.30 3.61 10.59
CA GLY D 150 -41.57 4.66 9.62
C GLY D 150 -41.83 4.05 8.25
N VAL D 151 -41.59 4.86 7.22
CA VAL D 151 -41.77 4.40 5.85
C VAL D 151 -40.86 3.20 5.60
N THR D 152 -41.38 2.23 4.84
CA THR D 152 -40.65 0.99 4.62
C THR D 152 -39.49 1.22 3.66
N ALA D 153 -38.33 0.66 4.01
CA ALA D 153 -37.15 0.66 3.15
C ALA D 153 -36.59 -0.77 3.14
N LEU D 154 -36.86 -1.50 2.08
CA LEU D 154 -36.42 -2.89 1.94
C LEU D 154 -35.08 -2.92 1.20
N VAL D 155 -34.06 -3.46 1.86
CA VAL D 155 -32.71 -3.48 1.30
C VAL D 155 -32.32 -4.93 1.00
N ALA D 156 -31.46 -5.10 0.00
CA ALA D 156 -30.87 -6.39 -0.33
C ALA D 156 -31.96 -7.45 -0.59
N HIS D 157 -32.83 -7.14 -1.55
CA HIS D 157 -33.91 -8.05 -1.94
C HIS D 157 -33.90 -8.21 -3.46
N GLY D 158 -32.89 -8.90 -3.97
CA GLY D 158 -32.88 -9.36 -5.35
C GLY D 158 -33.05 -10.86 -5.38
N ALA D 159 -32.25 -11.54 -6.20
CA ALA D 159 -32.25 -13.01 -6.17
C ALA D 159 -31.39 -13.52 -5.03
N ASN D 160 -30.14 -13.06 -4.95
CA ASN D 160 -29.24 -13.41 -3.87
C ASN D 160 -28.30 -12.22 -3.62
N PRO D 161 -28.49 -11.47 -2.52
CA PRO D 161 -29.43 -11.67 -1.42
C PRO D 161 -30.89 -11.40 -1.80
N GLY D 162 -31.82 -11.97 -1.05
CA GLY D 162 -33.23 -11.71 -1.27
C GLY D 162 -34.07 -12.98 -1.29
N LEU D 163 -34.35 -13.49 -2.48
CA LEU D 163 -35.19 -14.68 -2.61
C LEU D 163 -34.57 -15.88 -1.89
N VAL D 164 -33.24 -15.98 -1.90
CA VAL D 164 -32.59 -17.14 -1.29
C VAL D 164 -32.88 -17.21 0.20
N SER D 165 -33.10 -16.06 0.84
CA SER D 165 -33.48 -16.07 2.26
C SER D 165 -34.85 -16.73 2.43
N HIS D 166 -35.78 -16.48 1.51
CA HIS D 166 -37.07 -17.15 1.54
C HIS D 166 -36.91 -18.65 1.31
N PHE D 167 -35.94 -19.04 0.47
CA PHE D 167 -35.70 -20.46 0.23
C PHE D 167 -35.27 -21.17 1.51
N VAL D 168 -34.38 -20.55 2.29
CA VAL D 168 -33.93 -21.16 3.54
C VAL D 168 -35.12 -21.51 4.42
N LYS D 169 -36.00 -20.54 4.65
CA LYS D 169 -37.19 -20.78 5.45
C LYS D 169 -37.99 -21.96 4.92
N ARG D 170 -38.28 -21.95 3.62
CA ARG D 170 -39.06 -23.04 3.04
C ARG D 170 -38.33 -24.37 3.19
N ALA D 171 -37.01 -24.38 2.95
CA ALA D 171 -36.24 -25.61 3.12
C ALA D 171 -36.31 -26.10 4.56
N LEU D 172 -36.20 -25.17 5.53
CA LEU D 172 -36.29 -25.56 6.93
C LEU D 172 -37.63 -26.17 7.26
N LEU D 173 -38.72 -25.70 6.62
CA LEU D 173 -40.03 -26.30 6.84
C LEU D 173 -40.13 -27.67 6.16
N ASP D 174 -39.60 -27.79 4.95
CA ASP D 174 -39.60 -29.07 4.26
C ASP D 174 -38.84 -30.13 5.07
N LEU D 175 -37.70 -29.76 5.65
CA LEU D 175 -36.94 -30.70 6.46
C LEU D 175 -37.68 -31.02 7.76
N ALA D 176 -38.27 -30.01 8.40
CA ALA D 176 -39.03 -30.24 9.62
C ALA D 176 -40.15 -31.23 9.39
N GLU D 177 -40.89 -31.09 8.28
CA GLU D 177 -41.96 -32.01 7.98
C GLU D 177 -41.45 -33.42 7.74
N GLU D 178 -40.37 -33.55 6.98
CA GLU D 178 -39.86 -34.87 6.62
C GLU D 178 -39.16 -35.53 7.81
N ILE D 179 -38.19 -34.83 8.41
CA ILE D 179 -37.37 -35.45 9.44
C ILE D 179 -38.09 -35.49 10.78
N LEU D 180 -38.80 -34.42 11.14
CA LEU D 180 -39.40 -34.30 12.46
C LEU D 180 -40.91 -34.46 12.46
N GLY D 181 -41.55 -34.57 11.29
CA GLY D 181 -43.00 -34.63 11.24
C GLY D 181 -43.67 -33.44 11.88
N ASP D 182 -43.02 -32.27 11.82
CA ASP D 182 -43.54 -31.05 12.43
C ASP D 182 -44.00 -30.10 11.33
N CYS D 183 -45.20 -29.55 11.50
CA CYS D 183 -45.76 -28.60 10.54
C CYS D 183 -46.03 -27.24 11.17
N LYS D 184 -45.50 -26.98 12.37
CA LYS D 184 -45.70 -25.69 13.01
C LYS D 184 -44.84 -24.63 12.33
N LYS D 185 -45.43 -23.47 12.06
CA LYS D 185 -44.74 -22.39 11.38
C LYS D 185 -44.07 -21.48 12.40
N PRO D 186 -42.75 -21.32 12.37
CA PRO D 186 -42.11 -20.37 13.28
C PRO D 186 -42.68 -18.97 13.10
N SER D 187 -42.98 -18.31 14.21
CA SER D 187 -43.62 -17.00 14.18
C SER D 187 -42.63 -15.84 14.30
N ASN D 188 -41.41 -16.08 14.76
CA ASN D 188 -40.43 -15.03 14.93
C ASN D 188 -39.04 -15.57 14.62
N LYS D 189 -38.03 -14.71 14.78
CA LYS D 189 -36.66 -15.08 14.46
C LYS D 189 -36.18 -16.24 15.32
N GLU D 190 -36.39 -16.15 16.64
CA GLU D 190 -35.85 -17.16 17.54
C GLU D 190 -36.41 -18.54 17.23
N GLN D 191 -37.69 -18.60 16.84
CA GLN D 191 -38.28 -19.90 16.51
C GLN D 191 -37.66 -20.49 15.25
N TRP D 192 -37.29 -19.64 14.28
CA TRP D 192 -36.59 -20.14 13.10
C TRP D 192 -35.23 -20.71 13.47
N ALA D 193 -34.49 -20.01 14.35
CA ALA D 193 -33.18 -20.50 14.77
C ALA D 193 -33.31 -21.77 15.60
N ILE D 194 -34.31 -21.83 16.48
CA ILE D 194 -34.55 -23.04 17.27
C ILE D 194 -34.86 -24.21 16.35
N LEU D 195 -35.54 -23.95 15.24
CA LEU D 195 -35.84 -25.03 14.29
C LEU D 195 -34.57 -25.52 13.61
N SER D 196 -33.72 -24.59 13.17
CA SER D 196 -32.48 -24.98 12.51
C SER D 196 -31.60 -25.79 13.44
N GLN D 197 -31.54 -25.41 14.72
CA GLN D 197 -30.77 -26.18 15.69
C GLN D 197 -31.36 -27.58 15.87
N ARG D 198 -32.69 -27.67 15.96
CA ARG D 198 -33.33 -28.96 16.17
C ARG D 198 -33.01 -29.92 15.03
N LEU D 199 -32.94 -29.40 13.81
CA LEU D 199 -32.62 -30.22 12.64
C LEU D 199 -31.15 -30.56 12.51
N GLY D 200 -30.29 -29.96 13.32
CA GLY D 200 -28.87 -30.22 13.22
C GLY D 200 -28.21 -29.58 12.03
N VAL D 201 -28.82 -28.53 11.46
CA VAL D 201 -28.20 -27.82 10.35
C VAL D 201 -26.91 -27.17 10.83
N LYS D 202 -25.82 -27.45 10.13
CA LYS D 202 -24.51 -26.93 10.49
C LYS D 202 -23.88 -26.08 9.40
N VAL D 203 -24.23 -26.29 8.15
CA VAL D 203 -23.67 -25.54 7.04
C VAL D 203 -24.78 -25.24 6.04
N ILE D 204 -24.78 -24.02 5.50
CA ILE D 204 -25.74 -23.61 4.48
C ILE D 204 -24.96 -22.92 3.37
N HIS D 205 -25.00 -23.49 2.17
CA HIS D 205 -24.43 -22.84 0.99
C HIS D 205 -25.54 -22.19 0.18
N VAL D 206 -25.19 -21.07 -0.46
CA VAL D 206 -25.98 -20.55 -1.58
C VAL D 206 -25.32 -21.14 -2.83
N ALA D 207 -25.73 -22.37 -3.15
CA ALA D 207 -25.10 -23.15 -4.21
C ALA D 207 -25.75 -22.80 -5.54
N GLU D 208 -25.08 -21.95 -6.31
CA GLU D 208 -25.58 -21.52 -7.61
C GLU D 208 -24.71 -22.10 -8.71
N TYR D 209 -25.36 -22.62 -9.75
CA TYR D 209 -24.67 -23.12 -10.94
C TYR D 209 -25.32 -22.49 -12.16
N ASP D 210 -24.49 -21.94 -13.04
CA ASP D 210 -24.96 -21.24 -14.24
C ASP D 210 -24.52 -22.05 -15.46
N SER D 211 -25.41 -22.88 -15.98
CA SER D 211 -25.11 -23.72 -17.13
C SER D 211 -25.50 -23.05 -18.45
N GLN D 212 -25.73 -21.74 -18.45
CA GLN D 212 -26.09 -21.04 -19.68
C GLN D 212 -24.90 -20.97 -20.63
N ILE D 213 -25.16 -21.23 -21.91
CA ILE D 213 -24.12 -21.30 -22.93
C ILE D 213 -24.43 -20.26 -24.00
N SER D 214 -23.38 -19.60 -24.49
CA SER D 214 -23.52 -18.63 -25.56
C SER D 214 -23.34 -19.31 -26.91
N GLN D 215 -24.12 -18.85 -27.90
CA GLN D 215 -24.09 -19.44 -29.24
C GLN D 215 -23.06 -18.78 -30.15
N LYS D 216 -22.19 -17.93 -29.62
CA LYS D 216 -21.15 -17.27 -30.39
C LYS D 216 -19.80 -17.47 -29.70
N SER D 217 -18.74 -17.27 -30.47
CA SER D 217 -17.39 -17.37 -29.95
C SER D 217 -16.95 -16.02 -29.39
N ARG D 218 -16.02 -16.08 -28.44
CA ARG D 218 -15.56 -14.88 -27.76
C ARG D 218 -14.54 -14.12 -28.61
N GLU D 219 -14.59 -12.79 -28.52
CA GLU D 219 -13.57 -11.96 -29.14
C GLU D 219 -12.36 -11.87 -28.23
N ARG D 220 -11.19 -11.69 -28.85
CA ARG D 220 -9.94 -11.66 -28.10
C ARG D 220 -9.90 -10.48 -27.14
N GLY D 221 -9.97 -10.76 -25.84
CA GLY D 221 -9.78 -9.74 -24.82
C GLY D 221 -11.04 -9.16 -24.22
N GLU D 222 -12.20 -9.75 -24.46
CA GLU D 222 -13.45 -9.25 -23.90
C GLU D 222 -13.89 -10.14 -22.74
N PHE D 223 -14.30 -9.52 -21.64
CA PHE D 223 -14.85 -10.25 -20.51
C PHE D 223 -16.34 -10.49 -20.75
N VAL D 224 -16.75 -11.75 -20.67
CA VAL D 224 -18.12 -12.15 -20.94
C VAL D 224 -18.76 -12.66 -19.65
N ASN D 225 -20.04 -12.39 -19.49
CA ASN D 225 -20.80 -12.86 -18.33
C ASN D 225 -22.28 -12.79 -18.66
N THR D 226 -23.07 -13.49 -17.86
CA THR D 226 -24.52 -13.48 -18.01
C THR D 226 -25.18 -12.34 -17.25
N TRP D 227 -24.41 -11.51 -16.56
CA TRP D 227 -24.91 -10.29 -15.95
C TRP D 227 -23.76 -9.28 -15.93
N SER D 228 -23.94 -8.19 -15.18
CA SER D 228 -22.99 -7.09 -15.19
C SER D 228 -21.57 -7.59 -15.00
N VAL D 229 -20.71 -7.28 -15.96
CA VAL D 229 -19.30 -7.66 -15.86
C VAL D 229 -18.62 -6.85 -14.75
N HIS D 230 -18.82 -5.53 -14.77
CA HIS D 230 -18.23 -4.68 -13.73
C HIS D 230 -18.65 -5.15 -12.34
N GLY D 231 -19.90 -5.59 -12.21
CA GLY D 231 -20.35 -6.09 -10.91
C GLY D 231 -19.74 -7.44 -10.56
N PHE D 232 -19.66 -8.34 -11.53
CA PHE D 232 -19.06 -9.65 -11.29
C PHE D 232 -17.60 -9.50 -10.87
N ILE D 233 -16.83 -8.70 -11.62
CA ILE D 233 -15.45 -8.41 -11.23
C ILE D 233 -15.42 -7.82 -9.83
N SER D 234 -16.29 -6.85 -9.56
CA SER D 234 -16.29 -6.18 -8.26
C SER D 234 -16.45 -7.18 -7.13
N GLU D 235 -17.44 -8.07 -7.24
CA GLU D 235 -17.68 -9.04 -6.18
C GLU D 235 -16.55 -10.05 -6.08
N SER D 236 -16.06 -10.54 -7.22
CA SER D 236 -15.00 -11.54 -7.22
C SER D 236 -13.66 -10.97 -6.78
N GLN D 237 -13.51 -9.64 -6.79
CA GLN D 237 -12.29 -9.01 -6.29
C GLN D 237 -12.29 -8.85 -4.78
N GLN D 238 -13.47 -8.76 -4.17
CA GLN D 238 -13.55 -8.51 -2.74
C GLN D 238 -13.02 -9.71 -1.96
N PRO D 239 -12.64 -9.50 -0.70
CA PRO D 239 -12.25 -10.63 0.13
C PRO D 239 -13.41 -11.60 0.33
N ALA D 240 -13.08 -12.88 0.41
CA ALA D 240 -14.09 -13.89 0.69
C ALA D 240 -14.66 -13.69 2.08
N GLU D 241 -15.96 -13.88 2.22
CA GLU D 241 -16.66 -13.71 3.49
C GLU D 241 -17.60 -14.88 3.73
N LEU D 242 -17.77 -15.22 5.01
CA LEU D 242 -18.64 -16.32 5.39
C LEU D 242 -19.06 -16.15 6.84
N GLY D 243 -20.28 -16.56 7.15
CA GLY D 243 -20.71 -16.67 8.53
C GLY D 243 -20.13 -17.93 9.15
N TRP D 244 -19.50 -17.77 10.32
CA TRP D 244 -18.77 -18.86 10.96
C TRP D 244 -19.70 -19.58 11.95
N GLY D 245 -19.86 -20.89 11.77
CA GLY D 245 -20.79 -21.64 12.58
C GLY D 245 -20.21 -22.10 13.89
N SER D 246 -21.12 -22.44 14.82
CA SER D 246 -20.72 -22.87 16.16
C SER D 246 -20.16 -24.28 16.19
N HIS D 247 -20.28 -25.04 15.10
CA HIS D 247 -19.69 -26.37 15.02
C HIS D 247 -18.24 -26.35 14.54
N GLU D 248 -17.79 -25.23 13.98
CA GLU D 248 -16.46 -25.15 13.42
C GLU D 248 -15.39 -25.22 14.51
N ARG D 249 -14.16 -25.53 14.08
CA ARG D 249 -13.03 -25.61 14.98
C ARG D 249 -11.82 -24.91 14.37
N SER D 250 -11.14 -25.59 13.46
CA SER D 250 -9.98 -24.99 12.80
C SER D 250 -10.39 -23.73 12.05
N LEU D 251 -9.61 -22.66 12.23
CA LEU D 251 -9.88 -21.40 11.55
C LEU D 251 -9.20 -21.38 10.18
N PRO D 252 -9.75 -20.64 9.21
CA PRO D 252 -9.09 -20.55 7.91
C PRO D 252 -7.75 -19.83 8.00
N THR D 253 -6.91 -20.09 7.02
CA THR D 253 -5.61 -19.43 6.94
C THR D 253 -5.78 -18.04 6.33
N ASP D 254 -4.98 -17.09 6.82
CA ASP D 254 -5.01 -15.71 6.33
C ASP D 254 -6.41 -15.12 6.49
N ALA D 255 -6.96 -15.26 7.68
CA ALA D 255 -8.34 -14.88 7.96
C ALA D 255 -8.42 -13.87 9.09
N SER D 256 -9.51 -13.11 9.09
CA SER D 256 -9.88 -12.23 10.18
C SER D 256 -11.35 -12.48 10.50
N MET D 257 -11.81 -11.94 11.63
CA MET D 257 -13.14 -12.24 12.12
C MET D 257 -13.75 -11.05 12.82
N HIS D 258 -15.05 -10.85 12.61
CA HIS D 258 -15.87 -9.95 13.41
C HIS D 258 -16.58 -10.77 14.47
N THR D 259 -16.57 -10.27 15.71
CA THR D 259 -17.32 -10.93 16.78
C THR D 259 -18.10 -9.95 17.66
N ASP D 260 -18.09 -8.65 17.36
CA ASP D 260 -18.81 -7.68 18.17
C ASP D 260 -20.28 -7.58 17.79
N GLY D 261 -20.78 -8.43 16.90
CA GLY D 261 -22.17 -8.39 16.49
C GLY D 261 -22.95 -9.58 17.02
N CYS D 262 -23.85 -10.11 16.18
CA CYS D 262 -24.68 -11.23 16.61
C CYS D 262 -23.88 -12.53 16.64
N GLY D 263 -22.96 -12.71 15.70
CA GLY D 263 -22.20 -13.95 15.63
C GLY D 263 -20.92 -13.78 14.84
N ALA D 264 -20.08 -14.81 14.91
CA ALA D 264 -18.79 -14.77 14.25
C ALA D 264 -18.97 -14.67 12.74
N ALA D 265 -18.27 -13.71 12.13
CA ALA D 265 -18.22 -13.57 10.68
C ALA D 265 -16.77 -13.41 10.27
N ILE D 266 -16.31 -14.24 9.35
CA ILE D 266 -14.93 -14.26 8.91
C ILE D 266 -14.83 -13.60 7.55
N TYR D 267 -13.71 -12.91 7.31
CA TYR D 267 -13.35 -12.47 5.97
C TYR D 267 -11.93 -12.88 5.68
N ILE D 268 -11.72 -13.56 4.56
CA ILE D 268 -10.42 -14.10 4.17
C ILE D 268 -9.72 -13.06 3.31
N GLU D 269 -8.43 -12.84 3.58
CA GLU D 269 -7.66 -11.85 2.85
C GLU D 269 -7.21 -12.39 1.50
N LYS D 270 -8.12 -13.00 0.76
CA LYS D 270 -7.89 -13.49 -0.59
C LYS D 270 -9.07 -13.12 -1.46
N PRO D 271 -8.86 -12.84 -2.74
CA PRO D 271 -10.00 -12.57 -3.62
C PRO D 271 -10.96 -13.74 -3.65
N GLY D 272 -12.26 -13.43 -3.64
CA GLY D 272 -13.26 -14.48 -3.73
C GLY D 272 -13.09 -15.37 -4.94
N ALA D 273 -12.52 -14.83 -6.02
CA ALA D 273 -12.26 -15.63 -7.21
C ALA D 273 -11.22 -16.70 -6.99
N SER D 274 -10.35 -16.55 -5.99
CA SER D 274 -9.27 -17.48 -5.73
C SER D 274 -9.61 -18.52 -4.67
N VAL D 275 -10.72 -18.36 -3.97
CA VAL D 275 -11.12 -19.27 -2.91
C VAL D 275 -12.21 -20.18 -3.47
N ARG D 276 -11.85 -21.43 -3.75
CA ARG D 276 -12.76 -22.40 -4.34
C ARG D 276 -13.21 -23.40 -3.28
N VAL D 277 -14.51 -23.66 -3.23
CA VAL D 277 -15.08 -24.58 -2.25
C VAL D 277 -15.94 -25.60 -2.98
N LYS D 278 -16.01 -26.80 -2.40
CA LYS D 278 -16.84 -27.87 -2.96
C LYS D 278 -18.27 -27.66 -2.51
N THR D 279 -19.20 -27.82 -3.44
CA THR D 279 -20.63 -27.63 -3.15
C THR D 279 -21.40 -28.72 -3.90
N TRP D 280 -22.71 -28.51 -4.03
CA TRP D 280 -23.60 -29.51 -4.61
C TRP D 280 -24.81 -28.79 -5.20
N THR D 281 -25.15 -29.11 -6.44
CA THR D 281 -26.29 -28.49 -7.10
C THR D 281 -26.98 -29.55 -7.96
N PRO D 282 -28.27 -29.37 -8.25
CA PRO D 282 -28.99 -30.36 -9.05
C PRO D 282 -28.48 -30.51 -10.47
N PHE D 283 -27.58 -29.65 -10.93
CA PHE D 283 -27.10 -29.76 -12.30
C PHE D 283 -26.40 -31.10 -12.52
N ASN D 284 -25.42 -31.42 -11.68
CA ASN D 284 -24.67 -32.66 -11.83
C ASN D 284 -24.04 -33.08 -10.51
N GLY D 285 -24.75 -32.85 -9.41
CA GLY D 285 -24.28 -33.26 -8.11
C GLY D 285 -23.12 -32.41 -7.62
N PRO D 286 -22.01 -33.05 -7.24
CA PRO D 286 -20.86 -32.27 -6.75
C PRO D 286 -20.40 -31.25 -7.78
N SER D 287 -20.07 -30.05 -7.29
CA SER D 287 -19.61 -28.97 -8.15
C SER D 287 -18.56 -28.15 -7.40
N LEU D 288 -17.92 -27.25 -8.14
CA LEU D 288 -16.90 -26.37 -7.60
C LEU D 288 -17.35 -24.92 -7.80
N GLY D 289 -17.53 -24.20 -6.70
CA GLY D 289 -17.90 -22.80 -6.74
C GLY D 289 -16.82 -21.93 -6.14
N TYR D 290 -16.98 -20.63 -6.33
CA TYR D 290 -16.13 -19.63 -5.70
C TYR D 290 -16.79 -19.12 -4.43
N LEU D 291 -15.95 -18.80 -3.44
CA LEU D 291 -16.45 -18.30 -2.14
C LEU D 291 -16.48 -16.77 -2.18
N VAL D 292 -17.37 -16.27 -3.02
CA VAL D 292 -17.55 -14.82 -3.17
C VAL D 292 -18.32 -14.29 -1.98
N THR D 293 -17.87 -13.14 -1.46
CA THR D 293 -18.59 -12.50 -0.37
C THR D 293 -19.99 -12.08 -0.83
N HIS D 294 -20.98 -12.30 0.01
CA HIS D 294 -22.34 -11.94 -0.31
C HIS D 294 -23.08 -11.55 0.96
N HIS D 295 -23.98 -10.57 0.83
CA HIS D 295 -24.70 -10.04 1.98
C HIS D 295 -25.45 -11.14 2.73
N GLU D 296 -26.10 -12.05 2.00
CA GLU D 296 -26.89 -13.09 2.66
C GLU D 296 -26.03 -14.02 3.49
N ALA D 297 -24.73 -14.11 3.20
CA ALA D 297 -23.85 -14.93 4.03
C ALA D 297 -23.89 -14.50 5.49
N ILE D 298 -24.11 -13.21 5.74
CA ILE D 298 -24.16 -12.69 7.10
C ILE D 298 -25.58 -12.66 7.65
N SER D 299 -26.54 -12.21 6.82
CA SER D 299 -27.91 -12.06 7.31
C SER D 299 -28.55 -13.42 7.59
N ILE D 300 -28.28 -14.42 6.75
CA ILE D 300 -28.84 -15.75 6.99
C ILE D 300 -28.24 -16.35 8.25
N ALA D 301 -26.93 -16.21 8.44
CA ALA D 301 -26.28 -16.77 9.62
C ALA D 301 -26.82 -16.15 10.90
N ASP D 302 -26.92 -14.82 10.93
CA ASP D 302 -27.46 -14.15 12.12
C ASP D 302 -28.91 -14.55 12.35
N PHE D 303 -29.70 -14.62 11.29
CA PHE D 303 -31.12 -14.98 11.44
C PHE D 303 -31.28 -16.30 12.16
N LEU D 304 -30.43 -17.28 11.85
CA LEU D 304 -30.49 -18.60 12.46
C LEU D 304 -29.54 -18.74 13.65
N THR D 305 -29.02 -17.64 14.16
CA THR D 305 -28.16 -17.67 15.34
C THR D 305 -29.02 -17.66 16.60
N LEU D 306 -28.74 -18.58 17.51
CA LEU D 306 -29.43 -18.68 18.79
C LEU D 306 -28.39 -18.53 19.90
N ARG D 307 -28.56 -17.50 20.73
CA ARG D 307 -27.60 -17.18 21.78
C ARG D 307 -28.30 -17.21 23.13
N THR D 308 -27.92 -18.15 23.98
CA THR D 308 -28.39 -18.23 25.35
C THR D 308 -27.28 -17.79 26.30
N ALA D 309 -27.63 -17.69 27.58
CA ALA D 309 -26.66 -17.26 28.58
C ALA D 309 -25.44 -18.18 28.61
N ASP D 310 -25.63 -19.45 28.30
CA ASP D 310 -24.56 -20.45 28.35
C ASP D 310 -24.07 -20.89 26.98
N GLU D 311 -24.96 -21.03 26.00
CA GLU D 311 -24.65 -21.68 24.75
C GLU D 311 -24.82 -20.71 23.58
N THR D 312 -24.39 -21.18 22.40
CA THR D 312 -24.58 -20.46 21.15
C THR D 312 -24.74 -21.49 20.05
N TYR D 313 -25.75 -21.28 19.19
CA TYR D 313 -25.91 -22.06 17.98
C TYR D 313 -25.85 -21.12 16.77
N ARG D 314 -25.20 -21.57 15.71
CA ARG D 314 -25.00 -20.75 14.53
C ARG D 314 -24.48 -21.62 13.40
N PRO D 315 -25.11 -21.61 12.23
CA PRO D 315 -24.58 -22.37 11.10
C PRO D 315 -23.53 -21.60 10.34
N THR D 316 -22.69 -22.36 9.63
CA THR D 316 -21.79 -21.76 8.65
C THR D 316 -22.58 -21.45 7.39
N VAL D 317 -22.42 -20.24 6.86
CA VAL D 317 -23.20 -19.79 5.72
C VAL D 317 -22.30 -18.99 4.80
N HIS D 318 -22.33 -19.32 3.50
CA HIS D 318 -21.56 -18.54 2.53
C HIS D 318 -22.02 -18.88 1.13
N TYR D 319 -21.58 -18.05 0.18
CA TYR D 319 -21.91 -18.21 -1.22
C TYR D 319 -20.94 -19.19 -1.87
N ALA D 320 -21.48 -20.14 -2.64
CA ALA D 320 -20.68 -21.14 -3.36
C ALA D 320 -21.10 -21.06 -4.83
N TYR D 321 -20.44 -20.18 -5.58
CA TYR D 321 -20.91 -19.76 -6.90
C TYR D 321 -20.10 -20.44 -7.99
N ARG D 322 -20.78 -21.19 -8.86
CA ARG D 322 -20.20 -21.75 -10.07
C ARG D 322 -20.72 -20.93 -11.24
N PRO D 323 -20.00 -19.89 -11.68
CA PRO D 323 -20.54 -19.03 -12.75
C PRO D 323 -20.59 -19.72 -14.10
N SER D 324 -21.00 -18.98 -15.13
CA SER D 324 -21.12 -19.56 -16.46
C SER D 324 -19.76 -19.91 -17.05
N ASP D 325 -19.79 -20.80 -18.05
CA ASP D 325 -18.55 -21.20 -18.71
C ASP D 325 -17.80 -19.99 -19.24
N GLU D 326 -18.51 -19.04 -19.86
CA GLU D 326 -17.86 -17.84 -20.37
C GLU D 326 -17.22 -17.04 -19.26
N ALA D 327 -17.86 -16.98 -18.09
CA ALA D 327 -17.32 -16.25 -16.96
C ALA D 327 -16.05 -16.91 -16.44
N ILE D 328 -16.09 -18.24 -16.25
CA ILE D 328 -14.92 -18.95 -15.73
C ILE D 328 -13.71 -18.72 -16.65
N LEU D 329 -13.92 -18.83 -17.96
CA LEU D 329 -12.83 -18.59 -18.89
C LEU D 329 -12.40 -17.13 -18.88
N SER D 330 -13.33 -16.21 -18.61
CA SER D 330 -12.98 -14.79 -18.58
C SER D 330 -12.16 -14.46 -17.34
N VAL D 331 -12.53 -15.02 -16.18
CA VAL D 331 -11.76 -14.81 -14.97
C VAL D 331 -10.33 -15.31 -15.17
N HIS D 332 -10.16 -16.41 -15.91
CA HIS D 332 -8.83 -16.94 -16.18
C HIS D 332 -7.96 -15.89 -16.84
N GLU D 333 -8.37 -15.40 -18.01
CA GLU D 333 -7.62 -14.34 -18.68
C GLU D 333 -7.51 -13.11 -17.80
N TRP D 334 -8.54 -12.85 -16.99
CA TRP D 334 -8.53 -11.67 -16.11
C TRP D 334 -7.38 -11.73 -15.11
N PHE D 335 -7.16 -12.90 -14.49
CA PHE D 335 -6.01 -13.07 -13.61
C PHE D 335 -4.71 -12.90 -14.39
N GLY D 336 -4.69 -13.30 -15.66
CA GLY D 336 -3.48 -13.19 -16.45
C GLY D 336 -2.95 -11.77 -16.56
N ASN D 337 -3.86 -10.79 -16.62
CA ASN D 337 -3.49 -9.39 -16.72
C ASN D 337 -3.51 -8.68 -15.37
N ASP D 338 -3.15 -9.39 -14.30
CA ASP D 338 -3.06 -8.80 -12.96
C ASP D 338 -4.39 -8.20 -12.52
N CYS D 339 -5.50 -8.80 -12.95
CA CYS D 339 -6.83 -8.38 -12.51
C CYS D 339 -7.15 -6.94 -12.93
N MET D 340 -6.53 -6.48 -14.02
CA MET D 340 -6.80 -5.15 -14.53
C MET D 340 -8.24 -5.03 -15.01
N THR D 341 -8.62 -3.83 -15.43
CA THR D 341 -9.94 -3.62 -16.00
C THR D 341 -9.93 -4.06 -17.46
N PRO D 342 -10.80 -4.99 -17.87
CA PRO D 342 -10.78 -5.44 -19.27
C PRO D 342 -11.14 -4.30 -20.21
N GLU D 343 -10.36 -4.19 -21.30
CA GLU D 343 -10.64 -3.15 -22.29
C GLU D 343 -11.99 -3.37 -22.95
N LYS D 344 -12.39 -4.62 -23.14
CA LYS D 344 -13.68 -4.95 -23.75
C LYS D 344 -14.50 -5.77 -22.77
N THR D 345 -15.81 -5.57 -22.80
CA THR D 345 -16.73 -6.28 -21.93
C THR D 345 -18.02 -6.56 -22.70
N LYS D 346 -18.76 -7.56 -22.23
CA LYS D 346 -19.99 -7.95 -22.90
C LYS D 346 -20.86 -8.73 -21.93
N VAL D 347 -22.05 -8.22 -21.65
CA VAL D 347 -23.04 -8.92 -20.86
C VAL D 347 -23.95 -9.67 -21.82
N LEU D 348 -24.00 -11.00 -21.68
CA LEU D 348 -24.79 -11.81 -22.60
C LEU D 348 -26.25 -11.40 -22.57
N ARG D 349 -26.81 -11.15 -23.74
CA ARG D 349 -28.22 -10.85 -23.90
C ARG D 349 -28.97 -12.07 -24.38
N PRO D 350 -30.30 -12.08 -24.26
CA PRO D 350 -31.06 -13.29 -24.63
C PRO D 350 -30.71 -13.85 -26.00
N GLY D 351 -30.47 -13.00 -26.98
CA GLY D 351 -30.16 -13.48 -28.32
C GLY D 351 -28.82 -14.19 -28.44
N ASP D 352 -27.97 -14.11 -27.42
CA ASP D 352 -26.64 -14.71 -27.46
C ASP D 352 -26.56 -16.03 -26.73
N ILE D 353 -27.55 -16.37 -25.90
CA ILE D 353 -27.51 -17.57 -25.08
C ILE D 353 -28.25 -18.68 -25.81
N LEU D 354 -27.54 -19.76 -26.11
CA LEU D 354 -28.13 -20.89 -26.84
C LEU D 354 -29.09 -21.67 -25.95
N SER D 355 -28.59 -22.16 -24.81
CA SER D 355 -29.38 -22.99 -23.93
C SER D 355 -28.79 -22.90 -22.52
N GLY D 356 -29.27 -23.75 -21.62
CA GLY D 356 -28.77 -23.80 -20.26
C GLY D 356 -29.72 -23.12 -19.29
N SER D 357 -29.49 -23.39 -18.00
CA SER D 357 -30.32 -22.88 -16.93
C SER D 357 -29.44 -22.24 -15.87
N ASP D 358 -30.09 -21.50 -14.96
CA ASP D 358 -29.43 -20.89 -13.82
C ASP D 358 -30.00 -21.56 -12.57
N TYR D 359 -29.23 -22.49 -12.01
CA TYR D 359 -29.62 -23.16 -10.77
C TYR D 359 -29.28 -22.25 -9.60
N LEU D 360 -30.30 -21.76 -8.91
CA LEU D 360 -30.12 -20.85 -7.77
C LEU D 360 -30.91 -21.41 -6.59
N GLY D 361 -30.21 -21.82 -5.54
CA GLY D 361 -30.86 -22.37 -4.37
C GLY D 361 -29.93 -22.42 -3.19
N VAL D 362 -30.45 -22.93 -2.09
CA VAL D 362 -29.73 -23.05 -0.83
C VAL D 362 -29.51 -24.52 -0.53
N LEU D 363 -28.29 -24.87 -0.12
CA LEU D 363 -27.93 -26.24 0.21
C LEU D 363 -27.77 -26.33 1.73
N LEU D 364 -28.74 -26.97 2.38
CA LEU D 364 -28.71 -27.15 3.83
C LEU D 364 -28.07 -28.49 4.17
N MET D 365 -27.09 -28.46 5.07
CA MET D 365 -26.26 -29.62 5.36
C MET D 365 -26.13 -29.82 6.86
N GLY D 366 -25.96 -31.07 7.26
CA GLY D 366 -25.78 -31.44 8.65
C GLY D 366 -26.93 -32.20 9.26
N HIS D 367 -28.09 -32.22 8.61
CA HIS D 367 -29.26 -32.90 9.14
C HIS D 367 -29.16 -34.40 8.91
N GLU D 368 -30.14 -35.13 9.44
CA GLU D 368 -30.11 -36.60 9.40
C GLU D 368 -30.14 -37.14 7.99
N LYS D 369 -30.50 -36.32 7.00
CA LYS D 369 -30.46 -36.73 5.60
C LYS D 369 -29.32 -36.06 4.83
N SER D 370 -28.27 -35.65 5.55
CA SER D 370 -27.06 -35.10 4.96
C SER D 370 -27.31 -33.76 4.28
N SER D 371 -27.62 -33.76 2.99
CA SER D 371 -27.75 -32.54 2.20
C SER D 371 -29.18 -32.38 1.69
N TYR D 372 -29.55 -31.13 1.42
CA TYR D 372 -30.87 -30.82 0.86
C TYR D 372 -30.76 -29.48 0.13
N TRP D 373 -31.05 -29.49 -1.17
CA TRP D 373 -30.95 -28.31 -2.01
C TRP D 373 -32.36 -27.89 -2.43
N TYR D 374 -32.67 -26.61 -2.24
CA TYR D 374 -33.96 -26.07 -2.67
C TYR D 374 -33.75 -24.70 -3.30
N GLY D 375 -34.40 -24.47 -4.43
CA GLY D 375 -34.28 -23.19 -5.11
C GLY D 375 -34.93 -23.22 -6.47
N SER D 376 -34.47 -22.31 -7.33
CA SER D 376 -35.05 -22.09 -8.64
C SER D 376 -34.14 -22.68 -9.71
N ILE D 377 -34.72 -23.45 -10.62
CA ILE D 377 -34.04 -23.94 -11.81
C ILE D 377 -34.76 -23.33 -13.00
N LEU D 378 -34.20 -22.26 -13.55
CA LEU D 378 -34.84 -21.47 -14.60
C LEU D 378 -33.99 -21.57 -15.88
N SER D 379 -34.56 -22.19 -16.91
CA SER D 379 -33.87 -22.31 -18.18
C SER D 379 -33.97 -21.00 -18.97
N ILE D 380 -33.01 -20.82 -19.89
CA ILE D 380 -33.04 -19.63 -20.72
C ILE D 380 -34.27 -19.64 -21.64
N GLU D 381 -34.67 -20.82 -22.09
CA GLU D 381 -35.87 -20.92 -22.93
C GLU D 381 -37.11 -20.47 -22.16
N LYS D 382 -37.25 -20.93 -20.92
CA LYS D 382 -38.39 -20.52 -20.11
C LYS D 382 -38.33 -19.04 -19.78
N ALA D 383 -37.13 -18.47 -19.70
CA ALA D 383 -36.99 -17.05 -19.38
C ALA D 383 -37.49 -16.18 -20.53
N LYS D 384 -37.04 -16.48 -21.75
CA LYS D 384 -37.54 -15.74 -22.92
C LYS D 384 -39.04 -15.85 -23.04
N GLU D 385 -39.62 -17.00 -22.65
CA GLU D 385 -41.06 -17.19 -22.74
C GLU D 385 -41.80 -16.23 -21.81
N LEU D 386 -41.26 -16.01 -20.60
CA LEU D 386 -41.97 -15.29 -19.56
C LEU D 386 -41.81 -13.78 -19.65
N ALA D 387 -40.67 -13.29 -20.12
CA ALA D 387 -40.43 -11.86 -20.14
C ALA D 387 -39.35 -11.53 -21.15
N THR D 388 -39.45 -10.32 -21.72
CA THR D 388 -38.45 -9.84 -22.66
C THR D 388 -37.30 -9.18 -21.90
N LEU D 389 -36.20 -8.93 -22.62
CA LEU D 389 -35.02 -8.29 -22.04
C LEU D 389 -34.54 -9.02 -20.79
N ASN D 390 -34.69 -10.35 -20.79
CA ASN D 390 -34.34 -11.15 -19.62
C ASN D 390 -33.60 -12.41 -20.04
N THR D 391 -32.53 -12.72 -19.31
CA THR D 391 -31.95 -14.05 -19.31
C THR D 391 -32.40 -14.77 -18.06
N ALA D 392 -32.04 -16.05 -17.97
CA ALA D 392 -32.36 -16.82 -16.78
C ALA D 392 -31.83 -16.14 -15.52
N THR D 393 -30.62 -15.58 -15.61
CA THR D 393 -30.02 -14.92 -14.46
C THR D 393 -30.80 -13.66 -14.08
N THR D 394 -31.03 -12.78 -15.05
CA THR D 394 -31.64 -11.49 -14.74
C THR D 394 -33.08 -11.67 -14.25
N LEU D 395 -33.82 -12.64 -14.80
CA LEU D 395 -35.22 -12.79 -14.43
C LEU D 395 -35.37 -13.23 -12.97
N GLN D 396 -34.42 -14.02 -12.46
CA GLN D 396 -34.46 -14.37 -11.04
C GLN D 396 -34.27 -13.14 -10.17
N VAL D 397 -33.44 -12.19 -10.61
CA VAL D 397 -33.24 -10.95 -9.87
C VAL D 397 -34.47 -10.05 -10.04
N ALA D 398 -34.94 -9.90 -11.27
CA ALA D 398 -36.13 -9.08 -11.51
C ALA D 398 -37.31 -9.61 -10.70
N ALA D 399 -37.45 -10.94 -10.60
CA ALA D 399 -38.51 -11.51 -9.79
C ALA D 399 -38.36 -11.12 -8.32
N GLY D 400 -37.12 -10.96 -7.85
CA GLY D 400 -36.91 -10.51 -6.49
C GLY D 400 -37.32 -9.06 -6.29
N VAL D 401 -36.99 -8.19 -7.24
CA VAL D 401 -37.38 -6.79 -7.15
C VAL D 401 -38.89 -6.68 -7.09
N LEU D 402 -39.59 -7.41 -7.96
CA LEU D 402 -41.05 -7.36 -7.96
C LEU D 402 -41.61 -7.85 -6.63
N SER D 403 -41.08 -8.96 -6.11
CA SER D 403 -41.53 -9.47 -4.82
C SER D 403 -41.34 -8.43 -3.73
N GLY D 404 -40.19 -7.75 -3.73
CA GLY D 404 -39.97 -6.68 -2.76
C GLY D 404 -40.79 -5.45 -3.06
N TYR D 405 -41.03 -5.18 -4.35
CA TYR D 405 -41.85 -4.03 -4.74
C TYR D 405 -43.28 -4.20 -4.27
N LEU D 406 -43.86 -5.39 -4.49
CA LEU D 406 -45.22 -5.65 -4.06
C LEU D 406 -45.35 -5.76 -2.55
N TRP D 407 -44.26 -6.06 -1.85
CA TRP D 407 -44.33 -6.21 -0.39
C TRP D 407 -44.33 -4.86 0.31
N ILE D 408 -43.55 -3.90 -0.19
CA ILE D 408 -43.47 -2.60 0.46
C ILE D 408 -44.73 -1.79 0.18
N LEU D 409 -45.42 -2.05 -0.93
CA LEU D 409 -46.71 -1.41 -1.18
C LEU D 409 -47.76 -1.93 -0.21
N SER D 410 -47.76 -3.22 0.08
CA SER D 410 -48.71 -3.80 1.02
C SER D 410 -48.26 -3.67 2.47
N HIS D 411 -46.99 -3.33 2.70
CA HIS D 411 -46.47 -3.08 4.05
C HIS D 411 -45.62 -1.82 3.99
N PRO D 412 -46.24 -0.66 3.86
CA PRO D 412 -45.49 0.60 3.66
C PRO D 412 -45.04 1.29 4.94
N SER D 413 -45.25 0.69 6.11
CA SER D 413 -44.87 1.29 7.39
C SER D 413 -44.17 0.21 8.23
N ALA D 414 -42.93 -0.11 7.86
CA ALA D 414 -42.16 -1.13 8.57
C ALA D 414 -40.70 -0.74 8.75
N GLY D 415 -40.32 0.48 8.39
CA GLY D 415 -38.93 0.90 8.56
C GLY D 415 -37.99 0.15 7.64
N ILE D 416 -36.72 0.11 8.04
CA ILE D 416 -35.70 -0.60 7.29
C ILE D 416 -35.83 -2.09 7.58
N ILE D 417 -36.02 -2.89 6.52
CA ILE D 417 -36.22 -4.33 6.66
C ILE D 417 -35.34 -5.06 5.66
N GLU D 418 -35.10 -6.33 5.96
CA GLU D 418 -34.38 -7.24 5.09
C GLU D 418 -35.32 -8.34 4.61
N ALA D 419 -34.81 -9.18 3.71
CA ALA D 419 -35.61 -10.30 3.21
C ALA D 419 -36.06 -11.21 4.36
N GLU D 420 -35.24 -11.34 5.40
CA GLU D 420 -35.58 -12.21 6.53
C GLU D 420 -36.77 -11.69 7.32
N ASP D 421 -37.06 -10.39 7.23
CA ASP D 421 -38.17 -9.80 7.98
C ASP D 421 -39.52 -10.00 7.30
N MET D 422 -39.55 -10.54 6.09
CA MET D 422 -40.79 -10.71 5.34
C MET D 422 -41.41 -12.07 5.63
N ASP D 423 -42.61 -12.27 5.09
CA ASP D 423 -43.27 -13.57 5.12
C ASP D 423 -42.93 -14.29 3.82
N HIS D 424 -42.11 -15.34 3.93
CA HIS D 424 -41.56 -15.97 2.72
C HIS D 424 -42.66 -16.57 1.85
N GLU D 425 -43.73 -17.08 2.45
CA GLU D 425 -44.83 -17.62 1.66
C GLU D 425 -45.43 -16.54 0.76
N VAL D 426 -45.75 -15.38 1.35
CA VAL D 426 -46.30 -14.28 0.58
C VAL D 426 -45.29 -13.83 -0.47
N ALA D 427 -44.03 -13.64 -0.07
CA ALA D 427 -43.01 -13.13 -0.98
C ALA D 427 -42.88 -14.01 -2.21
N LEU D 428 -42.86 -15.34 -2.02
CA LEU D 428 -42.68 -16.24 -3.15
C LEU D 428 -43.94 -16.36 -3.98
N SER D 429 -45.12 -16.30 -3.35
CA SER D 429 -46.37 -16.35 -4.10
C SER D 429 -46.46 -15.20 -5.11
N TYR D 430 -45.87 -14.05 -4.79
CA TYR D 430 -45.90 -12.91 -5.71
C TYR D 430 -45.32 -13.29 -7.07
N ILE D 431 -44.25 -14.07 -7.08
CA ILE D 431 -43.42 -14.22 -8.27
C ILE D 431 -43.09 -15.69 -8.54
N SER D 432 -43.78 -16.60 -7.86
CA SER D 432 -43.48 -18.02 -8.01
C SER D 432 -43.49 -18.44 -9.48
N GLN D 433 -44.32 -17.79 -10.30
CA GLN D 433 -44.42 -18.17 -11.71
C GLN D 433 -43.19 -17.76 -12.52
N TYR D 434 -42.30 -16.93 -11.98
CA TYR D 434 -41.13 -16.48 -12.70
C TYR D 434 -39.87 -17.28 -12.37
N LEU D 435 -39.94 -18.22 -11.44
CA LEU D 435 -38.77 -18.96 -10.99
C LEU D 435 -38.65 -20.33 -11.63
N GLY D 436 -39.33 -20.57 -12.74
CA GLY D 436 -39.26 -21.87 -13.38
C GLY D 436 -39.68 -22.97 -12.43
N GLU D 437 -38.84 -23.99 -12.32
CA GLU D 437 -39.12 -25.13 -11.45
C GLU D 437 -38.55 -24.86 -10.06
N LEU D 438 -39.41 -24.75 -9.07
CA LEU D 438 -39.00 -24.70 -7.66
C LEU D 438 -38.99 -26.14 -7.15
N LYS D 439 -37.81 -26.64 -6.81
CA LYS D 439 -37.62 -28.06 -6.54
C LYS D 439 -36.67 -28.25 -5.37
N GLY D 440 -36.99 -29.24 -4.53
CA GLY D 440 -36.13 -29.65 -3.43
C GLY D 440 -35.59 -31.05 -3.68
N VAL D 441 -34.28 -31.20 -3.50
CA VAL D 441 -33.58 -32.43 -3.82
C VAL D 441 -32.76 -32.86 -2.60
N TYR D 442 -33.03 -34.07 -2.12
CA TYR D 442 -32.22 -34.65 -1.06
C TYR D 442 -31.00 -35.34 -1.63
N SER D 443 -29.98 -35.50 -0.79
CA SER D 443 -28.72 -36.10 -1.22
C SER D 443 -27.92 -36.51 0.00
N ASP D 444 -27.26 -37.67 -0.10
CA ASP D 444 -26.37 -38.14 0.94
C ASP D 444 -24.94 -37.62 0.78
N TRP D 445 -24.77 -36.55 -0.01
CA TRP D 445 -23.44 -36.03 -0.29
C TRP D 445 -22.89 -35.26 0.90
N ASN D 446 -21.58 -35.37 1.11
CA ASN D 446 -20.84 -34.51 2.00
C ASN D 446 -19.43 -34.40 1.45
N PRO D 447 -18.67 -33.36 1.85
CA PRO D 447 -17.40 -33.08 1.17
C PRO D 447 -16.30 -34.10 1.43
N THR D 448 -16.54 -35.14 2.24
CA THR D 448 -15.51 -36.13 2.56
C THR D 448 -15.83 -37.49 1.95
N LYS D 449 -16.69 -37.54 0.94
CA LYS D 449 -17.06 -38.84 0.35
C LYS D 449 -15.88 -39.47 -0.36
N ASN D 450 -15.04 -38.68 -1.00
CA ASN D 450 -13.90 -39.21 -1.74
C ASN D 450 -12.62 -39.12 -0.89
N SER D 460 -19.96 -36.39 14.35
CA SER D 460 -21.19 -35.68 14.06
C SER D 460 -20.90 -34.37 13.30
N ASP D 461 -19.84 -33.68 13.71
CA ASP D 461 -19.43 -32.44 13.06
C ASP D 461 -18.19 -32.60 12.20
N SER D 462 -17.53 -33.76 12.22
CA SER D 462 -16.28 -33.92 11.48
C SER D 462 -16.45 -33.69 9.99
N PRO D 463 -17.44 -34.27 9.30
CA PRO D 463 -17.51 -34.08 7.84
C PRO D 463 -17.94 -32.68 7.42
N TRP D 464 -18.51 -31.90 8.33
CA TRP D 464 -19.04 -30.57 7.99
C TRP D 464 -18.11 -29.44 8.40
N LEU D 465 -16.87 -29.74 8.76
CA LEU D 465 -15.90 -28.70 9.04
C LEU D 465 -15.51 -27.98 7.75
N PHE D 466 -15.22 -26.69 7.87
CA PHE D 466 -14.91 -25.87 6.71
C PHE D 466 -13.69 -26.39 5.96
N SER D 467 -12.79 -27.11 6.63
CA SER D 467 -11.59 -27.60 5.98
C SER D 467 -11.91 -28.63 4.90
N ASN D 468 -13.01 -29.37 5.05
CA ASN D 468 -13.39 -30.36 4.05
C ASN D 468 -13.98 -29.72 2.80
N PHE D 469 -14.54 -28.52 2.91
CA PHE D 469 -15.16 -27.86 1.77
C PHE D 469 -14.14 -27.10 0.92
N VAL D 470 -13.20 -26.43 1.56
CA VAL D 470 -12.31 -25.51 0.85
C VAL D 470 -11.17 -26.30 0.21
N LEU D 471 -10.68 -25.79 -0.92
CA LEU D 471 -9.53 -26.36 -1.60
C LEU D 471 -8.25 -25.62 -1.21
N SER E 6 -10.75 56.71 -56.35
CA SER E 6 -9.88 57.42 -55.42
C SER E 6 -10.68 58.46 -54.63
N ILE E 7 -10.08 59.00 -53.57
CA ILE E 7 -10.73 59.95 -52.69
C ILE E 7 -9.82 61.15 -52.51
N ASN E 8 -10.36 62.35 -52.71
CA ASN E 8 -9.58 63.59 -52.66
C ASN E 8 -9.60 64.18 -51.26
N PRO E 9 -8.64 65.03 -50.94
CA PRO E 9 -8.59 65.62 -49.61
C PRO E 9 -9.68 66.66 -49.42
N PRO E 10 -10.03 66.98 -48.18
CA PRO E 10 -10.94 68.11 -47.95
C PRO E 10 -10.22 69.44 -48.14
N GLN E 11 -10.90 70.55 -47.90
CA GLN E 11 -10.22 71.84 -47.94
C GLN E 11 -9.46 72.11 -46.65
N ARG E 12 -9.91 71.55 -45.54
CA ARG E 12 -9.31 71.84 -44.24
C ARG E 12 -9.66 70.74 -43.27
N ILE E 13 -8.70 70.37 -42.42
CA ILE E 13 -8.90 69.41 -41.34
C ILE E 13 -8.65 70.14 -40.02
N VAL E 14 -9.59 70.00 -39.09
CA VAL E 14 -9.48 70.58 -37.75
C VAL E 14 -9.43 69.42 -36.77
N PHE E 15 -8.28 69.25 -36.12
CA PHE E 15 -8.12 68.25 -35.07
C PHE E 15 -8.48 68.88 -33.73
N VAL E 16 -9.51 68.35 -33.08
CA VAL E 16 -9.82 68.70 -31.70
C VAL E 16 -9.13 67.65 -30.83
N GLY E 17 -7.99 68.04 -30.25
CA GLY E 17 -7.17 67.10 -29.51
C GLY E 17 -6.02 66.59 -30.35
N LEU E 18 -4.81 66.63 -29.79
CA LEU E 18 -3.61 66.15 -30.47
C LEU E 18 -2.83 65.25 -29.52
N GLY E 19 -3.45 64.12 -29.17
CA GLY E 19 -2.86 63.19 -28.23
C GLY E 19 -2.33 61.93 -28.90
N THR E 20 -2.45 60.79 -28.21
CA THR E 20 -1.86 59.56 -28.70
C THR E 20 -2.41 59.17 -30.06
N ILE E 21 -3.74 59.08 -30.19
CA ILE E 21 -4.34 58.59 -31.43
C ILE E 21 -4.16 59.60 -32.55
N ALA E 22 -4.34 60.89 -32.25
CA ALA E 22 -4.17 61.92 -33.28
C ALA E 22 -2.78 61.87 -33.87
N GLN E 23 -1.76 61.81 -33.02
CA GLN E 23 -0.38 61.70 -33.50
C GLN E 23 -0.15 60.38 -34.22
N SER E 24 -0.79 59.30 -33.75
CA SER E 24 -0.69 58.02 -34.45
C SER E 24 -1.39 58.05 -35.80
N PHE E 25 -2.33 58.97 -36.01
CA PHE E 25 -3.10 59.04 -37.24
C PHE E 25 -2.43 59.91 -38.29
N LEU E 26 -1.61 60.88 -37.90
CA LEU E 26 -0.99 61.77 -38.87
C LEU E 26 -0.13 61.02 -39.88
N PRO E 27 0.68 60.03 -39.50
CA PRO E 27 1.45 59.29 -40.53
C PRO E 27 0.55 58.63 -41.57
N LEU E 28 -0.55 58.01 -41.15
CA LEU E 28 -1.47 57.40 -42.10
C LEU E 28 -2.12 58.45 -42.99
N LEU E 29 -2.57 59.56 -42.38
CA LEU E 29 -3.16 60.64 -43.16
C LEU E 29 -2.19 61.18 -44.19
N SER E 30 -0.90 61.26 -43.84
CA SER E 30 0.10 61.77 -44.76
C SER E 30 0.29 60.84 -45.95
N LYS E 31 0.21 59.52 -45.72
CA LYS E 31 0.34 58.55 -46.80
C LYS E 31 -0.80 58.63 -47.80
N VAL E 32 -1.95 59.19 -47.40
CA VAL E 32 -3.16 59.14 -48.22
C VAL E 32 -3.31 60.44 -49.00
N HIS E 33 -2.91 61.55 -48.41
CA HIS E 33 -3.08 62.87 -49.02
C HIS E 33 -1.76 63.62 -49.03
N ASP E 34 -1.72 64.67 -49.85
CA ASP E 34 -0.60 65.60 -49.90
C ASP E 34 -0.93 66.75 -48.96
N LEU E 35 -0.44 66.64 -47.72
CA LEU E 35 -0.82 67.60 -46.68
C LEU E 35 -0.24 68.99 -46.90
N SER E 36 0.66 69.15 -47.86
CA SER E 36 1.14 70.50 -48.20
C SER E 36 0.07 71.31 -48.90
N THR E 37 -0.90 70.65 -49.54
CA THR E 37 -2.00 71.31 -50.22
C THR E 37 -3.21 71.51 -49.32
N LEU E 38 -3.07 71.23 -48.02
CA LEU E 38 -4.20 71.22 -47.09
C LEU E 38 -3.94 72.17 -45.95
N GLU E 39 -5.04 72.58 -45.30
CA GLU E 39 -4.99 73.40 -44.10
C GLU E 39 -5.37 72.51 -42.92
N ILE E 40 -4.44 72.34 -41.98
CA ILE E 40 -4.61 71.41 -40.87
C ILE E 40 -4.44 72.19 -39.56
N TYR E 41 -5.52 72.32 -38.81
CA TYR E 41 -5.49 72.90 -37.48
C TYR E 41 -5.50 71.79 -36.42
N ALA E 42 -4.92 72.10 -35.26
CA ALA E 42 -4.93 71.19 -34.12
C ALA E 42 -5.09 72.00 -32.85
N ILE E 43 -6.05 71.61 -32.01
CA ILE E 43 -6.37 72.32 -30.78
C ILE E 43 -6.16 71.36 -29.61
N ASP E 44 -5.37 71.80 -28.63
CA ASP E 44 -5.07 70.97 -27.47
C ASP E 44 -4.42 71.81 -26.39
N PRO E 45 -4.83 71.67 -25.12
CA PRO E 45 -4.17 72.41 -24.05
C PRO E 45 -2.75 71.94 -23.77
N LYS E 46 -2.39 70.74 -24.19
CA LYS E 46 -1.05 70.19 -24.00
C LYS E 46 -0.29 70.27 -25.31
N THR E 47 0.88 70.89 -25.28
CA THR E 47 1.72 70.96 -26.47
C THR E 47 2.52 69.67 -26.59
N PRO E 48 2.43 68.94 -27.70
CA PRO E 48 3.16 67.69 -27.81
C PRO E 48 4.64 67.93 -28.00
N PRO E 49 5.51 67.00 -27.58
CA PRO E 49 6.95 67.20 -27.79
C PRO E 49 7.35 67.27 -29.25
N LEU E 50 6.62 66.61 -30.15
CA LEU E 50 6.93 66.61 -31.57
C LEU E 50 6.17 67.69 -32.34
N ILE E 51 5.80 68.79 -31.68
CA ILE E 51 4.97 69.80 -32.33
C ILE E 51 5.72 70.43 -33.50
N GLU E 52 7.02 70.66 -33.34
CA GLU E 52 7.79 71.25 -34.43
C GLU E 52 7.82 70.32 -35.64
N TYR E 53 8.00 69.02 -35.42
CA TYR E 53 7.93 68.06 -36.50
C TYR E 53 6.58 68.13 -37.20
N PHE E 54 5.49 68.16 -36.43
CA PHE E 54 4.17 68.24 -37.03
C PHE E 54 4.00 69.51 -37.86
N ALA E 55 4.63 70.60 -37.45
CA ALA E 55 4.46 71.88 -38.14
C ALA E 55 5.26 71.95 -39.44
N ASN E 56 6.50 71.47 -39.43
CA ASN E 56 7.36 71.56 -40.60
C ASN E 56 7.23 70.37 -41.54
N SER E 57 6.49 69.34 -41.16
CA SER E 57 6.29 68.16 -42.00
C SER E 57 4.85 68.01 -42.50
N PHE E 58 3.87 68.44 -41.73
CA PHE E 58 2.47 68.35 -42.12
C PHE E 58 1.80 69.72 -42.27
N GLY E 59 2.53 70.80 -42.02
CA GLY E 59 1.92 72.13 -42.04
C GLY E 59 0.93 72.35 -40.93
N LEU E 60 1.05 71.61 -39.82
CA LEU E 60 0.07 71.71 -38.75
C LEU E 60 0.09 73.09 -38.11
N LYS E 61 -1.10 73.66 -37.94
CA LYS E 61 -1.27 74.92 -37.21
C LYS E 61 -1.84 74.59 -35.84
N PHE E 62 -1.07 74.90 -34.79
CA PHE E 62 -1.40 74.50 -33.43
C PHE E 62 -2.06 75.64 -32.68
N ILE E 63 -3.19 75.35 -32.04
CA ILE E 63 -3.88 76.28 -31.15
C ILE E 63 -3.81 75.69 -29.75
N ASN E 64 -3.10 76.37 -28.85
CA ASN E 64 -2.87 75.86 -27.50
C ASN E 64 -4.02 76.34 -26.60
N SER E 65 -5.17 75.68 -26.74
CA SER E 65 -6.37 76.05 -26.01
C SER E 65 -7.14 74.80 -25.61
N ALA E 66 -7.97 74.95 -24.59
CA ALA E 66 -8.85 73.90 -24.10
C ALA E 66 -10.28 74.23 -24.47
N ILE E 67 -10.88 73.39 -25.31
CA ILE E 67 -12.26 73.61 -25.74
C ILE E 67 -13.19 73.29 -24.57
N ASP E 68 -13.90 74.30 -24.08
CA ASP E 68 -14.88 74.12 -23.02
C ASP E 68 -16.21 74.71 -23.46
N GLN E 69 -17.21 74.61 -22.58
CA GLN E 69 -18.56 75.02 -22.92
C GLN E 69 -18.66 76.52 -23.17
N ILE E 70 -17.68 77.30 -22.73
CA ILE E 70 -17.76 78.75 -22.82
C ILE E 70 -17.13 79.28 -24.10
N ASN E 71 -16.11 78.61 -24.62
CA ASN E 71 -15.31 79.13 -25.73
C ASN E 71 -15.39 78.34 -27.02
N TYR E 72 -16.06 77.19 -27.02
CA TYR E 72 -15.95 76.29 -28.17
C TYR E 72 -16.52 76.90 -29.43
N ARG E 73 -17.47 77.83 -29.31
CA ARG E 73 -17.98 78.52 -30.49
C ARG E 73 -17.00 79.56 -30.99
N ASP E 74 -16.38 80.33 -30.08
CA ASP E 74 -15.45 81.36 -30.50
C ASP E 74 -14.25 80.75 -31.22
N ILE E 75 -13.77 79.59 -30.76
CA ILE E 75 -12.55 79.02 -31.32
C ILE E 75 -12.84 78.28 -32.62
N LEU E 76 -13.98 77.59 -32.71
CA LEU E 76 -14.24 76.68 -33.81
C LEU E 76 -15.03 77.31 -34.95
N VAL E 77 -16.03 78.15 -34.65
CA VAL E 77 -16.84 78.73 -35.71
C VAL E 77 -15.99 79.36 -36.81
N PRO E 78 -14.96 80.15 -36.51
CA PRO E 78 -14.18 80.79 -37.59
C PRO E 78 -13.44 79.81 -38.48
N ILE E 79 -13.30 78.54 -38.10
CA ILE E 79 -12.53 77.58 -38.86
C ILE E 79 -13.37 76.38 -39.28
N LEU E 80 -14.69 76.46 -39.15
CA LEU E 80 -15.59 75.41 -39.61
C LEU E 80 -16.42 75.95 -40.76
N GLY E 81 -16.39 75.24 -41.89
CA GLY E 81 -17.17 75.63 -43.04
C GLY E 81 -17.21 74.54 -44.07
N GLU E 82 -17.68 74.90 -45.26
CA GLU E 82 -17.74 73.96 -46.36
C GLU E 82 -16.34 73.42 -46.64
N GLY E 83 -16.26 72.10 -46.83
CA GLY E 83 -14.98 71.46 -47.10
C GLY E 83 -14.12 71.21 -45.88
N THR E 84 -14.63 71.44 -44.68
CA THR E 84 -13.88 71.21 -43.45
C THR E 84 -14.29 69.89 -42.84
N VAL E 85 -13.30 69.17 -42.31
CA VAL E 85 -13.52 67.93 -41.58
C VAL E 85 -13.03 68.15 -40.15
N LEU E 86 -13.93 67.95 -39.18
CA LEU E 86 -13.58 68.02 -37.77
C LEU E 86 -13.33 66.60 -37.28
N ILE E 87 -12.08 66.32 -36.92
CA ILE E 87 -11.70 65.03 -36.36
C ILE E 87 -11.50 65.24 -34.86
N ASN E 88 -12.42 64.72 -34.07
CA ASN E 88 -12.38 64.89 -32.62
C ASN E 88 -11.70 63.66 -32.00
N LEU E 89 -10.46 63.85 -31.56
CA LEU E 89 -9.68 62.80 -30.90
C LEU E 89 -9.23 63.29 -29.53
N SER E 90 -10.12 63.94 -28.81
CA SER E 90 -9.85 64.54 -27.52
C SER E 90 -10.65 63.85 -26.43
N THR E 91 -10.45 64.32 -25.20
CA THR E 91 -11.29 63.97 -24.06
C THR E 91 -11.88 65.24 -23.49
N ASP E 92 -12.97 65.09 -22.74
CA ASP E 92 -13.61 66.17 -22.00
C ASP E 92 -14.32 67.16 -22.91
N VAL E 93 -14.48 66.86 -24.19
CA VAL E 93 -15.18 67.72 -25.14
C VAL E 93 -16.42 66.98 -25.61
N SER E 94 -17.57 67.67 -25.59
CA SER E 94 -18.83 67.03 -25.94
C SER E 94 -18.87 66.74 -27.44
N SER E 95 -19.01 65.46 -27.78
CA SER E 95 -19.21 65.09 -29.18
C SER E 95 -20.50 65.70 -29.72
N LEU E 96 -21.55 65.71 -28.91
CA LEU E 96 -22.84 66.23 -29.37
C LEU E 96 -22.76 67.72 -29.68
N ALA E 97 -22.09 68.48 -28.81
CA ALA E 97 -21.98 69.93 -29.04
C ALA E 97 -21.25 70.22 -30.33
N LEU E 98 -20.19 69.47 -30.63
CA LEU E 98 -19.43 69.70 -31.85
C LEU E 98 -20.24 69.30 -33.08
N ILE E 99 -20.98 68.19 -33.00
CA ILE E 99 -21.81 67.76 -34.13
C ILE E 99 -22.78 68.87 -34.52
N GLU E 100 -23.50 69.42 -33.53
CA GLU E 100 -24.44 70.50 -33.83
C GLU E 100 -23.73 71.68 -34.48
N LEU E 101 -22.51 71.97 -34.04
CA LEU E 101 -21.75 73.06 -34.65
C LEU E 101 -21.41 72.75 -36.09
N CYS E 102 -21.01 71.51 -36.38
CA CYS E 102 -20.66 71.13 -37.75
C CYS E 102 -21.89 71.12 -38.66
N ARG E 103 -23.05 70.75 -38.13
CA ARG E 103 -24.26 70.77 -38.94
C ARG E 103 -24.61 72.19 -39.39
N SER E 104 -24.42 73.16 -38.49
CA SER E 104 -24.75 74.55 -38.84
C SER E 104 -23.78 75.11 -39.88
N ALA E 105 -22.51 74.73 -39.81
CA ALA E 105 -21.50 75.21 -40.73
C ALA E 105 -21.38 74.36 -41.99
N GLY E 106 -22.08 73.23 -42.05
CA GLY E 106 -21.97 72.34 -43.19
C GLY E 106 -20.65 71.60 -43.28
N ALA E 107 -20.06 71.27 -42.13
CA ALA E 107 -18.78 70.57 -42.08
C ALA E 107 -18.99 69.11 -41.71
N LEU E 108 -18.03 68.28 -42.12
CA LEU E 108 -18.04 66.87 -41.76
C LEU E 108 -17.43 66.67 -40.37
N TYR E 109 -17.84 65.58 -39.72
CA TYR E 109 -17.42 65.31 -38.35
C TYR E 109 -17.06 63.83 -38.19
N LEU E 110 -16.06 63.57 -37.37
CA LEU E 110 -15.60 62.21 -37.10
C LEU E 110 -15.01 62.16 -35.70
N ASP E 111 -15.36 61.12 -34.94
CA ASP E 111 -14.71 60.87 -33.66
C ASP E 111 -14.70 59.37 -33.39
N THR E 112 -13.95 58.99 -32.36
CA THR E 112 -13.82 57.60 -31.95
C THR E 112 -14.57 57.29 -30.67
N CYS E 113 -15.30 58.25 -30.13
CA CYS E 113 -15.99 58.05 -28.85
C CYS E 113 -17.03 59.13 -28.62
N ILE E 114 -18.24 58.72 -28.24
CA ILE E 114 -19.28 59.67 -27.84
C ILE E 114 -18.93 60.13 -26.43
N GLU E 115 -18.37 61.33 -26.32
CA GLU E 115 -17.86 61.86 -25.06
C GLU E 115 -18.71 63.04 -24.59
N PRO E 116 -18.95 63.17 -23.29
CA PRO E 116 -19.63 64.37 -22.78
C PRO E 116 -18.62 65.45 -22.41
N TRP E 117 -19.16 66.62 -22.04
CA TRP E 117 -18.32 67.65 -21.45
C TRP E 117 -17.64 67.11 -20.20
N LYS E 118 -16.58 67.79 -19.79
CA LYS E 118 -15.79 67.34 -18.65
C LYS E 118 -16.68 67.10 -17.44
N GLY E 119 -16.45 65.96 -16.77
CA GLY E 119 -17.22 65.59 -15.59
C GLY E 119 -18.51 64.86 -15.86
N GLY E 120 -18.83 64.58 -17.13
CA GLY E 120 -20.10 63.95 -17.47
C GLY E 120 -20.25 62.54 -16.92
N TYR E 121 -19.15 61.85 -16.65
CA TYR E 121 -19.21 60.48 -16.15
C TYR E 121 -19.36 60.39 -14.64
N ASP E 122 -19.18 61.49 -13.90
CA ASP E 122 -19.13 61.44 -12.44
C ASP E 122 -20.05 62.44 -11.75
N ASP E 123 -20.59 63.43 -12.46
CA ASP E 123 -21.42 64.46 -11.85
C ASP E 123 -22.54 63.81 -11.04
N PRO E 124 -22.48 63.83 -9.70
CA PRO E 124 -23.51 63.14 -8.91
C PRO E 124 -24.89 63.77 -8.99
N THR E 125 -25.00 65.02 -9.45
CA THR E 125 -26.32 65.59 -9.70
C THR E 125 -26.98 64.97 -10.92
N ILE E 126 -26.25 64.19 -11.70
CA ILE E 126 -26.82 63.41 -12.79
C ILE E 126 -27.03 61.99 -12.29
N PRO E 127 -28.20 61.38 -12.50
CA PRO E 127 -28.41 60.01 -12.00
C PRO E 127 -27.50 59.02 -12.70
N LEU E 128 -27.19 57.94 -11.99
CA LEU E 128 -26.22 56.96 -12.47
C LEU E 128 -26.60 56.42 -13.84
N HIS E 129 -27.88 56.07 -14.04
CA HIS E 129 -28.28 55.46 -15.31
C HIS E 129 -28.10 56.41 -16.48
N LYS E 130 -27.91 57.71 -16.22
CA LYS E 130 -27.68 58.68 -17.28
C LYS E 130 -26.20 59.02 -17.45
N ARG E 131 -25.31 58.41 -16.65
CA ARG E 131 -23.87 58.57 -16.82
C ARG E 131 -23.24 57.32 -17.43
N THR E 132 -24.04 56.48 -18.06
CA THR E 132 -23.57 55.26 -18.71
C THR E 132 -23.29 55.51 -20.18
N ASN E 133 -22.50 54.61 -20.78
CA ASN E 133 -22.30 54.67 -22.22
C ASN E 133 -23.60 54.42 -22.98
N TYR E 134 -24.50 53.64 -22.39
CA TYR E 134 -25.81 53.44 -22.99
C TYR E 134 -26.54 54.78 -23.17
N HIS E 135 -26.60 55.58 -22.11
CA HIS E 135 -27.33 56.84 -22.18
C HIS E 135 -26.64 57.84 -23.11
N LEU E 136 -25.31 57.89 -23.07
CA LEU E 136 -24.59 58.76 -24.00
C LEU E 136 -24.95 58.41 -25.44
N ARG E 137 -25.06 57.12 -25.75
CA ARG E 137 -25.46 56.71 -27.09
C ARG E 137 -26.91 57.08 -27.37
N GLU E 138 -27.79 56.91 -26.37
CA GLU E 138 -29.19 57.31 -26.55
C GLU E 138 -29.30 58.80 -26.84
N GLN E 139 -28.52 59.62 -26.14
CA GLN E 139 -28.51 61.05 -26.43
C GLN E 139 -28.04 61.32 -27.86
N MET E 140 -27.14 60.48 -28.38
CA MET E 140 -26.68 60.64 -29.75
C MET E 140 -27.77 60.26 -30.74
N LEU E 141 -28.54 59.22 -30.43
CA LEU E 141 -29.62 58.79 -31.33
C LEU E 141 -30.78 59.79 -31.33
N SER E 142 -31.03 60.45 -30.20
CA SER E 142 -32.08 61.47 -30.18
C SER E 142 -31.66 62.68 -31.01
N LEU E 143 -30.40 63.09 -30.90
CA LEU E 143 -29.89 64.16 -31.76
C LEU E 143 -29.91 63.74 -33.22
N LYS E 144 -29.52 62.50 -33.51
CA LYS E 144 -29.62 61.96 -34.86
C LYS E 144 -31.03 62.13 -35.40
N LYS E 145 -32.04 61.70 -34.64
CA LYS E 145 -33.42 61.79 -35.10
C LYS E 145 -33.83 63.25 -35.29
N ARG E 146 -33.40 64.13 -34.38
CA ARG E 146 -33.82 65.53 -34.44
C ARG E 146 -33.24 66.23 -35.67
N LEU E 147 -31.95 66.01 -35.96
CA LEU E 147 -31.33 66.69 -37.08
C LEU E 147 -31.69 66.04 -38.42
N GLY E 148 -31.94 64.73 -38.43
CA GLY E 148 -32.31 64.05 -39.66
C GLY E 148 -31.18 64.07 -40.68
N SER E 149 -31.58 64.01 -41.96
CA SER E 149 -30.60 63.95 -43.04
C SER E 149 -29.79 65.24 -43.09
N GLY E 150 -28.56 65.11 -43.54
CA GLY E 150 -27.68 66.26 -43.66
C GLY E 150 -26.23 65.83 -43.74
N VAL E 151 -25.35 66.77 -43.42
CA VAL E 151 -23.92 66.51 -43.49
C VAL E 151 -23.56 65.34 -42.57
N THR E 152 -22.59 64.53 -43.00
CA THR E 152 -22.26 63.32 -42.28
C THR E 152 -21.52 63.64 -40.98
N ALA E 153 -21.83 62.85 -39.94
CA ALA E 153 -21.09 62.87 -38.68
C ALA E 153 -20.96 61.43 -38.22
N LEU E 154 -19.76 60.88 -38.30
CA LEU E 154 -19.51 59.47 -37.96
C LEU E 154 -18.89 59.42 -36.57
N VAL E 155 -19.62 58.83 -35.62
CA VAL E 155 -19.20 58.78 -34.23
C VAL E 155 -18.72 57.38 -33.89
N ALA E 156 -17.85 57.30 -32.89
CA ALA E 156 -17.46 56.02 -32.28
C ALA E 156 -16.83 55.08 -33.30
N HIS E 157 -15.97 55.62 -34.17
CA HIS E 157 -15.32 54.82 -35.21
C HIS E 157 -13.81 54.88 -35.01
N GLY E 158 -13.33 54.08 -34.06
CA GLY E 158 -11.91 53.80 -33.94
C GLY E 158 -11.64 52.33 -34.20
N ALA E 159 -10.91 51.67 -33.31
CA ALA E 159 -10.74 50.22 -33.39
C ALA E 159 -11.89 49.49 -32.70
N ASN E 160 -12.22 49.89 -31.49
CA ASN E 160 -13.37 49.36 -30.78
C ASN E 160 -13.86 50.42 -29.80
N PRO E 161 -15.01 51.08 -30.07
CA PRO E 161 -15.93 50.87 -31.20
C PRO E 161 -15.33 51.22 -32.55
N GLY E 162 -15.93 50.70 -33.63
CA GLY E 162 -15.45 50.97 -34.96
C GLY E 162 -15.24 49.71 -35.79
N LEU E 163 -13.98 49.33 -35.98
CA LEU E 163 -13.67 48.21 -36.87
C LEU E 163 -14.34 46.92 -36.38
N VAL E 164 -14.43 46.74 -35.07
CA VAL E 164 -14.97 45.48 -34.54
C VAL E 164 -16.41 45.26 -35.02
N SER E 165 -17.16 46.34 -35.26
CA SER E 165 -18.51 46.17 -35.81
C SER E 165 -18.44 45.62 -37.23
N HIS E 166 -17.45 46.06 -38.01
CA HIS E 166 -17.25 45.47 -39.33
C HIS E 166 -16.83 44.01 -39.22
N PHE E 167 -16.05 43.67 -38.19
CA PHE E 167 -15.67 42.28 -37.98
C PHE E 167 -16.89 41.40 -37.73
N VAL E 168 -17.88 41.91 -37.01
CA VAL E 168 -19.06 41.11 -36.71
C VAL E 168 -19.80 40.76 -37.99
N LYS E 169 -19.97 41.74 -38.88
CA LYS E 169 -20.66 41.48 -40.14
C LYS E 169 -19.94 40.43 -40.96
N ARG E 170 -18.62 40.56 -41.11
CA ARG E 170 -17.87 39.57 -41.87
C ARG E 170 -17.91 38.20 -41.20
N ALA E 171 -17.87 38.18 -39.86
CA ALA E 171 -17.96 36.91 -39.15
C ALA E 171 -19.31 36.23 -39.41
N LEU E 172 -20.39 37.01 -39.39
CA LEU E 172 -21.71 36.44 -39.66
C LEU E 172 -21.77 35.84 -41.06
N LEU E 173 -21.19 36.53 -42.05
CA LEU E 173 -21.18 35.98 -43.41
C LEU E 173 -20.33 34.73 -43.49
N ASP E 174 -19.17 34.72 -42.82
CA ASP E 174 -18.35 33.51 -42.78
C ASP E 174 -19.14 32.33 -42.23
N LEU E 175 -19.84 32.54 -41.11
CA LEU E 175 -20.63 31.46 -40.54
C LEU E 175 -21.79 31.07 -41.46
N ALA E 176 -22.40 32.05 -42.13
CA ALA E 176 -23.50 31.75 -43.03
C ALA E 176 -23.07 30.83 -44.15
N GLU E 177 -21.90 31.10 -44.74
CA GLU E 177 -21.40 30.24 -45.81
C GLU E 177 -21.08 28.85 -45.28
N GLU E 178 -20.37 28.77 -44.16
CA GLU E 178 -19.93 27.48 -43.63
C GLU E 178 -21.12 26.64 -43.18
N ILE E 179 -22.04 27.24 -42.42
CA ILE E 179 -23.09 26.47 -41.77
C ILE E 179 -24.35 26.40 -42.63
N LEU E 180 -24.75 27.51 -43.24
CA LEU E 180 -26.00 27.57 -43.99
C LEU E 180 -25.80 27.40 -45.48
N GLY E 181 -24.57 27.51 -45.99
CA GLY E 181 -24.36 27.53 -47.42
C GLY E 181 -24.94 28.74 -48.11
N ASP E 182 -25.23 29.80 -47.35
CA ASP E 182 -25.86 31.00 -47.87
C ASP E 182 -24.80 32.04 -48.19
N CYS E 183 -24.79 32.52 -49.43
CA CYS E 183 -23.83 33.51 -49.89
C CYS E 183 -24.46 34.89 -50.09
N LYS E 184 -25.72 35.06 -49.71
CA LYS E 184 -26.39 36.34 -49.88
C LYS E 184 -25.90 37.32 -48.81
N LYS E 185 -25.93 38.61 -49.17
CA LYS E 185 -25.49 39.68 -48.28
C LYS E 185 -26.69 40.43 -47.73
N PRO E 186 -26.90 40.46 -46.41
CA PRO E 186 -27.98 41.29 -45.87
C PRO E 186 -27.84 42.74 -46.33
N SER E 187 -28.98 43.37 -46.60
CA SER E 187 -29.02 44.72 -47.13
C SER E 187 -29.51 45.76 -46.14
N ASN E 188 -30.07 45.35 -44.99
CA ASN E 188 -30.52 46.30 -43.99
C ASN E 188 -30.35 45.68 -42.61
N LYS E 189 -30.55 46.49 -41.58
N LYS E 189 -30.55 46.50 -41.57
CA LYS E 189 -30.38 46.04 -40.21
CA LYS E 189 -30.39 46.04 -40.20
C LYS E 189 -31.18 44.77 -39.95
C LYS E 189 -31.18 44.77 -39.95
N GLU E 190 -32.45 44.76 -40.34
CA GLU E 190 -33.31 43.62 -40.07
C GLU E 190 -32.72 42.32 -40.63
N GLN E 191 -32.20 42.37 -41.85
CA GLN E 191 -31.67 41.16 -42.47
C GLN E 191 -30.44 40.64 -41.74
N TRP E 192 -29.63 41.54 -41.17
CA TRP E 192 -28.48 41.10 -40.38
C TRP E 192 -28.93 40.37 -39.12
N ALA E 193 -29.94 40.92 -38.43
CA ALA E 193 -30.44 40.28 -37.22
C ALA E 193 -31.12 38.96 -37.53
N ILE E 194 -31.84 38.90 -38.65
CA ILE E 194 -32.42 37.63 -39.09
C ILE E 194 -31.33 36.58 -39.27
N LEU E 195 -30.22 36.97 -39.90
CA LEU E 195 -29.13 36.04 -40.12
C LEU E 195 -28.54 35.57 -38.79
N SER E 196 -28.22 36.52 -37.90
CA SER E 196 -27.67 36.16 -36.60
C SER E 196 -28.59 35.21 -35.85
N GLN E 197 -29.91 35.46 -35.90
CA GLN E 197 -30.84 34.56 -35.27
C GLN E 197 -30.84 33.19 -35.93
N ARG E 198 -30.77 33.17 -37.27
CA ARG E 198 -30.76 31.91 -37.99
C ARG E 198 -29.54 31.06 -37.66
N LEU E 199 -28.40 31.72 -37.39
CA LEU E 199 -27.17 31.01 -37.05
C LEU E 199 -27.14 30.53 -35.60
N GLY E 200 -28.04 31.01 -34.75
CA GLY E 200 -28.01 30.65 -33.35
C GLY E 200 -26.99 31.41 -32.53
N VAL E 201 -26.54 32.57 -33.01
CA VAL E 201 -25.60 33.38 -32.25
C VAL E 201 -26.29 33.89 -31.00
N LYS E 202 -25.72 33.59 -29.84
CA LYS E 202 -26.28 34.00 -28.56
C LYS E 202 -25.37 34.94 -27.78
N VAL E 203 -24.06 34.83 -27.95
CA VAL E 203 -23.09 35.65 -27.22
C VAL E 203 -22.04 36.16 -28.19
N ILE E 204 -21.65 37.41 -28.01
CA ILE E 204 -20.58 38.03 -28.78
C ILE E 204 -19.66 38.75 -27.82
N HIS E 205 -18.37 38.43 -27.87
CA HIS E 205 -17.35 39.16 -27.13
C HIS E 205 -16.49 39.95 -28.11
N VAL E 206 -16.16 41.19 -27.73
CA VAL E 206 -14.99 41.84 -28.30
C VAL E 206 -13.81 41.28 -27.53
N ALA E 207 -13.31 40.12 -27.97
CA ALA E 207 -12.29 39.37 -27.23
C ALA E 207 -10.92 39.85 -27.68
N GLU E 208 -10.30 40.70 -26.87
CA GLU E 208 -9.01 41.30 -27.20
C GLU E 208 -7.93 40.77 -26.27
N TYR E 209 -6.77 40.45 -26.85
CA TYR E 209 -5.61 39.97 -26.10
C TYR E 209 -4.38 40.74 -26.56
N ASP E 210 -3.75 41.45 -25.64
CA ASP E 210 -2.57 42.27 -25.95
C ASP E 210 -1.35 41.55 -25.40
N SER E 211 -0.61 40.87 -26.27
CA SER E 211 0.59 40.15 -25.88
C SER E 211 1.86 40.95 -26.07
N GLN E 212 1.75 42.26 -26.32
CA GLN E 212 2.94 43.09 -26.45
C GLN E 212 3.70 43.15 -25.14
N ILE E 213 5.03 43.06 -25.23
CA ILE E 213 5.90 42.98 -24.07
C ILE E 213 6.86 44.17 -24.09
N SER E 214 7.12 44.72 -22.92
CA SER E 214 7.98 45.89 -22.79
C SER E 214 9.43 45.47 -22.60
N GLN E 215 10.34 46.24 -23.17
CA GLN E 215 11.76 45.96 -23.04
C GLN E 215 12.22 46.09 -21.58
N LYS E 216 11.78 47.14 -20.89
CA LYS E 216 12.18 47.40 -19.52
C LYS E 216 11.00 47.23 -18.58
N SER E 217 11.29 46.75 -17.37
CA SER E 217 10.27 46.67 -16.33
C SER E 217 9.90 48.08 -15.87
N ARG E 218 8.61 48.27 -15.57
CA ARG E 218 8.10 49.59 -15.24
C ARG E 218 8.77 50.12 -13.98
N GLU E 219 8.55 51.41 -13.72
CA GLU E 219 9.13 52.10 -12.58
C GLU E 219 8.16 52.07 -11.41
N ARG E 220 8.71 52.28 -10.21
N ARG E 220 8.71 52.30 -10.22
CA ARG E 220 7.90 52.27 -9.00
CA ARG E 220 7.92 52.28 -9.00
C ARG E 220 6.79 53.30 -9.10
C ARG E 220 6.79 53.30 -9.07
N GLY E 221 5.54 52.84 -8.97
CA GLY E 221 4.39 53.72 -9.04
C GLY E 221 4.03 54.18 -10.43
N GLU E 222 4.64 53.62 -11.47
CA GLU E 222 4.43 54.05 -12.84
C GLU E 222 3.37 53.16 -13.49
N PHE E 223 2.26 53.77 -13.91
CA PHE E 223 1.23 53.06 -14.66
C PHE E 223 1.64 53.01 -16.13
N VAL E 224 1.74 51.80 -16.68
CA VAL E 224 2.22 51.59 -18.04
C VAL E 224 1.12 50.93 -18.86
N ASN E 225 1.02 51.31 -20.13
CA ASN E 225 0.00 50.78 -21.02
C ASN E 225 0.47 50.95 -22.46
N THR E 226 -0.13 50.18 -23.37
CA THR E 226 0.18 50.27 -24.78
C THR E 226 -0.64 51.35 -25.50
N TRP E 227 -1.53 52.03 -24.78
CA TRP E 227 -2.24 53.19 -25.29
C TRP E 227 -2.46 54.13 -24.12
N SER E 228 -3.33 55.13 -24.32
CA SER E 228 -3.56 56.15 -23.32
C SER E 228 -3.70 55.55 -21.93
N VAL E 229 -2.85 56.00 -21.01
CA VAL E 229 -2.95 55.57 -19.62
C VAL E 229 -4.24 56.09 -19.00
N HIS E 230 -4.49 57.39 -19.13
CA HIS E 230 -5.67 57.99 -18.52
C HIS E 230 -6.95 57.51 -19.19
N GLY E 231 -6.90 57.19 -20.48
CA GLY E 231 -8.05 56.59 -21.13
C GLY E 231 -8.37 55.22 -20.57
N PHE E 232 -7.34 54.39 -20.40
CA PHE E 232 -7.54 53.05 -19.84
C PHE E 232 -8.07 53.12 -18.42
N ILE E 233 -7.51 54.03 -17.61
CA ILE E 233 -7.95 54.16 -16.22
C ILE E 233 -9.40 54.63 -16.18
N SER E 234 -9.74 55.64 -17.00
CA SER E 234 -11.11 56.17 -17.00
C SER E 234 -12.12 55.07 -17.32
N GLU E 235 -11.85 54.28 -18.35
CA GLU E 235 -12.76 53.20 -18.71
C GLU E 235 -12.74 52.08 -17.69
N SER E 236 -11.58 51.82 -17.08
CA SER E 236 -11.49 50.79 -16.05
C SER E 236 -12.40 51.09 -14.86
N GLN E 237 -12.61 52.38 -14.54
CA GLN E 237 -13.37 52.74 -13.36
C GLN E 237 -14.87 52.73 -13.60
N GLN E 238 -15.31 53.03 -14.83
CA GLN E 238 -16.73 53.06 -15.10
C GLN E 238 -17.38 51.72 -14.75
N PRO E 239 -18.64 51.72 -14.33
CA PRO E 239 -19.33 50.45 -14.09
C PRO E 239 -19.40 49.63 -15.37
N ALA E 240 -19.26 48.31 -15.21
CA ALA E 240 -19.35 47.41 -16.35
C ALA E 240 -20.71 47.51 -17.01
N GLU E 241 -20.72 47.34 -18.33
CA GLU E 241 -21.96 47.37 -19.12
C GLU E 241 -21.92 46.27 -20.17
N LEU E 242 -23.09 45.76 -20.50
CA LEU E 242 -23.19 44.70 -21.51
C LEU E 242 -24.57 44.71 -22.12
N GLY E 243 -24.64 44.40 -23.41
CA GLY E 243 -25.92 44.10 -24.03
C GLY E 243 -26.42 42.75 -23.55
N TRP E 244 -27.68 42.70 -23.14
CA TRP E 244 -28.26 41.51 -22.52
C TRP E 244 -29.08 40.75 -23.56
N GLY E 245 -28.72 39.47 -23.77
CA GLY E 245 -29.32 38.68 -24.82
C GLY E 245 -30.63 38.03 -24.43
N SER E 246 -31.42 37.70 -25.44
CA SER E 246 -32.75 37.12 -25.23
C SER E 246 -32.70 35.68 -24.72
N HIS E 247 -31.53 35.03 -24.74
CA HIS E 247 -31.40 33.68 -24.22
C HIS E 247 -31.06 33.65 -22.73
N GLU E 248 -30.67 34.77 -22.15
CA GLU E 248 -30.26 34.79 -20.75
C GLU E 248 -31.44 34.47 -19.84
N ARG E 249 -31.12 33.96 -18.65
CA ARG E 249 -32.13 33.66 -17.65
C ARG E 249 -31.78 34.36 -16.34
N SER E 250 -30.87 33.77 -15.56
CA SER E 250 -30.45 34.37 -14.30
C SER E 250 -29.81 35.73 -14.57
N LEU E 251 -30.14 36.71 -13.69
CA LEU E 251 -29.63 38.06 -13.82
C LEU E 251 -28.35 38.24 -13.01
N PRO E 252 -27.46 39.15 -13.41
CA PRO E 252 -26.26 39.39 -12.62
C PRO E 252 -26.59 40.09 -11.31
N THR E 253 -25.70 39.94 -10.35
CA THR E 253 -25.89 40.57 -9.05
C THR E 253 -25.37 42.01 -9.08
N ASP E 254 -25.92 42.83 -8.17
CA ASP E 254 -25.54 44.24 -8.07
C ASP E 254 -25.67 44.94 -9.41
N ALA E 255 -26.76 44.64 -10.12
CA ALA E 255 -26.92 45.07 -11.50
C ALA E 255 -28.21 45.85 -11.66
N SER E 256 -28.23 46.69 -12.69
CA SER E 256 -29.41 47.42 -13.12
C SER E 256 -29.54 47.23 -14.63
N MET E 257 -30.66 47.70 -15.19
CA MET E 257 -30.95 47.41 -16.58
C MET E 257 -31.73 48.56 -17.22
N HIS E 258 -31.32 48.92 -18.44
CA HIS E 258 -32.10 49.78 -19.31
C HIS E 258 -33.02 48.90 -20.16
N THR E 259 -34.30 49.29 -20.24
CA THR E 259 -35.22 48.61 -21.16
C THR E 259 -36.11 49.58 -21.93
N ASP E 260 -35.96 50.88 -21.74
CA ASP E 260 -36.78 51.86 -22.44
C ASP E 260 -36.28 52.17 -23.84
N GLY E 261 -35.34 51.39 -24.37
CA GLY E 261 -34.82 51.59 -25.70
C GLY E 261 -35.05 50.41 -26.62
N CYS E 262 -34.04 50.08 -27.42
CA CYS E 262 -34.18 49.00 -28.41
C CYS E 262 -34.12 47.62 -27.76
N GLY E 263 -33.27 47.45 -26.75
CA GLY E 263 -33.13 46.16 -26.11
C GLY E 263 -32.53 46.29 -24.74
N ALA E 264 -32.63 45.20 -23.98
CA ALA E 264 -32.13 45.19 -22.61
C ALA E 264 -30.63 45.40 -22.57
N ALA E 265 -30.18 46.28 -21.68
CA ALA E 265 -28.77 46.53 -21.46
C ALA E 265 -28.52 46.68 -19.97
N ILE E 266 -27.52 45.97 -19.47
CA ILE E 266 -27.22 45.93 -18.04
C ILE E 266 -26.00 46.78 -17.77
N TYR E 267 -26.02 47.49 -16.63
CA TYR E 267 -24.82 48.08 -16.06
C TYR E 267 -24.65 47.54 -14.64
N ILE E 268 -23.45 47.05 -14.34
CA ILE E 268 -23.13 46.46 -13.06
C ILE E 268 -22.37 47.50 -12.24
N GLU E 269 -22.82 47.72 -11.00
CA GLU E 269 -22.22 48.76 -10.17
C GLU E 269 -20.92 48.28 -9.55
N LYS E 270 -20.00 47.80 -10.38
CA LYS E 270 -18.64 47.47 -10.02
C LYS E 270 -17.73 47.96 -11.12
N PRO E 271 -16.52 48.39 -10.79
CA PRO E 271 -15.61 48.87 -11.84
C PRO E 271 -15.27 47.75 -12.83
N GLY E 272 -15.31 48.09 -14.12
CA GLY E 272 -15.06 47.10 -15.15
C GLY E 272 -13.80 46.29 -14.90
N ALA E 273 -12.73 46.95 -14.45
CA ALA E 273 -11.45 46.28 -14.23
C ALA E 273 -11.51 45.26 -13.10
N SER E 274 -12.58 45.24 -12.31
CA SER E 274 -12.76 44.23 -11.28
C SER E 274 -13.71 43.12 -11.67
N VAL E 275 -14.41 43.25 -12.80
CA VAL E 275 -15.33 42.23 -13.30
C VAL E 275 -14.56 41.39 -14.31
N ARG E 276 -14.24 40.16 -13.94
CA ARG E 276 -13.45 39.26 -14.78
C ARG E 276 -14.38 38.27 -15.47
N VAL E 277 -14.20 38.10 -16.78
CA VAL E 277 -15.00 37.18 -17.57
C VAL E 277 -14.08 36.28 -18.37
N LYS E 278 -14.47 35.02 -18.50
CA LYS E 278 -13.73 34.09 -19.35
C LYS E 278 -14.10 34.33 -20.81
N THR E 279 -13.10 34.29 -21.67
CA THR E 279 -13.31 34.47 -23.11
C THR E 279 -12.35 33.55 -23.84
N TRP E 280 -12.11 33.82 -25.12
CA TRP E 280 -11.28 32.97 -25.95
C TRP E 280 -10.67 33.83 -27.05
N THR E 281 -9.35 33.70 -27.23
CA THR E 281 -8.64 34.40 -28.29
C THR E 281 -7.66 33.45 -28.94
N PRO E 282 -7.20 33.75 -30.16
CA PRO E 282 -6.24 32.85 -30.83
C PRO E 282 -4.84 32.88 -30.23
N PHE E 283 -4.56 33.77 -29.29
CA PHE E 283 -3.23 33.79 -28.69
C PHE E 283 -2.93 32.46 -28.00
N ASN E 284 -3.83 31.99 -27.13
CA ASN E 284 -3.60 30.74 -26.43
C ASN E 284 -4.91 30.06 -26.03
N GLY E 285 -6.00 30.35 -26.73
CA GLY E 285 -7.27 29.72 -26.42
C GLY E 285 -7.99 30.43 -25.28
N PRO E 286 -8.49 29.68 -24.30
CA PRO E 286 -9.17 30.31 -23.16
C PRO E 286 -8.35 31.46 -22.58
N SER E 287 -9.04 32.55 -22.26
CA SER E 287 -8.40 33.74 -21.72
C SER E 287 -9.32 34.37 -20.68
N LEU E 288 -8.75 35.24 -19.86
CA LEU E 288 -9.49 36.02 -18.90
C LEU E 288 -9.42 37.49 -19.29
N GLY E 289 -10.58 38.15 -19.35
CA GLY E 289 -10.64 39.54 -19.70
C GLY E 289 -11.42 40.33 -18.66
N TYR E 290 -11.34 41.64 -18.79
CA TYR E 290 -12.10 42.56 -17.95
C TYR E 290 -13.35 42.99 -18.70
N LEU E 291 -14.48 43.02 -17.98
CA LEU E 291 -15.75 43.45 -18.58
C LEU E 291 -15.84 44.98 -18.50
N VAL E 292 -15.03 45.61 -19.33
CA VAL E 292 -15.01 47.07 -19.42
C VAL E 292 -16.20 47.53 -20.25
N THR E 293 -16.87 48.58 -19.79
CA THR E 293 -17.95 49.17 -20.57
C THR E 293 -17.40 49.75 -21.87
N HIS E 294 -18.09 49.45 -22.98
CA HIS E 294 -17.70 49.95 -24.28
C HIS E 294 -18.93 50.24 -25.11
N HIS E 295 -18.82 51.25 -25.97
CA HIS E 295 -19.93 51.66 -26.83
C HIS E 295 -20.45 50.49 -27.65
N GLU E 296 -19.56 49.69 -28.24
CA GLU E 296 -19.98 48.64 -29.15
C GLU E 296 -20.74 47.53 -28.46
N ALA E 297 -20.62 47.38 -27.14
CA ALA E 297 -21.44 46.43 -26.41
C ALA E 297 -22.93 46.69 -26.66
N ILE E 298 -23.30 47.95 -26.83
CA ILE E 298 -24.69 48.33 -27.01
C ILE E 298 -25.06 48.40 -28.48
N SER E 299 -24.20 48.99 -29.32
CA SER E 299 -24.55 49.19 -30.72
C SER E 299 -24.60 47.87 -31.48
N ILE E 300 -23.69 46.94 -31.16
CA ILE E 300 -23.73 45.64 -31.82
C ILE E 300 -24.97 44.87 -31.41
N ALA E 301 -25.31 44.89 -30.12
CA ALA E 301 -26.52 44.20 -29.65
C ALA E 301 -27.76 44.79 -30.31
N ASP E 302 -27.91 46.11 -30.28
CA ASP E 302 -29.05 46.74 -30.94
C ASP E 302 -29.09 46.38 -32.42
N PHE E 303 -27.94 46.42 -33.09
CA PHE E 303 -27.90 46.14 -34.52
C PHE E 303 -28.40 44.74 -34.83
N LEU E 304 -28.15 43.77 -33.96
CA LEU E 304 -28.58 42.40 -34.15
C LEU E 304 -29.84 42.06 -33.36
N THR E 305 -30.59 43.07 -32.93
CA THR E 305 -31.83 42.86 -32.21
C THR E 305 -32.98 42.76 -33.21
N LEU E 306 -33.74 41.67 -33.14
CA LEU E 306 -34.91 41.46 -33.98
C LEU E 306 -36.14 41.50 -33.09
N ARG E 307 -37.00 42.49 -33.30
CA ARG E 307 -38.21 42.69 -32.51
C ARG E 307 -39.42 42.61 -33.42
N THR E 308 -40.23 41.58 -33.25
CA THR E 308 -41.49 41.42 -33.96
C THR E 308 -42.64 41.54 -32.97
N ALA E 309 -43.86 41.29 -33.45
CA ALA E 309 -45.01 41.24 -32.56
C ALA E 309 -45.05 39.94 -31.76
N ASP E 310 -44.32 38.92 -32.20
CA ASP E 310 -44.32 37.62 -31.51
C ASP E 310 -43.16 37.52 -30.52
N GLU E 311 -41.95 37.35 -31.01
N GLU E 311 -41.95 37.36 -31.02
CA GLU E 311 -40.78 37.10 -30.18
CA GLU E 311 -40.77 37.10 -30.21
C GLU E 311 -39.79 38.26 -30.31
C GLU E 311 -39.79 38.27 -30.30
N THR E 312 -38.72 38.17 -29.52
CA THR E 312 -37.62 39.12 -29.54
C THR E 312 -36.32 38.33 -29.56
N TYR E 313 -35.44 38.66 -30.50
CA TYR E 313 -34.12 38.05 -30.56
C TYR E 313 -33.05 39.12 -30.33
N ARG E 314 -32.00 38.75 -29.60
CA ARG E 314 -30.97 39.68 -29.22
C ARG E 314 -29.80 38.92 -28.60
N PRO E 315 -28.56 39.12 -29.07
CA PRO E 315 -27.42 38.45 -28.45
C PRO E 315 -26.85 39.25 -27.28
N THR E 316 -26.19 38.52 -26.40
CA THR E 316 -25.40 39.15 -25.35
C THR E 316 -24.09 39.65 -25.94
N VAL E 317 -23.73 40.89 -25.65
CA VAL E 317 -22.55 41.53 -26.22
C VAL E 317 -21.84 42.33 -25.14
N HIS E 318 -20.51 42.20 -25.09
CA HIS E 318 -19.73 43.03 -24.18
C HIS E 318 -18.25 42.85 -24.48
N TYR E 319 -17.47 43.83 -24.03
CA TYR E 319 -16.02 43.78 -24.12
C TYR E 319 -15.48 42.70 -23.20
N ALA E 320 -14.41 42.04 -23.62
CA ALA E 320 -13.71 41.05 -22.79
C ALA E 320 -12.21 41.27 -23.03
N TYR E 321 -11.63 42.17 -22.24
CA TYR E 321 -10.35 42.79 -22.54
C TYR E 321 -9.23 42.18 -21.69
N ARG E 322 -8.28 41.51 -22.35
CA ARG E 322 -7.05 41.07 -21.69
C ARG E 322 -5.92 42.02 -22.10
N PRO E 323 -5.63 43.05 -21.31
CA PRO E 323 -4.66 44.06 -21.72
C PRO E 323 -3.23 43.53 -21.57
N SER E 324 -2.28 44.38 -21.93
CA SER E 324 -0.88 44.01 -21.89
C SER E 324 -0.44 43.65 -20.47
N ASP E 325 0.62 42.85 -20.39
CA ASP E 325 1.19 42.48 -19.10
C ASP E 325 1.45 43.72 -18.24
N GLU E 326 2.03 44.76 -18.83
CA GLU E 326 2.34 45.98 -18.09
C GLU E 326 1.07 46.63 -17.54
N ALA E 327 -0.01 46.59 -18.32
CA ALA E 327 -1.26 47.21 -17.87
C ALA E 327 -1.89 46.40 -16.74
N ILE E 328 -1.89 45.07 -16.85
CA ILE E 328 -2.45 44.23 -15.79
C ILE E 328 -1.73 44.49 -14.48
N LEU E 329 -0.39 44.47 -14.51
CA LEU E 329 0.37 44.77 -13.30
C LEU E 329 0.09 46.18 -12.82
N SER E 330 0.00 47.14 -13.74
CA SER E 330 -0.31 48.51 -13.36
C SER E 330 -1.67 48.61 -12.68
N VAL E 331 -2.66 47.88 -13.19
CA VAL E 331 -3.98 47.87 -12.55
C VAL E 331 -3.87 47.35 -11.13
N HIS E 332 -3.11 46.26 -10.94
CA HIS E 332 -2.95 45.69 -9.61
C HIS E 332 -2.47 46.74 -8.62
N GLU E 333 -1.34 47.39 -8.93
CA GLU E 333 -0.81 48.43 -8.05
C GLU E 333 -1.81 49.57 -7.91
N TRP E 334 -2.59 49.83 -8.97
CA TRP E 334 -3.55 50.92 -8.95
C TRP E 334 -4.67 50.65 -7.95
N PHE E 335 -5.24 49.45 -7.96
CA PHE E 335 -6.26 49.10 -6.99
C PHE E 335 -5.71 49.14 -5.56
N GLY E 336 -4.47 48.68 -5.37
CA GLY E 336 -3.87 48.73 -4.06
C GLY E 336 -3.66 50.13 -3.53
N ASN E 337 -3.61 51.13 -4.42
CA ASN E 337 -3.45 52.52 -4.05
C ASN E 337 -4.77 53.28 -4.10
N ASP E 338 -5.88 52.60 -3.82
CA ASP E 338 -7.19 53.24 -3.75
C ASP E 338 -7.57 53.87 -5.09
N CYS E 339 -7.06 53.32 -6.19
CA CYS E 339 -7.40 53.81 -7.52
C CYS E 339 -7.07 55.29 -7.68
N MET E 340 -6.09 55.79 -6.92
CA MET E 340 -5.66 57.17 -7.07
C MET E 340 -4.93 57.35 -8.40
N THR E 341 -5.02 58.57 -8.94
CA THR E 341 -4.35 58.86 -10.19
C THR E 341 -2.84 58.69 -10.01
N PRO E 342 -2.15 57.98 -10.90
CA PRO E 342 -0.73 57.71 -10.67
C PRO E 342 0.10 58.98 -10.77
N GLU E 343 1.18 59.02 -9.99
CA GLU E 343 2.15 60.10 -10.09
C GLU E 343 3.02 59.96 -11.33
N LYS E 344 3.18 58.74 -11.84
CA LYS E 344 3.95 58.49 -13.05
C LYS E 344 3.11 57.66 -14.01
N THR E 345 3.08 58.06 -15.27
CA THR E 345 2.39 57.33 -16.32
C THR E 345 3.30 57.23 -17.53
N LYS E 346 3.09 56.18 -18.33
CA LYS E 346 3.91 55.96 -19.51
C LYS E 346 3.10 55.20 -20.55
N VAL E 347 2.88 55.82 -21.70
CA VAL E 347 2.36 55.13 -22.88
C VAL E 347 3.57 54.62 -23.65
N LEU E 348 3.64 53.30 -23.84
CA LEU E 348 4.81 52.69 -24.45
C LEU E 348 4.99 53.19 -25.88
N ARG E 349 6.21 53.62 -26.20
CA ARG E 349 6.57 53.93 -27.57
C ARG E 349 6.93 52.64 -28.31
N PRO E 350 6.96 52.68 -29.64
CA PRO E 350 7.33 51.47 -30.39
C PRO E 350 8.66 50.88 -29.97
N GLY E 351 9.66 51.73 -29.72
CA GLY E 351 10.96 51.24 -29.29
C GLY E 351 10.94 50.54 -27.96
N ASP E 352 9.95 50.84 -27.11
CA ASP E 352 9.86 50.23 -25.79
C ASP E 352 9.31 48.81 -25.83
N ILE E 353 8.82 48.35 -26.98
CA ILE E 353 8.17 47.05 -27.10
C ILE E 353 9.07 46.13 -27.90
N LEU E 354 9.43 44.99 -27.29
CA LEU E 354 10.29 44.02 -27.97
C LEU E 354 9.53 43.19 -28.99
N SER E 355 8.44 42.56 -28.56
CA SER E 355 7.68 41.65 -29.41
C SER E 355 6.25 41.59 -28.92
N GLY E 356 5.45 40.76 -29.59
CA GLY E 356 4.05 40.58 -29.26
C GLY E 356 3.14 41.23 -30.29
N SER E 357 1.84 41.01 -30.09
CA SER E 357 0.82 41.46 -31.02
C SER E 357 -0.40 41.89 -30.24
N ASP E 358 -1.32 42.56 -30.93
CA ASP E 358 -2.62 42.92 -30.38
C ASP E 358 -3.68 42.11 -31.14
N TYR E 359 -4.23 41.11 -30.46
CA TYR E 359 -5.33 40.32 -31.01
C TYR E 359 -6.63 41.08 -30.74
N LEU E 360 -7.18 41.71 -31.77
CA LEU E 360 -8.44 42.45 -31.65
C LEU E 360 -9.45 41.83 -32.60
N GLY E 361 -10.45 41.14 -32.04
CA GLY E 361 -11.46 40.49 -32.84
C GLY E 361 -12.74 40.32 -32.07
N VAL E 362 -13.70 39.65 -32.70
CA VAL E 362 -15.02 39.40 -32.12
C VAL E 362 -15.22 37.89 -32.07
N LEU E 363 -15.70 37.41 -30.92
CA LEU E 363 -15.93 35.99 -30.69
C LEU E 363 -17.43 35.75 -30.70
N LEU E 364 -17.92 35.09 -31.74
CA LEU E 364 -19.34 34.77 -31.87
C LEU E 364 -19.56 33.35 -31.37
N MET E 365 -20.56 33.18 -30.52
CA MET E 365 -20.78 31.92 -29.82
C MET E 365 -22.24 31.53 -29.84
N GLY E 366 -22.49 30.22 -29.80
CA GLY E 366 -23.83 29.67 -29.80
C GLY E 366 -24.22 29.01 -31.10
N HIS E 367 -23.44 29.18 -32.16
CA HIS E 367 -23.76 28.62 -33.46
C HIS E 367 -23.35 27.15 -33.53
N GLU E 368 -23.56 26.55 -34.70
CA GLU E 368 -23.34 25.12 -34.86
C GLU E 368 -21.91 24.71 -34.56
N LYS E 369 -20.95 25.61 -34.80
CA LYS E 369 -19.55 25.32 -34.53
C LYS E 369 -19.11 25.81 -33.15
N SER E 370 -20.03 26.30 -32.34
CA SER E 370 -19.77 26.69 -30.95
C SER E 370 -19.13 28.08 -30.87
N SER E 371 -17.88 28.22 -31.31
CA SER E 371 -17.15 29.47 -31.17
C SER E 371 -16.45 29.82 -32.48
N TYR E 372 -16.40 31.12 -32.78
CA TYR E 372 -15.71 31.61 -33.97
C TYR E 372 -15.15 32.99 -33.67
N TRP E 373 -13.83 33.12 -33.76
CA TRP E 373 -13.12 34.37 -33.50
C TRP E 373 -12.64 34.94 -34.82
N TYR E 374 -12.96 36.22 -35.08
CA TYR E 374 -12.49 36.89 -36.28
C TYR E 374 -12.02 38.29 -35.93
N GLY E 375 -10.85 38.66 -36.41
CA GLY E 375 -10.35 40.01 -36.20
C GLY E 375 -8.92 40.17 -36.67
N SER E 376 -8.30 41.23 -36.19
CA SER E 376 -6.95 41.62 -36.58
C SER E 376 -5.94 41.10 -35.57
N ILE E 377 -4.91 40.41 -36.07
CA ILE E 377 -3.75 40.03 -35.27
C ILE E 377 -2.57 40.79 -35.85
N LEU E 378 -2.16 41.86 -35.17
CA LEU E 378 -1.13 42.76 -35.66
C LEU E 378 0.06 42.71 -34.70
N SER E 379 1.20 42.23 -35.21
CA SER E 379 2.41 42.18 -34.40
C SER E 379 3.05 43.56 -34.31
N ILE E 380 3.90 43.73 -33.29
CA ILE E 380 4.62 44.97 -33.13
C ILE E 380 5.61 45.16 -34.27
N GLU E 381 6.21 44.06 -34.74
CA GLU E 381 7.12 44.14 -35.87
C GLU E 381 6.43 44.72 -37.10
N LYS E 382 5.25 44.18 -37.43
CA LYS E 382 4.52 44.67 -38.60
C LYS E 382 4.13 46.13 -38.43
N ALA E 383 3.76 46.54 -37.21
CA ALA E 383 3.33 47.91 -36.98
C ALA E 383 4.45 48.90 -37.29
N LYS E 384 5.65 48.64 -36.75
CA LYS E 384 6.79 49.51 -37.03
C LYS E 384 7.10 49.55 -38.52
N GLU E 385 6.93 48.41 -39.20
CA GLU E 385 7.18 48.37 -40.64
C GLU E 385 6.20 49.23 -41.41
N LEU E 386 4.96 49.38 -40.92
CA LEU E 386 3.91 50.04 -41.66
C LEU E 386 3.82 51.54 -41.39
N ALA E 387 4.07 51.97 -40.15
CA ALA E 387 3.91 53.38 -39.82
C ALA E 387 4.71 53.70 -38.57
N THR E 388 5.11 54.95 -38.45
CA THR E 388 5.81 55.44 -37.28
C THR E 388 4.83 55.97 -36.24
N LEU E 389 5.34 56.21 -35.04
CA LEU E 389 4.55 56.74 -33.94
C LEU E 389 3.38 55.82 -33.59
N ASN E 390 3.56 54.51 -33.82
CA ASN E 390 2.47 53.56 -33.64
C ASN E 390 2.97 52.28 -32.98
N THR E 391 2.25 51.83 -31.96
CA THR E 391 2.33 50.46 -31.49
C THR E 391 1.31 49.63 -32.27
N ALA E 392 1.24 48.33 -31.98
CA ALA E 392 0.20 47.52 -32.59
C ALA E 392 -1.19 48.01 -32.17
N THR E 393 -1.32 48.42 -30.91
CA THR E 393 -2.62 48.86 -30.41
C THR E 393 -3.06 50.16 -31.08
N THR E 394 -2.19 51.16 -31.10
CA THR E 394 -2.58 52.47 -31.64
C THR E 394 -2.77 52.42 -33.14
N LEU E 395 -2.11 51.49 -33.83
CA LEU E 395 -2.23 51.44 -35.29
C LEU E 395 -3.59 50.89 -35.71
N GLN E 396 -4.10 49.90 -34.98
CA GLN E 396 -5.46 49.42 -35.23
C GLN E 396 -6.47 50.55 -35.03
N VAL E 397 -6.25 51.39 -34.02
CA VAL E 397 -7.13 52.55 -33.81
C VAL E 397 -6.95 53.55 -34.94
N ALA E 398 -5.69 53.89 -35.25
CA ALA E 398 -5.43 54.85 -36.33
C ALA E 398 -6.00 54.35 -37.64
N ALA E 399 -5.94 53.05 -37.89
CA ALA E 399 -6.55 52.49 -39.09
C ALA E 399 -8.07 52.69 -39.08
N GLY E 400 -8.68 52.59 -37.90
CA GLY E 400 -10.11 52.85 -37.80
C GLY E 400 -10.44 54.31 -38.08
N VAL E 401 -9.64 55.23 -37.54
CA VAL E 401 -9.84 56.64 -37.85
C VAL E 401 -9.76 56.88 -39.35
N LEU E 402 -8.78 56.26 -40.01
CA LEU E 402 -8.60 56.45 -41.44
C LEU E 402 -9.77 55.86 -42.23
N SER E 403 -10.23 54.68 -41.84
CA SER E 403 -11.38 54.07 -42.51
C SER E 403 -12.59 54.99 -42.45
N GLY E 404 -12.90 55.52 -41.25
CA GLY E 404 -14.02 56.42 -41.12
C GLY E 404 -13.78 57.77 -41.77
N TYR E 405 -12.52 58.20 -41.82
CA TYR E 405 -12.19 59.46 -42.47
C TYR E 405 -12.43 59.38 -43.98
N LEU E 406 -12.03 58.27 -44.60
CA LEU E 406 -12.29 58.09 -46.03
C LEU E 406 -13.77 57.86 -46.29
N TRP E 407 -14.50 57.33 -45.32
CA TRP E 407 -15.92 57.04 -45.53
C TRP E 407 -16.73 58.33 -45.58
N ILE E 408 -16.50 59.24 -44.64
CA ILE E 408 -17.30 60.45 -44.60
C ILE E 408 -16.96 61.36 -45.78
N LEU E 409 -15.74 61.26 -46.32
CA LEU E 409 -15.39 62.03 -47.51
C LEU E 409 -16.15 61.53 -48.73
N SER E 410 -16.27 60.21 -48.88
CA SER E 410 -16.96 59.62 -50.01
C SER E 410 -18.47 59.52 -49.79
N HIS E 411 -18.93 59.56 -48.53
CA HIS E 411 -20.35 59.55 -48.20
C HIS E 411 -20.64 60.74 -47.30
N PRO E 412 -20.64 61.95 -47.86
CA PRO E 412 -20.69 63.17 -47.03
C PRO E 412 -22.08 63.66 -46.66
N SER E 413 -23.14 62.93 -46.99
CA SER E 413 -24.51 63.39 -46.75
C SER E 413 -25.34 62.27 -46.10
N ALA E 414 -24.80 61.65 -45.06
CA ALA E 414 -25.46 60.54 -44.40
C ALA E 414 -26.03 60.90 -43.03
N GLY E 415 -25.81 62.12 -42.55
CA GLY E 415 -26.25 62.47 -41.22
C GLY E 415 -25.36 61.82 -40.16
N ILE E 416 -25.90 61.75 -38.94
CA ILE E 416 -25.20 61.10 -37.85
C ILE E 416 -25.29 59.59 -38.04
N ILE E 417 -24.15 58.93 -38.10
CA ILE E 417 -24.08 57.49 -38.36
C ILE E 417 -23.11 56.83 -37.37
N GLU E 418 -23.23 55.52 -37.27
CA GLU E 418 -22.30 54.69 -36.52
C GLU E 418 -21.65 53.68 -37.47
N ALA E 419 -20.71 52.90 -36.94
CA ALA E 419 -20.02 51.91 -37.75
C ALA E 419 -20.99 50.95 -38.41
N GLU E 420 -22.06 50.59 -37.70
CA GLU E 420 -23.02 49.61 -38.22
C GLU E 420 -23.74 50.14 -39.47
N ASP E 421 -23.86 51.47 -39.59
CA ASP E 421 -24.53 52.06 -40.74
C ASP E 421 -23.67 52.04 -42.00
N MET E 422 -22.42 51.60 -41.92
CA MET E 422 -21.50 51.59 -43.04
C MET E 422 -21.49 50.24 -43.73
N ASP E 423 -20.88 50.21 -44.91
CA ASP E 423 -20.61 48.97 -45.65
C ASP E 423 -19.29 48.40 -45.13
N HIS E 424 -19.36 47.25 -44.47
CA HIS E 424 -18.17 46.69 -43.83
C HIS E 424 -17.10 46.32 -44.85
N GLU E 425 -17.52 45.88 -46.05
CA GLU E 425 -16.54 45.51 -47.06
C GLU E 425 -15.74 46.71 -47.54
N VAL E 426 -16.41 47.85 -47.72
CA VAL E 426 -15.71 49.07 -48.15
C VAL E 426 -14.86 49.61 -47.01
N ALA E 427 -15.42 49.67 -45.80
CA ALA E 427 -14.69 50.20 -44.66
C ALA E 427 -13.40 49.42 -44.42
N LEU E 428 -13.47 48.10 -44.53
CA LEU E 428 -12.29 47.27 -44.30
C LEU E 428 -11.30 47.34 -45.45
N SER E 429 -11.77 47.59 -46.67
N SER E 429 -11.77 47.59 -46.67
CA SER E 429 -10.88 47.67 -47.82
CA SER E 429 -10.86 47.66 -47.81
C SER E 429 -9.98 48.89 -47.74
C SER E 429 -9.97 48.90 -47.74
N TYR E 430 -10.43 49.95 -47.07
CA TYR E 430 -9.63 51.17 -46.96
C TYR E 430 -8.30 50.91 -46.27
N ILE E 431 -8.29 50.02 -45.27
CA ILE E 431 -7.20 49.99 -44.31
C ILE E 431 -6.74 48.56 -44.01
N SER E 432 -7.17 47.60 -44.84
CA SER E 432 -6.83 46.20 -44.58
C SER E 432 -5.33 46.00 -44.42
N GLN E 433 -4.53 46.79 -45.13
CA GLN E 433 -3.08 46.64 -45.07
C GLN E 433 -2.51 46.99 -43.70
N TYR E 434 -3.28 47.68 -42.85
CA TYR E 434 -2.80 48.11 -41.55
C TYR E 434 -3.21 47.18 -40.42
N LEU E 435 -3.93 46.10 -40.70
CA LEU E 435 -4.44 45.20 -39.67
C LEU E 435 -3.62 43.92 -39.57
N GLY E 436 -2.47 43.86 -40.21
CA GLY E 436 -1.67 42.65 -40.16
C GLY E 436 -2.43 41.48 -40.73
N GLU E 437 -2.64 40.45 -39.91
CA GLU E 437 -3.29 39.22 -40.33
C GLU E 437 -4.76 39.25 -39.88
N LEU E 438 -5.66 39.39 -40.84
CA LEU E 438 -7.09 39.21 -40.58
C LEU E 438 -7.40 37.72 -40.63
N LYS E 439 -7.81 37.16 -39.49
CA LYS E 439 -7.91 35.71 -39.33
C LYS E 439 -9.25 35.34 -38.70
N GLY E 440 -9.84 34.25 -39.20
CA GLY E 440 -11.01 33.66 -38.60
C GLY E 440 -10.71 32.26 -38.10
N VAL E 441 -11.00 31.99 -36.83
CA VAL E 441 -10.62 30.74 -36.19
C VAL E 441 -11.85 30.13 -35.51
N TYR E 442 -12.07 28.84 -35.76
CA TYR E 442 -13.13 28.10 -35.08
C TYR E 442 -12.57 27.43 -33.82
N SER E 443 -13.47 27.15 -32.89
CA SER E 443 -13.09 26.49 -31.65
C SER E 443 -14.32 25.79 -31.07
N ASP E 444 -14.11 24.60 -30.51
CA ASP E 444 -15.16 23.89 -29.79
C ASP E 444 -15.36 24.42 -28.38
N TRP E 445 -14.76 25.56 -28.05
CA TRP E 445 -14.76 26.05 -26.68
C TRP E 445 -16.13 26.58 -26.28
N ASN E 446 -16.47 26.34 -25.01
CA ASN E 446 -17.53 27.07 -24.33
C ASN E 446 -17.13 27.15 -22.86
N PRO E 447 -17.65 28.12 -22.12
CA PRO E 447 -17.17 28.35 -20.74
C PRO E 447 -17.47 27.21 -19.78
N THR E 448 -18.21 26.19 -20.18
CA THR E 448 -18.53 25.06 -19.30
C THR E 448 -17.81 23.78 -19.68
N LYS E 449 -16.99 23.80 -20.74
CA LYS E 449 -16.35 22.58 -21.20
C LYS E 449 -15.50 21.91 -20.12
N ASN E 450 -15.07 22.67 -19.12
CA ASN E 450 -14.37 22.14 -17.97
C ASN E 450 -15.27 22.27 -16.75
N ASN E 451 -15.49 21.16 -16.04
CA ASN E 451 -16.45 21.11 -14.95
C ASN E 451 -17.82 21.58 -15.44
N PRO E 452 -18.47 20.82 -16.34
CA PRO E 452 -19.82 21.18 -16.81
C PRO E 452 -20.84 21.32 -15.68
N ASP E 459 -29.70 21.28 -22.59
CA ASP E 459 -30.39 22.44 -23.14
C ASP E 459 -29.47 23.21 -24.07
N SER E 460 -30.05 23.81 -25.11
CA SER E 460 -29.28 24.48 -26.15
C SER E 460 -28.69 25.80 -25.67
N ASP E 461 -29.30 26.45 -24.68
CA ASP E 461 -28.81 27.73 -24.17
C ASP E 461 -27.95 27.60 -22.93
N SER E 462 -27.93 26.42 -22.30
CA SER E 462 -27.25 26.21 -21.02
C SER E 462 -25.82 26.73 -21.03
N PRO E 463 -24.94 26.22 -21.91
CA PRO E 463 -23.52 26.58 -21.81
C PRO E 463 -23.23 28.06 -22.06
N TRP E 464 -24.19 28.82 -22.60
CA TRP E 464 -23.94 30.20 -22.99
C TRP E 464 -24.56 31.21 -22.04
N LEU E 465 -25.00 30.78 -20.86
CA LEU E 465 -25.53 31.71 -19.88
C LEU E 465 -24.41 32.55 -19.28
N PHE E 466 -24.76 33.77 -18.89
CA PHE E 466 -23.74 34.72 -18.44
C PHE E 466 -22.98 34.22 -17.22
N SER E 467 -23.68 33.54 -16.29
CA SER E 467 -23.01 33.07 -15.09
C SER E 467 -21.88 32.10 -15.39
N ASN E 468 -21.92 31.42 -16.54
CA ASN E 468 -20.82 30.54 -16.93
C ASN E 468 -19.56 31.32 -17.28
N PHE E 469 -19.71 32.56 -17.74
CA PHE E 469 -18.58 33.36 -18.18
C PHE E 469 -17.93 34.13 -17.03
N VAL E 470 -18.74 34.77 -16.19
CA VAL E 470 -18.22 35.68 -15.18
C VAL E 470 -17.66 34.88 -14.01
N LEU E 471 -16.52 35.33 -13.49
CA LEU E 471 -15.92 34.71 -12.31
C LEU E 471 -16.57 35.23 -11.04
N SER F 6 27.31 26.87 19.61
CA SER F 6 27.78 25.51 19.89
C SER F 6 26.61 24.53 19.96
N ILE F 7 26.43 23.77 18.88
CA ILE F 7 25.35 22.79 18.77
C ILE F 7 25.94 21.56 18.08
N ASN F 8 26.04 20.46 18.82
CA ASN F 8 26.61 19.25 18.24
C ASN F 8 25.69 18.69 17.17
N PRO F 9 26.24 18.16 16.07
CA PRO F 9 25.39 17.67 14.98
C PRO F 9 24.71 16.37 15.36
N PRO F 10 23.64 15.99 14.65
CA PRO F 10 23.07 14.66 14.85
C PRO F 10 23.91 13.60 14.16
N GLN F 11 23.40 12.36 14.12
CA GLN F 11 24.12 11.29 13.43
C GLN F 11 23.65 11.10 11.99
N ARG F 12 22.37 11.33 11.74
CA ARG F 12 21.80 11.07 10.42
C ARG F 12 20.70 12.07 10.13
N ILE F 13 20.51 12.36 8.86
CA ILE F 13 19.43 13.24 8.40
C ILE F 13 18.73 12.54 7.25
N VAL F 14 17.40 12.52 7.29
CA VAL F 14 16.57 11.94 6.24
C VAL F 14 15.70 13.05 5.67
N PHE F 15 15.97 13.42 4.41
CA PHE F 15 15.14 14.38 3.69
C PHE F 15 14.01 13.63 3.00
N VAL F 16 12.77 13.93 3.39
CA VAL F 16 11.60 13.49 2.65
C VAL F 16 11.27 14.59 1.66
N GLY F 17 11.48 14.31 0.38
CA GLY F 17 11.38 15.34 -0.65
C GLY F 17 12.71 16.03 -0.84
N LEU F 18 13.09 16.22 -2.11
CA LEU F 18 14.35 16.88 -2.44
C LEU F 18 14.09 17.88 -3.58
N GLY F 19 13.25 18.87 -3.28
CA GLY F 19 12.86 19.89 -4.23
C GLY F 19 13.67 21.17 -4.08
N THR F 20 13.04 22.28 -4.44
CA THR F 20 13.73 23.57 -4.42
C THR F 20 14.23 23.90 -3.01
N ILE F 21 13.35 23.83 -2.01
CA ILE F 21 13.73 24.25 -0.67
C ILE F 21 14.80 23.32 -0.10
N ALA F 22 14.62 22.01 -0.26
CA ALA F 22 15.62 21.06 0.23
C ALA F 22 16.99 21.36 -0.36
N GLN F 23 17.06 21.54 -1.69
CA GLN F 23 18.33 21.84 -2.32
C GLN F 23 18.83 23.23 -1.95
N SER F 24 17.93 24.18 -1.72
CA SER F 24 18.34 25.50 -1.26
C SER F 24 18.80 25.47 0.19
N PHE F 25 18.46 24.43 0.93
CA PHE F 25 18.83 24.32 2.33
C PHE F 25 20.20 23.67 2.54
N LEU F 26 20.63 22.81 1.61
CA LEU F 26 21.91 22.13 1.76
C LEU F 26 23.07 23.10 1.90
N PRO F 27 23.19 24.14 1.07
CA PRO F 27 24.35 25.05 1.23
C PRO F 27 24.47 25.65 2.61
N LEU F 28 23.34 26.01 3.24
CA LEU F 28 23.39 26.59 4.58
C LEU F 28 23.76 25.54 5.62
N LEU F 29 23.22 24.33 5.48
CA LEU F 29 23.53 23.26 6.43
C LEU F 29 25.01 22.92 6.41
N SER F 30 25.63 22.93 5.23
CA SER F 30 27.03 22.56 5.13
C SER F 30 27.92 23.50 5.93
N LYS F 31 27.61 24.80 5.91
CA LYS F 31 28.38 25.77 6.67
C LYS F 31 28.22 25.60 8.18
N VAL F 32 27.24 24.83 8.63
CA VAL F 32 27.04 24.56 10.04
C VAL F 32 27.64 23.21 10.44
N HIS F 33 27.44 22.19 9.60
CA HIS F 33 27.92 20.84 9.88
C HIS F 33 28.60 20.28 8.64
N ASP F 34 29.71 19.58 8.85
CA ASP F 34 30.41 18.91 7.76
C ASP F 34 29.54 17.75 7.25
N LEU F 35 28.97 17.92 6.06
CA LEU F 35 28.03 16.93 5.54
C LEU F 35 28.72 15.61 5.20
N SER F 36 30.05 15.59 5.10
CA SER F 36 30.75 14.34 4.82
C SER F 36 30.78 13.44 6.06
N THR F 37 30.80 14.05 7.25
CA THR F 37 30.77 13.29 8.50
C THR F 37 29.36 12.92 8.94
N LEU F 38 28.38 13.05 8.04
CA LEU F 38 26.98 12.78 8.36
C LEU F 38 26.40 11.82 7.32
N GLU F 39 25.54 10.92 7.80
CA GLU F 39 24.79 10.03 6.93
C GLU F 39 23.52 10.77 6.48
N ILE F 40 23.37 10.93 5.16
CA ILE F 40 22.29 11.72 4.59
C ILE F 40 21.51 10.85 3.61
N TYR F 41 20.19 10.78 3.82
CA TYR F 41 19.30 10.10 2.90
C TYR F 41 18.33 11.11 2.30
N ALA F 42 17.88 10.83 1.08
CA ALA F 42 16.94 11.70 0.38
C ALA F 42 15.92 10.83 -0.34
N ILE F 43 14.63 11.17 -0.17
CA ILE F 43 13.54 10.41 -0.76
C ILE F 43 12.73 11.37 -1.62
N ASP F 44 12.62 11.06 -2.91
CA ASP F 44 11.85 11.89 -3.83
C ASP F 44 11.55 11.12 -5.11
N PRO F 45 10.29 11.12 -5.57
CA PRO F 45 10.00 10.43 -6.84
C PRO F 45 10.68 11.08 -8.03
N LYS F 46 10.87 12.40 -8.01
CA LYS F 46 11.57 13.10 -9.08
C LYS F 46 13.07 13.10 -8.79
N THR F 47 13.86 12.77 -9.82
CA THR F 47 15.31 12.79 -9.69
C THR F 47 15.81 14.17 -10.07
N PRO F 48 16.41 14.94 -9.16
CA PRO F 48 16.84 16.30 -9.51
C PRO F 48 17.97 16.28 -10.52
N PRO F 49 18.26 17.41 -11.17
CA PRO F 49 19.38 17.43 -12.13
C PRO F 49 20.77 17.41 -11.49
N LEU F 50 20.87 17.56 -10.17
CA LEU F 50 22.14 17.72 -9.48
C LEU F 50 22.40 16.58 -8.50
N ILE F 51 22.03 15.35 -8.86
CA ILE F 51 22.21 14.23 -7.93
C ILE F 51 23.68 13.87 -7.84
N GLU F 52 24.32 13.63 -8.99
CA GLU F 52 25.75 13.31 -8.98
C GLU F 52 26.55 14.37 -8.25
N TYR F 53 26.14 15.63 -8.34
CA TYR F 53 26.85 16.68 -7.60
C TYR F 53 26.70 16.50 -6.10
N PHE F 54 25.51 16.10 -5.63
CA PHE F 54 25.31 15.87 -4.21
C PHE F 54 25.94 14.55 -3.76
N ALA F 55 25.81 13.51 -4.57
CA ALA F 55 26.33 12.20 -4.18
C ALA F 55 27.85 12.21 -4.06
N ASN F 56 28.53 12.76 -5.06
CA ASN F 56 29.99 12.80 -5.08
C ASN F 56 30.55 14.04 -4.39
N SER F 57 29.76 14.68 -3.53
CA SER F 57 30.22 15.84 -2.76
C SER F 57 30.13 15.60 -1.26
N PHE F 58 28.96 15.20 -0.77
CA PHE F 58 28.77 14.90 0.65
C PHE F 58 28.06 13.56 0.84
N GLY F 59 28.23 12.64 -0.11
CA GLY F 59 27.73 11.30 0.03
C GLY F 59 26.24 11.19 0.28
N LEU F 60 25.45 11.94 -0.49
CA LEU F 60 24.00 11.86 -0.36
C LEU F 60 23.50 10.53 -0.92
N LYS F 61 22.75 9.80 -0.09
CA LYS F 61 22.14 8.54 -0.49
C LYS F 61 20.71 8.82 -0.92
N PHE F 62 20.39 8.52 -2.18
CA PHE F 62 19.13 8.90 -2.79
C PHE F 62 18.23 7.67 -2.93
N ILE F 63 16.98 7.82 -2.53
CA ILE F 63 15.95 6.78 -2.66
C ILE F 63 14.88 7.35 -3.57
N ASN F 64 14.91 6.99 -4.85
CA ASN F 64 13.93 7.47 -5.82
C ASN F 64 12.63 6.72 -5.61
N SER F 65 11.75 7.28 -4.78
CA SER F 65 10.48 6.64 -4.47
C SER F 65 9.49 7.70 -4.02
N ALA F 66 8.21 7.36 -4.14
CA ALA F 66 7.12 8.22 -3.70
C ALA F 66 6.55 7.66 -2.41
N ILE F 67 6.50 8.48 -1.36
CA ILE F 67 6.05 8.05 -0.05
C ILE F 67 4.54 8.23 0.04
N ASP F 68 3.81 7.13 0.18
CA ASP F 68 2.37 7.16 0.33
C ASP F 68 1.98 6.42 1.60
N GLN F 69 0.67 6.34 1.85
CA GLN F 69 0.16 5.73 3.08
C GLN F 69 0.32 4.21 3.11
N ILE F 70 0.83 3.60 2.05
CA ILE F 70 1.02 2.14 2.01
C ILE F 70 2.46 1.76 2.33
N ASN F 71 3.43 2.56 1.91
CA ASN F 71 4.84 2.17 1.95
C ASN F 71 5.71 3.02 2.86
N TYR F 72 5.17 4.09 3.46
CA TYR F 72 6.03 5.03 4.18
C TYR F 72 6.72 4.38 5.36
N ARG F 73 6.10 3.37 5.97
CA ARG F 73 6.77 2.67 7.07
C ARG F 73 7.89 1.78 6.56
N ASP F 74 7.65 1.06 5.46
CA ASP F 74 8.67 0.15 4.94
C ASP F 74 9.92 0.91 4.50
N ILE F 75 9.77 2.16 4.06
CA ILE F 75 10.89 2.93 3.54
C ILE F 75 11.64 3.66 4.65
N LEU F 76 10.90 4.25 5.60
CA LEU F 76 11.51 5.13 6.59
C LEU F 76 12.01 4.40 7.83
N VAL F 77 11.25 3.43 8.33
CA VAL F 77 11.59 2.75 9.57
C VAL F 77 13.04 2.28 9.55
N PRO F 78 13.53 1.68 8.45
CA PRO F 78 14.92 1.22 8.45
C PRO F 78 15.95 2.34 8.64
N ILE F 79 15.58 3.60 8.45
CA ILE F 79 16.53 4.70 8.52
C ILE F 79 16.11 5.75 9.55
N LEU F 80 15.19 5.41 10.45
CA LEU F 80 14.77 6.31 11.52
C LEU F 80 15.17 5.71 12.86
N GLY F 81 15.77 6.54 13.70
CA GLY F 81 16.16 6.10 15.03
C GLY F 81 16.66 7.27 15.84
N GLU F 82 17.18 6.95 17.03
CA GLU F 82 17.75 7.97 17.89
C GLU F 82 18.95 8.61 17.20
N GLY F 83 19.06 9.94 17.34
CA GLY F 83 20.10 10.69 16.66
C GLY F 83 19.79 11.03 15.22
N THR F 84 18.62 10.67 14.72
CA THR F 84 18.20 11.00 13.36
C THR F 84 17.31 12.24 13.38
N VAL F 85 17.43 13.04 12.33
CA VAL F 85 16.58 14.21 12.12
C VAL F 85 15.85 14.02 10.80
N LEU F 86 14.52 13.94 10.87
CA LEU F 86 13.69 13.85 9.68
C LEU F 86 13.28 15.26 9.29
N ILE F 87 13.82 15.74 8.17
CA ILE F 87 13.46 17.03 7.61
C ILE F 87 12.49 16.78 6.47
N ASN F 88 11.24 17.17 6.66
CA ASN F 88 10.17 16.94 5.69
C ASN F 88 9.96 18.22 4.89
N LEU F 89 10.39 18.20 3.63
CA LEU F 89 10.25 19.33 2.71
C LEU F 89 9.62 18.85 1.40
N SER F 90 8.54 18.10 1.51
CA SER F 90 7.88 17.47 0.37
C SER F 90 6.44 17.94 0.28
N THR F 91 5.72 17.36 -0.68
CA THR F 91 4.28 17.55 -0.83
C THR F 91 3.61 16.20 -0.85
N ASP F 92 2.30 16.21 -0.60
CA ASP F 92 1.47 15.01 -0.66
C ASP F 92 1.89 13.95 0.35
N VAL F 93 2.59 14.35 1.42
CA VAL F 93 3.01 13.45 2.48
C VAL F 93 2.47 13.97 3.80
N SER F 94 1.80 13.10 4.55
CA SER F 94 1.17 13.51 5.80
C SER F 94 2.22 13.85 6.84
N SER F 95 2.20 15.09 7.31
CA SER F 95 3.09 15.50 8.40
C SER F 95 2.75 14.74 9.68
N LEU F 96 1.47 14.55 9.96
CA LEU F 96 1.07 13.88 11.20
C LEU F 96 1.46 12.41 11.19
N ALA F 97 1.45 11.77 10.03
CA ALA F 97 1.86 10.36 9.96
C ALA F 97 3.36 10.23 10.22
N LEU F 98 4.16 11.18 9.72
CA LEU F 98 5.60 11.12 9.93
C LEU F 98 5.97 11.49 11.36
N ILE F 99 5.31 12.50 11.93
CA ILE F 99 5.56 12.85 13.33
C ILE F 99 5.28 11.64 14.22
N GLU F 100 4.17 10.95 13.96
CA GLU F 100 3.80 9.78 14.75
C GLU F 100 4.87 8.70 14.65
N LEU F 101 5.32 8.43 13.42
CA LEU F 101 6.37 7.41 13.24
C LEU F 101 7.67 7.84 13.91
N CYS F 102 8.01 9.12 13.81
CA CYS F 102 9.25 9.60 14.42
C CYS F 102 9.20 9.48 15.93
N ARG F 103 8.04 9.71 16.53
CA ARG F 103 7.90 9.54 17.97
C ARG F 103 8.27 8.12 18.39
N SER F 104 7.91 7.13 17.57
CA SER F 104 8.19 5.74 17.91
C SER F 104 9.67 5.42 17.76
N ALA F 105 10.30 5.93 16.71
CA ALA F 105 11.72 5.67 16.46
C ALA F 105 12.64 6.52 17.30
N GLY F 106 12.12 7.50 18.04
CA GLY F 106 12.98 8.42 18.75
C GLY F 106 13.74 9.37 17.86
N ALA F 107 13.16 9.74 16.72
CA ALA F 107 13.79 10.64 15.77
C ALA F 107 13.18 12.03 15.86
N LEU F 108 14.01 13.04 15.64
CA LEU F 108 13.53 14.42 15.59
C LEU F 108 12.88 14.70 14.24
N TYR F 109 11.97 15.67 14.23
CA TYR F 109 11.18 15.97 13.05
C TYR F 109 11.10 17.46 12.81
N LEU F 110 11.09 17.84 11.54
CA LEU F 110 11.01 19.25 11.14
C LEU F 110 10.30 19.33 9.79
N ASP F 111 9.37 20.27 9.66
CA ASP F 111 8.77 20.56 8.37
C ASP F 111 8.41 22.04 8.31
N THR F 112 8.00 22.46 7.12
CA THR F 112 7.60 23.84 6.86
C THR F 112 6.11 23.98 6.59
N CYS F 113 5.34 22.91 6.79
CA CYS F 113 3.92 22.96 6.50
C CYS F 113 3.22 21.71 6.99
N ILE F 114 2.12 21.88 7.73
CA ILE F 114 1.30 20.73 8.11
C ILE F 114 0.58 20.26 6.85
N GLU F 115 1.07 19.18 6.27
CA GLU F 115 0.62 18.68 4.97
C GLU F 115 -0.18 17.40 5.15
N PRO F 116 -1.27 17.21 4.38
CA PRO F 116 -2.00 15.94 4.44
C PRO F 116 -1.57 14.96 3.35
N TRP F 117 -2.10 13.75 3.37
CA TRP F 117 -1.87 12.83 2.27
C TRP F 117 -2.43 13.41 0.97
N LYS F 118 -1.95 12.88 -0.15
CA LYS F 118 -2.32 13.41 -1.45
C LYS F 118 -3.84 13.51 -1.59
N GLY F 119 -4.30 14.67 -2.04
CA GLY F 119 -5.72 14.93 -2.21
C GLY F 119 -6.40 15.57 -1.03
N GLY F 120 -5.69 15.79 0.09
CA GLY F 120 -6.31 16.33 1.28
C GLY F 120 -6.83 17.75 1.11
N TYR F 121 -6.32 18.49 0.13
CA TYR F 121 -6.73 19.87 -0.06
C TYR F 121 -7.92 20.03 -1.01
N ASP F 122 -8.09 19.11 -1.97
CA ASP F 122 -9.11 19.24 -2.99
C ASP F 122 -9.74 17.88 -3.28
N ASP F 123 -10.34 17.27 -2.26
CA ASP F 123 -11.13 16.06 -2.43
C ASP F 123 -12.59 16.40 -2.19
N PRO F 124 -13.41 16.55 -3.24
CA PRO F 124 -14.81 16.92 -3.04
C PRO F 124 -15.54 15.97 -2.09
N THR F 125 -15.03 14.75 -1.94
CA THR F 125 -15.63 13.79 -1.04
C THR F 125 -15.80 14.38 0.36
N ILE F 126 -14.71 14.85 0.95
CA ILE F 126 -14.73 15.28 2.35
C ILE F 126 -15.28 16.71 2.41
N PRO F 127 -15.97 17.08 3.48
CA PRO F 127 -16.59 18.41 3.53
C PRO F 127 -15.55 19.53 3.46
N LEU F 128 -16.05 20.73 3.14
CA LEU F 128 -15.17 21.89 3.00
C LEU F 128 -14.48 22.22 4.31
N HIS F 129 -15.25 22.29 5.40
CA HIS F 129 -14.69 22.70 6.69
C HIS F 129 -13.58 21.77 7.19
N LYS F 130 -13.39 20.62 6.55
CA LYS F 130 -12.29 19.72 6.90
C LYS F 130 -11.11 19.86 5.94
N ARG F 131 -11.14 20.82 5.03
CA ARG F 131 -10.04 21.08 4.12
C ARG F 131 -9.38 22.44 4.37
N THR F 132 -9.66 23.07 5.52
CA THR F 132 -9.06 24.34 5.87
C THR F 132 -7.75 24.12 6.62
N ASN F 133 -6.89 25.15 6.58
CA ASN F 133 -5.69 25.13 7.41
C ASN F 133 -6.04 25.09 8.89
N TYR F 134 -7.18 25.69 9.27
CA TYR F 134 -7.64 25.59 10.65
C TYR F 134 -7.83 24.15 11.06
N HIS F 135 -8.47 23.35 10.19
CA HIS F 135 -8.70 21.94 10.51
C HIS F 135 -7.39 21.17 10.58
N LEU F 136 -6.48 21.42 9.65
CA LEU F 136 -5.19 20.74 9.68
C LEU F 136 -4.45 21.05 10.97
N ARG F 137 -4.47 22.30 11.41
CA ARG F 137 -3.82 22.65 12.67
C ARG F 137 -4.54 22.01 13.85
N GLU F 138 -5.88 21.97 13.80
CA GLU F 138 -6.65 21.34 14.87
C GLU F 138 -6.30 19.87 15.01
N GLN F 139 -6.04 19.19 13.89
CA GLN F 139 -5.60 17.80 13.95
C GLN F 139 -4.20 17.68 14.51
N MET F 140 -3.32 18.66 14.22
CA MET F 140 -1.99 18.65 14.78
C MET F 140 -2.02 18.87 16.29
N LEU F 141 -2.84 19.82 16.75
CA LEU F 141 -2.97 20.06 18.19
C LEU F 141 -3.55 18.85 18.91
N SER F 142 -4.40 18.07 18.23
CA SER F 142 -4.92 16.85 18.83
C SER F 142 -3.81 15.82 19.00
N LEU F 143 -2.98 15.64 17.97
CA LEU F 143 -1.84 14.75 18.09
C LEU F 143 -0.88 15.24 19.16
N LYS F 144 -0.65 16.56 19.22
CA LYS F 144 0.19 17.14 20.26
C LYS F 144 -0.29 16.73 21.64
N LYS F 145 -1.61 16.71 21.86
CA LYS F 145 -2.15 16.38 23.17
C LYS F 145 -1.96 14.92 23.50
N ARG F 146 -2.24 14.02 22.54
CA ARG F 146 -2.04 12.60 22.78
C ARG F 146 -0.60 12.29 23.15
N LEU F 147 0.34 12.71 22.31
CA LEU F 147 1.73 12.31 22.48
C LEU F 147 2.38 12.99 23.68
N GLY F 148 2.00 14.24 23.97
CA GLY F 148 2.61 14.95 25.07
C GLY F 148 4.11 15.10 24.89
N SER F 149 4.81 15.16 26.01
CA SER F 149 6.25 15.36 25.99
C SER F 149 6.94 14.18 25.30
N GLY F 150 8.09 14.47 24.72
CA GLY F 150 8.84 13.47 23.98
C GLY F 150 9.73 14.13 22.95
N VAL F 151 10.24 13.29 22.05
CA VAL F 151 11.14 13.78 21.01
C VAL F 151 10.48 14.94 20.27
N THR F 152 11.27 15.95 19.95
CA THR F 152 10.73 17.19 19.41
C THR F 152 10.28 17.01 17.97
N ALA F 153 9.16 17.65 17.63
CA ALA F 153 8.68 17.74 16.26
C ALA F 153 8.23 19.18 16.04
N LEU F 154 9.01 19.93 15.28
CA LEU F 154 8.71 21.33 14.99
C LEU F 154 8.05 21.42 13.61
N VAL F 155 6.79 21.84 13.59
CA VAL F 155 6.00 21.88 12.36
C VAL F 155 5.89 23.32 11.88
N ALA F 156 5.69 23.46 10.57
CA ALA F 156 5.32 24.73 9.96
C ALA F 156 6.31 25.84 10.32
N HIS F 157 7.60 25.54 10.17
CA HIS F 157 8.66 26.50 10.47
C HIS F 157 9.52 26.70 9.23
N GLY F 158 8.96 27.42 8.26
CA GLY F 158 9.75 27.94 7.15
C GLY F 158 9.88 29.44 7.24
N ALA F 159 9.66 30.15 6.13
CA ALA F 159 9.63 31.61 6.18
C ALA F 159 8.29 32.10 6.70
N ASN F 160 7.20 31.63 6.09
CA ASN F 160 5.85 31.93 6.54
C ASN F 160 4.95 30.76 6.14
N PRO F 161 4.46 29.95 7.09
CA PRO F 161 4.63 30.07 8.55
C PRO F 161 6.08 29.88 8.99
N GLY F 162 6.40 30.35 10.19
CA GLY F 162 7.73 30.18 10.74
C GLY F 162 8.34 31.47 11.22
N LEU F 163 9.28 32.03 10.43
CA LEU F 163 9.99 33.21 10.87
C LEU F 163 9.05 34.38 11.14
N VAL F 164 7.95 34.49 10.40
CA VAL F 164 7.05 35.62 10.58
C VAL F 164 6.44 35.63 11.98
N SER F 165 6.30 34.46 12.61
CA SER F 165 5.84 34.43 13.99
C SER F 165 6.85 35.11 14.91
N HIS F 166 8.15 34.90 14.65
CA HIS F 166 9.17 35.61 15.40
C HIS F 166 9.11 37.10 15.14
N PHE F 167 8.80 37.49 13.91
CA PHE F 167 8.72 38.92 13.58
C PHE F 167 7.62 39.60 14.39
N VAL F 168 6.49 38.94 14.58
CA VAL F 168 5.41 39.52 15.37
C VAL F 168 5.88 39.85 16.77
N LYS F 169 6.53 38.88 17.42
CA LYS F 169 7.05 39.11 18.77
C LYS F 169 7.98 40.31 18.81
N ARG F 170 8.95 40.35 17.90
CA ARG F 170 9.91 41.45 17.89
C ARG F 170 9.20 42.78 17.60
N ALA F 171 8.25 42.77 16.66
CA ALA F 171 7.48 43.97 16.38
C ALA F 171 6.75 44.45 17.62
N LEU F 172 6.09 43.53 18.33
CA LEU F 172 5.38 43.92 19.55
C LEU F 172 6.32 44.55 20.56
N LEU F 173 7.53 44.00 20.73
CA LEU F 173 8.49 44.58 21.65
C LEU F 173 8.93 45.96 21.17
N ASP F 174 9.19 46.11 19.87
CA ASP F 174 9.54 47.41 19.32
C ASP F 174 8.46 48.44 19.61
N LEU F 175 7.19 48.04 19.48
CA LEU F 175 6.09 48.96 19.76
C LEU F 175 5.97 49.27 21.25
N ALA F 176 6.21 48.26 22.09
CA ALA F 176 6.13 48.47 23.54
C ALA F 176 7.17 49.48 24.00
N GLU F 177 8.42 49.30 23.59
CA GLU F 177 9.48 50.24 23.97
C GLU F 177 9.15 51.66 23.51
N GLU F 178 8.66 51.79 22.28
CA GLU F 178 8.39 53.12 21.72
C GLU F 178 7.13 53.74 22.33
N ILE F 179 6.03 52.98 22.36
CA ILE F 179 4.74 53.56 22.72
C ILE F 179 4.56 53.64 24.22
N LEU F 180 4.87 52.54 24.92
CA LEU F 180 4.65 52.46 26.37
C LEU F 180 5.91 52.71 27.18
N GLY F 181 7.07 52.83 26.53
CA GLY F 181 8.33 52.87 27.24
C GLY F 181 8.68 51.60 27.97
N ASP F 182 7.87 50.54 27.82
CA ASP F 182 8.09 49.29 28.51
C ASP F 182 9.07 48.42 27.73
N CYS F 183 9.94 47.72 28.46
CA CYS F 183 10.88 46.79 27.86
C CYS F 183 10.80 45.39 28.49
N LYS F 184 9.77 45.12 29.27
CA LYS F 184 9.59 43.82 29.91
C LYS F 184 9.09 42.83 28.86
N LYS F 185 10.01 42.02 28.34
CA LYS F 185 9.65 41.03 27.33
C LYS F 185 8.68 40.01 27.92
N PRO F 186 7.48 39.84 27.36
CA PRO F 186 6.60 38.78 27.86
C PRO F 186 7.28 37.42 27.81
N SER F 187 6.86 36.54 28.72
CA SER F 187 7.47 35.22 28.85
C SER F 187 6.48 34.07 28.65
N ASN F 188 5.22 34.36 28.35
CA ASN F 188 4.26 33.29 28.08
C ASN F 188 3.18 33.83 27.14
N LYS F 189 2.47 32.89 26.51
CA LYS F 189 1.43 33.23 25.55
C LYS F 189 0.51 34.34 26.08
N GLU F 190 -0.01 34.17 27.30
CA GLU F 190 -0.96 35.12 27.85
C GLU F 190 -0.38 36.53 27.89
N GLN F 191 0.86 36.66 28.35
CA GLN F 191 1.46 37.99 28.47
C GLN F 191 1.66 38.63 27.11
N TRP F 192 2.00 37.83 26.09
CA TRP F 192 2.06 38.36 24.74
C TRP F 192 0.70 38.91 24.32
N ALA F 193 -0.37 38.16 24.61
CA ALA F 193 -1.71 38.65 24.29
C ALA F 193 -2.01 39.94 25.04
N ILE F 194 -1.68 39.98 26.33
CA ILE F 194 -1.93 41.18 27.12
C ILE F 194 -1.19 42.38 26.52
N LEU F 195 0.08 42.20 26.20
CA LEU F 195 0.85 43.28 25.61
C LEU F 195 0.23 43.75 24.30
N SER F 196 -0.13 42.82 23.42
CA SER F 196 -0.78 43.19 22.17
C SER F 196 -2.07 43.96 22.44
N GLN F 197 -2.79 43.59 23.50
CA GLN F 197 -4.02 44.31 23.85
C GLN F 197 -3.68 45.69 24.41
N ARG F 198 -2.72 45.78 25.33
CA ARG F 198 -2.33 47.06 25.89
C ARG F 198 -1.90 48.03 24.80
N LEU F 199 -1.25 47.53 23.74
CA LEU F 199 -0.86 48.37 22.62
C LEU F 199 -2.03 48.74 21.73
N GLY F 200 -3.16 48.05 21.85
CA GLY F 200 -4.29 48.31 20.98
C GLY F 200 -4.15 47.75 19.59
N VAL F 201 -3.31 46.73 19.40
CA VAL F 201 -3.19 46.10 18.10
C VAL F 201 -4.50 45.40 17.77
N LYS F 202 -5.01 45.67 16.57
CA LYS F 202 -6.29 45.12 16.14
C LYS F 202 -6.19 44.28 14.88
N VAL F 203 -5.25 44.57 13.99
CA VAL F 203 -5.10 43.83 12.73
C VAL F 203 -3.62 43.56 12.51
N ILE F 204 -3.30 42.34 12.09
CA ILE F 204 -1.95 41.95 11.73
C ILE F 204 -2.00 41.30 10.36
N HIS F 205 -1.16 41.79 9.44
CA HIS F 205 -1.00 41.20 8.13
C HIS F 205 0.39 40.60 8.01
N VAL F 206 0.47 39.41 7.42
CA VAL F 206 1.72 38.96 6.82
C VAL F 206 1.79 39.63 5.46
N ALA F 207 2.35 40.83 5.42
CA ALA F 207 2.33 41.67 4.24
C ALA F 207 3.60 41.43 3.45
N GLU F 208 3.50 40.62 2.40
CA GLU F 208 4.64 40.25 1.58
C GLU F 208 4.54 40.90 0.21
N TYR F 209 5.67 41.40 -0.28
CA TYR F 209 5.78 41.96 -1.62
C TYR F 209 7.02 41.37 -2.28
N ASP F 210 6.81 40.68 -3.39
CA ASP F 210 7.91 40.08 -4.16
C ASP F 210 8.15 40.96 -5.38
N SER F 211 9.26 41.70 -5.35
CA SER F 211 9.62 42.61 -6.44
C SER F 211 10.64 41.99 -7.39
N GLN F 212 11.00 40.73 -7.19
CA GLN F 212 11.91 40.07 -8.12
C GLN F 212 11.31 40.02 -9.52
N ILE F 213 12.14 40.31 -10.51
CA ILE F 213 11.72 40.32 -11.91
C ILE F 213 12.69 39.45 -12.71
N SER F 214 12.15 38.73 -13.69
CA SER F 214 12.94 37.80 -14.47
C SER F 214 13.48 38.47 -15.73
N GLN F 215 14.64 38.00 -16.17
CA GLN F 215 15.24 38.51 -17.40
C GLN F 215 14.44 38.07 -18.62
N LYS F 216 13.93 36.85 -18.60
CA LYS F 216 13.23 36.26 -19.73
C LYS F 216 11.73 36.36 -19.52
N SER F 217 11.00 36.63 -20.61
CA SER F 217 9.55 36.62 -20.55
C SER F 217 9.03 35.20 -20.66
N ARG F 218 8.03 34.87 -19.85
CA ARG F 218 7.54 33.50 -19.78
C ARG F 218 7.02 33.06 -21.15
N GLU F 219 7.05 31.75 -21.36
CA GLU F 219 6.53 31.19 -22.60
C GLU F 219 5.01 31.11 -22.55
N ARG F 220 4.43 30.78 -23.70
CA ARG F 220 2.98 30.68 -23.81
C ARG F 220 2.46 29.57 -22.92
N GLY F 221 1.52 29.91 -22.04
CA GLY F 221 0.91 28.91 -21.17
C GLY F 221 1.82 28.39 -20.08
N GLU F 222 2.93 29.05 -19.80
CA GLU F 222 3.87 28.63 -18.78
C GLU F 222 3.60 29.40 -17.49
N PHE F 223 3.31 28.67 -16.42
CA PHE F 223 3.09 29.28 -15.11
C PHE F 223 4.44 29.47 -14.43
N VAL F 224 4.76 30.72 -14.11
CA VAL F 224 6.06 31.09 -13.55
C VAL F 224 5.87 31.63 -12.14
N ASN F 225 6.80 31.28 -11.25
CA ASN F 225 6.75 31.76 -9.87
C ASN F 225 8.17 31.77 -9.32
N THR F 226 8.35 32.47 -8.20
CA THR F 226 9.63 32.50 -7.51
C THR F 226 9.82 31.33 -6.55
N TRP F 227 8.79 30.51 -6.34
CA TRP F 227 8.92 29.27 -5.59
C TRP F 227 7.98 28.26 -6.24
N SER F 228 7.78 27.13 -5.57
CA SER F 228 7.00 26.02 -6.12
C SER F 228 5.73 26.52 -6.82
N VAL F 229 5.62 26.20 -8.11
CA VAL F 229 4.41 26.54 -8.86
C VAL F 229 3.22 25.77 -8.31
N HIS F 230 3.37 24.46 -8.16
CA HIS F 230 2.26 23.64 -7.70
C HIS F 230 1.88 23.98 -6.26
N GLY F 231 2.87 24.28 -5.43
CA GLY F 231 2.56 24.73 -4.08
C GLY F 231 1.81 26.05 -4.06
N PHE F 232 2.16 26.95 -4.97
CA PHE F 232 1.46 28.23 -5.06
C PHE F 232 0.04 28.05 -5.58
N ILE F 233 -0.14 27.16 -6.57
CA ILE F 233 -1.47 26.90 -7.10
C ILE F 233 -2.35 26.27 -6.03
N SER F 234 -1.79 25.37 -5.24
CA SER F 234 -2.56 24.71 -4.19
C SER F 234 -3.13 25.74 -3.21
N GLU F 235 -2.27 26.60 -2.66
CA GLU F 235 -2.72 27.61 -1.72
C GLU F 235 -3.69 28.59 -2.39
N SER F 236 -3.43 28.94 -3.64
CA SER F 236 -4.30 29.87 -4.35
C SER F 236 -5.71 29.33 -4.50
N GLN F 237 -5.83 28.02 -4.71
CA GLN F 237 -7.15 27.41 -4.90
C GLN F 237 -7.93 27.33 -3.61
N GLN F 238 -7.25 27.19 -2.47
CA GLN F 238 -7.93 26.96 -1.22
C GLN F 238 -8.79 28.18 -0.85
N PRO F 239 -9.86 27.97 -0.09
CA PRO F 239 -10.69 29.11 0.34
C PRO F 239 -9.89 30.06 1.22
N ALA F 240 -10.16 31.36 1.04
CA ALA F 240 -9.50 32.36 1.86
C ALA F 240 -9.79 32.11 3.33
N GLU F 241 -8.79 32.34 4.17
CA GLU F 241 -8.88 32.04 5.60
C GLU F 241 -8.21 33.14 6.40
N LEU F 242 -8.77 33.44 7.57
CA LEU F 242 -8.23 34.51 8.41
C LEU F 242 -8.71 34.32 9.84
N GLY F 243 -7.85 34.67 10.79
CA GLY F 243 -8.28 34.79 12.17
C GLY F 243 -9.09 36.06 12.36
N TRP F 244 -10.19 35.94 13.10
CA TRP F 244 -11.18 37.00 13.23
C TRP F 244 -10.97 37.74 14.55
N GLY F 245 -10.80 39.07 14.46
CA GLY F 245 -10.48 39.85 15.64
C GLY F 245 -11.71 40.23 16.45
N SER F 246 -11.47 40.50 17.73
CA SER F 246 -12.55 40.86 18.64
C SER F 246 -13.10 42.25 18.38
N HIS F 247 -12.37 43.09 17.64
CA HIS F 247 -12.86 44.42 17.29
C HIS F 247 -13.78 44.42 16.08
N GLU F 248 -13.87 43.32 15.34
CA GLU F 248 -14.66 43.29 14.13
C GLU F 248 -16.16 43.34 14.46
N ARG F 249 -16.95 43.76 13.48
CA ARG F 249 -18.39 43.81 13.62
C ARG F 249 -19.06 43.13 12.43
N SER F 250 -19.21 43.86 11.32
CA SER F 250 -19.81 43.28 10.13
C SER F 250 -19.03 42.06 9.68
N LEU F 251 -19.76 41.00 9.33
CA LEU F 251 -19.15 39.75 8.89
C LEU F 251 -18.96 39.74 7.38
N PRO F 252 -17.97 39.02 6.86
CA PRO F 252 -17.81 38.93 5.41
C PRO F 252 -18.91 38.09 4.78
N THR F 253 -19.05 38.22 3.47
CA THR F 253 -20.04 37.48 2.72
C THR F 253 -19.47 36.15 2.24
N ASP F 254 -20.37 35.19 2.02
CA ASP F 254 -19.99 33.84 1.59
C ASP F 254 -18.96 33.25 2.54
N ALA F 255 -19.21 33.39 3.84
CA ALA F 255 -18.23 33.08 4.86
C ALA F 255 -18.82 32.12 5.90
N SER F 256 -17.96 31.22 6.37
CA SER F 256 -18.26 30.36 7.52
C SER F 256 -17.21 30.62 8.59
N MET F 257 -17.47 30.13 9.80
CA MET F 257 -16.62 30.44 10.94
C MET F 257 -16.42 29.21 11.80
N HIS F 258 -15.20 29.08 12.34
CA HIS F 258 -14.90 28.14 13.41
C HIS F 258 -14.86 28.90 14.73
N THR F 259 -15.51 28.35 15.75
CA THR F 259 -15.48 28.95 17.07
C THR F 259 -15.35 27.93 18.20
N ASP F 260 -15.21 26.65 17.88
CA ASP F 260 -15.05 25.62 18.91
C ASP F 260 -13.62 25.51 19.43
N GLY F 261 -12.69 26.28 18.86
CA GLY F 261 -11.33 26.30 19.34
C GLY F 261 -11.11 27.41 20.35
N CYS F 262 -9.95 28.07 20.29
CA CYS F 262 -9.64 29.14 21.22
C CYS F 262 -9.95 30.53 20.67
N GLY F 263 -10.43 30.62 19.42
CA GLY F 263 -10.76 31.91 18.84
C GLY F 263 -11.45 31.82 17.50
N ALA F 264 -12.23 32.84 17.16
CA ALA F 264 -13.00 32.82 15.92
C ALA F 264 -12.06 32.80 14.72
N ALA F 265 -12.31 31.85 13.81
CA ALA F 265 -11.56 31.74 12.57
C ALA F 265 -12.53 31.59 11.41
N ILE F 266 -12.39 32.44 10.40
CA ILE F 266 -13.31 32.49 9.27
C ILE F 266 -12.62 31.89 8.05
N TYR F 267 -13.40 31.15 7.26
CA TYR F 267 -12.97 30.72 5.93
C TYR F 267 -14.04 31.13 4.93
N ILE F 268 -13.60 31.78 3.85
CA ILE F 268 -14.49 32.34 2.84
C ILE F 268 -14.52 31.39 1.65
N GLU F 269 -15.72 31.14 1.12
CA GLU F 269 -15.90 30.19 0.03
C GLU F 269 -15.59 30.85 -1.32
N LYS F 270 -14.35 31.36 -1.41
CA LYS F 270 -13.81 31.93 -2.62
C LYS F 270 -12.32 31.61 -2.60
N PRO F 271 -11.73 31.24 -3.74
CA PRO F 271 -10.28 30.99 -3.76
C PRO F 271 -9.49 32.21 -3.33
N GLY F 272 -8.48 31.99 -2.51
CA GLY F 272 -7.70 33.09 -1.98
C GLY F 272 -7.13 34.00 -3.05
N ALA F 273 -6.77 33.43 -4.20
CA ALA F 273 -6.20 34.22 -5.29
C ALA F 273 -7.19 35.21 -5.89
N SER F 274 -8.48 35.05 -5.60
CA SER F 274 -9.49 35.99 -6.09
C SER F 274 -9.97 36.96 -5.01
N VAL F 275 -9.45 36.85 -3.79
CA VAL F 275 -9.83 37.73 -2.69
C VAL F 275 -8.71 38.74 -2.51
N ARG F 276 -8.95 39.98 -2.93
CA ARG F 276 -7.95 41.03 -2.93
C ARG F 276 -8.12 41.90 -1.69
N VAL F 277 -7.00 42.16 -1.00
CA VAL F 277 -6.99 42.95 0.22
C VAL F 277 -5.91 44.02 0.14
N LYS F 278 -6.23 45.22 0.59
CA LYS F 278 -5.25 46.29 0.66
C LYS F 278 -4.32 46.05 1.84
N THR F 279 -3.05 46.39 1.66
CA THR F 279 -2.05 46.24 2.71
C THR F 279 -0.97 47.29 2.49
N TRP F 280 0.15 47.12 3.19
CA TRP F 280 1.22 48.12 3.17
C TRP F 280 2.55 47.40 3.32
N THR F 281 3.52 47.76 2.49
CA THR F 281 4.86 47.20 2.58
C THR F 281 5.87 48.30 2.30
N PRO F 282 7.13 48.11 2.70
CA PRO F 282 8.15 49.14 2.44
C PRO F 282 8.51 49.32 0.98
N PHE F 283 8.09 48.42 0.09
CA PHE F 283 8.46 48.56 -1.32
C PHE F 283 7.96 49.87 -1.89
N ASN F 284 6.65 50.13 -1.79
CA ASN F 284 6.10 51.39 -2.27
C ASN F 284 4.88 51.83 -1.46
N GLY F 285 4.74 51.39 -0.22
CA GLY F 285 3.64 51.79 0.62
C GLY F 285 2.40 50.97 0.36
N PRO F 286 1.25 51.63 0.14
CA PRO F 286 0.02 50.88 -0.13
C PRO F 286 0.20 49.86 -1.23
N SER F 287 -0.25 48.63 -0.93
CA SER F 287 -0.09 47.50 -1.85
C SER F 287 -1.39 46.71 -1.89
N LEU F 288 -1.50 45.85 -2.90
CA LEU F 288 -2.64 44.96 -3.05
C LEU F 288 -2.13 43.53 -3.00
N GLY F 289 -2.67 42.74 -2.05
CA GLY F 289 -2.28 41.36 -1.89
C GLY F 289 -3.48 40.42 -2.00
N TYR F 290 -3.17 39.15 -2.16
CA TYR F 290 -4.18 38.10 -2.17
C TYR F 290 -4.37 37.56 -0.76
N LEU F 291 -5.63 37.33 -0.39
CA LEU F 291 -5.96 36.79 0.94
C LEU F 291 -5.90 35.27 0.88
N VAL F 292 -4.68 34.75 0.80
CA VAL F 292 -4.43 33.32 0.69
C VAL F 292 -4.41 32.72 2.09
N THR F 293 -5.10 31.59 2.26
CA THR F 293 -5.08 30.89 3.53
C THR F 293 -3.64 30.50 3.88
N HIS F 294 -3.30 30.63 5.16
CA HIS F 294 -1.97 30.27 5.62
C HIS F 294 -2.05 29.83 7.08
N HIS F 295 -1.18 28.89 7.43
CA HIS F 295 -1.12 28.37 8.80
C HIS F 295 -1.01 29.52 9.81
N GLU F 296 -0.09 30.45 9.58
CA GLU F 296 0.22 31.45 10.59
C GLU F 296 -0.95 32.41 10.83
N ALA F 297 -1.93 32.46 9.94
CA ALA F 297 -3.10 33.31 10.18
C ALA F 297 -3.85 32.85 11.43
N ILE F 298 -3.85 31.55 11.70
CA ILE F 298 -4.54 31.00 12.87
C ILE F 298 -3.61 30.95 14.07
N SER F 299 -2.39 30.44 13.89
CA SER F 299 -1.47 30.29 15.01
C SER F 299 -1.13 31.64 15.63
N ILE F 300 -0.91 32.67 14.81
CA ILE F 300 -0.62 33.99 15.33
C ILE F 300 -1.84 34.57 16.04
N ALA F 301 -3.02 34.41 15.45
CA ALA F 301 -4.25 34.90 16.08
C ALA F 301 -4.47 34.20 17.42
N ASP F 302 -4.32 32.88 17.45
CA ASP F 302 -4.50 32.14 18.71
C ASP F 302 -3.47 32.57 19.75
N PHE F 303 -2.24 32.80 19.33
CA PHE F 303 -1.18 33.13 20.28
C PHE F 303 -1.47 34.45 20.99
N LEU F 304 -2.07 35.42 20.29
CA LEU F 304 -2.38 36.72 20.86
C LEU F 304 -3.83 36.82 21.31
N THR F 305 -4.50 35.69 21.49
CA THR F 305 -5.88 35.69 21.99
C THR F 305 -5.86 35.65 23.51
N LEU F 306 -6.63 36.55 24.13
CA LEU F 306 -6.76 36.61 25.58
C LEU F 306 -8.20 36.32 25.95
N ARG F 307 -8.41 35.32 26.81
CA ARG F 307 -9.75 34.87 27.19
C ARG F 307 -9.83 34.81 28.71
N THR F 308 -10.57 35.74 29.29
CA THR F 308 -10.90 35.71 30.70
C THR F 308 -12.29 35.11 30.88
N ALA F 309 -12.91 35.34 32.04
CA ALA F 309 -14.26 34.86 32.28
C ALA F 309 -15.33 35.80 31.74
N ASP F 310 -14.97 37.04 31.40
CA ASP F 310 -15.94 38.05 31.00
C ASP F 310 -15.68 38.64 29.61
N GLU F 311 -14.42 38.80 29.21
CA GLU F 311 -14.09 39.48 27.96
C GLU F 311 -13.24 38.57 27.08
N THR F 312 -12.92 39.07 25.89
CA THR F 312 -12.08 38.37 24.93
C THR F 312 -11.36 39.40 24.07
N TYR F 313 -10.05 39.27 23.96
CA TYR F 313 -9.26 40.06 23.03
C TYR F 313 -8.59 39.14 22.01
N ARG F 314 -8.59 39.59 20.76
CA ARG F 314 -8.05 38.80 19.67
C ARG F 314 -7.85 39.70 18.46
N PRO F 315 -6.68 39.68 17.82
CA PRO F 315 -6.50 40.45 16.59
C PRO F 315 -6.93 39.69 15.35
N THR F 316 -7.35 40.44 14.34
CA THR F 316 -7.56 39.88 13.01
C THR F 316 -6.20 39.66 12.36
N VAL F 317 -6.02 38.47 11.78
CA VAL F 317 -4.73 38.10 11.20
C VAL F 317 -4.98 37.33 9.91
N HIS F 318 -4.20 37.64 8.88
CA HIS F 318 -4.25 36.88 7.63
C HIS F 318 -3.07 37.26 6.76
N TYR F 319 -2.84 36.42 5.75
CA TYR F 319 -1.82 36.65 4.74
C TYR F 319 -2.29 37.70 3.76
N ALA F 320 -1.37 38.57 3.33
CA ALA F 320 -1.65 39.60 2.32
C ALA F 320 -0.50 39.55 1.31
N TYR F 321 -0.62 38.68 0.33
CA TYR F 321 0.49 38.28 -0.54
C TYR F 321 0.42 39.04 -1.85
N ARG F 322 1.44 39.86 -2.11
CA ARG F 322 1.65 40.46 -3.42
C ARG F 322 2.78 39.68 -4.10
N PRO F 323 2.49 38.63 -4.85
CA PRO F 323 3.56 37.81 -5.41
C PRO F 323 4.33 38.52 -6.51
N SER F 324 5.32 37.86 -7.10
CA SER F 324 6.11 38.45 -8.16
C SER F 324 5.22 38.80 -9.36
N ASP F 325 5.74 39.67 -10.22
CA ASP F 325 5.01 40.05 -11.43
C ASP F 325 4.68 38.81 -12.26
N GLU F 326 5.65 37.93 -12.46
CA GLU F 326 5.41 36.73 -13.26
C GLU F 326 4.30 35.88 -12.66
N ALA F 327 4.22 35.80 -11.33
CA ALA F 327 3.19 35.00 -10.70
C ALA F 327 1.82 35.65 -10.85
N ILE F 328 1.75 36.98 -10.66
CA ILE F 328 0.47 37.69 -10.85
C ILE F 328 -0.06 37.43 -12.26
N LEU F 329 0.80 37.58 -13.27
CA LEU F 329 0.38 37.31 -14.64
C LEU F 329 -0.01 35.85 -14.82
N SER F 330 0.74 34.94 -14.21
CA SER F 330 0.44 33.51 -14.35
C SER F 330 -0.92 33.18 -13.73
N VAL F 331 -1.24 33.78 -12.59
CA VAL F 331 -2.54 33.57 -11.97
C VAL F 331 -3.65 34.05 -12.89
N HIS F 332 -3.42 35.19 -13.57
CA HIS F 332 -4.42 35.73 -14.48
C HIS F 332 -4.76 34.72 -15.58
N GLU F 333 -3.73 34.25 -16.30
CA GLU F 333 -3.96 33.23 -17.32
C GLU F 333 -4.51 31.96 -16.70
N TRP F 334 -4.13 31.64 -15.48
CA TRP F 334 -4.58 30.43 -14.82
C TRP F 334 -6.07 30.47 -14.53
N PHE F 335 -6.59 31.62 -14.09
CA PHE F 335 -8.03 31.77 -13.92
C PHE F 335 -8.75 31.71 -15.26
N GLY F 336 -8.13 32.25 -16.32
CA GLY F 336 -8.74 32.22 -17.63
C GLY F 336 -8.89 30.82 -18.19
N ASN F 337 -8.08 29.87 -17.71
CA ASN F 337 -8.15 28.48 -18.16
C ASN F 337 -8.85 27.59 -17.14
N ASP F 338 -9.81 28.14 -16.41
CA ASP F 338 -10.62 27.37 -15.45
C ASP F 338 -9.76 26.75 -14.35
N CYS F 339 -8.66 27.40 -13.99
CA CYS F 339 -7.78 26.92 -12.93
C CYS F 339 -7.26 25.52 -13.19
N MET F 340 -7.22 25.10 -14.44
CA MET F 340 -6.64 23.79 -14.76
C MET F 340 -5.13 23.83 -14.61
N THR F 341 -4.56 22.67 -14.34
CA THR F 341 -3.12 22.58 -14.10
C THR F 341 -2.39 23.13 -15.33
N PRO F 342 -1.37 23.96 -15.14
CA PRO F 342 -0.75 24.64 -16.30
C PRO F 342 -0.01 23.66 -17.20
N GLU F 343 0.09 24.05 -18.48
CA GLU F 343 0.81 23.24 -19.46
C GLU F 343 2.26 23.07 -19.05
N LYS F 344 2.98 24.18 -18.92
CA LYS F 344 4.38 24.19 -18.51
C LYS F 344 4.51 24.97 -17.21
N THR F 345 5.48 24.56 -16.38
CA THR F 345 5.75 25.21 -15.12
C THR F 345 7.21 25.66 -15.07
N LYS F 346 7.49 26.65 -14.23
CA LYS F 346 8.85 27.19 -14.13
C LYS F 346 9.01 27.85 -12.77
N VAL F 347 9.91 27.33 -11.95
CA VAL F 347 10.35 28.01 -10.73
C VAL F 347 11.61 28.79 -11.07
N LEU F 348 11.56 30.11 -10.88
CA LEU F 348 12.69 30.95 -11.25
C LEU F 348 13.92 30.61 -10.42
N ARG F 349 15.06 30.51 -11.08
CA ARG F 349 16.34 30.25 -10.45
C ARG F 349 17.14 31.53 -10.35
N PRO F 350 18.21 31.55 -9.56
CA PRO F 350 19.01 32.78 -9.42
C PRO F 350 19.42 33.38 -10.76
N GLY F 351 19.86 32.56 -11.71
CA GLY F 351 20.27 33.07 -13.00
C GLY F 351 19.14 33.69 -13.80
N ASP F 352 17.89 33.36 -13.47
CA ASP F 352 16.74 33.91 -14.19
C ASP F 352 16.28 35.25 -13.66
N ILE F 353 16.69 35.64 -12.45
CA ILE F 353 16.18 36.83 -11.80
C ILE F 353 17.16 37.97 -12.07
N LEU F 354 16.64 39.07 -12.62
CA LEU F 354 17.49 40.21 -12.96
C LEU F 354 17.75 41.09 -11.74
N SER F 355 16.70 41.39 -10.97
CA SER F 355 16.81 42.29 -9.83
C SER F 355 15.53 42.16 -9.02
N GLY F 356 15.44 42.96 -7.96
CA GLY F 356 14.30 42.95 -7.06
C GLY F 356 14.64 42.28 -5.74
N SER F 357 13.66 42.33 -4.83
CA SER F 357 13.81 41.80 -3.49
C SER F 357 12.52 41.09 -3.08
N ASP F 358 12.61 40.39 -1.95
CA ASP F 358 11.44 39.76 -1.32
C ASP F 358 11.22 40.43 0.01
N TYR F 359 10.17 41.24 0.11
CA TYR F 359 9.80 41.92 1.35
C TYR F 359 8.89 40.98 2.13
N LEU F 360 9.43 40.35 3.17
CA LEU F 360 8.69 39.42 4.01
C LEU F 360 8.63 39.96 5.43
N GLY F 361 7.46 40.43 5.84
CA GLY F 361 7.32 40.98 7.18
C GLY F 361 5.87 40.94 7.63
N VAL F 362 5.67 41.43 8.86
CA VAL F 362 4.36 41.48 9.48
C VAL F 362 3.99 42.94 9.70
N LEU F 363 2.73 43.28 9.45
CA LEU F 363 2.23 44.64 9.56
C LEU F 363 1.26 44.69 10.75
N LEU F 364 1.69 45.33 11.83
CA LEU F 364 0.87 45.48 13.03
C LEU F 364 0.16 46.82 13.00
N MET F 365 -1.16 46.80 13.16
CA MET F 365 -1.99 47.96 12.95
C MET F 365 -2.96 48.14 14.13
N GLY F 366 -3.40 49.39 14.31
CA GLY F 366 -4.33 49.74 15.36
C GLY F 366 -3.72 50.45 16.55
N HIS F 367 -2.39 50.46 16.65
CA HIS F 367 -1.71 51.04 17.79
C HIS F 367 -1.61 52.56 17.65
N GLU F 368 -0.96 53.20 18.62
CA GLU F 368 -0.88 54.64 18.65
C GLU F 368 -0.16 55.20 17.42
N LYS F 369 0.72 54.41 16.81
CA LYS F 369 1.48 54.83 15.63
C LYS F 369 0.86 54.33 14.34
N SER F 370 -0.43 53.95 14.36
CA SER F 370 -1.14 53.46 13.18
C SER F 370 -0.59 52.14 12.68
N SER F 371 0.50 52.17 11.92
CA SER F 371 1.02 50.98 11.25
C SER F 371 2.51 50.83 11.51
N TYR F 372 2.94 49.58 11.60
CA TYR F 372 4.35 49.26 11.80
C TYR F 372 4.66 47.97 11.07
N TRP F 373 5.60 48.02 10.13
CA TRP F 373 6.03 46.88 9.34
C TRP F 373 7.40 46.45 9.80
N TYR F 374 7.56 45.16 10.12
CA TYR F 374 8.86 44.62 10.48
C TYR F 374 9.05 43.28 9.80
N GLY F 375 10.23 43.06 9.23
CA GLY F 375 10.52 41.80 8.58
C GLY F 375 11.80 41.88 7.78
N SER F 376 11.95 40.93 6.87
CA SER F 376 13.15 40.78 6.06
C SER F 376 12.94 41.42 4.70
N ILE F 377 13.90 42.25 4.29
CA ILE F 377 13.96 42.80 2.94
C ILE F 377 15.26 42.27 2.34
N LEU F 378 15.15 41.23 1.52
CA LEU F 378 16.30 40.52 0.97
C LEU F 378 16.30 40.68 -0.54
N SER F 379 17.40 41.20 -1.08
CA SER F 379 17.54 41.36 -2.52
C SER F 379 18.13 40.11 -3.15
N ILE F 380 17.85 39.94 -4.44
CA ILE F 380 18.41 38.80 -5.16
C ILE F 380 19.93 38.90 -5.23
N GLU F 381 20.47 40.13 -5.21
CA GLU F 381 21.92 40.30 -5.25
C GLU F 381 22.57 39.84 -3.95
N LYS F 382 21.94 40.13 -2.81
CA LYS F 382 22.49 39.70 -1.54
C LYS F 382 22.35 38.19 -1.35
N ALA F 383 21.24 37.62 -1.85
CA ALA F 383 21.05 36.18 -1.72
C ALA F 383 22.06 35.41 -2.55
N LYS F 384 22.41 35.93 -3.74
CA LYS F 384 23.37 35.26 -4.59
C LYS F 384 24.74 35.18 -3.95
N GLU F 385 25.11 36.18 -3.15
CA GLU F 385 26.42 36.20 -2.51
C GLU F 385 26.41 35.60 -1.11
N LEU F 386 25.24 35.23 -0.58
CA LEU F 386 25.16 34.56 0.70
C LEU F 386 25.16 33.04 0.56
N ALA F 387 24.67 32.52 -0.56
CA ALA F 387 24.59 31.08 -0.76
C ALA F 387 24.19 30.81 -2.19
N THR F 388 24.60 29.65 -2.70
CA THR F 388 24.22 29.20 -4.03
C THR F 388 22.89 28.46 -3.97
N LEU F 389 22.30 28.23 -5.14
CA LEU F 389 21.03 27.51 -5.27
C LEU F 389 19.90 28.26 -4.55
N ASN F 390 20.00 29.59 -4.48
CA ASN F 390 19.07 30.37 -3.68
C ASN F 390 18.69 31.67 -4.37
N THR F 391 17.40 31.95 -4.42
CA THR F 391 16.88 33.26 -4.72
C THR F 391 16.51 33.95 -3.40
N ALA F 392 16.05 35.20 -3.49
CA ALA F 392 15.64 35.90 -2.29
C ALA F 392 14.53 35.15 -1.57
N THR F 393 13.60 34.56 -2.31
CA THR F 393 12.47 33.87 -1.70
C THR F 393 12.91 32.57 -1.04
N THR F 394 13.67 31.74 -1.76
CA THR F 394 14.06 30.45 -1.22
C THR F 394 15.01 30.59 -0.04
N LEU F 395 15.84 31.62 -0.03
CA LEU F 395 16.81 31.78 1.04
C LEU F 395 16.11 32.12 2.37
N GLN F 396 15.11 32.99 2.32
CA GLN F 396 14.34 33.27 3.52
C GLN F 396 13.70 32.00 4.07
N VAL F 397 13.25 31.11 3.18
CA VAL F 397 12.65 29.86 3.61
C VAL F 397 13.72 28.92 4.16
N ALA F 398 14.83 28.77 3.42
CA ALA F 398 15.91 27.92 3.89
C ALA F 398 16.43 28.41 5.23
N ALA F 399 16.50 29.73 5.42
CA ALA F 399 16.90 30.27 6.72
C ALA F 399 15.93 29.85 7.82
N GLY F 400 14.64 29.79 7.50
CA GLY F 400 13.68 29.30 8.47
C GLY F 400 13.91 27.86 8.83
N VAL F 401 14.24 27.03 7.84
CA VAL F 401 14.52 25.62 8.09
C VAL F 401 15.73 25.49 9.01
N LEU F 402 16.79 26.24 8.72
CA LEU F 402 17.99 26.17 9.55
C LEU F 402 17.71 26.65 10.96
N SER F 403 16.88 27.67 11.11
CA SER F 403 16.51 28.15 12.43
C SER F 403 15.80 27.05 13.23
N GLY F 404 14.81 26.41 12.61
CA GLY F 404 14.12 25.33 13.28
C GLY F 404 14.98 24.10 13.46
N TYR F 405 15.89 23.84 12.51
CA TYR F 405 16.79 22.70 12.63
C TYR F 405 17.71 22.86 13.84
N LEU F 406 18.24 24.07 14.04
CA LEU F 406 19.11 24.30 15.19
C LEU F 406 18.34 24.29 16.50
N TRP F 407 17.08 24.70 16.48
CA TRP F 407 16.30 24.76 17.70
C TRP F 407 16.00 23.36 18.23
N ILE F 408 15.60 22.44 17.34
CA ILE F 408 15.21 21.11 17.79
C ILE F 408 16.41 20.31 18.29
N LEU F 409 17.62 20.64 17.82
CA LEU F 409 18.81 20.00 18.38
C LEU F 409 19.08 20.50 19.79
N SER F 410 18.89 21.81 20.02
CA SER F 410 19.10 22.38 21.35
C SER F 410 17.92 22.12 22.29
N HIS F 411 16.75 21.78 21.75
CA HIS F 411 15.57 21.45 22.54
C HIS F 411 14.95 20.18 21.99
N PRO F 412 15.58 19.03 22.21
CA PRO F 412 15.13 17.78 21.60
C PRO F 412 14.03 17.05 22.36
N SER F 413 13.47 17.64 23.42
CA SER F 413 12.45 16.97 24.24
C SER F 413 11.26 17.89 24.47
N ALA F 414 10.83 18.59 23.43
CA ALA F 414 9.74 19.55 23.55
C ALA F 414 8.42 19.02 23.01
N GLY F 415 8.39 17.79 22.48
CA GLY F 415 7.18 17.30 21.85
C GLY F 415 6.89 18.04 20.55
N ILE F 416 5.60 18.15 20.24
CA ILE F 416 5.16 18.86 19.04
C ILE F 416 5.02 20.34 19.36
N ILE F 417 5.69 21.18 18.57
CA ILE F 417 5.76 22.61 18.85
C ILE F 417 5.61 23.39 17.55
N GLU F 418 5.22 24.65 17.68
CA GLU F 418 5.15 25.60 16.59
C GLU F 418 6.20 26.70 16.82
N ALA F 419 6.29 27.61 15.84
CA ALA F 419 7.20 28.74 15.99
C ALA F 419 6.87 29.57 17.22
N GLU F 420 5.60 29.67 17.58
CA GLU F 420 5.20 30.45 18.75
C GLU F 420 5.71 29.84 20.05
N ASP F 421 6.12 28.57 20.04
CA ASP F 421 6.57 27.88 21.23
C ASP F 421 8.07 28.06 21.50
N MET F 422 8.79 28.74 20.61
CA MET F 422 10.23 28.85 20.70
C MET F 422 10.63 30.31 20.95
N ASP F 423 11.76 30.48 21.63
CA ASP F 423 12.29 31.81 21.89
C ASP F 423 12.64 32.50 20.58
N HIS F 424 11.97 33.62 20.30
CA HIS F 424 12.14 34.29 19.01
C HIS F 424 13.50 34.95 18.89
N GLU F 425 14.09 35.38 20.01
CA GLU F 425 15.42 35.98 19.94
C GLU F 425 16.46 34.96 19.50
N VAL F 426 16.36 33.74 20.02
CA VAL F 426 17.30 32.68 19.63
C VAL F 426 17.05 32.27 18.18
N ALA F 427 15.79 32.15 17.79
CA ALA F 427 15.47 31.70 16.43
C ALA F 427 16.03 32.66 15.39
N LEU F 428 15.87 33.97 15.61
CA LEU F 428 16.36 34.94 14.63
C LEU F 428 17.87 35.08 14.66
N SER F 429 18.50 34.95 15.84
CA SER F 429 19.95 35.05 15.93
C SER F 429 20.63 33.92 15.17
N TYR F 430 19.95 32.78 14.99
CA TYR F 430 20.54 31.68 14.24
C TYR F 430 20.89 32.11 12.81
N ILE F 431 20.02 32.89 12.17
CA ILE F 431 20.05 33.02 10.72
C ILE F 431 19.86 34.47 10.27
N SER F 432 19.97 35.41 11.21
CA SER F 432 19.75 36.81 10.85
C SER F 432 20.68 37.26 9.73
N GLN F 433 21.84 36.62 9.60
CA GLN F 433 22.78 36.97 8.54
C GLN F 433 22.27 36.62 7.16
N TYR F 434 21.22 35.80 7.06
CA TYR F 434 20.67 35.39 5.77
C TYR F 434 19.43 36.17 5.37
N LEU F 435 18.94 37.06 6.24
CA LEU F 435 17.70 37.79 5.98
C LEU F 435 17.94 39.16 5.35
N GLY F 436 19.16 39.45 4.94
CA GLY F 436 19.44 40.74 4.32
C GLY F 436 19.21 41.87 5.29
N GLU F 437 18.23 42.71 4.99
CA GLU F 437 17.92 43.88 5.81
C GLU F 437 16.75 43.54 6.72
N LEU F 438 17.00 43.50 8.03
CA LEU F 438 15.97 43.33 9.04
C LEU F 438 15.71 44.70 9.66
N LYS F 439 14.53 45.27 9.39
CA LYS F 439 14.24 46.61 9.89
C LYS F 439 12.73 46.77 10.09
N GLY F 440 12.38 47.79 10.85
CA GLY F 440 10.99 48.13 11.08
C GLY F 440 10.69 49.53 10.56
N VAL F 441 9.49 49.71 10.02
CA VAL F 441 9.09 50.98 9.41
C VAL F 441 7.71 51.35 9.94
N TYR F 442 7.59 52.56 10.47
CA TYR F 442 6.30 53.11 10.87
C TYR F 442 5.61 53.78 9.69
N SER F 443 4.29 53.92 9.81
CA SER F 443 3.51 54.57 8.77
C SER F 443 2.20 55.06 9.37
N ASP F 444 1.73 56.21 8.88
CA ASP F 444 0.41 56.73 9.24
C ASP F 444 -0.70 56.09 8.42
N TRP F 445 -0.41 55.00 7.71
CA TRP F 445 -1.37 54.42 6.78
C TRP F 445 -2.47 53.66 7.51
N ASN F 446 -3.68 53.76 6.98
CA ASN F 446 -4.78 52.89 7.34
C ASN F 446 -5.65 52.74 6.10
N PRO F 447 -6.41 51.64 6.01
CA PRO F 447 -7.13 51.37 4.74
C PRO F 447 -8.15 52.42 4.37
N THR F 448 -8.43 53.38 5.25
CA THR F 448 -9.39 54.44 4.96
C THR F 448 -8.73 55.79 4.73
N LYS F 449 -7.41 55.88 4.87
CA LYS F 449 -6.73 57.17 4.80
C LYS F 449 -7.05 57.89 3.49
N ASN F 450 -7.08 57.14 2.37
CA ASN F 450 -7.39 57.69 1.06
C ASN F 450 -8.70 57.18 0.51
N ASN F 451 -9.57 56.63 1.37
CA ASN F 451 -10.83 56.06 0.92
C ASN F 451 -12.00 56.82 1.55
N SER F 460 -13.06 54.84 16.58
CA SER F 460 -11.76 54.54 17.16
C SER F 460 -11.13 53.34 16.46
N ASP F 461 -11.85 52.22 16.45
CA ASP F 461 -11.45 51.04 15.71
C ASP F 461 -12.21 50.88 14.40
N SER F 462 -13.02 51.87 14.03
CA SER F 462 -13.74 51.80 12.77
C SER F 462 -12.84 51.75 11.54
N PRO F 463 -11.69 52.44 11.49
CA PRO F 463 -10.84 52.32 10.29
C PRO F 463 -10.17 50.96 10.14
N TRP F 464 -10.21 50.12 11.17
CA TRP F 464 -9.53 48.82 11.14
C TRP F 464 -10.48 47.65 10.88
N LEU F 465 -11.76 47.93 10.63
CA LEU F 465 -12.68 46.86 10.30
C LEU F 465 -12.26 46.17 9.01
N PHE F 466 -12.65 44.89 8.89
CA PHE F 466 -12.23 44.09 7.74
C PHE F 466 -12.77 44.67 6.43
N SER F 467 -13.94 45.30 6.46
CA SER F 467 -14.54 45.81 5.24
C SER F 467 -13.70 46.91 4.60
N ASN F 468 -12.83 47.57 5.36
CA ASN F 468 -11.99 48.62 4.82
C ASN F 468 -10.79 48.09 4.05
N PHE F 469 -10.33 46.88 4.37
CA PHE F 469 -9.19 46.27 3.70
C PHE F 469 -9.60 45.54 2.42
N VAL F 470 -10.68 44.77 2.46
CA VAL F 470 -11.04 43.89 1.35
C VAL F 470 -11.74 44.69 0.27
N LEU F 471 -11.40 44.38 -0.98
CA LEU F 471 -12.04 45.02 -2.13
C LEU F 471 -13.34 44.31 -2.48
#